data_6BPZ
#
_entry.id   6BPZ
#
_cell.length_a   1
_cell.length_b   1
_cell.length_c   1
_cell.angle_alpha   90.00
_cell.angle_beta   90.00
_cell.angle_gamma   90.00
#
_symmetry.space_group_name_H-M   'P 1'
#
_entity_poly.entity_id   1
_entity_poly.type   'polypeptide(L)'
_entity_poly.pdbx_seq_one_letter_code
;PNPIPNFIHCRSYLDMLKVAVFRYLFWLVLVVVFVAGATRISIFGLGYLLACFYLLLFGTTLLQKDTRAQLVLWDCLILY
NVTVIISKNMLSLLSCVFVEQMQSNFCWVIQLFSLVCTVKGYYDPKEMMTRDRDCLLPVEEAGIIWDSICFFFLLLQRRI
FLSHYFLHVSADLKATALQASRGFALYNAANLKSINFHRQIEEKSLAQLKRQMKRIRAKQEKYRQSQASRGQLQSKDPQD
PSQEPGPDSPGGSSPPRRQWWRPWLDHATVIHSGDYFLFESDSEEEEEALPEDPRPAAQSAFQMAYQAWVTNAQTVLRQR
RERARQERAEQLASGGDLNPDVEPVDVPEDEMAGRSHMMQRVLSTMQFLWVLGQATVDGLTRWLRAFTKHHRTMSDVLCA
ERYLLTQELLRVGEVRRGVLDQLYVGEDEATLSGPVETRDGPSTASSGLGAEEPLSSMTDD(UNK)(UNK)(UNK)
(UNK)(UNK)(UNK)(UNK)(UNK)(UNK)(UNK)(UNK)(UNK)(UNK)(UNK)(UNK)(UNK)(UNK)(UNK)(UNK)
(UNK)(UNK)(UNK)(UNK)(UNK)(UNK)(UNK)(UNK)(UNK)(UNK)(UNK)(UNK)(UNK)(UNK)(UNK)(UNK)
(UNK)(UNK)(UNK)(UNK)(UNK)(UNK)(UNK)(UNK)(UNK)(UNK)(UNK)(UNK)(UNK)(UNK)(UNK)(UNK)
(UNK)(UNK)(UNK)(UNK)(UNK)(UNK)(UNK)(UNK)PELEEAERFEAQQGRTLRLLRAGYQCVAAHSELLCYFIII
LNHMVTASAASLVLPVLVFLWAMLTIPRPSKRFWMTAIVFTEVMVVTKYLFQFGFFPWNSYVVLRRYENKPYFPPRILGL
EKTDSYIKYDLVQLMALFFHRSQLLCYGLWDHEEDRYPKDHCRSSVKDREAKEEPEAKLESQSETGTGHPKEPVLAGTPR
DHIQGKGSIRSKDVIQDPPEDLKPRHTRHISIRFRRRKETPGPKGTAVMETEHEEGEGKETTERKRPRHTQEKSKFRERM
KAAGRRLQSFCVSLAQSFYQPLQRFFHDILHTKYRAATDVYALMFLADIVDIIIIIFGFWAFGKHSAATDIASSLSDDQV
PQAFLFMLLVQFGTMVIDRALYLRKTVLGKLAFQVVLVVAIHIWMFFILPAVTERMFSQNAVAQLWYFVKCIYFALSAYQ
IRCGYPTRILGNFLTKKYNHLNLFLFQGFRLVPFLVELRAVMDWVWTDTTLSLSNWMCVEDIYANIFIIKCSRETEKKYP
QPKGQKKKKIVKYGMGGLIILFLIAIIWFPLLFMSLIRSVVGVVNQPIDVTVTLKLGGYEPLFTMSAQQPSIVPFTPQAY
EELSQQFDPYPLAMQFISQYSPEDIVTAQIEGSSGALWRISPPSRAQMKQELYNGTADITLRFTWNFQRDLAKGGTVEYT
NEKHTLELAPNSTARRQLAQLLEGRPDQSVVIPHLFPKYIRAPNGPEANPVKQLQPDEEEDYLGVRIQLRREQVGTGASG
EQAGTKASDFLEWWVIELQDCKADCNLLPMVIFSDKVSPPSLGFLAGYGIVGLYVSIVLVVGKFVRGFFSEISHSIMFEE
LPCVDRILKLCQDIFLVRETRELELEEELYAKLIFLYRSPETMIKWTREREKKLGAPLEVLFQ
;
_entity_poly.pdbx_strand_id   A,B,C
#
# COMPACT_ATOMS: atom_id res chain seq x y z
N PRO A 1 8.37 66.49 69.34
CA PRO A 1 7.70 65.19 69.18
C PRO A 1 6.70 65.12 68.03
N ASN A 2 6.45 66.25 67.36
CA ASN A 2 5.60 66.39 66.18
C ASN A 2 4.19 65.81 66.22
N PRO A 3 3.24 66.46 66.88
CA PRO A 3 1.86 65.94 66.87
C PRO A 3 1.11 66.25 65.59
N ILE A 4 1.76 66.92 64.64
CA ILE A 4 1.09 67.28 63.38
C ILE A 4 0.70 66.07 62.53
N PRO A 5 1.59 65.08 62.24
CA PRO A 5 1.11 63.96 61.43
C PRO A 5 0.24 63.03 62.27
N ASN A 6 -0.81 62.50 61.65
CA ASN A 6 -1.70 61.62 62.40
C ASN A 6 -1.12 60.20 62.52
N PHE A 7 -1.05 59.46 61.41
CA PHE A 7 -0.53 58.10 61.35
C PHE A 7 -0.51 57.64 59.90
N ILE A 8 0.33 56.65 59.64
CA ILE A 8 0.48 56.04 58.32
C ILE A 8 0.46 54.53 58.52
N HIS A 9 -0.16 53.83 57.55
CA HIS A 9 -0.40 52.37 57.37
C HIS A 9 -1.62 51.83 58.13
N CYS A 10 -2.49 52.67 58.69
CA CYS A 10 -3.68 52.22 59.42
C CYS A 10 -4.85 52.00 58.46
N ARG A 11 -6.09 51.96 59.00
CA ARG A 11 -7.31 51.79 58.20
C ARG A 11 -7.37 52.89 57.15
N SER A 12 -7.63 52.51 55.90
CA SER A 12 -7.48 53.37 54.74
C SER A 12 -8.71 53.85 53.95
N TYR A 13 -8.42 54.19 52.69
CA TYR A 13 -8.98 54.88 51.54
C TYR A 13 -8.44 56.29 51.60
N LEU A 14 -7.83 56.61 52.71
CA LEU A 14 -7.13 57.87 52.89
C LEU A 14 -5.70 57.55 53.22
N ASP A 15 -5.50 56.50 54.02
CA ASP A 15 -4.14 56.09 54.34
C ASP A 15 -3.47 55.49 53.12
N MET A 16 -4.17 54.64 52.36
CA MET A 16 -3.53 54.08 51.17
C MET A 16 -3.35 55.15 50.11
N LEU A 17 -4.19 56.19 50.12
CA LEU A 17 -4.02 57.25 49.15
C LEU A 17 -2.80 58.09 49.51
N LYS A 18 -2.67 58.47 50.78
CA LYS A 18 -1.48 59.24 51.15
C LYS A 18 -0.24 58.38 51.09
N VAL A 19 -0.35 57.07 51.27
CA VAL A 19 0.83 56.23 51.15
C VAL A 19 1.21 56.13 49.68
N ALA A 20 0.22 56.03 48.80
CA ALA A 20 0.52 55.96 47.37
C ALA A 20 1.03 57.29 46.83
N VAL A 21 0.83 58.40 47.54
CA VAL A 21 1.32 59.69 47.06
C VAL A 21 2.47 60.25 47.89
N PHE A 22 2.75 59.71 49.07
CA PHE A 22 3.89 60.14 49.87
C PHE A 22 4.97 59.08 49.79
N ARG A 23 4.67 57.99 49.10
CA ARG A 23 5.58 56.88 48.88
C ARG A 23 5.17 56.33 47.53
N TYR A 24 6.12 55.67 46.85
CA TYR A 24 6.03 55.03 45.54
C TYR A 24 5.95 56.05 44.40
N LEU A 25 5.75 57.34 44.71
CA LEU A 25 5.71 58.34 43.66
C LEU A 25 7.12 58.77 43.31
N PHE A 26 8.03 58.58 44.26
CA PHE A 26 9.43 58.91 44.08
C PHE A 26 10.01 58.08 42.96
N TRP A 27 9.55 56.84 42.85
CA TRP A 27 9.98 55.95 41.80
C TRP A 27 9.24 56.25 40.51
N LEU A 28 8.07 56.90 40.59
CA LEU A 28 7.35 57.25 39.39
C LEU A 28 8.04 58.38 38.67
N VAL A 29 8.69 59.29 39.42
CA VAL A 29 9.41 60.37 38.75
C VAL A 29 10.63 59.80 38.06
N LEU A 30 11.20 58.73 38.65
CA LEU A 30 12.33 58.02 38.07
C LEU A 30 12.00 57.44 36.71
N VAL A 31 10.88 56.72 36.63
CA VAL A 31 10.53 56.10 35.36
C VAL A 31 10.06 57.14 34.34
N VAL A 32 9.42 58.23 34.79
CA VAL A 32 8.99 59.18 33.76
C VAL A 32 10.17 60.00 33.24
N VAL A 33 11.21 60.22 34.04
CA VAL A 33 12.35 60.96 33.49
C VAL A 33 13.11 60.03 32.57
N PHE A 34 13.01 58.72 32.80
CA PHE A 34 13.69 57.78 31.92
C PHE A 34 13.05 57.77 30.55
N VAL A 35 11.72 57.65 30.51
CA VAL A 35 11.04 57.64 29.22
C VAL A 35 11.14 59.01 28.55
N ALA A 36 11.13 60.09 29.34
CA ALA A 36 11.28 61.43 28.77
C ALA A 36 12.67 61.61 28.19
N GLY A 37 13.66 60.94 28.78
CA GLY A 37 15.00 61.00 28.27
C GLY A 37 15.24 59.99 27.19
N ALA A 38 14.23 59.17 26.86
CA ALA A 38 14.37 58.15 25.83
C ALA A 38 13.24 58.16 24.82
N THR A 39 12.53 59.27 24.65
CA THR A 39 11.45 59.28 23.66
C THR A 39 11.90 59.70 22.27
N ARG A 40 12.46 60.91 22.10
CA ARG A 40 12.81 61.25 20.74
C ARG A 40 14.27 60.96 20.39
N ILE A 41 15.18 61.89 20.65
CA ILE A 41 16.63 61.88 20.44
C ILE A 41 17.14 63.15 21.13
N SER A 42 18.20 63.05 21.93
CA SER A 42 18.76 64.22 22.60
C SER A 42 20.07 63.88 23.26
N ILE A 43 20.93 64.89 23.35
CA ILE A 43 22.18 64.71 24.09
C ILE A 43 21.84 64.83 25.56
N PHE A 44 20.84 65.67 25.84
CA PHE A 44 20.35 65.81 27.20
C PHE A 44 19.57 64.57 27.61
N GLY A 45 19.16 63.76 26.62
CA GLY A 45 18.50 62.50 26.93
C GLY A 45 19.50 61.58 27.58
N LEU A 46 20.76 61.64 27.12
CA LEU A 46 21.82 60.87 27.74
C LEU A 46 22.03 61.38 29.16
N GLY A 47 22.02 62.71 29.32
CA GLY A 47 22.18 63.28 30.65
C GLY A 47 21.03 62.89 31.56
N TYR A 48 19.84 62.72 30.99
CA TYR A 48 18.69 62.30 31.76
C TYR A 48 18.86 60.89 32.28
N LEU A 49 19.24 59.96 31.40
CA LEU A 49 19.40 58.57 31.82
C LEU A 49 20.59 58.39 32.75
N LEU A 50 21.71 59.05 32.47
CA LEU A 50 22.90 58.92 33.31
C LEU A 50 22.67 59.50 34.71
N ALA A 51 22.04 60.67 34.79
CA ALA A 51 21.78 61.23 36.10
C ALA A 51 20.72 60.42 36.83
N CYS A 52 19.79 59.83 36.06
CA CYS A 52 18.76 58.97 36.66
C CYS A 52 19.40 57.75 37.27
N PHE A 53 20.45 57.23 36.62
CA PHE A 53 21.18 56.08 37.14
C PHE A 53 21.88 56.44 38.44
N TYR A 54 22.52 57.62 38.44
CA TYR A 54 23.23 58.13 39.60
C TYR A 54 22.31 58.29 40.80
N LEU A 55 21.06 58.63 40.55
CA LEU A 55 20.16 58.78 41.67
C LEU A 55 19.38 57.50 41.97
N LEU A 56 19.18 56.65 40.97
CA LEU A 56 18.47 55.39 41.20
C LEU A 56 19.28 54.45 42.07
N LEU A 57 20.59 54.40 41.83
CA LEU A 57 21.43 53.53 42.62
C LEU A 57 21.52 54.00 44.06
N PHE A 58 21.35 55.30 44.29
CA PHE A 58 21.41 55.87 45.62
C PHE A 58 20.06 56.39 46.08
N GLY A 59 18.97 55.89 45.50
CA GLY A 59 17.64 56.37 45.86
C GLY A 59 17.27 56.11 47.31
N THR A 60 17.46 54.88 47.78
CA THR A 60 17.13 54.54 49.15
C THR A 60 18.05 55.25 50.13
N THR A 61 19.32 55.39 49.75
CA THR A 61 20.29 56.04 50.62
C THR A 61 20.01 57.53 50.79
N LEU A 62 19.55 58.20 49.75
CA LEU A 62 19.28 59.63 49.89
C LEU A 62 18.01 59.92 50.65
N LEU A 63 17.19 58.92 50.95
CA LEU A 63 15.97 59.17 51.68
C LEU A 63 16.18 59.27 53.19
N GLN A 64 17.43 59.28 53.65
CA GLN A 64 17.72 59.42 55.06
C GLN A 64 18.58 60.63 55.35
N LYS A 65 19.03 61.33 54.32
CA LYS A 65 19.85 62.51 54.54
C LYS A 65 18.94 63.70 54.78
N ASP A 66 19.51 64.73 55.38
CA ASP A 66 18.76 65.94 55.64
C ASP A 66 18.42 66.63 54.34
N THR A 67 17.26 67.29 54.32
CA THR A 67 16.81 68.04 53.15
C THR A 67 17.75 69.18 52.80
N ARG A 68 18.66 69.55 53.72
CA ARG A 68 19.66 70.57 53.45
C ARG A 68 20.58 70.11 52.31
N ALA A 69 20.82 68.81 52.22
CA ALA A 69 21.60 68.26 51.14
C ALA A 69 20.70 67.63 50.09
N GLN A 70 19.50 67.19 50.49
CA GLN A 70 18.57 66.59 49.53
C GLN A 70 18.07 67.63 48.54
N LEU A 71 17.62 68.79 49.04
CA LEU A 71 17.16 69.89 48.20
C LEU A 71 18.24 70.29 47.23
N VAL A 72 19.48 70.33 47.71
CA VAL A 72 20.63 70.67 46.89
C VAL A 72 20.81 69.60 45.82
N LEU A 73 20.73 68.33 46.22
CA LEU A 73 20.84 67.24 45.27
C LEU A 73 19.65 67.15 44.33
N TRP A 74 18.56 67.83 44.63
CA TRP A 74 17.42 67.80 43.74
C TRP A 74 17.38 69.02 42.84
N ASP A 75 17.88 70.15 43.32
CA ASP A 75 17.92 71.37 42.52
C ASP A 75 18.86 71.23 41.35
N CYS A 76 19.84 70.32 41.44
CA CYS A 76 20.73 70.08 40.32
C CYS A 76 19.93 69.56 39.13
N LEU A 77 18.99 68.64 39.41
CA LEU A 77 18.13 68.10 38.36
C LEU A 77 17.14 69.15 37.90
N ILE A 78 16.74 70.04 38.81
CA ILE A 78 15.81 71.12 38.48
C ILE A 78 16.44 72.04 37.45
N LEU A 79 17.64 72.54 37.76
CA LEU A 79 18.36 73.44 36.86
C LEU A 79 18.72 72.73 35.58
N TYR A 80 19.06 71.45 35.67
CA TYR A 80 19.38 70.69 34.47
C TYR A 80 18.16 70.51 33.59
N ASN A 81 16.98 70.43 34.20
CA ASN A 81 15.76 70.27 33.42
C ASN A 81 15.39 71.54 32.68
N VAL A 82 15.50 72.70 33.35
CA VAL A 82 15.13 73.95 32.70
C VAL A 82 16.14 74.32 31.60
N THR A 83 17.42 73.96 31.80
CA THR A 83 18.43 74.29 30.80
C THR A 83 18.17 73.61 29.48
N VAL A 84 17.51 72.45 29.48
CA VAL A 84 17.20 71.76 28.23
C VAL A 84 16.20 72.58 27.43
N ILE A 85 15.26 73.22 28.14
CA ILE A 85 14.24 74.03 27.47
C ILE A 85 14.84 75.27 26.85
N ILE A 86 15.61 76.03 27.64
CA ILE A 86 16.16 77.27 27.10
C ILE A 86 17.23 76.99 26.05
N SER A 87 17.97 75.88 26.17
CA SER A 87 18.97 75.59 25.15
C SER A 87 18.30 75.17 23.85
N LYS A 88 17.21 74.40 23.95
CA LYS A 88 16.56 74.01 22.71
C LYS A 88 15.75 75.16 22.15
N ASN A 89 15.41 76.16 22.98
CA ASN A 89 14.68 77.31 22.46
C ASN A 89 15.61 78.18 21.63
N MET A 90 16.82 78.43 22.14
CA MET A 90 17.76 79.24 21.39
C MET A 90 18.24 78.49 20.15
N LEU A 91 18.39 77.17 20.23
CA LEU A 91 18.78 76.47 19.02
C LEU A 91 17.60 76.33 18.07
N SER A 92 16.36 76.48 18.56
CA SER A 92 15.21 76.42 17.68
C SER A 92 15.18 77.66 16.79
N LEU A 93 15.50 78.82 17.38
CA LEU A 93 15.57 80.03 16.57
C LEU A 93 16.78 79.98 15.64
N LEU A 94 17.85 79.28 16.03
CA LEU A 94 18.99 79.16 15.14
C LEU A 94 18.70 78.15 14.03
N SER A 95 17.86 77.16 14.30
CA SER A 95 17.52 76.15 13.31
C SER A 95 16.57 76.73 12.27
N CYS A 96 15.43 77.22 12.73
CA CYS A 96 14.43 77.81 11.86
C CYS A 96 14.88 79.15 11.30
N ILE A 144 9.41 68.17 23.67
CA ILE A 144 9.19 69.25 24.63
C ILE A 144 8.07 68.86 25.58
N ILE A 145 7.17 68.02 25.07
CA ILE A 145 6.03 67.57 25.86
C ILE A 145 6.50 66.68 27.01
N TRP A 146 7.42 65.76 26.72
CA TRP A 146 7.94 64.89 27.76
C TRP A 146 8.76 65.66 28.76
N ASP A 147 9.48 66.69 28.31
CA ASP A 147 10.26 67.48 29.24
C ASP A 147 9.34 68.29 30.15
N SER A 148 8.20 68.73 29.61
CA SER A 148 7.26 69.50 30.41
C SER A 148 6.56 68.63 31.43
N ILE A 149 6.09 67.45 31.01
CA ILE A 149 5.39 66.59 31.96
C ILE A 149 6.37 65.97 32.95
N CYS A 150 7.63 65.80 32.58
CA CYS A 150 8.55 65.27 33.56
C CYS A 150 8.91 66.36 34.54
N PHE A 151 8.87 67.61 34.06
CA PHE A 151 9.10 68.76 34.91
C PHE A 151 7.99 68.91 35.92
N PHE A 152 6.79 68.51 35.52
CA PHE A 152 5.60 68.60 36.37
C PHE A 152 5.70 67.74 37.62
N PHE A 153 6.28 66.55 37.51
CA PHE A 153 6.32 65.64 38.66
C PHE A 153 7.35 65.99 39.73
N LEU A 154 8.60 66.26 39.35
CA LEU A 154 9.62 66.51 40.36
C LEU A 154 9.38 67.76 41.19
N LEU A 155 8.58 68.71 40.71
CA LEU A 155 8.30 69.87 41.54
C LEU A 155 7.30 69.48 42.62
N LEU A 156 6.34 68.62 42.24
CA LEU A 156 5.33 68.15 43.18
C LEU A 156 5.97 67.37 44.30
N GLN A 157 6.82 66.39 43.95
CA GLN A 157 7.47 65.63 44.99
C GLN A 157 8.51 66.46 45.75
N ARG A 158 8.96 67.56 45.16
CA ARG A 158 9.90 68.45 45.83
C ARG A 158 9.13 69.02 47.03
N ARG A 159 7.90 69.46 46.76
CA ARG A 159 7.02 69.99 47.79
C ARG A 159 6.68 68.90 48.79
N ILE A 160 6.65 67.65 48.33
CA ILE A 160 6.35 66.54 49.23
C ILE A 160 7.51 66.24 50.17
N PHE A 161 8.74 66.64 49.81
CA PHE A 161 9.87 66.39 50.70
C PHE A 161 9.76 67.16 52.01
N LEU A 162 9.41 68.44 51.92
CA LEU A 162 9.30 69.24 53.14
C LEU A 162 7.88 69.25 53.71
N SER A 163 7.32 68.06 53.89
CA SER A 163 5.99 67.92 54.46
C SER A 163 6.09 67.14 55.76
N HIS A 164 5.21 67.47 56.70
CA HIS A 164 5.22 66.77 57.98
C HIS A 164 4.74 65.34 57.85
N TYR A 165 3.91 65.07 56.84
CA TYR A 165 3.45 63.71 56.60
C TYR A 165 4.62 62.86 56.12
N PHE A 166 5.51 63.49 55.34
CA PHE A 166 6.71 62.83 54.86
C PHE A 166 7.64 62.53 56.02
N LEU A 167 7.59 63.38 57.06
CA LEU A 167 8.41 63.13 58.25
C LEU A 167 7.89 61.92 59.00
N HIS A 168 6.58 61.69 58.95
CA HIS A 168 6.02 60.51 59.58
C HIS A 168 6.45 59.26 58.84
N VAL A 169 6.58 59.36 57.52
CA VAL A 169 7.02 58.24 56.71
C VAL A 169 8.54 58.12 56.77
N SER A 170 9.24 59.17 57.18
CA SER A 170 10.70 59.18 57.24
C SER A 170 11.30 58.22 58.26
N ALA A 171 10.51 57.59 59.12
CA ALA A 171 11.09 56.71 60.11
C ALA A 171 10.93 55.23 59.84
N ASP A 172 9.96 54.81 59.00
CA ASP A 172 9.77 53.38 58.77
C ASP A 172 10.97 52.76 58.06
N LEU A 173 11.52 53.49 57.11
CA LEU A 173 12.69 53.02 56.37
C LEU A 173 13.93 53.03 57.26
N LYS A 174 13.95 53.89 58.27
CA LYS A 174 15.07 53.91 59.19
C LYS A 174 15.06 52.65 60.04
N ALA A 175 13.86 52.25 60.49
CA ALA A 175 13.71 51.05 61.28
C ALA A 175 14.07 49.82 60.47
N THR A 176 13.57 49.73 59.23
CA THR A 176 13.89 48.60 58.38
C THR A 176 15.36 48.59 58.00
N ALA A 177 16.02 49.75 58.03
CA ALA A 177 17.45 49.79 57.76
C ALA A 177 18.22 49.23 58.94
N LEU A 178 17.59 49.17 60.11
CA LEU A 178 18.21 48.59 61.30
C LEU A 178 17.85 47.14 61.52
N GLN A 179 16.76 46.67 60.90
CA GLN A 179 16.25 45.30 61.04
C GLN A 179 16.93 44.27 60.16
N ALA A 180 18.10 44.54 59.56
CA ALA A 180 18.69 43.54 58.69
C ALA A 180 19.36 42.39 59.44
N SER A 181 19.85 42.66 60.66
CA SER A 181 20.55 41.64 61.45
C SER A 181 19.66 40.46 61.80
N ARG A 182 18.58 40.72 62.56
CA ARG A 182 17.71 39.63 62.97
C ARG A 182 16.94 39.03 61.80
N GLY A 183 16.64 39.83 60.77
CA GLY A 183 15.96 39.29 59.61
C GLY A 183 16.79 38.25 58.90
N PHE A 184 18.10 38.51 58.82
CA PHE A 184 19.01 37.57 58.21
C PHE A 184 19.16 36.34 59.09
N ALA A 185 19.15 36.55 60.42
CA ALA A 185 19.28 35.43 61.34
C ALA A 185 18.06 34.53 61.32
N LEU A 186 16.85 35.11 61.30
CA LEU A 186 15.65 34.29 61.29
C LEU A 186 15.51 33.56 59.97
N TYR A 187 16.03 34.17 58.90
CA TYR A 187 15.98 33.50 57.60
C TYR A 187 16.91 32.29 57.61
N ASN A 188 18.05 32.42 58.30
CA ASN A 188 18.96 31.29 58.40
C ASN A 188 18.38 30.22 59.30
N ALA A 189 17.59 30.64 60.29
CA ALA A 189 16.96 29.67 61.19
C ALA A 189 15.91 28.85 60.46
N ALA A 190 15.17 29.49 59.55
CA ALA A 190 14.15 28.78 58.80
C ALA A 190 14.78 27.79 57.82
N ASN A 191 15.88 28.19 57.17
CA ASN A 191 16.55 27.29 56.23
C ASN A 191 17.17 26.11 56.96
N LEU A 192 17.78 26.38 58.12
CA LEU A 192 18.39 25.30 58.90
C LEU A 192 17.34 24.33 59.39
N LYS A 193 16.15 24.82 59.69
CA LYS A 193 15.09 23.95 60.12
C LYS A 193 14.62 23.08 58.96
N SER A 194 14.69 23.61 57.75
CA SER A 194 14.27 22.83 56.59
C SER A 194 15.21 21.67 56.32
N ILE A 195 16.52 21.93 56.29
CA ILE A 195 17.45 20.86 56.01
C ILE A 195 17.49 19.86 57.15
N ASN A 196 17.30 20.32 58.39
CA ASN A 196 17.28 19.39 59.51
C ASN A 196 16.04 18.54 59.45
N PHE A 197 14.97 19.05 58.85
CA PHE A 197 13.75 18.28 58.68
C PHE A 197 13.97 17.15 57.69
N HIS A 198 14.69 17.42 56.61
CA HIS A 198 14.97 16.37 55.64
C HIS A 198 15.95 15.33 56.19
N ARG A 199 16.72 15.67 57.22
CA ARG A 199 17.66 14.72 57.82
C ARG A 199 16.93 13.51 58.38
N GLN A 200 15.89 13.74 59.17
CA GLN A 200 15.18 12.59 59.70
C GLN A 200 14.35 11.91 58.63
N ILE A 201 13.96 12.63 57.57
CA ILE A 201 13.20 11.99 56.50
C ILE A 201 14.02 10.92 55.82
N GLU A 202 15.19 11.31 55.31
CA GLU A 202 16.04 10.36 54.62
C GLU A 202 16.58 9.28 55.55
N GLU A 203 16.85 9.60 56.83
CA GLU A 203 17.40 8.55 57.67
C GLU A 203 16.35 7.54 58.06
N LYS A 204 15.08 7.93 58.11
CA LYS A 204 14.04 6.95 58.41
C LYS A 204 13.90 5.98 57.26
N SER A 205 13.87 6.52 56.04
CA SER A 205 13.75 5.67 54.87
C SER A 205 14.95 4.77 54.70
N LEU A 206 16.14 5.30 54.98
CA LEU A 206 17.37 4.52 54.84
C LEU A 206 17.42 3.39 55.87
N ALA A 207 16.97 3.68 57.10
CA ALA A 207 16.98 2.68 58.16
C ALA A 207 16.01 1.56 57.85
N GLN A 208 14.78 1.90 57.45
CA GLN A 208 13.83 0.86 57.15
C GLN A 208 14.20 0.10 55.89
N LEU A 209 14.96 0.75 54.99
CA LEU A 209 15.42 0.11 53.76
C LEU A 209 16.28 -1.10 54.09
N LYS A 210 17.33 -0.88 54.86
CA LYS A 210 18.17 -2.02 55.21
C LYS A 210 17.48 -2.94 56.19
N ARG A 211 16.46 -2.44 56.89
CA ARG A 211 15.73 -3.27 57.83
C ARG A 211 14.95 -4.36 57.10
N GLN A 212 14.17 -3.97 56.09
CA GLN A 212 13.42 -4.97 55.34
C GLN A 212 14.35 -5.86 54.54
N MET A 213 15.51 -5.35 54.14
CA MET A 213 16.42 -6.24 53.44
C MET A 213 17.05 -7.24 54.41
N LYS A 214 17.08 -6.91 55.70
CA LYS A 214 17.55 -7.90 56.67
C LYS A 214 16.54 -9.01 56.76
N ARG A 215 15.26 -8.66 56.62
CA ARG A 215 14.21 -9.67 56.63
C ARG A 215 14.35 -10.57 55.41
N ILE A 216 14.76 -9.99 54.28
CA ILE A 216 14.96 -10.78 53.07
C ILE A 216 16.11 -11.74 53.24
N ARG A 217 17.19 -11.27 53.87
CA ARG A 217 18.35 -12.13 54.09
C ARG A 217 18.02 -13.28 55.02
N ALA A 218 17.24 -13.02 56.06
CA ALA A 218 16.84 -14.08 56.99
C ALA A 218 15.93 -15.08 56.29
N LYS A 219 15.05 -14.56 55.43
CA LYS A 219 14.16 -15.41 54.67
C LYS A 219 14.96 -16.27 53.70
N GLN A 220 16.08 -15.76 53.23
CA GLN A 220 16.90 -16.50 52.30
C GLN A 220 17.65 -17.64 52.98
N GLU A 221 18.38 -17.31 54.05
CA GLU A 221 19.17 -18.30 54.76
C GLU A 221 18.31 -19.39 55.39
N LYS A 222 17.05 -19.08 55.71
CA LYS A 222 16.23 -20.13 56.29
C LYS A 222 15.88 -21.17 55.24
N TYR A 223 15.88 -20.81 53.96
CA TYR A 223 15.60 -21.84 52.97
C TYR A 223 16.82 -22.70 52.74
N ARG A 224 18.00 -22.09 52.68
CA ARG A 224 19.19 -22.90 52.45
C ARG A 224 19.51 -23.80 53.63
N GLN A 225 19.19 -23.36 54.85
CA GLN A 225 19.49 -24.16 56.02
C GLN A 225 18.41 -25.19 56.31
N SER A 226 17.14 -24.85 56.10
CA SER A 226 16.11 -25.85 56.34
C SER A 226 16.10 -26.91 55.26
N GLN A 227 16.59 -26.58 54.06
CA GLN A 227 16.60 -27.60 53.01
C GLN A 227 17.85 -28.46 53.09
N ALA A 228 19.02 -27.85 53.23
CA ALA A 228 20.25 -28.64 53.30
C ALA A 228 20.35 -29.37 54.63
N HIS A 267 26.09 -20.48 38.37
CA HIS A 267 25.29 -19.31 38.03
C HIS A 267 23.95 -19.72 37.51
N ALA A 268 23.95 -20.38 36.35
CA ALA A 268 22.70 -20.83 35.77
C ALA A 268 22.05 -21.91 36.60
N THR A 269 22.81 -22.64 37.41
CA THR A 269 22.21 -23.67 38.24
C THR A 269 21.39 -23.09 39.37
N VAL A 270 21.66 -21.85 39.77
CA VAL A 270 20.87 -21.29 40.84
C VAL A 270 19.61 -20.63 40.30
N ILE A 271 19.55 -20.28 39.00
CA ILE A 271 18.32 -19.67 38.50
C ILE A 271 17.32 -20.74 38.12
N HIS A 272 17.71 -22.01 38.17
CA HIS A 272 16.79 -23.09 37.87
C HIS A 272 16.39 -23.88 39.10
N SER A 273 17.15 -23.76 40.19
CA SER A 273 16.84 -24.45 41.42
C SER A 273 15.64 -23.82 42.09
N GLY A 274 14.45 -24.30 41.78
CA GLY A 274 13.26 -23.70 42.34
C GLY A 274 12.13 -24.59 42.79
N ASP A 275 12.36 -25.74 43.41
CA ASP A 275 11.30 -26.64 43.82
C ASP A 275 10.28 -26.00 44.77
N TYR A 276 9.20 -26.73 44.99
CA TYR A 276 8.05 -26.32 45.80
C TYR A 276 8.36 -25.92 47.24
N PHE A 277 9.56 -26.16 47.74
CA PHE A 277 9.86 -25.82 49.12
C PHE A 277 9.92 -24.39 49.38
N LEU A 278 9.58 -23.40 48.58
CA LEU A 278 9.73 -22.04 49.07
C LEU A 278 8.46 -21.23 48.87
N PHE A 279 7.32 -21.86 49.07
CA PHE A 279 6.03 -21.19 48.92
C PHE A 279 5.10 -21.57 50.06
N GLU A 280 5.66 -21.86 51.23
CA GLU A 280 4.86 -22.29 52.36
C GLU A 280 4.49 -21.14 53.28
N SER A 281 3.22 -21.08 53.63
CA SER A 281 2.72 -20.04 54.50
C SER A 281 1.49 -20.51 55.24
N UNK A 462 18.28 46.17 70.99
CA UNK A 462 18.17 44.83 71.56
C UNK A 462 17.15 44.82 72.69
N UNK A 463 17.24 45.83 73.57
CA UNK A 463 16.33 45.93 74.69
C UNK A 463 14.90 46.15 74.21
N UNK A 464 14.73 46.95 73.15
CA UNK A 464 13.40 47.20 72.62
C UNK A 464 12.83 45.95 71.98
N UNK A 465 13.69 45.16 71.32
CA UNK A 465 13.25 43.92 70.70
C UNK A 465 12.82 42.93 71.75
N UNK A 466 13.51 42.91 72.90
CA UNK A 466 13.16 42.01 73.98
C UNK A 466 11.83 42.42 74.61
N UNK A 467 11.58 43.73 74.71
CA UNK A 467 10.34 44.22 75.26
C UNK A 467 9.17 43.85 74.35
N UNK A 468 9.36 43.99 73.05
CA UNK A 468 8.34 43.62 72.09
C UNK A 468 8.17 42.11 72.07
N UNK A 469 9.24 41.38 72.34
CA UNK A 469 9.14 39.93 72.38
C UNK A 469 8.36 39.51 73.60
N UNK A 470 8.65 40.10 74.76
CA UNK A 470 7.95 39.77 76.00
C UNK A 470 6.45 40.07 75.89
N UNK A 471 6.08 41.06 75.09
CA UNK A 471 4.67 41.36 74.91
C UNK A 471 4.00 40.32 74.00
N UNK A 472 4.73 39.72 73.05
CA UNK A 472 4.12 38.72 72.19
C UNK A 472 4.70 37.34 72.38
N UNK A 473 5.98 37.08 72.03
CA UNK A 473 6.68 35.80 72.22
C UNK A 473 6.02 34.50 71.75
N UNK A 474 4.90 34.53 71.06
CA UNK A 474 4.26 33.27 70.69
C UNK A 474 4.27 32.99 69.20
N UNK A 475 3.88 33.96 68.39
CA UNK A 475 3.87 33.75 66.95
C UNK A 475 5.24 33.98 66.34
N UNK A 476 6.00 34.92 66.90
CA UNK A 476 7.32 35.24 66.37
C UNK A 476 8.28 34.08 66.53
N UNK A 477 8.24 33.39 67.66
CA UNK A 477 9.12 32.25 67.86
C UNK A 477 8.72 31.10 66.95
N UNK A 478 7.40 30.95 66.73
CA UNK A 478 6.91 29.90 65.86
C UNK A 478 7.32 30.15 64.42
N UNK A 479 7.34 31.42 64.01
CA UNK A 479 7.75 31.74 62.66
C UNK A 479 9.25 31.53 62.49
N UNK A 480 10.01 31.74 63.55
CA UNK A 480 11.45 31.56 63.51
C UNK A 480 11.81 30.08 63.42
N UNK A 481 -23.40 37.46 39.72
CA UNK A 481 -23.53 37.18 41.15
C UNK A 481 -23.46 35.69 41.41
N UNK A 482 -23.59 34.90 40.35
CA UNK A 482 -23.53 33.44 40.49
C UNK A 482 -22.11 32.99 40.80
N UNK A 483 -21.19 33.27 39.89
CA UNK A 483 -19.78 32.91 40.03
C UNK A 483 -18.91 34.14 40.30
N UNK A 484 -19.49 35.15 40.97
CA UNK A 484 -18.74 36.37 41.26
C UNK A 484 -17.70 36.11 42.35
N UNK A 485 -18.14 35.64 43.51
CA UNK A 485 -17.24 35.34 44.62
C UNK A 485 -16.78 33.89 44.61
N UNK A 486 -17.21 33.09 43.63
CA UNK A 486 -16.80 31.70 43.58
C UNK A 486 -15.35 31.58 43.16
N UNK A 487 -15.03 32.04 41.95
CA UNK A 487 -13.65 31.98 41.46
C UNK A 487 -12.77 33.02 42.12
N UNK A 488 -13.35 34.11 42.63
CA UNK A 488 -12.57 35.14 43.29
C UNK A 488 -11.99 34.63 44.59
N UNK A 489 -12.79 33.91 45.38
CA UNK A 489 -12.30 33.37 46.63
C UNK A 489 -11.39 32.17 46.39
N UNK A 490 -11.60 31.46 45.28
CA UNK A 490 -10.73 30.32 44.98
C UNK A 490 -9.35 30.78 44.53
N UNK A 491 -9.30 31.85 43.73
CA UNK A 491 -8.02 32.35 43.27
C UNK A 491 -7.27 33.04 44.41
N UNK A 492 -7.99 33.74 45.28
CA UNK A 492 -7.34 34.42 46.39
C UNK A 492 -6.83 33.41 47.41
N UNK A 493 -7.54 32.31 47.61
CA UNK A 493 -7.09 31.31 48.56
C UNK A 493 -5.91 30.51 47.98
N UNK A 494 -5.95 30.24 46.67
CA UNK A 494 -4.85 29.50 46.05
C UNK A 494 -3.59 30.35 46.02
N UNK A 495 -3.74 31.67 45.90
CA UNK A 495 -2.59 32.54 45.90
C UNK A 495 -2.06 32.74 47.30
N UNK A 496 -2.94 32.75 48.29
CA UNK A 496 -2.51 32.92 49.68
C UNK A 496 -1.75 31.71 50.18
N UNK A 497 -1.98 30.55 49.58
CA UNK A 497 -1.26 29.35 49.99
C UNK A 497 0.17 29.37 49.50
N UNK A 498 0.45 30.11 48.43
CA UNK A 498 1.80 30.15 47.90
C UNK A 498 2.71 31.11 48.66
N UNK A 499 2.23 32.32 48.96
CA UNK A 499 3.02 33.34 49.63
C UNK A 499 3.03 33.23 51.15
N UNK A 500 2.83 32.02 51.69
CA UNK A 500 2.75 31.81 53.14
C UNK A 500 4.03 32.20 53.89
N UNK A 501 5.21 31.85 53.36
CA UNK A 501 6.45 32.19 54.05
C UNK A 501 6.72 33.69 54.05
N UNK A 502 6.44 34.35 52.94
CA UNK A 502 6.67 35.79 52.89
C UNK A 502 5.61 36.53 53.67
N UNK A 503 4.38 36.02 53.72
CA UNK A 503 3.33 36.70 54.46
C UNK A 503 3.58 36.60 55.96
N UNK A 504 4.22 35.52 56.40
CA UNK A 504 4.50 35.37 57.82
C UNK A 504 5.74 36.17 58.21
N UNK A 505 6.76 36.16 57.35
CA UNK A 505 7.98 36.88 57.66
C UNK A 505 7.78 38.39 57.59
N UNK A 506 6.85 38.86 56.76
CA UNK A 506 6.64 40.29 56.67
C UNK A 506 5.82 40.80 57.85
N UNK A 507 4.75 40.08 58.21
CA UNK A 507 3.91 40.51 59.32
C UNK A 507 4.66 40.48 60.65
N UNK A 508 5.53 39.50 60.83
CA UNK A 508 6.29 39.41 62.07
C UNK A 508 7.32 40.52 62.17
N UNK A 509 7.98 40.82 61.06
CA UNK A 509 8.99 41.87 61.08
C UNK A 509 8.34 43.25 61.13
N UNK A 510 7.12 43.38 60.63
CA UNK A 510 6.45 44.67 60.67
C UNK A 510 6.05 45.06 62.08
N UNK A 511 5.78 44.07 62.93
CA UNK A 511 5.41 44.35 64.30
C UNK A 511 6.57 44.96 65.06
N UNK A 512 7.79 44.56 64.73
CA UNK A 512 8.96 45.10 65.39
C UNK A 512 9.21 46.55 65.01
N UNK A 513 8.67 46.98 63.86
CA UNK A 513 8.88 48.36 63.44
C UNK A 513 8.12 49.33 64.31
N UNK A 514 6.90 48.97 64.71
CA UNK A 514 6.09 49.85 65.57
C UNK A 514 6.75 50.03 66.92
N UNK A 515 7.34 48.97 67.45
CA UNK A 515 8.02 49.07 68.73
C UNK A 515 9.32 49.84 68.58
N UNK A 516 9.99 49.68 67.44
CA UNK A 516 11.23 50.40 67.21
C UNK A 516 10.96 51.88 66.94
N UNK A 517 9.79 52.17 66.39
CA UNK A 517 9.43 53.56 66.11
C UNK A 517 9.17 54.36 67.38
N UNK A 518 8.83 53.68 68.48
CA UNK A 518 8.58 54.39 69.71
C UNK A 518 9.87 54.95 70.30
N UNK A 519 11.00 54.27 70.07
CA UNK A 519 12.26 54.76 70.60
C UNK A 519 12.79 55.92 69.77
N UNK A 520 12.71 55.81 68.45
CA UNK A 520 13.19 56.86 67.58
C UNK A 520 12.11 57.89 67.34
N PRO A 521 -3.03 48.15 69.51
CA PRO A 521 -4.17 48.40 68.62
C PRO A 521 -3.74 48.97 67.28
N GLU A 522 -2.49 49.44 67.21
CA GLU A 522 -1.90 50.04 66.01
C GLU A 522 -1.96 49.08 64.84
N LEU A 523 -1.18 48.00 64.96
CA LEU A 523 -1.13 46.97 63.94
C LEU A 523 -2.27 45.98 64.11
N GLU A 524 -2.79 45.90 65.33
CA GLU A 524 -3.87 44.98 65.67
C GLU A 524 -5.16 45.32 64.93
N GLU A 525 -5.42 46.60 64.70
CA GLU A 525 -6.65 47.00 64.03
C GLU A 525 -6.46 47.36 62.57
N ALA A 526 -5.22 47.42 62.09
CA ALA A 526 -4.99 47.78 60.70
C ALA A 526 -5.44 46.67 59.75
N GLU A 527 -5.42 45.42 60.22
CA GLU A 527 -5.84 44.28 59.41
C GLU A 527 -7.34 44.28 59.13
N ARG A 528 -8.11 45.00 59.96
CA ARG A 528 -9.56 45.06 59.80
C ARG A 528 -9.92 45.70 58.47
N PHE A 529 -9.17 46.71 58.05
CA PHE A 529 -9.48 47.30 56.77
C PHE A 529 -8.99 46.43 55.62
N GLU A 530 -8.06 45.52 55.89
CA GLU A 530 -7.57 44.64 54.85
C GLU A 530 -8.63 43.61 54.48
N ALA A 531 -9.39 43.16 55.48
CA ALA A 531 -10.45 42.19 55.23
C ALA A 531 -11.79 42.86 54.93
N GLN A 532 -11.80 44.19 54.75
CA GLN A 532 -13.02 44.94 54.48
C GLN A 532 -13.72 44.55 53.20
N GLN A 533 -13.10 44.80 52.04
CA GLN A 533 -13.70 44.45 50.76
C GLN A 533 -13.07 43.16 50.27
N GLY A 534 -13.85 42.08 50.29
CA GLY A 534 -13.35 40.79 49.86
C GLY A 534 -13.60 40.46 48.41
N ARG A 535 -13.57 41.45 47.55
CA ARG A 535 -13.82 41.17 46.14
C ARG A 535 -12.74 41.72 45.21
N THR A 536 -12.23 42.92 45.47
CA THR A 536 -11.20 43.52 44.62
C THR A 536 -9.88 43.72 45.34
N LEU A 537 -9.87 44.44 46.47
CA LEU A 537 -8.62 44.67 47.19
C LEU A 537 -8.08 43.41 47.82
N ARG A 538 -8.96 42.51 48.28
CA ARG A 538 -8.51 41.26 48.90
C ARG A 538 -7.77 40.38 47.90
N LEU A 539 -8.16 40.45 46.64
CA LEU A 539 -7.53 39.66 45.59
C LEU A 539 -6.31 40.37 45.00
N LEU A 540 -6.40 41.69 44.81
CA LEU A 540 -5.28 42.43 44.23
C LEU A 540 -4.11 42.52 45.18
N ARG A 541 -4.35 42.69 46.49
CA ARG A 541 -3.25 42.75 47.43
C ARG A 541 -2.58 41.39 47.53
N ALA A 542 -3.35 40.31 47.43
CA ALA A 542 -2.77 38.97 47.46
C ALA A 542 -1.95 38.73 46.20
N GLY A 543 -2.39 39.29 45.07
CA GLY A 543 -1.63 39.13 43.84
C GLY A 543 -0.32 39.90 43.87
N TYR A 544 -0.36 41.14 44.36
CA TYR A 544 0.85 41.95 44.46
C TYR A 544 1.82 41.34 45.46
N GLN A 545 1.29 40.84 46.58
CA GLN A 545 2.16 40.20 47.56
C GLN A 545 2.70 38.90 47.02
N CYS A 546 1.97 38.22 46.13
CA CYS A 546 2.47 36.99 45.55
C CYS A 546 3.61 37.28 44.60
N VAL A 547 3.51 38.37 43.86
CA VAL A 547 4.56 38.75 42.94
C VAL A 547 5.79 39.20 43.71
N ALA A 548 5.59 40.09 44.69
CA ALA A 548 6.69 40.59 45.50
C ALA A 548 7.20 39.58 46.52
N ALA A 549 6.55 38.43 46.67
CA ALA A 549 7.02 37.43 47.62
C ALA A 549 8.34 36.85 47.16
N HIS A 550 8.49 36.68 45.86
CA HIS A 550 9.70 36.13 45.27
C HIS A 550 9.79 36.68 43.86
N SER A 551 10.68 37.64 43.67
CA SER A 551 10.85 38.26 42.37
C SER A 551 12.04 37.70 41.62
N GLU A 552 12.67 36.65 42.14
CA GLU A 552 13.83 36.09 41.44
C GLU A 552 13.38 35.39 40.16
N LEU A 553 12.39 34.49 40.23
CA LEU A 553 11.92 33.87 39.00
C LEU A 553 11.15 34.85 38.15
N LEU A 554 10.63 35.90 38.77
CA LEU A 554 9.98 36.95 38.01
C LEU A 554 11.02 37.71 37.23
N CYS A 555 12.14 38.03 37.88
CA CYS A 555 13.17 38.71 37.14
C CYS A 555 13.82 37.76 36.16
N TYR A 556 13.97 36.46 36.50
CA TYR A 556 14.54 35.52 35.52
C TYR A 556 13.64 35.34 34.31
N PHE A 557 12.35 35.60 34.44
CA PHE A 557 11.43 35.43 33.33
C PHE A 557 11.60 36.51 32.28
N ILE A 558 11.60 37.78 32.70
CA ILE A 558 11.72 38.90 31.77
C ILE A 558 13.08 38.93 31.07
N ILE A 559 14.12 38.31 31.67
CA ILE A 559 15.45 38.23 31.05
C ILE A 559 15.39 37.45 29.74
N ILE A 560 14.40 36.58 29.58
CA ILE A 560 14.27 35.80 28.37
C ILE A 560 13.27 36.41 27.40
N LEU A 561 12.15 36.92 27.92
CA LEU A 561 11.09 37.50 27.08
C LEU A 561 11.62 38.61 26.18
N ASN A 562 12.48 39.47 26.71
CA ASN A 562 13.04 40.53 25.87
C ASN A 562 14.02 39.93 24.87
N HIS A 563 14.70 38.86 25.28
CA HIS A 563 15.64 38.20 24.40
C HIS A 563 14.94 37.44 23.29
N MET A 564 13.73 36.96 23.57
CA MET A 564 12.98 36.22 22.57
C MET A 564 12.54 37.11 21.41
N VAL A 565 12.34 38.40 21.64
CA VAL A 565 11.93 39.28 20.57
C VAL A 565 13.10 40.01 19.92
N THR A 566 14.22 40.17 20.62
CA THR A 566 15.38 40.85 20.05
C THR A 566 16.33 39.86 19.41
N ALA A 567 16.85 38.91 20.21
CA ALA A 567 17.77 37.86 19.78
C ALA A 567 19.03 38.40 19.10
N SER A 568 19.52 39.53 19.58
CA SER A 568 20.72 40.08 18.99
C SER A 568 21.94 39.38 19.59
N ALA A 569 23.12 39.76 19.12
CA ALA A 569 24.35 39.18 19.64
C ALA A 569 24.60 39.63 21.07
N ALA A 570 24.09 40.79 21.42
CA ALA A 570 24.21 41.34 22.75
C ALA A 570 23.06 40.93 23.64
N SER A 571 22.14 40.14 23.12
CA SER A 571 20.99 39.68 23.86
C SER A 571 21.14 38.25 24.36
N LEU A 572 22.06 37.50 23.79
CA LEU A 572 22.32 36.12 24.15
C LEU A 572 23.27 35.99 25.33
N VAL A 573 24.15 36.97 25.50
CA VAL A 573 25.18 36.94 26.54
C VAL A 573 24.61 36.94 27.96
N LEU A 574 23.44 37.49 28.15
CA LEU A 574 22.88 37.52 29.49
C LEU A 574 22.22 36.21 29.94
N PRO A 575 21.28 35.58 29.20
CA PRO A 575 20.71 34.33 29.73
C PRO A 575 21.69 33.17 29.80
N VAL A 576 22.79 33.23 29.05
CA VAL A 576 23.78 32.16 29.13
C VAL A 576 24.39 32.14 30.52
N LEU A 577 24.76 33.31 31.04
CA LEU A 577 25.29 33.33 32.40
C LEU A 577 24.19 33.13 33.42
N VAL A 578 22.93 33.35 33.03
CA VAL A 578 21.85 33.09 33.96
C VAL A 578 21.77 31.59 34.24
N PHE A 579 21.82 30.79 33.17
CA PHE A 579 21.78 29.35 33.33
C PHE A 579 23.08 28.81 33.88
N LEU A 580 24.21 29.25 33.34
CA LEU A 580 25.50 28.77 33.78
C LEU A 580 25.98 29.32 35.11
N TRP A 581 25.38 30.39 35.62
CA TRP A 581 25.90 30.89 36.89
C TRP A 581 24.85 31.32 37.91
N ALA A 582 23.65 31.71 37.50
CA ALA A 582 22.66 32.10 38.49
C ALA A 582 21.94 30.90 39.07
N MET A 583 21.31 30.09 38.22
CA MET A 583 20.62 28.92 38.72
C MET A 583 21.54 27.73 38.83
N LEU A 584 22.71 27.92 39.41
CA LEU A 584 23.65 26.83 39.59
C LEU A 584 24.37 26.89 40.93
N THR A 585 24.55 28.07 41.52
CA THR A 585 25.22 28.22 42.80
C THR A 585 24.22 27.91 43.89
N ILE A 586 24.54 26.91 44.71
CA ILE A 586 23.67 26.42 45.78
C ILE A 586 23.16 27.40 46.84
N PRO A 587 23.86 28.47 47.31
CA PRO A 587 23.21 29.29 48.34
C PRO A 587 22.07 30.11 47.78
N ARG A 588 22.40 30.92 46.77
CA ARG A 588 21.54 31.85 46.06
C ARG A 588 22.46 32.46 45.01
N PRO A 589 21.97 33.13 43.98
CA PRO A 589 22.90 33.77 43.04
C PRO A 589 23.57 34.95 43.72
N SER A 590 24.88 35.05 43.51
CA SER A 590 25.74 36.05 44.12
C SER A 590 25.30 37.47 43.82
N LYS A 591 25.68 38.37 44.73
CA LYS A 591 25.38 39.78 44.56
C LYS A 591 26.20 40.36 43.42
N ARG A 592 27.35 39.72 43.14
CA ARG A 592 28.18 40.12 42.04
C ARG A 592 27.45 39.88 40.73
N PHE A 593 26.66 38.81 40.70
CA PHE A 593 25.86 38.50 39.52
C PHE A 593 24.79 39.54 39.28
N TRP A 594 24.13 39.99 40.36
CA TRP A 594 23.09 40.98 40.20
C TRP A 594 23.66 42.30 39.71
N MET A 595 24.80 42.69 40.30
CA MET A 595 25.46 43.93 39.88
C MET A 595 25.92 43.82 38.44
N THR A 596 26.37 42.63 38.04
CA THR A 596 26.82 42.39 36.68
C THR A 596 25.67 42.57 35.71
N ALA A 597 24.49 42.11 36.11
CA ALA A 597 23.32 42.23 35.25
C ALA A 597 22.89 43.69 35.12
N ILE A 598 22.95 44.46 36.21
CA ILE A 598 22.58 45.86 36.16
C ILE A 598 23.54 46.62 35.24
N VAL A 599 24.83 46.34 35.40
CA VAL A 599 25.88 46.97 34.60
C VAL A 599 25.73 46.64 33.13
N PHE A 600 25.37 45.38 32.81
CA PHE A 600 25.24 45.08 31.40
C PHE A 600 23.99 45.66 30.79
N THR A 601 22.91 45.74 31.57
CA THR A 601 21.67 46.30 31.03
C THR A 601 21.80 47.77 30.71
N GLU A 602 22.33 48.56 31.64
CA GLU A 602 22.44 49.97 31.32
C GLU A 602 23.54 50.24 30.31
N VAL A 603 24.55 49.37 30.18
CA VAL A 603 25.57 49.70 29.20
C VAL A 603 25.05 49.44 27.78
N MET A 604 24.25 48.39 27.56
CA MET A 604 23.78 48.22 26.20
C MET A 604 22.62 49.14 25.89
N VAL A 605 21.93 49.65 26.90
CA VAL A 605 20.87 50.59 26.55
C VAL A 605 21.52 51.93 26.22
N VAL A 606 22.71 52.20 26.78
CA VAL A 606 23.42 53.43 26.44
C VAL A 606 23.92 53.35 25.02
N THR A 607 24.52 52.21 24.65
CA THR A 607 25.00 52.04 23.28
C THR A 607 23.85 52.01 22.28
N LYS A 608 22.69 51.51 22.72
CA LYS A 608 21.55 51.50 21.81
C LYS A 608 21.05 52.91 21.60
N TYR A 609 21.10 53.75 22.65
CA TYR A 609 20.65 55.12 22.47
C TYR A 609 21.63 55.89 21.60
N LEU A 610 22.90 55.46 21.58
CA LEU A 610 23.88 56.09 20.71
C LEU A 610 23.54 55.78 19.26
N PHE A 611 23.20 54.54 18.98
CA PHE A 611 22.82 54.17 17.61
C PHE A 611 21.32 54.18 17.45
N TYR A 646 11.14 46.60 22.70
CA TYR A 646 12.55 46.23 22.81
C TYR A 646 13.21 47.25 23.74
N ILE A 647 13.08 48.55 23.46
CA ILE A 647 13.63 49.56 24.35
C ILE A 647 12.85 49.54 25.65
N LYS A 648 11.53 49.51 25.52
CA LYS A 648 10.64 49.43 26.67
C LYS A 648 10.85 48.12 27.40
N TYR A 649 11.19 47.04 26.67
CA TYR A 649 11.44 45.77 27.31
C TYR A 649 12.69 45.84 28.17
N ASP A 650 13.69 46.57 27.70
CA ASP A 650 14.90 46.74 28.50
C ASP A 650 14.62 47.59 29.72
N LEU A 651 13.68 48.53 29.60
CA LEU A 651 13.30 49.40 30.71
C LEU A 651 12.57 48.63 31.81
N VAL A 652 11.55 47.85 31.42
CA VAL A 652 10.78 47.08 32.39
C VAL A 652 11.67 46.02 33.03
N GLN A 653 12.60 45.48 32.25
CA GLN A 653 13.54 44.49 32.75
C GLN A 653 14.49 45.10 33.75
N LEU A 654 15.00 46.29 33.47
CA LEU A 654 15.92 46.98 34.36
C LEU A 654 15.26 47.33 35.67
N MET A 655 14.01 47.82 35.61
CA MET A 655 13.33 48.17 36.84
C MET A 655 12.89 46.94 37.62
N ALA A 656 12.60 45.84 36.92
CA ALA A 656 12.21 44.62 37.62
C ALA A 656 13.38 44.08 38.41
N LEU A 657 14.53 44.03 37.75
CA LEU A 657 15.73 43.55 38.41
C LEU A 657 16.19 44.48 39.51
N PHE A 658 16.01 45.78 39.31
CA PHE A 658 16.43 46.69 40.35
C PHE A 658 15.48 46.62 41.54
N PHE A 659 14.21 46.30 41.28
CA PHE A 659 13.26 46.13 42.37
C PHE A 659 13.62 44.91 43.17
N HIS A 660 14.10 43.87 42.48
CA HIS A 660 14.53 42.66 43.16
C HIS A 660 15.74 42.97 44.01
N ARG A 661 16.61 43.85 43.51
CA ARG A 661 17.77 44.26 44.29
C ARG A 661 17.34 45.01 45.52
N SER A 662 16.31 45.85 45.37
CA SER A 662 15.77 46.59 46.50
C SER A 662 15.18 45.65 47.54
N GLN A 663 14.59 44.56 47.06
CA GLN A 663 14.03 43.57 47.96
C GLN A 663 15.14 42.83 48.69
N LEU A 664 16.26 42.61 48.01
CA LEU A 664 17.37 41.90 48.64
C LEU A 664 18.04 42.77 49.69
N LEU A 665 18.14 44.08 49.44
CA LEU A 665 18.71 44.95 50.46
C LEU A 665 17.73 45.09 51.61
N CYS A 666 16.44 44.97 51.31
CA CYS A 666 15.41 45.10 52.33
C CYS A 666 15.43 43.97 53.34
N TYR A 667 15.80 42.76 52.93
CA TYR A 667 15.80 41.62 53.85
C TYR A 667 17.19 41.04 54.05
N GLY A 668 17.97 41.68 54.92
CA GLY A 668 19.28 41.26 55.37
C GLY A 668 20.34 40.60 54.49
N LEU A 669 20.33 40.80 53.18
CA LEU A 669 21.37 40.16 52.40
C LEU A 669 22.51 41.18 52.24
N TRP A 670 23.43 40.91 51.29
CA TRP A 670 24.60 41.66 50.89
C TRP A 670 25.69 41.60 51.94
N ASP A 671 25.65 40.56 52.77
CA ASP A 671 26.65 40.37 53.81
C ASP A 671 27.65 39.31 53.38
N PRO A 821 38.27 31.17 43.36
CA PRO A 821 37.65 31.09 42.04
C PRO A 821 36.96 29.74 41.78
N LEU A 822 37.39 29.04 40.73
CA LEU A 822 36.81 27.75 40.38
C LEU A 822 37.11 26.70 41.43
N GLN A 823 38.19 26.88 42.20
CA GLN A 823 38.55 25.95 43.26
C GLN A 823 37.49 25.93 44.35
N ARG A 824 36.85 27.07 44.57
CA ARG A 824 35.78 27.20 45.56
C ARG A 824 34.41 27.16 44.91
N PHE A 825 34.35 26.89 43.61
CA PHE A 825 33.11 26.86 42.86
C PHE A 825 32.66 25.45 42.53
N PHE A 826 33.51 24.67 41.87
CA PHE A 826 33.14 23.30 41.53
C PHE A 826 33.09 22.43 42.76
N HIS A 827 33.99 22.67 43.72
CA HIS A 827 33.98 21.90 44.95
C HIS A 827 32.77 22.21 45.79
N ASP A 828 32.25 23.42 45.64
CA ASP A 828 31.07 23.85 46.38
C ASP A 828 29.85 23.04 45.96
N ILE A 829 29.65 22.87 44.67
CA ILE A 829 28.51 22.12 44.17
C ILE A 829 28.68 20.64 44.45
N LEU A 830 29.88 20.14 44.30
CA LEU A 830 30.10 18.72 44.48
C LEU A 830 30.31 18.29 45.92
N HIS A 831 30.65 19.18 46.84
CA HIS A 831 30.86 18.72 48.21
C HIS A 831 30.22 19.64 49.25
N THR A 832 28.94 19.40 49.50
CA THR A 832 28.14 20.13 50.49
C THR A 832 27.04 19.19 50.96
N LYS A 833 26.87 19.09 52.27
CA LYS A 833 25.86 18.23 52.86
C LYS A 833 24.62 19.05 53.14
N TYR A 834 23.53 18.68 52.49
CA TYR A 834 22.24 19.35 52.60
C TYR A 834 21.19 18.39 52.05
N ARG A 835 19.97 18.87 51.85
CA ARG A 835 18.88 18.04 51.39
C ARG A 835 18.85 17.90 49.87
N ALA A 836 18.91 16.66 49.39
CA ALA A 836 18.84 16.45 47.96
C ALA A 836 17.37 16.41 47.57
N ALA A 837 16.69 15.29 47.87
CA ALA A 837 15.27 15.00 47.71
C ALA A 837 14.57 15.68 46.54
N THR A 838 15.11 15.59 45.33
CA THR A 838 14.55 16.29 44.20
C THR A 838 14.43 15.43 42.95
N ASP A 839 13.71 14.32 43.05
CA ASP A 839 13.51 13.46 41.88
C ASP A 839 12.52 14.16 40.96
N VAL A 840 13.04 15.08 40.17
CA VAL A 840 12.22 15.85 39.25
C VAL A 840 12.45 15.40 37.81
N TYR A 841 12.90 14.14 37.65
CA TYR A 841 13.15 13.63 36.31
C TYR A 841 11.88 13.53 35.50
N ALA A 842 10.78 13.18 36.16
CA ALA A 842 9.51 13.07 35.45
C ALA A 842 9.07 14.41 34.92
N LEU A 843 9.34 15.47 35.67
CA LEU A 843 8.95 16.80 35.22
C LEU A 843 9.80 17.26 34.04
N MET A 844 11.12 17.05 34.11
CA MET A 844 11.92 17.48 32.98
C MET A 844 11.68 16.59 31.77
N PHE A 845 11.27 15.33 32.01
CA PHE A 845 10.97 14.47 30.88
C PHE A 845 9.68 14.91 30.22
N LEU A 846 8.78 15.47 31.00
CA LEU A 846 7.55 15.98 30.42
C LEU A 846 7.84 17.22 29.61
N ALA A 847 8.87 17.98 30.03
CA ALA A 847 9.27 19.19 29.33
C ALA A 847 9.79 18.90 27.94
N ASP A 848 10.78 18.02 27.81
CA ASP A 848 11.25 17.80 26.46
C ASP A 848 10.32 16.91 25.63
N ILE A 849 9.39 16.20 26.25
CA ILE A 849 8.51 15.42 25.39
C ILE A 849 7.46 16.34 24.78
N VAL A 850 7.07 17.42 25.47
CA VAL A 850 6.14 18.34 24.84
C VAL A 850 6.93 19.18 23.85
N ASP A 851 8.24 19.28 24.07
CA ASP A 851 9.11 20.01 23.16
C ASP A 851 9.22 19.32 21.81
N ILE A 852 9.09 18.00 21.77
CA ILE A 852 9.17 17.38 20.46
C ILE A 852 7.80 17.32 19.80
N ILE A 853 6.71 17.25 20.58
CA ILE A 853 5.43 17.17 19.91
C ILE A 853 5.06 18.51 19.29
N ILE A 854 5.58 19.64 19.80
CA ILE A 854 5.21 20.91 19.19
C ILE A 854 5.82 21.07 17.81
N ILE A 855 7.03 20.55 17.59
CA ILE A 855 7.58 20.68 16.25
C ILE A 855 6.95 19.66 15.34
N ILE A 856 6.41 18.58 15.90
CA ILE A 856 5.74 17.59 15.07
C ILE A 856 4.44 18.17 14.50
N PHE A 857 3.58 18.75 15.34
CA PHE A 857 2.39 19.31 14.71
C PHE A 857 2.68 20.65 14.05
N GLY A 858 3.81 21.27 14.35
CA GLY A 858 4.13 22.50 13.68
C GLY A 858 4.59 22.27 12.26
N PHE A 859 5.11 21.08 11.96
CA PHE A 859 5.58 20.75 10.62
C PHE A 859 5.18 19.35 10.19
N PRO A 881 11.36 23.86 7.44
CA PRO A 881 12.80 23.71 7.27
C PRO A 881 13.31 22.39 7.81
N GLN A 882 14.31 21.81 7.13
CA GLN A 882 14.85 20.53 7.55
C GLN A 882 15.68 20.64 8.83
N ALA A 883 16.09 21.85 9.21
CA ALA A 883 16.89 22.06 10.41
C ALA A 883 16.17 21.60 11.66
N PHE A 884 14.83 21.69 11.65
CA PHE A 884 14.05 21.22 12.79
C PHE A 884 14.15 19.72 12.89
N LEU A 885 14.15 19.04 11.75
CA LEU A 885 14.24 17.59 11.79
C LEU A 885 15.61 17.14 12.24
N PHE A 886 16.65 17.92 11.92
CA PHE A 886 17.98 17.55 12.40
C PHE A 886 18.10 17.76 13.89
N MET A 887 17.55 18.86 14.40
CA MET A 887 17.62 19.03 15.84
C MET A 887 16.66 18.09 16.55
N LEU A 888 15.62 17.62 15.85
CA LEU A 888 14.72 16.63 16.43
C LEU A 888 15.47 15.35 16.70
N LEU A 889 16.34 14.96 15.77
CA LEU A 889 17.16 13.77 15.98
C LEU A 889 18.12 13.97 17.14
N VAL A 890 18.70 15.18 17.21
CA VAL A 890 19.62 15.50 18.30
C VAL A 890 18.88 15.51 19.61
N GLN A 891 17.60 15.90 19.59
CA GLN A 891 16.84 15.91 20.83
C GLN A 891 16.57 14.50 21.31
N PHE A 892 16.42 13.54 20.39
CA PHE A 892 16.28 12.16 20.84
C PHE A 892 17.55 11.71 21.52
N GLY A 893 18.69 12.17 21.00
CA GLY A 893 19.95 11.83 21.62
C GLY A 893 20.07 12.41 23.01
N THR A 894 19.51 13.59 23.23
CA THR A 894 19.56 14.19 24.56
C THR A 894 18.69 13.42 25.53
N MET A 895 17.53 12.95 25.06
CA MET A 895 16.63 12.21 25.94
C MET A 895 17.22 10.87 26.34
N VAL A 896 17.96 10.24 25.45
CA VAL A 896 18.49 8.95 25.89
C VAL A 896 19.76 9.12 26.69
N ILE A 897 20.54 10.17 26.45
CA ILE A 897 21.75 10.24 27.26
C ILE A 897 21.45 10.82 28.63
N ASP A 898 20.44 11.70 28.77
CA ASP A 898 20.22 12.16 30.13
C ASP A 898 19.49 11.11 30.93
N ARG A 899 18.77 10.21 30.25
CA ARG A 899 18.13 9.14 30.98
C ARG A 899 19.21 8.18 31.47
N ALA A 900 20.23 7.97 30.65
CA ALA A 900 21.33 7.13 31.06
C ALA A 900 22.14 7.81 32.15
N LEU A 901 22.21 9.13 32.09
CA LEU A 901 22.92 9.91 33.07
C LEU A 901 22.13 10.01 34.36
N TYR A 902 20.85 9.69 34.30
CA TYR A 902 19.97 9.70 35.45
C TYR A 902 20.03 8.38 36.19
N LEU A 903 19.85 7.27 35.48
CA LEU A 903 19.91 5.95 36.10
C LEU A 903 21.26 5.72 36.74
N ARG A 904 22.31 6.00 35.98
CA ARG A 904 23.66 5.94 36.48
C ARG A 904 23.78 7.30 37.17
N LYS A 905 23.27 7.34 38.41
CA LYS A 905 23.19 8.57 39.17
C LYS A 905 24.55 9.21 39.42
N THR A 906 24.68 10.42 38.92
CA THR A 906 25.89 11.22 39.03
C THR A 906 25.54 12.67 38.73
N VAL A 907 26.29 13.58 39.34
CA VAL A 907 26.07 14.99 39.15
C VAL A 907 27.14 15.65 38.30
N LEU A 908 28.35 15.08 38.26
CA LEU A 908 29.41 15.67 37.46
C LEU A 908 29.10 15.57 35.99
N GLY A 909 28.67 14.39 35.55
CA GLY A 909 28.33 14.19 34.16
C GLY A 909 27.12 15.00 33.74
N LYS A 910 26.18 15.18 34.66
CA LYS A 910 25.00 15.96 34.33
C LYS A 910 25.37 17.42 34.16
N LEU A 911 26.15 17.93 35.12
CA LEU A 911 26.64 19.31 35.11
C LEU A 911 27.35 19.62 33.81
N ALA A 912 28.32 18.76 33.45
CA ALA A 912 29.04 18.94 32.20
C ALA A 912 28.11 18.84 31.00
N PHE A 913 27.06 18.05 31.14
CA PHE A 913 26.14 17.91 30.02
C PHE A 913 25.34 19.18 29.75
N GLN A 914 24.75 19.80 30.78
CA GLN A 914 23.99 20.99 30.44
C GLN A 914 24.92 22.15 30.11
N VAL A 915 26.16 22.14 30.60
CA VAL A 915 27.09 23.22 30.27
C VAL A 915 27.41 23.17 28.79
N VAL A 916 27.61 21.98 28.24
CA VAL A 916 27.88 21.89 26.81
C VAL A 916 26.59 21.96 26.01
N LEU A 917 25.43 21.96 26.66
CA LEU A 917 24.16 21.99 25.97
C LEU A 917 23.57 23.38 25.80
N VAL A 918 23.67 24.20 26.85
CA VAL A 918 23.11 25.55 26.84
C VAL A 918 23.71 26.38 25.72
N VAL A 919 25.04 26.43 25.66
CA VAL A 919 25.71 27.20 24.63
C VAL A 919 25.48 26.60 23.26
N ALA A 920 25.28 25.27 23.18
CA ALA A 920 25.06 24.60 21.91
C ALA A 920 23.77 25.04 21.26
N ILE A 921 22.66 24.98 21.99
CA ILE A 921 21.42 25.40 21.34
C ILE A 921 21.34 26.91 21.24
N HIS A 922 22.14 27.65 22.01
CA HIS A 922 22.06 29.10 21.87
C HIS A 922 22.75 29.57 20.61
N ILE A 923 23.94 29.04 20.32
CA ILE A 923 24.60 29.45 19.09
C ILE A 923 23.86 28.86 17.90
N TRP A 924 23.19 27.72 18.10
CA TRP A 924 22.43 27.10 17.02
C TRP A 924 21.25 27.97 16.65
N MET A 925 20.50 28.43 17.65
CA MET A 925 19.36 29.28 17.37
C MET A 925 19.81 30.63 16.82
N PHE A 926 21.01 31.08 17.21
CA PHE A 926 21.52 32.33 16.70
C PHE A 926 21.90 32.22 15.23
N PHE A 927 22.31 31.05 14.77
CA PHE A 927 22.68 30.91 13.36
C PHE A 927 21.55 30.41 12.49
N ILE A 928 20.32 30.85 12.77
CA ILE A 928 19.16 30.47 11.99
C ILE A 928 18.43 31.73 11.53
N GLN A 939 6.96 32.63 11.10
CA GLN A 939 6.82 31.55 12.07
C GLN A 939 7.89 31.54 13.14
N ASN A 940 8.31 32.74 13.55
CA ASN A 940 9.28 32.82 14.62
C ASN A 940 8.66 32.42 15.94
N ALA A 941 7.34 32.60 16.07
CA ALA A 941 6.62 32.28 17.30
C ALA A 941 6.71 30.81 17.65
N VAL A 942 6.71 29.93 16.65
CA VAL A 942 6.80 28.50 16.91
C VAL A 942 8.17 28.15 17.48
N ALA A 943 9.23 28.64 16.84
CA ALA A 943 10.58 28.37 17.31
C ALA A 943 10.85 29.04 18.65
N GLN A 944 10.29 30.22 18.88
CA GLN A 944 10.52 30.86 20.17
C GLN A 944 9.74 30.15 21.26
N LEU A 945 8.58 29.58 20.91
CA LEU A 945 7.81 28.82 21.89
C LEU A 945 8.58 27.57 22.27
N TRP A 946 9.24 26.98 21.27
CA TRP A 946 10.09 25.82 21.46
C TRP A 946 11.25 26.17 22.37
N TYR A 947 11.74 27.38 22.22
CA TYR A 947 12.84 27.82 23.06
C TYR A 947 12.38 28.05 24.48
N PHE A 948 11.11 28.45 24.65
CA PHE A 948 10.64 28.70 25.99
C PHE A 948 10.46 27.41 26.77
N VAL A 949 9.93 26.37 26.14
CA VAL A 949 9.79 25.14 26.90
C VAL A 949 11.15 24.48 27.08
N LYS A 950 12.10 24.76 26.18
CA LYS A 950 13.38 24.14 26.42
C LYS A 950 14.16 24.90 27.48
N CYS A 951 13.95 26.22 27.60
CA CYS A 951 14.68 26.92 28.64
C CYS A 951 14.13 26.57 30.01
N ILE A 952 12.83 26.23 30.08
CA ILE A 952 12.28 25.82 31.35
C ILE A 952 12.83 24.44 31.69
N TYR A 953 13.23 23.68 30.67
CA TYR A 953 13.87 22.40 30.92
C TYR A 953 15.23 22.61 31.56
N PHE A 954 15.93 23.67 31.15
CA PHE A 954 17.21 23.94 31.76
C PHE A 954 17.07 24.36 33.20
N ALA A 955 15.99 25.08 33.51
CA ALA A 955 15.77 25.49 34.89
C ALA A 955 15.54 24.29 35.79
N LEU A 956 14.81 23.30 35.28
CA LEU A 956 14.55 22.11 36.08
C LEU A 956 15.80 21.27 36.24
N SER A 957 16.59 21.15 35.16
CA SER A 957 17.81 20.36 35.23
C SER A 957 18.80 20.97 36.19
N ALA A 958 18.92 22.29 36.15
CA ALA A 958 19.83 22.98 37.03
C ALA A 958 19.38 22.91 38.47
N TYR A 959 18.07 22.90 38.69
CA TYR A 959 17.57 22.78 40.05
C TYR A 959 17.85 21.39 40.59
N GLN A 960 17.77 20.39 39.70
CA GLN A 960 18.04 19.02 40.08
C GLN A 960 19.47 18.85 40.54
N ILE A 961 20.42 19.42 39.80
CA ILE A 961 21.80 19.26 40.25
C ILE A 961 22.14 20.21 41.37
N ARG A 962 21.34 21.25 41.58
CA ARG A 962 21.64 22.12 42.69
C ARG A 962 21.26 21.47 43.99
N CYS A 963 20.33 20.52 43.96
CA CYS A 963 19.93 19.83 45.17
C CYS A 963 20.59 18.47 45.31
N GLY A 964 20.57 17.65 44.29
CA GLY A 964 21.19 16.34 44.35
C GLY A 964 20.19 15.23 44.12
N TYR A 965 20.72 14.01 44.10
CA TYR A 965 19.90 12.84 43.85
C TYR A 965 19.46 12.17 45.14
N PRO A 966 18.27 11.60 45.13
CA PRO A 966 17.75 10.93 46.33
C PRO A 966 18.39 9.57 46.57
N THR A 967 17.90 8.85 47.57
CA THR A 967 18.46 7.55 47.91
C THR A 967 17.77 6.38 47.22
N ARG A 968 16.56 6.56 46.68
CA ARG A 968 15.86 5.48 46.01
C ARG A 968 15.38 6.05 44.68
N ILE A 969 16.18 5.85 43.65
CA ILE A 969 15.86 6.38 42.34
C ILE A 969 15.03 5.42 41.48
N LEU A 970 15.07 4.12 41.76
CA LEU A 970 14.33 3.16 40.96
C LEU A 970 12.83 3.22 41.24
N GLY A 971 12.11 2.30 40.60
CA GLY A 971 10.68 2.25 40.76
C GLY A 971 10.01 3.22 39.82
N ASN A 972 9.09 2.75 39.01
CA ASN A 972 8.39 3.59 38.05
C ASN A 972 7.50 4.59 38.74
N PHE A 973 7.34 5.75 38.12
CA PHE A 973 6.44 6.71 38.71
C PHE A 973 5.03 6.31 38.29
N LEU A 974 4.04 6.99 38.87
CA LEU A 974 2.59 6.76 38.66
C LEU A 974 2.17 5.32 38.95
N THR A 975 2.97 4.55 39.66
CA THR A 975 2.70 3.18 40.02
C THR A 975 2.83 3.02 41.51
N LYS A 976 2.35 3.99 42.27
CA LYS A 976 2.46 3.93 43.71
C LYS A 976 1.19 4.31 44.46
N LYS A 977 0.14 4.78 43.78
CA LYS A 977 -1.05 5.17 44.49
C LYS A 977 -2.22 4.20 44.32
N TYR A 978 -2.24 3.43 43.23
CA TYR A 978 -3.25 2.42 42.90
C TYR A 978 -4.67 2.97 42.76
N ASN A 979 -4.87 4.25 42.48
CA ASN A 979 -6.24 4.69 42.34
C ASN A 979 -6.71 4.47 40.91
N HIS A 980 -7.85 5.03 40.56
CA HIS A 980 -8.32 4.81 39.19
C HIS A 980 -7.60 5.71 38.21
N LEU A 981 -7.12 6.85 38.67
CA LEU A 981 -6.46 7.79 37.77
C LEU A 981 -5.15 7.26 37.23
N ASN A 982 -4.24 6.84 38.13
CA ASN A 982 -2.96 6.34 37.64
C ASN A 982 -3.10 5.03 36.89
N LEU A 983 -4.17 4.27 37.09
CA LEU A 983 -4.37 3.06 36.31
C LEU A 983 -4.70 3.44 34.88
N PHE A 984 -5.65 4.36 34.72
CA PHE A 984 -6.04 4.84 33.40
C PHE A 984 -4.87 5.48 32.70
N LEU A 985 -4.05 6.18 33.46
CA LEU A 985 -2.91 6.85 32.89
C LEU A 985 -1.79 5.86 32.58
N PHE A 986 -1.72 4.75 33.31
CA PHE A 986 -0.67 3.78 33.06
C PHE A 986 -0.92 3.00 31.79
N GLN A 987 -2.14 2.49 31.60
CA GLN A 987 -2.39 1.78 30.36
C GLN A 987 -2.44 2.76 29.20
N GLY A 988 -2.78 4.01 29.49
CA GLY A 988 -2.76 5.02 28.46
C GLY A 988 -1.33 5.33 28.07
N PHE A 989 -0.40 5.12 29.00
CA PHE A 989 1.01 5.32 28.71
C PHE A 989 1.54 4.19 27.84
N ARG A 990 1.06 2.97 28.07
CA ARG A 990 1.54 1.86 27.28
C ARG A 990 0.98 1.86 25.87
N LEU A 991 -0.05 2.65 25.59
CA LEU A 991 -0.54 2.69 24.22
C LEU A 991 0.36 3.49 23.29
N VAL A 992 1.34 4.20 23.83
CA VAL A 992 2.31 4.95 23.01
C VAL A 992 3.14 3.93 22.25
N PRO A 993 3.45 4.15 20.97
CA PRO A 993 4.17 3.13 20.20
C PRO A 993 5.56 2.73 20.68
N PHE A 994 6.33 3.57 21.37
CA PHE A 994 7.64 3.04 21.73
C PHE A 994 8.12 3.29 23.14
N LEU A 995 7.42 4.06 23.96
CA LEU A 995 7.93 4.32 25.29
C LEU A 995 7.59 3.22 26.30
N VAL A 996 7.80 1.98 25.94
CA VAL A 996 7.58 0.87 26.85
C VAL A 996 8.84 0.05 26.71
N GLU A 997 9.11 -0.31 25.48
CA GLU A 997 10.28 -1.09 25.16
C GLU A 997 11.54 -0.24 25.26
N LEU A 998 11.46 1.04 24.90
CA LEU A 998 12.63 1.91 25.03
C LEU A 998 13.03 2.05 26.47
N ARG A 999 12.03 2.20 27.34
CA ARG A 999 12.27 2.32 28.75
C ARG A 999 12.84 1.02 29.30
N ALA A 1000 12.32 -0.12 28.85
CA ALA A 1000 12.77 -1.40 29.36
C ALA A 1000 14.20 -1.73 28.96
N VAL A 1001 14.56 -1.56 27.70
CA VAL A 1001 15.91 -1.92 27.29
C VAL A 1001 16.95 -0.93 27.80
N MET A 1002 16.63 0.36 27.79
CA MET A 1002 17.61 1.33 28.25
C MET A 1002 17.80 1.25 29.75
N ASP A 1003 16.75 0.88 30.48
CA ASP A 1003 16.91 0.68 31.90
C ASP A 1003 17.74 -0.56 32.16
N TRP A 1004 17.73 -1.50 31.22
CA TRP A 1004 18.54 -2.68 31.41
C TRP A 1004 20.00 -2.38 31.20
N VAL A 1005 20.32 -1.59 30.17
CA VAL A 1005 21.71 -1.27 29.86
C VAL A 1005 22.35 -0.43 30.95
N TRP A 1006 21.64 0.57 31.45
CA TRP A 1006 22.29 1.42 32.44
C TRP A 1006 22.02 1.03 33.88
N THR A 1007 21.93 -0.25 34.18
CA THR A 1007 21.72 -0.68 35.56
C THR A 1007 22.54 -1.94 35.77
N ASP A 1008 23.25 -2.00 36.88
CA ASP A 1008 24.08 -3.16 37.18
C ASP A 1008 23.19 -4.32 37.57
N THR A 1009 22.88 -5.16 36.60
CA THR A 1009 22.06 -6.34 36.77
C THR A 1009 22.92 -7.57 36.54
N THR A 1010 22.29 -8.72 36.51
CA THR A 1010 23.02 -9.94 36.30
C THR A 1010 22.33 -10.93 35.40
N LEU A 1011 21.23 -10.57 34.78
CA LEU A 1011 20.51 -11.47 33.90
C LEU A 1011 20.45 -10.85 32.51
N SER A 1012 20.21 -11.70 31.52
CA SER A 1012 20.17 -11.29 30.13
C SER A 1012 19.01 -10.35 29.87
N LEU A 1013 18.95 -9.86 28.63
CA LEU A 1013 17.89 -8.92 28.27
C LEU A 1013 16.54 -9.60 28.21
N SER A 1014 16.50 -10.87 27.82
CA SER A 1014 15.22 -11.56 27.74
C SER A 1014 14.63 -11.75 29.12
N ASN A 1015 15.47 -12.04 30.11
CA ASN A 1015 14.97 -12.22 31.45
C ASN A 1015 14.54 -10.89 32.04
N TRP A 1016 15.19 -9.81 31.62
CA TRP A 1016 14.84 -8.49 32.10
C TRP A 1016 13.46 -8.08 31.61
N MET A 1017 13.19 -8.30 30.32
CA MET A 1017 11.89 -7.95 29.78
C MET A 1017 10.81 -8.84 30.33
N CYS A 1018 11.18 -10.07 30.70
CA CYS A 1018 10.20 -10.97 31.28
C CYS A 1018 9.76 -10.47 32.64
N VAL A 1019 10.70 -9.98 33.44
CA VAL A 1019 10.39 -9.46 34.76
C VAL A 1019 9.52 -8.23 34.67
N GLU A 1020 9.90 -7.28 33.82
CA GLU A 1020 9.08 -6.08 33.72
C GLU A 1020 7.74 -6.35 33.08
N ASP A 1021 7.61 -7.42 32.30
CA ASP A 1021 6.32 -7.70 31.72
C ASP A 1021 5.34 -8.21 32.76
N ILE A 1022 5.80 -9.10 33.65
CA ILE A 1022 4.87 -9.56 34.66
C ILE A 1022 4.57 -8.46 35.65
N TYR A 1023 5.45 -7.48 35.79
CA TYR A 1023 5.16 -6.42 36.72
C TYR A 1023 4.12 -5.49 36.17
N ALA A 1024 4.11 -5.32 34.85
CA ALA A 1024 3.13 -4.43 34.25
C ALA A 1024 1.73 -5.01 34.31
N ASN A 1025 1.56 -6.29 33.96
CA ASN A 1025 0.17 -6.75 34.01
C ASN A 1025 -0.33 -7.03 35.41
N ILE A 1026 0.53 -7.36 36.38
CA ILE A 1026 -0.05 -7.59 37.70
C ILE A 1026 -0.39 -6.25 38.32
N PHE A 1027 0.27 -5.18 37.89
CA PHE A 1027 -0.09 -3.88 38.40
C PHE A 1027 -1.46 -3.49 37.88
N ILE A 1028 -1.75 -3.88 36.64
CA ILE A 1028 -3.04 -3.60 36.02
C ILE A 1028 -4.16 -4.27 36.80
N ILE A 1029 -3.98 -5.56 37.07
CA ILE A 1029 -5.05 -6.22 37.80
C ILE A 1029 -5.07 -5.80 39.26
N LYS A 1030 -3.95 -5.30 39.78
CA LYS A 1030 -3.94 -4.84 41.17
C LYS A 1030 -4.84 -3.63 41.32
N CYS A 1031 -4.72 -2.68 40.40
CA CYS A 1031 -5.59 -1.51 40.48
C CYS A 1031 -7.03 -1.89 40.22
N SER A 1032 -7.27 -2.94 39.44
CA SER A 1032 -8.65 -3.35 39.21
C SER A 1032 -9.26 -3.91 40.49
N ARG A 1033 -8.48 -4.66 41.27
CA ARG A 1033 -9.01 -5.19 42.51
C ARG A 1033 -9.24 -4.10 43.53
N GLU A 1034 -8.40 -3.08 43.54
CA GLU A 1034 -8.58 -2.01 44.51
C GLU A 1034 -9.81 -1.18 44.21
N THR A 1035 -10.03 -0.84 42.94
CA THR A 1035 -11.21 -0.03 42.63
C THR A 1035 -12.49 -0.80 42.84
N GLU A 1036 -12.49 -2.11 42.63
CA GLU A 1036 -13.74 -2.82 42.89
C GLU A 1036 -13.95 -3.03 44.37
N LYS A 1037 -12.87 -3.14 45.14
CA LYS A 1037 -13.02 -3.33 46.57
C LYS A 1037 -13.41 -2.03 47.25
N LYS A 1038 -13.08 -0.90 46.63
CA LYS A 1038 -13.40 0.43 47.14
C LYS A 1038 -14.90 0.59 47.22
N TYR A 1039 -15.56 0.61 46.07
CA TYR A 1039 -17.02 0.70 46.06
C TYR A 1039 -17.55 -0.55 45.39
N PRO A 1040 -17.94 -1.54 46.14
CA PRO A 1040 -18.42 -2.78 45.56
C PRO A 1040 -19.89 -2.76 45.23
N GLN A 1041 -20.34 -3.91 44.76
CA GLN A 1041 -21.71 -4.21 44.42
C GLN A 1041 -22.05 -5.50 45.13
N PRO A 1042 -23.29 -5.72 45.52
CA PRO A 1042 -23.61 -6.97 46.21
C PRO A 1042 -23.87 -8.07 45.19
N LYS A 1043 -23.89 -9.29 45.72
CA LYS A 1043 -24.14 -10.49 44.93
C LYS A 1043 -25.49 -10.43 44.23
N GLY A 1044 -25.46 -10.54 42.92
CA GLY A 1044 -26.66 -10.50 42.12
C GLY A 1044 -26.89 -9.08 41.66
N GLN A 1045 -26.55 -8.80 40.41
CA GLN A 1045 -26.71 -7.47 39.85
C GLN A 1045 -27.24 -7.63 38.46
N LYS A 1046 -27.27 -6.54 37.73
CA LYS A 1046 -27.74 -6.62 36.36
C LYS A 1046 -26.87 -5.84 35.41
N LYS A 1047 -25.83 -5.14 35.90
CA LYS A 1047 -24.92 -4.32 35.08
C LYS A 1047 -25.75 -3.31 34.30
N LYS A 1048 -26.27 -2.31 35.03
CA LYS A 1048 -27.18 -1.26 34.57
C LYS A 1048 -27.01 -0.80 33.14
N LYS A 1049 -28.12 -0.89 32.40
CA LYS A 1049 -28.28 -0.62 30.97
C LYS A 1049 -27.57 0.60 30.41
N ILE A 1050 -27.32 1.63 31.21
CA ILE A 1050 -26.63 2.79 30.69
C ILE A 1050 -25.18 2.45 30.39
N VAL A 1051 -24.60 1.52 31.14
CA VAL A 1051 -23.23 1.12 30.86
C VAL A 1051 -23.20 0.25 29.62
N LYS A 1052 -24.14 -0.69 29.53
CA LYS A 1052 -24.23 -1.59 28.40
C LYS A 1052 -24.50 -0.83 27.12
N TYR A 1053 -25.41 0.13 27.16
CA TYR A 1053 -25.68 0.93 25.98
C TYR A 1053 -24.51 1.83 25.67
N GLY A 1054 -23.74 2.18 26.69
CA GLY A 1054 -22.60 3.04 26.49
C GLY A 1054 -21.45 2.40 25.77
N MET A 1055 -20.75 1.47 26.41
CA MET A 1055 -19.59 0.89 25.73
C MET A 1055 -19.96 -0.15 24.69
N GLY A 1056 -21.09 -0.81 24.84
CA GLY A 1056 -21.44 -1.79 23.84
C GLY A 1056 -21.99 -1.11 22.61
N GLY A 1057 -22.75 -0.04 22.83
CA GLY A 1057 -23.33 0.69 21.72
C GLY A 1057 -22.35 1.43 20.87
N LEU A 1058 -21.17 1.73 21.39
CA LEU A 1058 -20.25 2.45 20.53
C LEU A 1058 -19.43 1.52 19.66
N ILE A 1059 -19.05 0.35 20.17
CA ILE A 1059 -18.25 -0.54 19.33
C ILE A 1059 -19.07 -1.21 18.25
N ILE A 1060 -20.40 -1.24 18.35
CA ILE A 1060 -21.14 -1.86 17.27
C ILE A 1060 -21.18 -0.93 16.09
N LEU A 1061 -21.39 0.37 16.32
CA LEU A 1061 -21.41 1.30 15.22
C LEU A 1061 -20.00 1.53 14.70
N PHE A 1062 -19.00 1.30 15.55
CA PHE A 1062 -17.61 1.48 15.16
C PHE A 1062 -17.22 0.55 14.03
N LEU A 1063 -17.28 -0.75 14.29
CA LEU A 1063 -16.88 -1.69 13.25
C LEU A 1063 -17.88 -1.76 12.10
N ILE A 1064 -19.15 -1.41 12.31
CA ILE A 1064 -20.00 -1.46 11.12
C ILE A 1064 -19.70 -0.24 10.27
N ALA A 1065 -19.13 0.80 10.88
CA ALA A 1065 -18.72 1.94 10.09
C ALA A 1065 -17.51 1.54 9.27
N ILE A 1066 -16.65 0.69 9.85
CA ILE A 1066 -15.48 0.16 9.15
C ILE A 1066 -15.92 -0.61 7.93
N ILE A 1067 -17.09 -1.23 7.99
CA ILE A 1067 -17.57 -1.94 6.82
C ILE A 1067 -18.26 -0.98 5.86
N TRP A 1068 -18.90 0.07 6.36
CA TRP A 1068 -19.69 0.93 5.49
C TRP A 1068 -19.01 2.14 4.87
N PHE A 1069 -18.46 3.08 5.66
CA PHE A 1069 -17.92 4.26 4.99
C PHE A 1069 -16.75 4.10 4.00
N PRO A 1070 -15.92 3.04 3.97
CA PRO A 1070 -14.92 2.98 2.89
C PRO A 1070 -15.55 2.85 1.51
N LEU A 1071 -16.81 2.44 1.44
CA LEU A 1071 -17.49 2.38 0.15
C LEU A 1071 -17.72 3.80 -0.36
N LEU A 1072 -18.10 4.71 0.53
CA LEU A 1072 -18.27 6.08 0.08
C LEU A 1072 -16.93 6.74 -0.11
N PHE A 1073 -15.88 6.26 0.58
CA PHE A 1073 -14.56 6.81 0.35
C PHE A 1073 -14.08 6.41 -1.04
N MET A 1074 -14.58 5.29 -1.54
CA MET A 1074 -14.31 4.87 -2.89
C MET A 1074 -15.16 5.68 -3.86
N SER A 1075 -16.27 6.22 -3.39
CA SER A 1075 -17.17 7.02 -4.21
C SER A 1075 -17.11 8.52 -3.89
N GLY A 1082 -19.60 16.05 -15.69
CA GLY A 1082 -18.79 16.50 -16.81
C GLY A 1082 -18.98 17.98 -17.10
N VAL A 1083 -18.01 18.57 -17.82
CA VAL A 1083 -18.03 19.97 -18.18
C VAL A 1083 -18.02 20.04 -19.70
N VAL A 1084 -18.76 21.00 -20.26
CA VAL A 1084 -18.86 21.21 -21.71
C VAL A 1084 -17.47 21.48 -22.29
N ASN A 1085 -17.24 20.99 -23.50
CA ASN A 1085 -15.93 21.13 -24.13
C ASN A 1085 -16.01 21.82 -25.49
N GLN A 1086 -16.61 23.03 -25.49
CA GLN A 1086 -16.76 23.88 -26.67
C GLN A 1086 -15.43 24.07 -27.40
N PRO A 1087 -15.39 23.96 -28.73
CA PRO A 1087 -14.14 24.26 -29.42
C PRO A 1087 -14.07 25.77 -29.52
N ILE A 1088 -12.91 26.34 -29.20
CA ILE A 1088 -12.81 27.79 -29.28
C ILE A 1088 -12.35 28.28 -30.65
N ASP A 1089 -11.90 27.38 -31.51
CA ASP A 1089 -11.48 27.74 -32.86
C ASP A 1089 -11.62 26.49 -33.70
N VAL A 1090 -12.17 26.67 -34.90
CA VAL A 1090 -12.36 25.60 -35.85
C VAL A 1090 -11.65 26.03 -37.11
N THR A 1091 -10.59 25.33 -37.46
CA THR A 1091 -9.81 25.65 -38.64
C THR A 1091 -9.96 24.56 -39.68
N VAL A 1092 -10.34 24.96 -40.88
CA VAL A 1092 -10.52 24.04 -41.99
C VAL A 1092 -9.70 24.53 -43.17
N THR A 1093 -9.24 23.58 -43.97
CA THR A 1093 -8.44 23.88 -45.15
C THR A 1093 -8.78 22.90 -46.25
N LEU A 1094 -8.56 23.32 -47.48
CA LEU A 1094 -8.75 22.42 -48.61
C LEU A 1094 -7.55 22.63 -49.52
N LYS A 1095 -6.77 21.57 -49.67
CA LYS A 1095 -5.54 21.58 -50.42
C LYS A 1095 -5.58 20.57 -51.56
N LEU A 1096 -4.98 20.94 -52.69
CA LEU A 1096 -4.89 20.11 -53.88
C LEU A 1096 -3.46 19.62 -54.01
N GLY A 1097 -3.25 18.33 -53.77
CA GLY A 1097 -1.92 17.73 -53.87
C GLY A 1097 -0.94 18.38 -52.94
N GLY A 1098 0.26 18.65 -53.47
CA GLY A 1098 1.31 19.30 -52.72
C GLY A 1098 1.38 20.79 -52.98
N TYR A 1099 0.42 21.33 -53.70
CA TYR A 1099 0.39 22.75 -54.01
C TYR A 1099 -0.07 23.52 -52.79
N GLU A 1100 0.08 24.84 -52.83
CA GLU A 1100 -0.30 25.64 -51.68
C GLU A 1100 -1.81 25.63 -51.50
N PRO A 1101 -2.30 25.54 -50.25
CA PRO A 1101 -3.74 25.49 -49.97
C PRO A 1101 -4.59 26.57 -50.63
N LEU A 1102 -5.63 26.10 -51.29
CA LEU A 1102 -6.55 26.98 -52.00
C LEU A 1102 -7.39 27.78 -51.03
N PHE A 1103 -7.85 27.12 -49.98
CA PHE A 1103 -8.73 27.70 -48.99
C PHE A 1103 -8.28 27.35 -47.59
N THR A 1104 -8.39 28.31 -46.68
CA THR A 1104 -8.08 28.19 -45.27
C THR A 1104 -9.03 29.11 -44.53
N MET A 1105 -9.52 28.66 -43.39
CA MET A 1105 -10.46 29.47 -42.61
C MET A 1105 -10.50 29.00 -41.17
N SER A 1106 -10.38 29.94 -40.25
CA SER A 1106 -10.44 29.67 -38.81
C SER A 1106 -11.63 30.42 -38.24
N ALA A 1107 -12.61 29.68 -37.74
CA ALA A 1107 -13.81 30.27 -37.18
C ALA A 1107 -13.71 30.33 -35.67
N GLN A 1108 -13.97 31.51 -35.11
CA GLN A 1108 -13.93 31.72 -33.67
C GLN A 1108 -15.22 32.43 -33.27
N GLN A 1109 -15.27 32.96 -32.05
CA GLN A 1109 -16.44 33.66 -31.56
C GLN A 1109 -16.77 34.88 -32.43
N PRO A 1110 -18.03 35.11 -32.76
CA PRO A 1110 -19.18 34.29 -32.38
C PRO A 1110 -19.64 33.38 -33.51
N SER A 1111 -18.74 33.01 -34.42
CA SER A 1111 -19.14 32.11 -35.51
C SER A 1111 -19.34 30.68 -35.04
N ILE A 1112 -18.95 30.37 -33.81
CA ILE A 1112 -19.15 29.05 -33.23
C ILE A 1112 -20.38 29.25 -32.36
N VAL A 1113 -21.54 28.96 -32.92
CA VAL A 1113 -22.81 29.14 -32.21
C VAL A 1113 -23.24 27.83 -31.58
N PRO A 1114 -23.46 27.78 -30.27
CA PRO A 1114 -23.89 26.54 -29.64
C PRO A 1114 -25.36 26.28 -29.97
N PHE A 1115 -25.76 25.02 -29.86
CA PHE A 1115 -27.15 24.70 -30.15
C PHE A 1115 -28.09 25.26 -29.10
N THR A 1116 -29.23 25.69 -29.55
CA THR A 1116 -30.35 26.16 -28.75
C THR A 1116 -31.33 25.01 -28.66
N PRO A 1117 -32.40 25.10 -27.85
CA PRO A 1117 -33.39 24.01 -27.85
C PRO A 1117 -34.06 23.81 -29.20
N GLN A 1118 -34.17 24.87 -30.02
CA GLN A 1118 -34.71 24.74 -31.37
C GLN A 1118 -33.83 23.87 -32.25
N ALA A 1119 -32.52 24.18 -32.28
CA ALA A 1119 -31.58 23.44 -33.10
C ALA A 1119 -31.53 21.98 -32.70
N TYR A 1120 -31.67 21.70 -31.41
CA TYR A 1120 -31.66 20.32 -30.96
C TYR A 1120 -32.92 19.60 -31.40
N GLU A 1121 -34.09 20.25 -31.27
CA GLU A 1121 -35.31 19.56 -31.67
C GLU A 1121 -35.44 19.48 -33.20
N GLU A 1122 -34.93 20.46 -33.95
CA GLU A 1122 -35.02 20.34 -35.40
C GLU A 1122 -34.07 19.28 -35.92
N LEU A 1123 -32.90 19.12 -35.29
CA LEU A 1123 -32.00 18.07 -35.74
C LEU A 1123 -32.57 16.72 -35.34
N SER A 1124 -33.27 16.68 -34.21
CA SER A 1124 -33.92 15.46 -33.77
C SER A 1124 -35.04 15.10 -34.72
N GLN A 1125 -35.74 16.11 -35.24
CA GLN A 1125 -36.81 15.89 -36.20
C GLN A 1125 -36.24 15.40 -37.52
N GLN A 1126 -35.09 15.93 -37.91
CA GLN A 1126 -34.45 15.55 -39.17
C GLN A 1126 -33.91 14.12 -39.09
N PHE A 1127 -33.55 13.65 -37.90
CA PHE A 1127 -33.03 12.30 -37.74
C PHE A 1127 -33.97 11.38 -36.98
N ASP A 1128 -35.24 11.77 -36.87
CA ASP A 1128 -36.22 10.96 -36.15
C ASP A 1128 -36.48 9.55 -36.70
N PRO A 1129 -36.56 9.27 -38.01
CA PRO A 1129 -36.81 7.87 -38.42
C PRO A 1129 -35.64 6.93 -38.27
N TYR A 1130 -34.50 7.41 -37.77
CA TYR A 1130 -33.30 6.61 -37.65
C TYR A 1130 -32.97 6.41 -36.18
N PRO A 1131 -33.19 5.21 -35.63
CA PRO A 1131 -32.89 4.99 -34.20
C PRO A 1131 -31.42 5.10 -33.87
N LEU A 1132 -30.53 4.64 -34.76
CA LEU A 1132 -29.09 4.71 -34.51
C LEU A 1132 -28.63 6.16 -34.37
N ALA A 1133 -29.11 7.02 -35.26
CA ALA A 1133 -28.76 8.44 -35.20
C ALA A 1133 -29.34 9.08 -33.94
N MET A 1134 -30.56 8.70 -33.55
CA MET A 1134 -31.15 9.27 -32.35
C MET A 1134 -30.45 8.79 -31.10
N GLN A 1135 -29.90 7.58 -31.11
CA GLN A 1135 -29.14 7.09 -29.96
C GLN A 1135 -27.86 7.89 -29.82
N PHE A 1136 -27.32 8.35 -30.94
CA PHE A 1136 -26.14 9.19 -30.89
C PHE A 1136 -26.48 10.57 -30.38
N ILE A 1137 -27.53 11.17 -30.94
CA ILE A 1137 -27.97 12.53 -30.59
C ILE A 1137 -28.40 12.60 -29.13
N SER A 1138 -29.03 11.54 -28.63
CA SER A 1138 -29.48 11.52 -27.24
C SER A 1138 -28.33 11.55 -26.24
N GLN A 1139 -27.11 11.19 -26.67
CA GLN A 1139 -25.95 11.23 -25.80
C GLN A 1139 -25.41 12.63 -25.59
N TYR A 1140 -26.06 13.65 -26.15
CA TYR A 1140 -25.58 15.01 -26.07
C TYR A 1140 -26.68 15.98 -25.72
N SER A 1141 -26.29 16.99 -24.98
CA SER A 1141 -27.15 18.10 -24.61
C SER A 1141 -26.98 19.19 -25.65
N PRO A 1142 -27.87 20.18 -25.73
CA PRO A 1142 -27.68 21.25 -26.72
C PRO A 1142 -26.44 22.08 -26.48
N GLU A 1143 -25.95 22.13 -25.24
CA GLU A 1143 -24.75 22.86 -24.93
C GLU A 1143 -23.50 22.15 -25.45
N ASP A 1144 -23.60 20.85 -25.69
CA ASP A 1144 -22.48 20.04 -26.18
C ASP A 1144 -22.33 20.11 -27.70
N ILE A 1145 -23.26 20.74 -28.41
CA ILE A 1145 -23.22 20.80 -29.85
C ILE A 1145 -23.14 22.24 -30.31
N VAL A 1146 -22.29 22.49 -31.31
CA VAL A 1146 -22.14 23.82 -31.90
C VAL A 1146 -22.25 23.70 -33.41
N THR A 1147 -22.43 24.84 -34.04
CA THR A 1147 -22.50 24.93 -35.49
C THR A 1147 -21.39 25.86 -35.93
N ALA A 1148 -20.36 25.30 -36.54
CA ALA A 1148 -19.24 26.11 -37.00
C ALA A 1148 -19.67 26.81 -38.27
N GLN A 1149 -19.99 28.10 -38.14
CA GLN A 1149 -20.40 28.90 -39.29
C GLN A 1149 -19.14 29.43 -39.98
N ILE A 1150 -18.45 28.55 -40.69
CA ILE A 1150 -17.21 28.94 -41.34
C ILE A 1150 -17.50 29.69 -42.63
N GLU A 1151 -16.72 30.74 -42.88
CA GLU A 1151 -16.87 31.56 -44.06
C GLU A 1151 -16.36 30.84 -45.30
N GLY A 1152 -17.10 31.00 -46.40
CA GLY A 1152 -16.71 30.33 -47.63
C GLY A 1152 -15.55 30.97 -48.36
N SER A 1153 -15.40 32.28 -48.25
CA SER A 1153 -14.30 32.95 -48.90
C SER A 1153 -13.04 32.68 -48.09
N SER A 1154 -11.94 32.39 -48.78
CA SER A 1154 -10.69 32.07 -48.10
C SER A 1154 -10.17 33.28 -47.34
N GLY A 1155 -9.64 33.00 -46.15
CA GLY A 1155 -9.11 34.07 -45.32
C GLY A 1155 -7.91 34.75 -45.95
N ALA A 1156 -6.96 33.96 -46.42
CA ALA A 1156 -5.75 34.50 -47.01
C ALA A 1156 -5.75 34.41 -48.53
N LEU A 1157 -4.88 35.21 -49.13
CA LEU A 1157 -4.71 35.20 -50.57
C LEU A 1157 -3.96 33.94 -50.96
N TRP A 1158 -4.15 33.52 -52.20
CA TRP A 1158 -3.47 32.32 -52.66
C TRP A 1158 -2.02 32.70 -52.95
N ARG A 1159 -1.10 32.19 -52.14
CA ARG A 1159 0.32 32.52 -52.21
C ARG A 1159 1.13 31.58 -53.09
N ILE A 1160 0.51 30.88 -54.04
CA ILE A 1160 1.27 29.97 -54.89
C ILE A 1160 2.20 30.74 -55.82
N SER A 1161 3.34 30.15 -56.11
CA SER A 1161 4.24 30.78 -57.05
C SER A 1161 3.72 30.44 -58.44
N PRO A 1162 3.91 31.33 -59.41
CA PRO A 1162 3.41 31.06 -60.77
C PRO A 1162 4.01 29.83 -61.45
N PRO A 1163 5.26 29.37 -61.20
CA PRO A 1163 5.64 28.13 -61.89
C PRO A 1163 4.89 26.95 -61.32
N SER A 1164 4.54 27.03 -60.04
CA SER A 1164 3.74 25.99 -59.42
C SER A 1164 2.31 26.11 -59.89
N ARG A 1165 1.86 27.34 -60.17
CA ARG A 1165 0.51 27.56 -60.68
C ARG A 1165 0.38 26.93 -62.06
N ALA A 1166 1.39 27.15 -62.90
CA ALA A 1166 1.41 26.56 -64.22
C ALA A 1166 1.61 25.05 -64.12
N GLN A 1167 2.33 24.60 -63.10
CA GLN A 1167 2.56 23.18 -62.91
C GLN A 1167 1.26 22.46 -62.59
N MET A 1168 0.47 23.00 -61.66
CA MET A 1168 -0.76 22.29 -61.34
C MET A 1168 -1.78 22.41 -62.45
N LYS A 1169 -1.72 23.46 -63.27
CA LYS A 1169 -2.64 23.53 -64.40
C LYS A 1169 -2.29 22.44 -65.38
N GLN A 1170 -1.00 22.19 -65.53
CA GLN A 1170 -0.52 21.12 -66.40
C GLN A 1170 -0.84 19.74 -65.81
N GLU A 1171 -0.77 19.60 -64.49
CA GLU A 1171 -1.05 18.30 -63.91
C GLU A 1171 -2.54 18.01 -63.84
N LEU A 1172 -3.36 19.04 -63.74
CA LEU A 1172 -4.80 18.81 -63.72
C LEU A 1172 -5.28 18.44 -65.12
N TYR A 1173 -4.73 19.11 -66.13
CA TYR A 1173 -5.15 18.79 -67.49
C TYR A 1173 -4.49 17.52 -68.03
N ASN A 1174 -3.16 17.48 -68.04
CA ASN A 1174 -2.43 16.37 -68.66
C ASN A 1174 -1.80 15.38 -67.70
N GLY A 1175 -2.11 15.42 -66.41
CA GLY A 1175 -1.50 14.46 -65.49
C GLY A 1175 -2.11 13.07 -65.69
N THR A 1176 -1.23 12.06 -65.67
CA THR A 1176 -1.66 10.69 -65.86
C THR A 1176 -1.93 9.95 -64.56
N ALA A 1177 -1.65 10.55 -63.42
CA ALA A 1177 -1.88 9.92 -62.12
C ALA A 1177 -2.99 10.66 -61.38
N ASP A 1178 -3.39 10.09 -60.26
CA ASP A 1178 -4.41 10.71 -59.45
C ASP A 1178 -3.84 11.92 -58.72
N ILE A 1179 -4.74 12.83 -58.35
CA ILE A 1179 -4.35 14.01 -57.60
C ILE A 1179 -5.26 14.08 -56.39
N THR A 1180 -4.66 14.28 -55.23
CA THR A 1180 -5.39 14.28 -53.97
C THR A 1180 -5.94 15.66 -53.62
N LEU A 1181 -7.23 15.68 -53.31
CA LEU A 1181 -7.93 16.87 -52.85
C LEU A 1181 -8.27 16.55 -51.41
N ARG A 1182 -7.64 17.25 -50.48
CA ARG A 1182 -7.79 17.00 -49.06
C ARG A 1182 -8.52 18.12 -48.35
N PHE A 1183 -9.51 17.76 -47.53
CA PHE A 1183 -10.26 18.72 -46.73
C PHE A 1183 -10.02 18.35 -45.27
N THR A 1184 -9.40 19.26 -44.54
CA THR A 1184 -9.08 19.02 -43.14
C THR A 1184 -9.95 19.86 -42.23
N TRP A 1185 -9.88 19.53 -40.94
CA TRP A 1185 -10.60 20.23 -39.90
C TRP A 1185 -9.83 20.02 -38.61
N ASN A 1186 -9.60 21.10 -37.88
CA ASN A 1186 -8.87 21.06 -36.62
C ASN A 1186 -9.65 21.86 -35.61
N PHE A 1187 -9.95 21.25 -34.47
CA PHE A 1187 -10.75 21.87 -33.44
C PHE A 1187 -9.89 22.09 -32.21
N GLN A 1188 -9.74 23.33 -31.75
CA GLN A 1188 -8.95 23.53 -30.56
C GLN A 1188 -9.89 23.84 -29.40
N ARG A 1189 -9.56 23.28 -28.25
CA ARG A 1189 -10.34 23.41 -27.05
C ARG A 1189 -9.49 24.13 -26.01
N ASP A 1190 -10.16 24.68 -25.01
CA ASP A 1190 -9.51 25.38 -23.92
C ASP A 1190 -9.32 24.40 -22.77
N LEU A 1191 -8.05 24.08 -22.47
CA LEU A 1191 -7.73 23.13 -21.42
C LEU A 1191 -7.96 23.65 -20.01
N ALA A 1192 -8.17 24.96 -19.83
CA ALA A 1192 -8.43 25.47 -18.50
C ALA A 1192 -9.82 25.06 -18.01
N LYS A 1193 -10.71 24.72 -18.94
CA LYS A 1193 -12.06 24.26 -18.67
C LYS A 1193 -12.08 22.77 -18.40
N GLY A 1194 -10.96 22.09 -18.64
CA GLY A 1194 -10.83 20.67 -18.42
C GLY A 1194 -10.24 19.98 -19.62
N GLY A 1195 -10.11 18.66 -19.51
CA GLY A 1195 -9.57 17.86 -20.58
C GLY A 1195 -8.06 17.86 -20.61
N THR A 1196 -7.52 17.02 -21.50
CA THR A 1196 -6.07 16.88 -21.66
C THR A 1196 -5.59 17.07 -23.09
N VAL A 1197 -6.42 16.90 -24.09
CA VAL A 1197 -6.03 17.05 -25.49
C VAL A 1197 -6.70 18.32 -25.99
N GLU A 1198 -5.89 19.33 -26.33
CA GLU A 1198 -6.48 20.58 -26.79
C GLU A 1198 -6.88 20.54 -28.26
N TYR A 1199 -6.15 19.82 -29.11
CA TYR A 1199 -6.46 19.76 -30.53
C TYR A 1199 -6.97 18.39 -30.95
N THR A 1200 -8.13 18.36 -31.59
CA THR A 1200 -8.70 17.14 -32.13
C THR A 1200 -8.90 17.42 -33.62
N ASN A 1201 -8.52 16.47 -34.46
CA ASN A 1201 -8.58 16.71 -35.90
C ASN A 1201 -8.67 15.41 -36.68
N GLU A 1202 -8.95 15.56 -37.98
CA GLU A 1202 -9.06 14.49 -38.97
C GLU A 1202 -9.24 15.18 -40.31
N LYS A 1203 -9.13 14.40 -41.39
CA LYS A 1203 -9.27 14.91 -42.74
C LYS A 1203 -10.09 13.95 -43.60
N HIS A 1204 -10.48 14.45 -44.76
CA HIS A 1204 -11.21 13.68 -45.76
C HIS A 1204 -10.53 13.94 -47.08
N THR A 1205 -10.16 12.88 -47.78
CA THR A 1205 -9.47 13.01 -49.05
C THR A 1205 -10.27 12.37 -50.17
N LEU A 1206 -10.02 12.88 -51.38
CA LEU A 1206 -10.64 12.40 -52.60
C LEU A 1206 -9.53 12.31 -53.65
N GLU A 1207 -9.49 11.22 -54.37
CA GLU A 1207 -8.49 11.03 -55.41
C GLU A 1207 -9.14 11.38 -56.74
N LEU A 1208 -8.77 12.53 -57.29
CA LEU A 1208 -9.34 12.95 -58.56
C LEU A 1208 -8.63 12.18 -59.66
N ALA A 1209 -9.39 11.33 -60.35
CA ALA A 1209 -8.86 10.51 -61.41
C ALA A 1209 -8.41 11.37 -62.60
N PRO A 1210 -7.40 10.92 -63.35
CA PRO A 1210 -6.96 11.70 -64.51
C PRO A 1210 -8.04 11.72 -65.57
N ASN A 1211 -8.12 12.85 -66.26
CA ASN A 1211 -9.07 13.18 -67.32
C ASN A 1211 -10.53 13.20 -66.84
N SER A 1212 -10.75 13.24 -65.52
CA SER A 1212 -12.11 13.29 -65.02
C SER A 1212 -12.68 14.69 -65.25
N THR A 1213 -14.01 14.77 -65.26
CA THR A 1213 -14.71 16.02 -65.55
C THR A 1213 -14.43 17.10 -64.52
N ALA A 1214 -14.48 16.74 -63.23
CA ALA A 1214 -14.22 17.71 -62.17
C ALA A 1214 -12.79 18.23 -62.20
N ARG A 1215 -11.84 17.35 -62.56
CA ARG A 1215 -10.44 17.75 -62.62
C ARG A 1215 -10.19 18.74 -63.75
N ARG A 1216 -10.78 18.49 -64.93
CA ARG A 1216 -10.60 19.41 -66.03
C ARG A 1216 -11.32 20.73 -65.79
N GLN A 1217 -12.50 20.68 -65.15
CA GLN A 1217 -13.23 21.91 -64.88
C GLN A 1217 -12.51 22.74 -63.82
N LEU A 1218 -11.89 22.07 -62.85
CA LEU A 1218 -11.12 22.79 -61.85
C LEU A 1218 -9.89 23.40 -62.49
N ALA A 1219 -9.36 22.75 -63.52
CA ALA A 1219 -8.23 23.30 -64.25
C ALA A 1219 -8.68 24.50 -65.05
N GLN A 1220 -9.91 24.45 -65.54
CA GLN A 1220 -10.51 25.53 -66.31
C GLN A 1220 -10.72 26.78 -65.47
N LEU A 1221 -10.85 26.64 -64.15
CA LEU A 1221 -11.04 27.81 -63.29
C LEU A 1221 -9.81 28.72 -63.27
N LEU A 1222 -8.63 28.19 -63.56
CA LEU A 1222 -7.42 29.00 -63.58
C LEU A 1222 -7.37 29.96 -64.75
N GLU A 1223 -8.25 29.78 -65.73
CA GLU A 1223 -8.26 30.64 -66.90
C GLU A 1223 -8.87 32.01 -66.64
N GLY A 1224 -9.48 32.24 -65.49
CA GLY A 1224 -9.97 33.56 -65.17
C GLY A 1224 -11.39 33.93 -65.50
N ARG A 1225 -12.23 33.00 -65.92
CA ARG A 1225 -13.61 33.39 -66.19
C ARG A 1225 -14.36 33.42 -64.86
N PRO A 1226 -14.83 34.58 -64.41
CA PRO A 1226 -15.47 34.69 -63.08
C PRO A 1226 -16.77 33.91 -62.92
N ASP A 1227 -17.52 33.69 -63.99
CA ASP A 1227 -18.78 32.98 -63.87
C ASP A 1227 -18.61 31.48 -63.69
N GLN A 1228 -17.44 30.94 -64.01
CA GLN A 1228 -17.23 29.50 -63.93
C GLN A 1228 -17.01 28.99 -62.51
N SER A 1229 -17.34 27.72 -62.33
CA SER A 1229 -17.21 27.03 -61.06
C SER A 1229 -17.15 25.53 -61.33
N VAL A 1230 -16.82 24.78 -60.29
CA VAL A 1230 -16.75 23.33 -60.36
C VAL A 1230 -17.38 22.81 -59.07
N VAL A 1231 -18.06 21.67 -59.17
CA VAL A 1231 -18.69 21.05 -58.02
C VAL A 1231 -17.98 19.75 -57.73
N ILE A 1232 -17.46 19.61 -56.52
CA ILE A 1232 -16.80 18.38 -56.14
C ILE A 1232 -17.76 17.62 -55.23
N PRO A 1233 -18.22 16.45 -55.62
CA PRO A 1233 -19.19 15.74 -54.79
C PRO A 1233 -18.54 15.03 -53.62
N HIS A 1234 -19.31 14.97 -52.54
CA HIS A 1234 -19.01 14.26 -51.30
C HIS A 1234 -17.69 14.63 -50.64
N LEU A 1235 -17.52 15.89 -50.26
CA LEU A 1235 -16.29 16.23 -49.56
C LEU A 1235 -16.52 17.05 -48.31
N PHE A 1236 -17.75 17.45 -48.00
CA PHE A 1236 -17.98 18.24 -46.79
C PHE A 1236 -18.71 17.39 -45.77
N PRO A 1237 -18.03 16.86 -44.78
CA PRO A 1237 -18.71 16.09 -43.74
C PRO A 1237 -19.34 17.09 -42.79
N LYS A 1238 -20.67 17.17 -42.82
CA LYS A 1238 -21.36 18.15 -41.99
C LYS A 1238 -21.35 17.78 -40.52
N TYR A 1239 -21.52 16.50 -40.20
CA TYR A 1239 -21.58 16.07 -38.80
C TYR A 1239 -20.30 15.40 -38.37
N ILE A 1240 -19.60 16.02 -37.44
CA ILE A 1240 -18.34 15.52 -36.88
C ILE A 1240 -18.58 15.39 -35.39
N ARG A 1241 -17.70 14.64 -34.73
CA ARG A 1241 -17.76 14.44 -33.29
C ARG A 1241 -16.39 14.78 -32.75
N ALA A 1242 -16.34 15.68 -31.77
CA ALA A 1242 -15.07 16.07 -31.18
C ALA A 1242 -14.96 15.38 -29.84
N PRO A 1243 -14.28 14.23 -29.75
CA PRO A 1243 -14.18 13.54 -28.46
C PRO A 1243 -13.05 14.10 -27.63
N ASN A 1244 -12.76 13.43 -26.52
CA ASN A 1244 -11.66 13.87 -25.69
C ASN A 1244 -10.31 13.55 -26.34
N GLY A 1245 -10.29 12.56 -27.22
CA GLY A 1245 -9.07 12.18 -27.90
C GLY A 1245 -8.72 13.14 -29.01
N PRO A 1246 -7.59 12.86 -29.68
CA PRO A 1246 -7.11 13.73 -30.75
C PRO A 1246 -7.67 13.45 -32.14
N GLU A 1247 -8.51 12.44 -32.30
CA GLU A 1247 -9.07 12.10 -33.61
C GLU A 1247 -10.55 12.42 -33.63
N ALA A 1248 -10.95 13.36 -34.50
CA ALA A 1248 -12.33 13.82 -34.62
C ALA A 1248 -12.92 13.31 -35.93
N ASN A 1249 -13.47 12.10 -35.90
CA ASN A 1249 -14.05 11.48 -37.08
C ASN A 1249 -15.47 11.98 -37.34
N PRO A 1250 -15.92 11.89 -38.60
CA PRO A 1250 -17.30 12.28 -38.90
C PRO A 1250 -18.24 11.26 -38.28
N VAL A 1251 -19.42 11.74 -37.89
CA VAL A 1251 -20.39 10.87 -37.22
C VAL A 1251 -20.93 9.84 -38.20
N LYS A 1252 -20.58 8.58 -37.96
CA LYS A 1252 -21.04 7.47 -38.79
C LYS A 1252 -22.53 7.18 -38.59
N GLN A 1253 -23.05 7.42 -37.39
CA GLN A 1253 -24.45 7.13 -37.15
C GLN A 1253 -25.36 8.14 -37.85
N LEU A 1254 -24.85 9.32 -38.17
CA LEU A 1254 -25.61 10.34 -38.89
C LEU A 1254 -25.27 10.35 -40.36
N GLN A 1255 -24.17 9.70 -40.73
CA GLN A 1255 -23.71 9.56 -42.10
C GLN A 1255 -23.33 8.09 -42.31
N PRO A 1256 -24.33 7.18 -42.35
CA PRO A 1256 -24.00 5.74 -42.46
C PRO A 1256 -23.43 5.31 -43.81
N ASP A 1257 -23.55 6.13 -44.84
CA ASP A 1257 -22.99 5.84 -46.15
C ASP A 1257 -21.85 6.82 -46.28
N GLU A 1258 -20.96 6.75 -45.28
CA GLU A 1258 -19.85 7.63 -44.93
C GLU A 1258 -19.29 8.55 -46.02
N GLU A 1259 -18.80 8.08 -47.17
CA GLU A 1259 -18.36 9.10 -48.12
C GLU A 1259 -19.54 9.66 -48.90
N GLU A 1260 -20.45 8.80 -49.31
CA GLU A 1260 -21.64 9.15 -50.08
C GLU A 1260 -22.61 10.05 -49.32
N ASP A 1261 -22.42 10.26 -48.01
CA ASP A 1261 -23.28 11.15 -47.25
C ASP A 1261 -22.65 12.52 -47.04
N TYR A 1262 -21.44 12.73 -47.54
CA TYR A 1262 -20.78 14.03 -47.40
C TYR A 1262 -21.37 14.97 -48.44
N LEU A 1263 -21.41 16.24 -48.11
CA LEU A 1263 -22.02 17.22 -48.99
C LEU A 1263 -21.11 17.65 -50.13
N GLY A 1264 -21.73 17.97 -51.27
CA GLY A 1264 -20.98 18.45 -52.42
C GLY A 1264 -20.59 19.89 -52.20
N VAL A 1265 -19.50 20.31 -52.83
CA VAL A 1265 -18.98 21.65 -52.65
C VAL A 1265 -18.68 22.30 -53.99
N ARG A 1266 -19.16 23.54 -54.16
CA ARG A 1266 -18.93 24.33 -55.36
C ARG A 1266 -17.71 25.23 -55.11
N ILE A 1267 -16.73 25.15 -56.00
CA ILE A 1267 -15.48 25.89 -55.86
C ILE A 1267 -15.38 26.97 -56.94
N GLN A 1268 -14.93 28.15 -56.54
CA GLN A 1268 -14.76 29.30 -57.40
C GLN A 1268 -13.44 29.99 -57.12
N LEU A 1269 -12.91 30.64 -58.15
CA LEU A 1269 -11.66 31.38 -58.06
C LEU A 1269 -11.95 32.86 -58.24
N ARG A 1270 -11.69 33.64 -57.21
CA ARG A 1270 -11.90 35.08 -57.26
C ARG A 1270 -10.60 35.76 -57.60
N ARG A 1271 -10.67 36.73 -58.52
CA ARG A 1271 -9.48 37.44 -58.97
C ARG A 1271 -9.73 38.94 -59.01
N GLU A 1272 -8.71 39.72 -58.66
CA GLU A 1272 -8.80 41.17 -58.74
C GLU A 1272 -7.49 41.71 -59.26
N GLN A 1273 -7.56 42.55 -60.28
CA GLN A 1273 -6.37 43.13 -60.88
C GLN A 1273 -5.66 44.08 -59.94
N VAL A 1274 -4.33 44.08 -60.03
CA VAL A 1274 -3.48 44.93 -59.22
C VAL A 1274 -3.53 46.40 -59.65
N SER A 1288 -0.50 36.74 -62.74
CA SER A 1288 0.45 37.43 -61.87
C SER A 1288 -0.02 38.85 -61.62
N ASP A 1289 -0.76 39.36 -62.59
CA ASP A 1289 -1.31 40.71 -62.56
C ASP A 1289 -2.62 40.82 -61.80
N PHE A 1290 -3.16 39.70 -61.31
CA PHE A 1290 -4.40 39.72 -60.53
C PHE A 1290 -4.13 39.09 -59.17
N LEU A 1291 -4.90 39.52 -58.16
CA LEU A 1291 -4.78 38.95 -56.82
C LEU A 1291 -5.80 37.81 -56.78
N GLU A 1292 -5.39 36.64 -56.33
CA GLU A 1292 -6.30 35.50 -56.31
C GLU A 1292 -6.54 34.90 -54.93
N TRP A 1293 -7.74 34.34 -54.79
CA TRP A 1293 -8.18 33.65 -53.59
C TRP A 1293 -9.38 32.81 -54.01
N TRP A 1294 -9.55 31.67 -53.36
CA TRP A 1294 -10.60 30.72 -53.69
C TRP A 1294 -11.81 30.89 -52.76
N VAL A 1295 -13.00 30.70 -53.30
CA VAL A 1295 -14.24 30.80 -52.54
C VAL A 1295 -14.95 29.46 -52.60
N ILE A 1296 -15.37 28.97 -51.44
CA ILE A 1296 -15.97 27.65 -51.26
C ILE A 1296 -17.41 27.74 -50.82
N GLU A 1297 -18.26 26.82 -51.30
CA GLU A 1297 -19.65 26.79 -50.86
C GLU A 1297 -20.31 25.46 -51.20
N LEU A 1298 -21.14 24.98 -50.25
CA LEU A 1298 -21.97 23.81 -50.38
C LEU A 1298 -22.81 23.93 -51.64
N GLN A 1299 -22.92 22.81 -52.35
CA GLN A 1299 -23.63 22.74 -53.61
C GLN A 1299 -25.10 23.14 -53.49
N ASP A 1300 -25.75 22.72 -52.40
CA ASP A 1300 -27.17 22.99 -52.19
C ASP A 1300 -27.42 24.10 -51.18
N CYS A 1301 -26.66 25.18 -51.24
CA CYS A 1301 -26.87 26.29 -50.33
C CYS A 1301 -28.11 27.05 -50.74
N LYS A 1302 -28.90 27.51 -49.77
CA LYS A 1302 -30.10 28.25 -50.09
C LYS A 1302 -30.11 29.68 -49.56
N ALA A 1303 -30.02 29.85 -48.24
CA ALA A 1303 -30.08 31.18 -47.65
C ALA A 1303 -28.74 31.82 -47.41
N ASP A 1304 -27.74 31.08 -46.94
CA ASP A 1304 -26.43 31.63 -46.65
C ASP A 1304 -25.37 30.87 -47.44
N CYS A 1305 -25.11 31.33 -48.66
CA CYS A 1305 -24.11 30.73 -49.53
C CYS A 1305 -22.71 31.26 -49.29
N ASN A 1306 -22.52 32.08 -48.27
CA ASN A 1306 -21.19 32.53 -47.88
C ASN A 1306 -20.77 31.76 -46.67
N LEU A 1307 -21.52 30.70 -46.39
CA LEU A 1307 -21.47 29.97 -45.16
C LEU A 1307 -21.54 28.45 -45.32
N LEU A 1308 -20.69 27.74 -44.58
CA LEU A 1308 -20.65 26.28 -44.59
C LEU A 1308 -20.82 25.82 -43.15
N PRO A 1309 -22.05 25.55 -42.71
CA PRO A 1309 -22.28 25.16 -41.32
C PRO A 1309 -21.83 23.73 -41.01
N MET A 1310 -20.84 23.63 -40.12
CA MET A 1310 -20.32 22.36 -39.68
C MET A 1310 -20.87 22.11 -38.29
N VAL A 1311 -21.64 21.05 -38.14
CA VAL A 1311 -22.27 20.69 -36.88
C VAL A 1311 -21.38 19.66 -36.19
N ILE A 1312 -20.78 20.03 -35.07
CA ILE A 1312 -19.94 19.07 -34.38
C ILE A 1312 -20.50 18.87 -32.99
N PHE A 1313 -20.28 17.67 -32.45
CA PHE A 1313 -20.75 17.34 -31.12
C PHE A 1313 -19.52 17.09 -30.28
N SER A 1314 -19.46 17.69 -29.10
CA SER A 1314 -18.30 17.54 -28.23
C SER A 1314 -18.65 16.76 -26.98
N ASP A 1315 -17.84 15.76 -26.68
CA ASP A 1315 -18.04 14.97 -25.47
C ASP A 1315 -17.64 15.82 -24.28
N LYS A 1316 -18.25 15.57 -23.13
CA LYS A 1316 -17.86 16.36 -21.98
C LYS A 1316 -16.52 15.86 -21.46
N VAL A 1317 -15.85 16.71 -20.69
CA VAL A 1317 -14.55 16.34 -20.16
C VAL A 1317 -14.71 15.44 -18.96
N SER A 1318 -13.59 14.86 -18.52
CA SER A 1318 -13.44 13.92 -17.43
C SER A 1318 -12.50 14.53 -16.39
N PRO A 1319 -12.18 13.87 -15.23
CA PRO A 1319 -11.25 14.50 -14.28
C PRO A 1319 -9.84 14.81 -14.79
N ILE A 1330 -9.08 -2.87 -8.11
CA ILE A 1330 -9.21 -1.77 -7.15
C ILE A 1330 -10.14 -2.22 -6.03
N VAL A 1331 -11.19 -2.95 -6.39
CA VAL A 1331 -12.14 -3.46 -5.42
C VAL A 1331 -11.48 -4.53 -4.55
N GLY A 1332 -10.48 -5.23 -5.11
CA GLY A 1332 -9.73 -6.23 -4.37
C GLY A 1332 -8.97 -5.64 -3.20
N LEU A 1333 -8.65 -4.35 -3.27
CA LEU A 1333 -7.99 -3.71 -2.15
C LEU A 1333 -8.98 -3.52 -1.01
N TYR A 1334 -10.26 -3.31 -1.35
CA TYR A 1334 -11.28 -3.17 -0.31
C TYR A 1334 -11.47 -4.47 0.43
N VAL A 1335 -11.63 -5.59 -0.29
CA VAL A 1335 -11.80 -6.85 0.42
C VAL A 1335 -10.53 -7.27 1.13
N SER A 1336 -9.37 -6.78 0.67
CA SER A 1336 -8.12 -7.12 1.34
C SER A 1336 -8.07 -6.48 2.71
N ILE A 1337 -8.33 -5.17 2.79
CA ILE A 1337 -8.28 -4.51 4.08
C ILE A 1337 -9.43 -4.94 4.99
N VAL A 1338 -10.54 -5.40 4.41
CA VAL A 1338 -11.63 -5.85 5.26
C VAL A 1338 -11.26 -7.16 5.94
N LEU A 1339 -10.67 -8.09 5.21
CA LEU A 1339 -10.29 -9.34 5.85
C LEU A 1339 -9.10 -9.16 6.78
N VAL A 1340 -8.20 -8.22 6.48
CA VAL A 1340 -7.05 -8.02 7.36
C VAL A 1340 -7.47 -7.40 8.68
N VAL A 1341 -8.24 -6.31 8.61
CA VAL A 1341 -8.72 -5.67 9.84
C VAL A 1341 -9.63 -6.61 10.60
N GLY A 1342 -10.42 -7.41 9.87
CA GLY A 1342 -11.29 -8.37 10.50
C GLY A 1342 -10.51 -9.44 11.24
N LYS A 1343 -9.32 -9.77 10.75
CA LYS A 1343 -8.50 -10.74 11.44
C LYS A 1343 -7.91 -10.14 12.70
N PHE A 1344 -7.55 -8.85 12.62
CA PHE A 1344 -6.99 -8.19 13.79
C PHE A 1344 -8.01 -8.07 14.93
N VAL A 1345 -9.24 -7.65 14.60
CA VAL A 1345 -10.24 -7.55 15.64
C VAL A 1345 -10.63 -8.93 16.12
N ARG A 1346 -10.44 -9.96 15.29
CA ARG A 1346 -10.71 -11.30 15.79
C ARG A 1346 -9.65 -11.67 16.79
N GLY A 1347 -8.43 -11.16 16.58
CA GLY A 1347 -7.34 -11.39 17.52
C GLY A 1347 -7.66 -10.87 18.89
N PHE A 1348 -8.44 -9.79 18.98
CA PHE A 1348 -8.85 -9.33 20.29
C PHE A 1348 -9.90 -10.23 20.89
N PHE A 1349 -10.76 -10.83 20.08
CA PHE A 1349 -11.89 -11.60 20.61
C PHE A 1349 -11.86 -13.10 20.31
N SER A 1350 -10.69 -13.74 20.21
CA SER A 1350 -10.78 -15.17 19.89
C SER A 1350 -9.91 -16.12 20.67
N GLU A 1351 -8.91 -15.69 21.40
CA GLU A 1351 -8.11 -16.66 22.16
C GLU A 1351 -7.90 -16.14 23.56
N ILE A 1352 -8.97 -15.65 24.16
CA ILE A 1352 -8.90 -15.12 25.50
C ILE A 1352 -8.92 -16.24 26.50
N SER A 1353 -9.48 -17.39 26.13
CA SER A 1353 -9.55 -18.52 27.04
C SER A 1353 -8.18 -19.05 27.41
N HIS A 1354 -7.20 -18.86 26.53
CA HIS A 1354 -5.86 -19.36 26.81
C HIS A 1354 -5.22 -18.61 27.96
N SER A 1355 -5.38 -17.30 28.00
CA SER A 1355 -4.78 -16.52 29.06
C SER A 1355 -5.72 -16.30 30.23
N ILE A 1356 -6.33 -17.35 30.76
CA ILE A 1356 -7.20 -17.14 31.91
C ILE A 1356 -6.42 -17.31 33.19
N MET A 1357 -5.55 -18.31 33.22
CA MET A 1357 -4.72 -18.60 34.38
C MET A 1357 -3.76 -17.48 34.74
N PHE A 1358 -3.60 -16.48 33.89
CA PHE A 1358 -2.70 -15.38 34.15
C PHE A 1358 -3.45 -14.06 34.26
N GLU A 1359 -4.77 -14.06 34.17
CA GLU A 1359 -5.53 -12.82 34.24
C GLU A 1359 -6.66 -12.83 35.24
N GLU A 1360 -6.83 -13.88 36.02
CA GLU A 1360 -7.93 -13.90 36.97
C GLU A 1360 -7.42 -14.12 38.37
N LEU A 1361 -6.43 -13.35 38.77
CA LEU A 1361 -6.00 -13.66 40.11
C LEU A 1361 -6.83 -12.88 41.12
N PRO A 1362 -7.22 -13.51 42.23
CA PRO A 1362 -8.00 -12.80 43.24
C PRO A 1362 -7.23 -11.71 43.93
N CYS A 1363 -6.12 -12.06 44.58
CA CYS A 1363 -5.29 -11.10 45.25
C CYS A 1363 -3.85 -11.40 44.88
N VAL A 1364 -3.06 -10.35 44.66
CA VAL A 1364 -1.68 -10.52 44.24
C VAL A 1364 -0.69 -9.80 45.14
N ASP A 1365 -1.04 -9.61 46.40
CA ASP A 1365 -0.16 -8.90 47.31
C ASP A 1365 1.15 -9.64 47.54
N ARG A 1366 1.12 -10.96 47.50
CA ARG A 1366 2.34 -11.73 47.71
C ARG A 1366 3.30 -11.58 46.54
N ILE A 1367 2.80 -11.71 45.31
CA ILE A 1367 3.73 -11.58 44.19
C ILE A 1367 4.08 -10.12 43.93
N LEU A 1368 3.20 -9.19 44.28
CA LEU A 1368 3.54 -7.79 44.06
C LEU A 1368 4.61 -7.37 45.04
N LYS A 1369 4.54 -7.89 46.26
CA LYS A 1369 5.57 -7.58 47.23
C LYS A 1369 6.87 -8.22 46.81
N LEU A 1370 6.81 -9.39 46.19
CA LEU A 1370 8.00 -10.06 45.69
C LEU A 1370 8.66 -9.27 44.58
N CYS A 1371 7.85 -8.80 43.62
CA CYS A 1371 8.40 -8.08 42.48
C CYS A 1371 9.00 -6.75 42.89
N GLN A 1372 8.35 -6.02 43.81
CA GLN A 1372 8.97 -4.77 44.23
C GLN A 1372 10.20 -5.03 45.07
N ASP A 1373 10.29 -6.20 45.68
CA ASP A 1373 11.48 -6.54 46.43
C ASP A 1373 12.63 -6.82 45.47
N ILE A 1374 12.32 -7.29 44.26
CA ILE A 1374 13.41 -7.54 43.33
C ILE A 1374 13.92 -6.21 42.78
N PHE A 1375 13.08 -5.18 42.77
CA PHE A 1375 13.57 -3.87 42.34
C PHE A 1375 14.41 -3.27 43.44
N LEU A 1376 14.03 -3.56 44.68
CA LEU A 1376 14.77 -3.08 45.84
C LEU A 1376 16.16 -3.66 45.89
N VAL A 1377 16.32 -4.92 45.48
CA VAL A 1377 17.63 -5.53 45.48
C VAL A 1377 18.47 -5.03 44.33
N ARG A 1378 17.84 -4.66 43.21
CA ARG A 1378 18.62 -4.10 42.12
C ARG A 1378 18.98 -2.66 42.38
N GLU A 1379 18.42 -2.07 43.42
CA GLU A 1379 18.72 -0.68 43.70
C GLU A 1379 19.87 -0.50 44.68
N THR A 1380 20.06 -1.43 45.61
CA THR A 1380 21.15 -1.30 46.57
C THR A 1380 22.45 -1.84 46.06
N ARG A 1381 22.50 -2.21 44.78
CA ARG A 1381 23.66 -2.78 44.09
C ARG A 1381 24.19 -4.04 44.76
N GLU A 1382 23.34 -4.69 45.54
CA GLU A 1382 23.71 -5.90 46.24
C GLU A 1382 23.12 -7.04 45.42
N LEU A 1383 23.93 -7.53 44.49
CA LEU A 1383 23.53 -8.62 43.59
C LEU A 1383 23.80 -9.93 44.30
N GLU A 1384 23.86 -11.01 43.51
CA GLU A 1384 24.13 -12.40 43.89
C GLU A 1384 22.94 -13.04 44.59
N LEU A 1385 21.96 -12.26 45.01
CA LEU A 1385 20.78 -12.85 45.60
C LEU A 1385 19.55 -12.42 44.86
N GLU A 1386 19.67 -11.51 43.88
CA GLU A 1386 18.51 -11.13 43.11
C GLU A 1386 18.12 -12.31 42.24
N GLU A 1387 19.10 -13.13 41.83
CA GLU A 1387 18.76 -14.28 41.04
C GLU A 1387 18.10 -15.34 41.87
N GLU A 1388 18.32 -15.32 43.17
CA GLU A 1388 17.70 -16.30 44.03
C GLU A 1388 16.21 -16.02 44.11
N LEU A 1389 15.84 -14.75 44.36
CA LEU A 1389 14.41 -14.52 44.38
C LEU A 1389 13.84 -14.43 42.98
N TYR A 1390 14.68 -14.20 41.97
CA TYR A 1390 14.18 -14.23 40.59
C TYR A 1390 13.82 -15.64 40.20
N ALA A 1391 14.61 -16.61 40.63
CA ALA A 1391 14.33 -18.01 40.34
C ALA A 1391 13.04 -18.43 41.01
N LYS A 1392 12.76 -17.85 42.17
CA LYS A 1392 11.52 -18.16 42.86
C LYS A 1392 10.34 -17.63 42.07
N LEU A 1393 10.55 -16.52 41.39
CA LEU A 1393 9.50 -15.92 40.58
C LEU A 1393 9.21 -16.74 39.34
N ILE A 1394 10.27 -17.14 38.65
CA ILE A 1394 10.14 -17.94 37.43
C ILE A 1394 9.41 -19.22 37.71
N PHE A 1395 9.68 -19.83 38.86
CA PHE A 1395 8.96 -21.04 39.19
C PHE A 1395 7.51 -20.74 39.49
N LEU A 1396 7.20 -19.52 39.93
CA LEU A 1396 5.79 -19.21 40.19
C LEU A 1396 5.03 -19.19 38.88
N TYR A 1397 5.63 -18.69 37.82
CA TYR A 1397 4.95 -18.72 36.54
C TYR A 1397 5.15 -20.02 35.81
N ARG A 1398 5.88 -20.94 36.39
CA ARG A 1398 6.14 -22.22 35.75
C ARG A 1398 5.14 -23.28 36.19
N SER A 1399 4.36 -23.02 37.21
CA SER A 1399 3.39 -24.02 37.63
C SER A 1399 2.15 -23.31 38.10
N PRO A 1400 1.04 -23.40 37.36
CA PRO A 1400 -0.18 -22.71 37.76
C PRO A 1400 -0.76 -23.18 39.07
N GLU A 1401 -0.47 -24.41 39.49
CA GLU A 1401 -1.00 -24.90 40.75
C GLU A 1401 -0.45 -24.09 41.91
N THR A 1402 0.77 -23.61 41.78
CA THR A 1402 1.32 -22.79 42.83
C THR A 1402 0.74 -21.40 42.76
N MET A 1403 0.31 -20.96 41.57
CA MET A 1403 -0.27 -19.63 41.46
C MET A 1403 -1.59 -19.57 42.20
N ILE A 1404 -2.37 -20.64 42.15
CA ILE A 1404 -3.59 -20.56 42.94
C ILE A 1404 -3.26 -20.88 44.38
N LYS A 1405 -2.09 -21.49 44.64
CA LYS A 1405 -1.71 -21.72 46.02
C LYS A 1405 -1.40 -20.41 46.71
N TRP A 1406 -0.79 -19.47 45.99
CA TRP A 1406 -0.51 -18.18 46.61
C TRP A 1406 -1.70 -17.24 46.52
N THR A 1407 -2.18 -16.94 45.32
CA THR A 1407 -3.29 -16.03 45.14
C THR A 1407 -4.58 -16.59 45.72
N ARG A 1408 -5.02 -16.04 46.84
CA ARG A 1408 -6.22 -16.54 47.47
C ARG A 1408 -7.00 -15.48 48.25
N PRO B 1 -86.70 -40.10 -13.15
CA PRO B 1 -85.40 -40.52 -12.60
C PRO B 1 -84.24 -40.42 -13.58
N ASN B 2 -84.52 -40.06 -14.84
CA ASN B 2 -83.54 -39.82 -15.91
C ASN B 2 -82.47 -40.88 -16.17
N PRO B 3 -82.79 -41.99 -16.83
CA PRO B 3 -81.75 -42.99 -17.14
C PRO B 3 -80.89 -42.60 -18.34
N ILE B 4 -81.15 -41.44 -18.93
CA ILE B 4 -80.38 -40.99 -20.10
C ILE B 4 -78.91 -40.73 -19.79
N PRO B 5 -78.53 -39.95 -18.75
CA PRO B 5 -77.09 -39.77 -18.54
C PRO B 5 -76.48 -41.01 -17.91
N ASN B 6 -75.26 -41.34 -18.32
CA ASN B 6 -74.62 -42.54 -17.78
C ASN B 6 -74.03 -42.28 -16.40
N PHE B 7 -72.96 -41.48 -16.32
CA PHE B 7 -72.26 -41.13 -15.09
C PHE B 7 -71.17 -40.12 -15.40
N ILE B 8 -70.78 -39.38 -14.36
CA ILE B 8 -69.73 -38.37 -14.44
C ILE B 8 -68.81 -38.59 -13.26
N HIS B 9 -67.50 -38.38 -13.49
CA HIS B 9 -66.29 -38.50 -12.62
C HIS B 9 -65.73 -39.91 -12.48
N CYS B 10 -66.17 -40.88 -13.28
CA CYS B 10 -65.67 -42.26 -13.22
C CYS B 10 -64.41 -42.42 -14.08
N ARG B 11 -64.06 -43.68 -14.43
CA ARG B 11 -62.90 -43.99 -15.28
C ARG B 11 -63.05 -43.24 -16.59
N SER B 12 -61.99 -42.56 -17.01
CA SER B 12 -62.01 -41.60 -18.10
C SER B 12 -61.29 -41.88 -19.43
N TYR B 13 -60.99 -40.76 -20.11
CA TYR B 13 -60.54 -40.32 -21.42
C TYR B 13 -61.81 -39.91 -22.16
N LEU B 14 -62.93 -40.26 -21.58
CA LEU B 14 -64.22 -39.83 -22.08
C LEU B 14 -64.90 -39.07 -20.97
N ASP B 15 -64.72 -39.53 -19.73
CA ASP B 15 -65.30 -38.82 -18.61
C ASP B 15 -64.58 -37.52 -18.38
N MET B 16 -63.23 -37.51 -18.45
CA MET B 16 -62.53 -36.25 -18.26
C MET B 16 -62.76 -35.32 -19.44
N LEU B 17 -63.05 -35.87 -20.62
CA LEU B 17 -63.34 -35.02 -21.76
C LEU B 17 -64.69 -34.37 -21.61
N LYS B 18 -65.71 -35.15 -21.23
CA LYS B 18 -67.02 -34.55 -21.05
C LYS B 18 -67.03 -33.67 -19.81
N VAL B 19 -66.19 -33.94 -18.82
CA VAL B 19 -66.14 -33.06 -17.67
C VAL B 19 -65.46 -31.75 -18.07
N ALA B 20 -64.43 -31.83 -18.90
CA ALA B 20 -63.76 -30.62 -19.35
C ALA B 20 -64.60 -29.82 -20.31
N VAL B 21 -65.65 -30.41 -20.91
CA VAL B 21 -66.51 -29.66 -21.83
C VAL B 21 -67.91 -29.40 -21.29
N PHE B 22 -68.32 -30.08 -20.22
CA PHE B 22 -69.61 -29.81 -19.59
C PHE B 22 -69.40 -29.04 -18.30
N ARG B 23 -68.15 -28.81 -17.96
CA ARG B 23 -67.72 -28.07 -16.79
C ARG B 23 -66.41 -27.43 -17.21
N TYR B 24 -66.07 -26.31 -16.55
CA TYR B 24 -64.88 -25.47 -16.72
C TYR B 24 -64.90 -24.68 -18.03
N LEU B 25 -65.85 -24.98 -18.94
CA LEU B 25 -65.94 -24.22 -20.18
C LEU B 25 -66.73 -22.96 -19.94
N PHE B 26 -67.58 -23.00 -18.91
CA PHE B 26 -68.40 -21.86 -18.55
C PHE B 26 -67.53 -20.70 -18.15
N TRP B 27 -66.40 -21.00 -17.51
CA TRP B 27 -65.44 -19.99 -17.12
C TRP B 27 -64.57 -19.58 -18.31
N LEU B 28 -64.48 -20.45 -19.33
CA LEU B 28 -63.70 -20.09 -20.49
C LEU B 28 -64.42 -19.04 -21.32
N VAL B 29 -65.75 -19.08 -21.31
CA VAL B 29 -66.49 -18.05 -22.04
C VAL B 29 -66.33 -16.72 -21.32
N LEU B 30 -66.22 -16.79 -19.99
CA LEU B 30 -65.99 -15.61 -19.16
C LEU B 30 -64.69 -14.91 -19.52
N VAL B 31 -63.61 -15.68 -19.59
CA VAL B 31 -62.32 -15.06 -19.89
C VAL B 31 -62.24 -14.62 -21.35
N VAL B 32 -62.90 -15.32 -22.27
CA VAL B 32 -62.77 -14.87 -23.66
C VAL B 32 -63.63 -13.64 -23.90
N VAL B 33 -64.73 -13.46 -23.17
CA VAL B 33 -65.50 -12.24 -23.40
C VAL B 33 -64.76 -11.08 -22.74
N PHE B 34 -63.94 -11.38 -21.73
CA PHE B 34 -63.17 -10.32 -21.11
C PHE B 34 -62.09 -9.80 -22.04
N VAL B 35 -61.33 -10.72 -22.64
CA VAL B 35 -60.29 -10.29 -23.55
C VAL B 35 -60.90 -9.69 -24.82
N ALA B 36 -62.05 -10.20 -25.25
CA ALA B 36 -62.72 -9.63 -26.43
C ALA B 36 -63.22 -8.22 -26.13
N GLY B 37 -63.58 -7.97 -24.88
CA GLY B 37 -64.02 -6.67 -24.48
C GLY B 37 -62.87 -5.77 -24.10
N ALA B 38 -61.64 -6.30 -24.16
CA ALA B 38 -60.45 -5.52 -23.80
C ALA B 38 -59.34 -5.61 -24.83
N THR B 39 -59.65 -5.95 -26.09
CA THR B 39 -58.59 -6.01 -27.09
C THR B 39 -58.33 -4.67 -27.81
N ARG B 40 -59.34 -4.12 -28.49
CA ARG B 40 -59.01 -2.88 -29.18
C ARG B 40 -59.34 -1.62 -28.39
N ILE B 41 -60.58 -1.11 -28.51
CA ILE B 41 -61.18 0.06 -27.87
C ILE B 41 -62.66 -0.01 -28.23
N SER B 42 -63.56 0.17 -27.26
CA SER B 42 -64.99 0.14 -27.53
C SER B 42 -65.78 0.58 -26.33
N ILE B 43 -66.94 1.18 -26.59
CA ILE B 43 -67.84 1.54 -25.51
C ILE B 43 -68.54 0.26 -25.10
N PHE B 44 -68.77 -0.62 -26.08
CA PHE B 44 -69.35 -1.92 -25.82
C PHE B 44 -68.35 -2.81 -25.11
N GLY B 45 -67.06 -2.44 -25.17
CA GLY B 45 -66.06 -3.18 -24.43
C GLY B 45 -66.28 -2.98 -22.96
N LEU B 46 -66.70 -1.75 -22.58
CA LEU B 46 -67.04 -1.48 -21.19
C LEU B 46 -68.26 -2.30 -20.81
N GLY B 47 -69.24 -2.37 -21.73
CA GLY B 47 -70.42 -3.17 -21.46
C GLY B 47 -70.09 -4.64 -21.34
N TYR B 48 -69.07 -5.09 -22.08
CA TYR B 48 -68.63 -6.47 -21.99
C TYR B 48 -68.05 -6.77 -20.63
N LEU B 49 -67.13 -5.93 -20.16
CA LEU B 49 -66.49 -6.17 -18.87
C LEU B 49 -67.47 -6.00 -17.71
N LEU B 50 -68.33 -4.97 -17.77
CA LEU B 50 -69.29 -4.74 -16.68
C LEU B 50 -70.32 -5.85 -16.59
N ALA B 51 -70.85 -6.31 -17.73
CA ALA B 51 -71.81 -7.40 -17.68
C ALA B 51 -71.11 -8.69 -17.28
N CYS B 52 -69.84 -8.84 -17.66
CA CYS B 52 -69.07 -10.02 -17.29
C CYS B 52 -68.89 -10.06 -15.78
N PHE B 53 -68.72 -8.88 -15.16
CA PHE B 53 -68.58 -8.79 -13.71
C PHE B 53 -69.88 -9.19 -13.04
N TYR B 54 -71.01 -8.69 -13.59
CA TYR B 54 -72.33 -8.98 -13.07
C TYR B 54 -72.63 -10.47 -13.11
N LEU B 55 -72.11 -11.17 -14.11
CA LEU B 55 -72.37 -12.59 -14.16
C LEU B 55 -71.28 -13.40 -13.47
N LEU B 56 -70.05 -12.88 -13.40
CA LEU B 56 -68.98 -13.61 -12.73
C LEU B 56 -69.21 -13.68 -11.23
N LEU B 57 -69.71 -12.60 -10.66
CA LEU B 57 -69.96 -12.60 -9.22
C LEU B 57 -71.11 -13.52 -8.87
N PHE B 58 -72.02 -13.75 -9.81
CA PHE B 58 -73.16 -14.62 -9.59
C PHE B 58 -73.09 -15.88 -10.44
N GLY B 59 -71.90 -16.26 -10.88
CA GLY B 59 -71.75 -17.43 -11.73
C GLY B 59 -72.17 -18.73 -11.08
N THR B 60 -71.70 -18.98 -9.85
CA THR B 60 -72.04 -20.20 -9.16
C THR B 60 -73.51 -20.20 -8.77
N THR B 61 -74.04 -19.03 -8.41
CA THR B 61 -75.44 -18.94 -8.00
C THR B 61 -76.39 -19.19 -9.17
N LEU B 62 -76.05 -18.75 -10.37
CA LEU B 62 -76.95 -18.97 -11.48
C LEU B 62 -76.94 -20.40 -11.99
N LEU B 63 -76.02 -21.23 -11.53
CA LEU B 63 -75.98 -22.60 -12.00
C LEU B 63 -76.95 -23.50 -11.27
N GLN B 64 -77.84 -22.95 -10.44
CA GLN B 64 -78.84 -23.73 -9.75
C GLN B 64 -80.25 -23.27 -10.09
N LYS B 65 -80.38 -22.19 -10.84
CA LYS B 65 -81.71 -21.72 -11.20
C LYS B 65 -82.19 -22.47 -12.42
N ASP B 66 -83.51 -22.45 -12.62
CA ASP B 66 -84.08 -23.12 -13.78
C ASP B 66 -83.67 -22.40 -15.05
N THR B 67 -83.53 -23.18 -16.12
CA THR B 67 -83.18 -22.63 -17.42
C THR B 67 -84.23 -21.66 -17.94
N ARG B 68 -85.44 -21.66 -17.36
CA ARG B 68 -86.47 -20.72 -17.72
C ARG B 68 -86.01 -19.30 -17.44
N ALA B 69 -85.20 -19.11 -16.40
CA ALA B 69 -84.63 -17.82 -16.10
C ALA B 69 -83.18 -17.75 -16.57
N GLN B 70 -82.50 -18.89 -16.65
CA GLN B 70 -81.12 -18.90 -17.12
C GLN B 70 -81.02 -18.51 -18.59
N LEU B 71 -81.86 -19.14 -19.43
CA LEU B 71 -81.91 -18.81 -20.87
C LEU B 71 -82.20 -17.35 -21.06
N VAL B 72 -83.12 -16.81 -20.25
CA VAL B 72 -83.45 -15.40 -20.29
C VAL B 72 -82.25 -14.56 -19.91
N LEU B 73 -81.57 -14.96 -18.83
CA LEU B 73 -80.37 -14.26 -18.40
C LEU B 73 -79.21 -14.43 -19.36
N TRP B 74 -79.29 -15.39 -20.27
CA TRP B 74 -78.22 -15.58 -21.22
C TRP B 74 -78.52 -14.91 -22.55
N ASP B 75 -79.80 -14.83 -22.91
CA ASP B 75 -80.22 -14.20 -24.14
C ASP B 75 -79.95 -12.71 -24.10
N CYS B 76 -79.87 -12.13 -22.91
CA CYS B 76 -79.54 -10.72 -22.80
C CYS B 76 -78.16 -10.46 -23.36
N LEU B 77 -77.21 -11.36 -23.03
CA LEU B 77 -75.86 -11.26 -23.53
C LEU B 77 -75.82 -11.58 -25.01
N ILE B 78 -76.71 -12.47 -25.45
CA ILE B 78 -76.81 -12.84 -26.86
C ILE B 78 -77.18 -11.63 -27.70
N LEU B 79 -78.29 -10.98 -27.32
CA LEU B 79 -78.77 -9.80 -28.03
C LEU B 79 -77.76 -8.67 -27.92
N TYR B 80 -77.12 -8.54 -26.76
CA TYR B 80 -76.12 -7.51 -26.58
C TYR B 80 -74.91 -7.76 -27.46
N ASN B 81 -74.60 -9.03 -27.73
CA ASN B 81 -73.46 -9.35 -28.56
C ASN B 81 -73.73 -9.03 -30.03
N VAL B 82 -74.93 -9.36 -30.52
CA VAL B 82 -75.23 -9.11 -31.92
C VAL B 82 -75.40 -7.61 -32.18
N THR B 83 -75.90 -6.86 -31.19
CA THR B 83 -76.09 -5.43 -31.38
C THR B 83 -74.77 -4.70 -31.61
N VAL B 84 -73.66 -5.23 -31.09
CA VAL B 84 -72.37 -4.60 -31.31
C VAL B 84 -71.99 -4.71 -32.77
N ILE B 85 -72.34 -5.84 -33.40
CA ILE B 85 -72.00 -6.05 -34.80
C ILE B 85 -72.82 -5.14 -35.70
N ILE B 86 -74.14 -5.11 -35.51
CA ILE B 86 -74.97 -4.28 -36.39
C ILE B 86 -74.73 -2.79 -36.14
N SER B 87 -74.41 -2.41 -34.89
CA SER B 87 -74.16 -1.00 -34.63
C SER B 87 -72.84 -0.57 -35.25
N LYS B 88 -71.83 -1.44 -35.18
CA LYS B 88 -70.58 -1.05 -35.80
C LYS B 88 -70.64 -1.18 -37.30
N ASN B 89 -71.60 -1.95 -37.83
CA ASN B 89 -71.73 -2.05 -39.27
C ASN B 89 -72.33 -0.77 -39.83
N MET B 90 -73.38 -0.25 -39.17
CA MET B 90 -73.99 0.98 -39.64
C MET B 90 -73.04 2.15 -39.41
N LEU B 91 -72.27 2.14 -38.32
CA LEU B 91 -71.34 3.24 -38.16
C LEU B 91 -70.14 3.06 -39.09
N SER B 92 -69.90 1.85 -39.60
CA SER B 92 -68.80 1.66 -40.54
C SER B 92 -69.14 2.33 -41.85
N LEU B 93 -70.40 2.19 -42.28
CA LEU B 93 -70.82 2.87 -43.51
C LEU B 93 -70.87 4.37 -43.29
N LEU B 94 -71.15 4.82 -42.06
CA LEU B 94 -71.15 6.25 -41.80
C LEU B 94 -69.72 6.79 -41.72
N SER B 95 -68.79 5.95 -41.27
CA SER B 95 -67.39 6.37 -41.17
C SER B 95 -66.75 6.45 -42.54
N CYS B 96 -66.77 5.34 -43.27
CA CYS B 96 -66.18 5.28 -44.60
C CYS B 96 -67.02 6.06 -45.61
N ILE B 144 -63.58 -7.03 -34.65
CA ILE B 144 -64.71 -7.83 -35.12
C ILE B 144 -64.41 -9.31 -34.96
N ILE B 145 -63.12 -9.62 -35.02
CA ILE B 145 -62.67 -11.00 -34.90
C ILE B 145 -62.94 -11.52 -33.49
N TRP B 146 -62.62 -10.72 -32.49
CA TRP B 146 -62.85 -11.11 -31.12
C TRP B 146 -64.33 -11.21 -30.81
N ASP B 147 -65.13 -10.33 -31.41
CA ASP B 147 -66.56 -10.41 -31.18
C ASP B 147 -67.14 -11.65 -31.83
N SER B 148 -66.58 -12.07 -32.96
CA SER B 148 -67.06 -13.26 -33.64
C SER B 148 -66.68 -14.52 -32.89
N ILE B 149 -65.42 -14.60 -32.44
CA ILE B 149 -65.01 -15.81 -31.74
C ILE B 149 -65.60 -15.85 -30.34
N CYS B 150 -65.93 -14.69 -29.75
CA CYS B 150 -66.55 -14.76 -28.44
C CYS B 150 -68.00 -15.15 -28.62
N PHE B 151 -68.57 -14.79 -29.78
CA PHE B 151 -69.93 -15.17 -30.12
C PHE B 151 -70.02 -16.67 -30.33
N PHE B 152 -68.93 -17.26 -30.82
CA PHE B 152 -68.87 -18.68 -31.09
C PHE B 152 -69.01 -19.54 -29.84
N PHE B 153 -68.43 -19.10 -28.72
CA PHE B 153 -68.46 -19.92 -27.52
C PHE B 153 -69.79 -19.94 -26.78
N LEU B 154 -70.40 -18.78 -26.52
CA LEU B 154 -71.63 -18.76 -25.72
C LEU B 154 -72.79 -19.46 -26.39
N LEU B 155 -72.77 -19.63 -27.71
CA LEU B 155 -73.87 -20.38 -28.32
C LEU B 155 -73.69 -21.86 -28.05
N LEU B 156 -72.44 -22.31 -28.07
CA LEU B 156 -72.12 -23.70 -27.81
C LEU B 156 -72.52 -24.07 -26.40
N GLN B 157 -72.09 -23.28 -25.41
CA GLN B 157 -72.47 -23.59 -24.05
C GLN B 157 -73.95 -23.35 -23.79
N ARG B 158 -74.61 -22.57 -24.65
CA ARG B 158 -76.04 -22.34 -24.53
C ARG B 158 -76.69 -23.69 -24.78
N ARG B 159 -76.23 -24.35 -25.85
CA ARG B 159 -76.70 -25.67 -26.22
C ARG B 159 -76.34 -26.67 -25.12
N ILE B 160 -75.23 -26.43 -24.42
CA ILE B 160 -74.81 -27.33 -23.36
C ILE B 160 -75.71 -27.19 -22.12
N PHE B 161 -76.39 -26.05 -21.96
CA PHE B 161 -77.27 -25.88 -20.81
C PHE B 161 -78.45 -26.85 -20.84
N LEU B 162 -79.10 -26.99 -22.00
CA LEU B 162 -80.24 -27.88 -22.08
C LEU B 162 -79.85 -29.29 -22.54
N SER B 163 -78.87 -29.86 -21.87
CA SER B 163 -78.41 -31.21 -22.18
C SER B 163 -78.64 -32.09 -20.96
N HIS B 164 -78.93 -33.36 -21.21
CA HIS B 164 -79.17 -34.29 -20.11
C HIS B 164 -77.89 -34.61 -19.35
N TYR B 165 -76.74 -34.50 -20.04
CA TYR B 165 -75.46 -34.71 -19.38
C TYR B 165 -75.21 -33.59 -18.39
N PHE B 166 -75.66 -32.38 -18.75
CA PHE B 166 -75.55 -31.22 -17.89
C PHE B 166 -76.44 -31.40 -16.67
N LEU B 167 -77.55 -32.12 -16.83
CA LEU B 167 -78.44 -32.40 -15.72
C LEU B 167 -77.77 -33.34 -14.73
N HIS B 168 -76.92 -34.25 -15.25
CA HIS B 168 -76.20 -35.15 -14.37
C HIS B 168 -75.16 -34.37 -13.58
N VAL B 169 -74.58 -33.34 -14.19
CA VAL B 169 -73.60 -32.51 -13.51
C VAL B 169 -74.31 -31.48 -12.63
N SER B 170 -75.59 -31.23 -12.87
CA SER B 170 -76.37 -30.24 -12.11
C SER B 170 -76.56 -30.58 -10.64
N ALA B 171 -76.21 -31.77 -10.18
CA ALA B 171 -76.45 -32.10 -8.79
C ALA B 171 -75.21 -32.09 -7.91
N ASP B 172 -74.00 -32.21 -8.47
CA ASP B 172 -72.80 -32.24 -7.63
C ASP B 172 -72.62 -30.93 -6.88
N LEU B 173 -72.87 -29.82 -7.57
CA LEU B 173 -72.72 -28.51 -6.97
C LEU B 173 -73.82 -28.26 -5.96
N LYS B 174 -74.97 -28.91 -6.12
CA LYS B 174 -76.04 -28.77 -5.15
C LYS B 174 -75.63 -29.44 -3.84
N ALA B 175 -75.02 -30.62 -3.96
CA ALA B 175 -74.57 -31.34 -2.79
C ALA B 175 -73.47 -30.57 -2.07
N THR B 176 -72.49 -30.05 -2.82
CA THR B 176 -71.43 -29.26 -2.22
C THR B 176 -71.95 -27.96 -1.63
N ALA B 177 -73.08 -27.47 -2.15
CA ALA B 177 -73.67 -26.27 -1.59
C ALA B 177 -74.32 -26.58 -0.24
N LEU B 178 -74.58 -27.86 0.02
CA LEU B 178 -75.16 -28.28 1.29
C LEU B 178 -74.11 -28.76 2.28
N GLN B 179 -72.91 -29.11 1.80
CA GLN B 179 -71.82 -29.64 2.61
C GLN B 179 -70.98 -28.58 3.31
N ALA B 180 -71.42 -27.32 3.41
CA ALA B 180 -70.56 -26.33 4.07
C ALA B 180 -70.54 -26.44 5.59
N SER B 181 -71.61 -26.94 6.19
CA SER B 181 -71.71 -27.05 7.65
C SER B 181 -70.65 -27.99 8.23
N ARG B 182 -70.71 -29.27 7.85
CA ARG B 182 -69.75 -30.23 8.40
C ARG B 182 -68.33 -29.97 7.92
N GLY B 183 -68.16 -29.41 6.72
CA GLY B 183 -66.82 -29.11 6.23
C GLY B 183 -66.16 -28.06 7.10
N PHE B 184 -66.94 -27.07 7.52
CA PHE B 184 -66.43 -26.04 8.40
C PHE B 184 -66.15 -26.61 9.78
N ALA B 185 -67.00 -27.54 10.22
CA ALA B 185 -66.83 -28.16 11.53
C ALA B 185 -65.59 -29.05 11.57
N LEU B 186 -65.37 -29.86 10.53
CA LEU B 186 -64.21 -30.73 10.53
C LEU B 186 -62.93 -29.93 10.39
N TYR B 187 -63.01 -28.78 9.72
CA TYR B 187 -61.84 -27.93 9.59
C TYR B 187 -61.49 -27.34 10.95
N ASN B 188 -62.51 -27.01 11.74
CA ASN B 188 -62.27 -26.49 13.07
C ASN B 188 -61.74 -27.59 13.98
N ALA B 189 -62.16 -28.83 13.73
CA ALA B 189 -61.69 -29.94 14.53
C ALA B 189 -60.22 -30.20 14.28
N ALA B 190 -59.79 -30.07 13.02
CA ALA B 190 -58.38 -30.28 12.69
C ALA B 190 -57.50 -29.20 13.30
N ASN B 191 -57.96 -27.94 13.25
CA ASN B 191 -57.18 -26.85 13.83
C ASN B 191 -57.09 -26.97 15.33
N LEU B 192 -58.20 -27.35 15.97
CA LEU B 192 -58.20 -27.52 17.41
C LEU B 192 -57.29 -28.65 17.83
N LYS B 193 -57.19 -29.68 17.00
CA LYS B 193 -56.31 -30.78 17.32
C LYS B 193 -54.86 -30.34 17.20
N SER B 194 -54.59 -29.40 16.29
CA SER B 194 -53.22 -28.91 16.12
C SER B 194 -52.76 -28.11 17.32
N ILE B 195 -53.57 -27.15 17.77
CA ILE B 195 -53.17 -26.34 18.91
C ILE B 195 -53.13 -27.17 20.18
N ASN B 196 -54.02 -28.15 20.31
CA ASN B 196 -53.98 -29.01 21.49
C ASN B 196 -52.75 -29.88 21.48
N PHE B 197 -52.24 -30.18 20.28
CA PHE B 197 -51.02 -30.96 20.16
C PHE B 197 -49.83 -30.16 20.66
N HIS B 198 -49.79 -28.86 20.32
CA HIS B 198 -48.69 -28.04 20.81
C HIS B 198 -48.77 -27.78 22.30
N ARG B 199 -49.96 -27.95 22.91
CA ARG B 199 -50.09 -27.75 24.36
C ARG B 199 -49.22 -28.71 25.13
N GLN B 200 -49.29 -30.01 24.80
CA GLN B 200 -48.44 -30.93 25.52
C GLN B 200 -46.99 -30.79 25.12
N ILE B 201 -46.71 -30.28 23.93
CA ILE B 201 -45.32 -30.10 23.52
C ILE B 201 -44.63 -29.08 24.41
N GLU B 202 -45.20 -27.89 24.48
CA GLU B 202 -44.61 -26.84 25.30
C GLU B 202 -44.66 -27.17 26.78
N GLU B 203 -45.69 -27.86 27.27
CA GLU B 203 -45.72 -28.11 28.70
C GLU B 203 -44.73 -29.18 29.09
N LYS B 204 -44.39 -30.09 28.17
CA LYS B 204 -43.38 -31.08 28.52
C LYS B 204 -42.02 -30.42 28.63
N SER B 205 -41.70 -29.55 27.67
CA SER B 205 -40.43 -28.84 27.70
C SER B 205 -40.33 -27.91 28.89
N LEU B 206 -41.42 -27.24 29.22
CA LEU B 206 -41.44 -26.32 30.35
C LEU B 206 -41.27 -27.06 31.67
N ALA B 207 -41.91 -28.23 31.79
CA ALA B 207 -41.80 -29.02 33.02
C ALA B 207 -40.40 -29.55 33.22
N GLN B 208 -39.80 -30.11 32.17
CA GLN B 208 -38.45 -30.61 32.32
C GLN B 208 -37.45 -29.49 32.49
N LEU B 209 -37.77 -28.30 31.99
CA LEU B 209 -36.90 -27.14 32.13
C LEU B 209 -36.70 -26.82 33.60
N LYS B 210 -37.79 -26.60 34.32
CA LYS B 210 -37.62 -26.31 35.73
C LYS B 210 -37.19 -27.53 36.51
N ARG B 211 -37.40 -28.73 35.95
CA ARG B 211 -36.99 -29.95 36.63
C ARG B 211 -35.46 -30.03 36.70
N GLN B 212 -34.80 -29.85 35.56
CA GLN B 212 -33.35 -29.90 35.58
C GLN B 212 -32.76 -28.72 36.33
N MET B 213 -33.47 -27.58 36.36
CA MET B 213 -32.94 -26.49 37.15
C MET B 213 -33.10 -26.77 38.65
N LYS B 214 -34.05 -27.65 39.01
CA LYS B 214 -34.14 -28.04 40.41
C LYS B 214 -32.93 -28.87 40.76
N ARG B 215 -32.45 -29.66 39.80
CA ARG B 215 -31.25 -30.46 40.02
C ARG B 215 -30.05 -29.54 40.19
N ILE B 216 -30.04 -28.43 39.47
CA ILE B 216 -28.94 -27.47 39.59
C ILE B 216 -28.96 -26.82 40.96
N ARG B 217 -30.16 -26.48 41.44
CA ARG B 217 -30.28 -25.85 42.76
C ARG B 217 -29.83 -26.79 43.86
N ALA B 218 -30.19 -28.07 43.74
CA ALA B 218 -29.78 -29.05 44.75
C ALA B 218 -28.27 -29.25 44.70
N LYS B 219 -27.72 -29.25 43.49
CA LYS B 219 -26.28 -29.37 43.33
C LYS B 219 -25.57 -28.17 43.91
N GLN B 220 -26.23 -27.01 43.89
CA GLN B 220 -25.63 -25.80 44.43
C GLN B 220 -25.60 -25.82 45.95
N GLU B 221 -26.78 -26.03 46.56
CA GLU B 221 -26.88 -26.02 48.01
C GLU B 221 -26.06 -27.13 48.66
N LYS B 222 -25.82 -28.23 47.94
CA LYS B 222 -25.01 -29.26 48.57
C LYS B 222 -23.56 -28.83 48.68
N TYR B 223 -23.11 -27.89 47.85
CA TYR B 223 -21.74 -27.45 48.01
C TYR B 223 -21.64 -26.46 49.14
N ARG B 224 -22.61 -25.55 49.27
CA ARG B 224 -22.52 -24.59 50.35
C ARG B 224 -22.73 -25.24 51.71
N GLN B 225 -23.52 -26.30 51.78
CA GLN B 225 -23.76 -26.95 53.05
C GLN B 225 -22.68 -27.96 53.41
N SER B 226 -22.17 -28.70 52.42
CA SER B 226 -21.11 -29.64 52.74
C SER B 226 -19.79 -28.94 53.03
N GLN B 227 -19.61 -27.73 52.49
CA GLN B 227 -18.37 -27.03 52.76
C GLN B 227 -18.44 -26.23 54.06
N ALA B 228 -19.52 -25.48 54.27
CA ALA B 228 -19.64 -24.70 55.50
C ALA B 228 -19.92 -25.60 56.69
N HIS B 267 -19.72 -9.47 45.23
CA HIS B 267 -19.98 -9.81 43.83
C HIS B 267 -18.76 -10.44 43.21
N ALA B 268 -17.69 -9.68 43.12
CA ALA B 268 -16.45 -10.22 42.55
C ALA B 268 -15.85 -11.29 43.42
N THR B 269 -16.16 -11.31 44.71
CA THR B 269 -15.61 -12.34 45.58
C THR B 269 -16.24 -13.69 45.31
N VAL B 270 -17.45 -13.72 44.75
CA VAL B 270 -18.05 -15.01 44.48
C VAL B 270 -17.60 -15.55 43.14
N ILE B 271 -17.11 -14.71 42.22
CA ILE B 271 -16.67 -15.24 40.93
C ILE B 271 -15.25 -15.75 41.03
N HIS B 272 -14.59 -15.55 42.16
CA HIS B 272 -13.24 -16.05 42.33
C HIS B 272 -13.18 -17.20 43.32
N SER B 273 -14.21 -17.38 44.13
CA SER B 273 -14.26 -18.46 45.11
C SER B 273 -14.50 -19.78 44.38
N GLY B 274 -13.43 -20.46 43.99
CA GLY B 274 -13.59 -21.70 43.26
C GLY B 274 -12.67 -22.86 43.57
N ASP B 275 -12.33 -23.14 44.82
CA ASP B 275 -11.42 -24.24 45.17
C ASP B 275 -11.90 -25.60 44.67
N TYR B 276 -11.01 -26.58 44.79
CA TYR B 276 -11.19 -27.96 44.33
C TYR B 276 -12.39 -28.68 44.90
N PHE B 277 -13.07 -28.15 45.90
CA PHE B 277 -14.19 -28.86 46.48
C PHE B 277 -15.36 -28.95 45.61
N LEU B 278 -15.46 -28.62 44.32
CA LEU B 278 -16.73 -28.80 43.66
C LEU B 278 -16.57 -29.56 42.36
N PHE B 279 -15.69 -30.56 42.35
CA PHE B 279 -15.48 -31.38 41.17
C PHE B 279 -15.39 -32.84 41.55
N GLU B 280 -16.08 -33.25 42.61
CA GLU B 280 -16.04 -34.61 43.09
C GLU B 280 -17.16 -35.47 42.54
N SER B 281 -16.79 -36.64 42.05
CA SER B 281 -17.74 -37.57 41.47
C SER B 281 -17.23 -38.98 41.58
N UNK B 462 -78.87 -35.29 7.61
CA UNK B 462 -78.22 -35.84 8.79
C UNK B 462 -78.29 -37.36 8.77
N UNK B 463 -79.48 -37.88 8.45
CA UNK B 463 -79.68 -39.33 8.39
C UNK B 463 -78.85 -39.95 7.29
N UNK B 464 -78.73 -39.26 6.15
CA UNK B 464 -77.94 -39.77 5.05
C UNK B 464 -76.46 -39.77 5.41
N UNK B 465 -76.02 -38.74 6.15
CA UNK B 465 -74.63 -38.65 6.56
C UNK B 465 -74.29 -39.77 7.54
N UNK B 466 -75.26 -40.11 8.40
CA UNK B 466 -75.04 -41.20 9.36
C UNK B 466 -74.98 -42.54 8.65
N UNK B 467 -75.79 -42.71 7.60
CA UNK B 467 -75.77 -43.95 6.84
C UNK B 467 -74.44 -44.11 6.12
N UNK B 468 -73.94 -43.02 5.53
CA UNK B 468 -72.64 -43.07 4.86
C UNK B 468 -71.53 -43.23 5.88
N UNK B 469 -71.74 -42.73 7.09
CA UNK B 469 -70.74 -42.90 8.13
C UNK B 469 -70.70 -44.35 8.57
N UNK B 470 -71.88 -44.95 8.80
CA UNK B 470 -71.95 -46.36 9.21
C UNK B 470 -71.33 -47.29 8.19
N UNK B 471 -71.37 -46.91 6.90
CA UNK B 471 -70.75 -47.73 5.88
C UNK B 471 -69.23 -47.59 5.90
N UNK B 472 -68.69 -46.44 6.32
CA UNK B 472 -67.24 -46.28 6.36
C UNK B 472 -66.71 -46.08 7.78
N UNK B 473 -67.00 -44.97 8.45
CA UNK B 473 -66.61 -44.68 9.85
C UNK B 473 -65.15 -44.87 10.27
N UNK B 474 -64.22 -45.14 9.36
CA UNK B 474 -62.86 -45.37 9.81
C UNK B 474 -61.87 -44.30 9.36
N UNK B 475 -61.90 -43.93 8.09
CA UNK B 475 -60.98 -42.92 7.62
C UNK B 475 -61.50 -41.52 7.88
N UNK B 476 -62.83 -41.34 7.83
CA UNK B 476 -63.44 -40.04 8.04
C UNK B 476 -63.23 -39.55 9.47
N UNK B 477 -63.35 -40.44 10.45
CA UNK B 477 -63.15 -40.03 11.82
C UNK B 477 -61.69 -39.72 12.08
N UNK B 478 -60.79 -40.46 11.41
CA UNK B 478 -59.36 -40.23 11.56
C UNK B 478 -58.97 -38.89 10.95
N UNK B 479 -59.62 -38.52 9.85
CA UNK B 479 -59.33 -37.23 9.23
C UNK B 479 -59.86 -36.10 10.08
N UNK B 480 -60.96 -36.32 10.78
CA UNK B 480 -61.56 -35.32 11.64
C UNK B 480 -60.70 -35.08 12.87
N UNK B 481 -35.17 -42.97 -21.23
CA UNK B 481 -35.70 -44.08 -20.44
C UNK B 481 -34.87 -44.28 -19.18
N UNK B 482 -33.68 -43.67 -19.15
CA UNK B 482 -32.81 -43.80 -17.99
C UNK B 482 -33.38 -43.03 -16.80
N UNK B 483 -33.54 -41.71 -16.96
CA UNK B 483 -34.08 -40.85 -15.92
C UNK B 483 -35.48 -40.37 -16.28
N UNK B 484 -36.24 -41.19 -17.00
CA UNK B 484 -37.60 -40.81 -17.39
C UNK B 484 -38.53 -40.85 -16.18
N UNK B 485 -38.62 -42.01 -15.53
CA UNK B 485 -39.47 -42.18 -14.36
C UNK B 485 -38.72 -41.91 -13.06
N UNK B 486 -37.44 -41.56 -13.13
CA UNK B 486 -36.67 -41.29 -11.92
C UNK B 486 -37.08 -39.98 -11.30
N UNK B 487 -36.89 -38.87 -12.03
CA UNK B 487 -37.27 -37.56 -11.51
C UNK B 487 -38.78 -37.35 -11.54
N UNK B 488 -39.50 -38.07 -12.40
CA UNK B 488 -40.94 -37.93 -12.48
C UNK B 488 -41.60 -38.47 -11.21
N UNK B 489 -41.14 -39.63 -10.74
CA UNK B 489 -41.70 -40.18 -9.51
C UNK B 489 -41.22 -39.43 -8.29
N UNK B 490 -40.03 -38.81 -8.37
CA UNK B 490 -39.52 -38.06 -7.23
C UNK B 490 -40.28 -36.74 -7.08
N UNK B 491 -40.58 -36.09 -8.20
CA UNK B 491 -41.32 -34.83 -8.14
C UNK B 491 -42.77 -35.07 -7.76
N UNK B 492 -43.36 -36.17 -8.25
CA UNK B 492 -44.75 -36.47 -7.91
C UNK B 492 -44.88 -36.85 -6.44
N UNK B 493 -43.88 -37.56 -5.90
CA UNK B 493 -43.95 -37.95 -4.50
C UNK B 493 -43.69 -36.75 -3.59
N UNK B 494 -42.78 -35.86 -4.01
CA UNK B 494 -42.49 -34.68 -3.19
C UNK B 494 -43.66 -33.73 -3.20
N UNK B 495 -44.42 -33.69 -4.29
CA UNK B 495 -45.58 -32.83 -4.35
C UNK B 495 -46.75 -33.44 -3.60
N UNK B 496 -46.85 -34.77 -3.60
CA UNK B 496 -47.93 -35.43 -2.89
C UNK B 496 -47.77 -35.29 -1.39
N UNK B 497 -46.54 -35.09 -0.92
CA UNK B 497 -46.31 -34.93 0.50
C UNK B 497 -46.77 -33.57 0.99
N UNK B 498 -46.84 -32.58 0.11
CA UNK B 498 -47.24 -31.24 0.51
C UNK B 498 -48.76 -31.09 0.60
N UNK B 499 -49.50 -31.60 -0.39
CA UNK B 499 -50.94 -31.46 -0.44
C UNK B 499 -51.70 -32.53 0.34
N UNK B 500 -51.08 -33.12 1.37
CA UNK B 500 -51.68 -34.20 2.15
C UNK B 500 -53.00 -33.80 2.82
N UNK B 501 -53.06 -32.61 3.44
CA UNK B 501 -54.28 -32.21 4.14
C UNK B 501 -55.42 -31.95 3.17
N UNK B 502 -55.13 -31.33 2.03
CA UNK B 502 -56.19 -31.07 1.07
C UNK B 502 -56.59 -32.34 0.33
N UNK B 503 -55.65 -33.26 0.12
CA UNK B 503 -56.00 -34.50 -0.57
C UNK B 503 -56.86 -35.38 0.32
N UNK B 504 -56.69 -35.29 1.63
CA UNK B 504 -57.51 -36.09 2.52
C UNK B 504 -58.87 -35.46 2.74
N UNK B 505 -58.91 -34.13 2.86
CA UNK B 505 -60.18 -33.45 3.08
C UNK B 505 -61.05 -33.48 1.84
N UNK B 506 -60.45 -33.52 0.66
CA UNK B 506 -61.26 -33.55 -0.55
C UNK B 506 -61.84 -34.93 -0.79
N UNK B 507 -61.02 -35.98 -0.63
CA UNK B 507 -61.50 -37.34 -0.87
C UNK B 507 -62.57 -37.75 0.13
N UNK B 508 -62.44 -37.30 1.38
CA UNK B 508 -63.43 -37.65 2.38
C UNK B 508 -64.75 -36.93 2.13
N UNK B 509 -64.68 -35.66 1.74
CA UNK B 509 -65.91 -34.93 1.47
C UNK B 509 -66.54 -35.35 0.17
N UNK B 510 -65.74 -35.86 -0.78
CA UNK B 510 -66.31 -36.29 -2.05
C UNK B 510 -67.14 -37.55 -1.90
N UNK B 511 -66.80 -38.38 -0.91
CA UNK B 511 -67.55 -39.61 -0.68
C UNK B 511 -68.96 -39.30 -0.20
N UNK B 512 -69.11 -38.22 0.56
CA UNK B 512 -70.42 -37.84 1.04
C UNK B 512 -71.31 -37.32 -0.07
N UNK B 513 -70.72 -36.88 -1.17
CA UNK B 513 -71.51 -36.37 -2.28
C UNK B 513 -72.27 -37.47 -2.99
N UNK B 514 -71.64 -38.64 -3.15
CA UNK B 514 -72.30 -39.77 -3.81
C UNK B 514 -73.48 -40.25 -2.99
N UNK B 515 -73.34 -40.25 -1.67
CA UNK B 515 -74.44 -40.67 -0.83
C UNK B 515 -75.52 -39.61 -0.81
N UNK B 516 -75.13 -38.34 -0.88
CA UNK B 516 -76.12 -37.27 -0.88
C UNK B 516 -76.83 -37.20 -2.23
N UNK B 517 -76.15 -37.63 -3.30
CA UNK B 517 -76.75 -37.63 -4.63
C UNK B 517 -77.86 -38.66 -4.76
N UNK B 518 -77.83 -39.71 -3.94
CA UNK B 518 -78.86 -40.73 -4.02
C UNK B 518 -80.19 -40.21 -3.51
N UNK B 519 -80.17 -39.28 -2.56
CA UNK B 519 -81.42 -38.73 -2.04
C UNK B 519 -82.01 -37.72 -3.00
N UNK B 520 -81.18 -36.84 -3.56
CA UNK B 520 -81.66 -35.84 -4.50
C UNK B 520 -81.68 -36.40 -5.91
N PRO B 521 -68.71 -49.11 -5.31
CA PRO B 521 -67.83 -49.28 -6.47
C PRO B 521 -67.70 -48.00 -7.28
N GLU B 522 -68.61 -47.05 -7.03
CA GLU B 522 -68.66 -45.75 -7.72
C GLU B 522 -67.34 -45.01 -7.57
N LEU B 523 -67.06 -44.60 -6.34
CA LEU B 523 -65.84 -43.89 -6.02
C LEU B 523 -64.70 -44.86 -5.79
N GLU B 524 -65.04 -46.09 -5.43
CA GLU B 524 -64.07 -47.13 -5.14
C GLU B 524 -63.26 -47.52 -6.38
N GLU B 525 -63.86 -47.48 -7.56
CA GLU B 525 -63.15 -47.86 -8.77
C GLU B 525 -62.70 -46.67 -9.61
N ALA B 526 -63.09 -45.45 -9.24
CA ALA B 526 -62.71 -44.29 -10.02
C ALA B 526 -61.22 -43.99 -9.86
N GLU B 527 -60.64 -44.36 -8.72
CA GLU B 527 -59.21 -44.14 -8.46
C GLU B 527 -58.32 -45.00 -9.34
N ARG B 528 -58.86 -46.10 -9.88
CA ARG B 528 -58.10 -47.00 -10.72
C ARG B 528 -57.62 -46.30 -11.98
N PHE B 529 -58.46 -45.42 -12.54
CA PHE B 529 -58.01 -44.71 -13.73
C PHE B 529 -57.04 -43.60 -13.35
N GLU B 530 -57.05 -43.16 -12.09
CA GLU B 530 -56.11 -42.13 -11.67
C GLU B 530 -54.70 -42.67 -11.61
N ALA B 531 -54.55 -43.93 -11.21
CA ALA B 531 -53.25 -44.55 -11.14
C ALA B 531 -52.86 -45.24 -12.44
N GLN B 532 -53.65 -45.07 -13.50
CA GLN B 532 -53.41 -45.70 -14.79
C GLN B 532 -52.09 -45.31 -15.45
N GLN B 533 -51.94 -44.04 -15.84
CA GLN B 533 -50.72 -43.57 -16.47
C GLN B 533 -49.89 -42.85 -15.42
N GLY B 534 -48.78 -43.46 -15.02
CA GLY B 534 -47.93 -42.87 -14.01
C GLY B 534 -46.79 -42.03 -14.56
N ARG B 535 -47.02 -41.36 -15.66
CA ARG B 535 -45.94 -40.55 -16.21
C ARG B 535 -46.34 -39.11 -16.50
N THR B 536 -47.55 -38.87 -17.00
CA THR B 536 -48.01 -37.53 -17.32
C THR B 536 -49.19 -37.09 -16.48
N LEU B 537 -50.30 -37.85 -16.48
CA LEU B 537 -51.46 -37.47 -15.71
C LEU B 537 -51.23 -37.59 -14.21
N ARG B 538 -50.42 -38.57 -13.78
CA ARG B 538 -50.15 -38.75 -12.36
C ARG B 538 -49.37 -37.56 -11.80
N LEU B 539 -48.53 -36.94 -12.61
CA LEU B 539 -47.75 -35.78 -12.21
C LEU B 539 -48.52 -34.48 -12.37
N LEU B 540 -49.26 -34.34 -13.49
CA LEU B 540 -50.01 -33.10 -13.73
C LEU B 540 -51.18 -32.94 -12.77
N ARG B 541 -51.86 -34.04 -12.44
CA ARG B 541 -52.97 -33.92 -11.48
C ARG B 541 -52.45 -33.59 -10.10
N ALA B 542 -51.27 -34.10 -9.75
CA ALA B 542 -50.68 -33.77 -8.46
C ALA B 542 -50.24 -32.32 -8.44
N GLY B 543 -49.80 -31.80 -9.59
CA GLY B 543 -49.39 -30.40 -9.65
C GLY B 543 -50.57 -29.47 -9.54
N TYR B 544 -51.67 -29.79 -10.25
CA TYR B 544 -52.87 -28.97 -10.19
C TYR B 544 -53.48 -29.01 -8.81
N GLN B 545 -53.49 -30.20 -8.19
CA GLN B 545 -54.03 -30.30 -6.85
C GLN B 545 -53.12 -29.60 -5.85
N CYS B 546 -51.82 -29.52 -6.14
CA CYS B 546 -50.91 -28.81 -5.23
C CYS B 546 -51.16 -27.33 -5.31
N VAL B 547 -51.45 -26.83 -6.50
CA VAL B 547 -51.74 -25.41 -6.68
C VAL B 547 -53.07 -25.07 -6.05
N ALA B 548 -54.11 -25.86 -6.34
CA ALA B 548 -55.43 -25.63 -5.79
C ALA B 548 -55.55 -26.03 -4.33
N ALA B 549 -54.53 -26.66 -3.74
CA ALA B 549 -54.61 -27.04 -2.33
C ALA B 549 -54.62 -25.81 -1.45
N HIS B 550 -53.87 -24.80 -1.85
CA HIS B 550 -53.79 -23.55 -1.10
C HIS B 550 -53.45 -22.46 -2.12
N SER B 551 -54.44 -21.66 -2.45
CA SER B 551 -54.23 -20.60 -3.41
C SER B 551 -54.04 -19.24 -2.76
N GLU B 552 -53.93 -19.20 -1.42
CA GLU B 552 -53.74 -17.92 -0.75
C GLU B 552 -52.36 -17.36 -1.04
N LEU B 553 -51.29 -18.15 -0.85
CA LEU B 553 -49.97 -17.66 -1.17
C LEU B 553 -49.80 -17.55 -2.68
N LEU B 554 -50.58 -18.31 -3.44
CA LEU B 554 -50.55 -18.19 -4.88
C LEU B 554 -51.16 -16.86 -5.27
N CYS B 555 -52.29 -16.51 -4.64
CA CYS B 555 -52.86 -15.23 -4.97
C CYS B 555 -52.01 -14.13 -4.39
N TYR B 556 -51.39 -14.31 -3.20
CA TYR B 556 -50.50 -13.27 -2.67
C TYR B 556 -49.28 -13.05 -3.53
N PHE B 557 -48.89 -14.06 -4.31
CA PHE B 557 -47.70 -13.93 -5.15
C PHE B 557 -47.95 -13.01 -6.34
N ILE B 558 -49.03 -13.25 -7.09
CA ILE B 558 -49.35 -12.46 -8.27
C ILE B 558 -49.67 -11.00 -7.93
N ILE B 559 -50.09 -10.71 -6.68
CA ILE B 559 -50.36 -9.34 -6.24
C ILE B 559 -49.10 -8.50 -6.29
N ILE B 560 -47.93 -9.12 -6.21
CA ILE B 560 -46.69 -8.39 -6.26
C ILE B 560 -46.06 -8.39 -7.65
N LEU B 561 -46.14 -9.52 -8.36
CA LEU B 561 -45.55 -9.65 -9.69
C LEU B 561 -46.07 -8.60 -10.65
N ASN B 562 -47.37 -8.32 -10.62
CA ASN B 562 -47.90 -7.28 -11.49
C ASN B 562 -47.45 -5.92 -11.01
N HIS B 563 -47.29 -5.78 -9.70
CA HIS B 563 -46.84 -4.51 -9.15
C HIS B 563 -45.37 -4.26 -9.44
N MET B 564 -44.59 -5.34 -9.57
CA MET B 564 -43.17 -5.19 -9.86
C MET B 564 -42.92 -4.64 -11.26
N VAL B 565 -43.83 -4.89 -12.20
CA VAL B 565 -43.63 -4.38 -13.54
C VAL B 565 -44.36 -3.07 -13.79
N THR B 566 -45.40 -2.76 -13.02
CA THR B 566 -46.13 -1.51 -13.21
C THR B 566 -45.59 -0.43 -12.29
N ALA B 567 -45.65 -0.67 -10.98
CA ALA B 567 -45.16 0.23 -9.93
C ALA B 567 -45.79 1.63 -10.00
N SER B 568 -47.05 1.69 -10.37
CA SER B 568 -47.72 2.98 -10.44
C SER B 568 -48.17 3.38 -9.04
N ALA B 569 -48.75 4.58 -8.94
CA ALA B 569 -49.26 5.05 -7.66
C ALA B 569 -50.46 4.24 -7.21
N ALA B 570 -51.19 3.67 -8.17
CA ALA B 570 -52.34 2.84 -7.91
C ALA B 570 -51.97 1.38 -7.78
N SER B 571 -50.69 1.07 -7.90
CA SER B 571 -50.21 -0.29 -7.80
C SER B 571 -49.60 -0.60 -6.44
N LEU B 572 -49.22 0.42 -5.68
CA LEU B 572 -48.63 0.28 -4.38
C LEU B 572 -49.65 0.12 -3.27
N VAL B 573 -50.85 0.66 -3.47
CA VAL B 573 -51.90 0.66 -2.45
C VAL B 573 -52.39 -0.75 -2.10
N LEU B 574 -52.28 -1.69 -3.01
CA LEU B 574 -52.74 -3.03 -2.70
C LEU B 574 -51.78 -3.86 -1.85
N PRO B 575 -50.48 -4.04 -2.20
CA PRO B 575 -49.63 -4.87 -1.33
C PRO B 575 -49.39 -4.29 0.04
N VAL B 576 -49.56 -2.98 0.22
CA VAL B 576 -49.38 -2.38 1.53
C VAL B 576 -50.42 -2.92 2.49
N LEU B 577 -51.68 -2.98 2.05
CA LEU B 577 -52.70 -3.56 2.92
C LEU B 577 -52.56 -5.06 2.98
N VAL B 578 -51.88 -5.68 2.01
CA VAL B 578 -51.67 -7.12 2.08
C VAL B 578 -50.76 -7.43 3.27
N PHE B 579 -49.68 -6.68 3.39
CA PHE B 579 -48.76 -6.89 4.51
C PHE B 579 -49.36 -6.38 5.81
N LEU B 580 -49.91 -5.18 5.80
CA LEU B 580 -50.47 -4.59 7.01
C LEU B 580 -51.80 -5.17 7.43
N TRP B 581 -52.51 -5.92 6.59
CA TRP B 581 -53.79 -6.42 7.06
C TRP B 581 -54.11 -7.86 6.69
N ALA B 582 -53.55 -8.40 5.61
CA ALA B 582 -53.86 -9.78 5.27
C ALA B 582 -53.01 -10.75 6.06
N MET B 583 -51.69 -10.63 5.96
CA MET B 583 -50.82 -11.54 6.69
C MET B 583 -50.53 -11.01 8.09
N LEU B 584 -51.56 -10.58 8.79
CA LEU B 584 -51.40 -10.09 10.15
C LEU B 584 -52.52 -10.53 11.08
N THR B 585 -53.72 -10.76 10.57
CA THR B 585 -54.85 -11.19 11.37
C THR B 585 -54.74 -12.69 11.60
N ILE B 586 -54.67 -13.08 12.87
CA ILE B 586 -54.48 -14.47 13.27
C ILE B 586 -55.46 -15.54 12.78
N PRO B 587 -56.79 -15.31 12.56
CA PRO B 587 -57.58 -16.47 12.10
C PRO B 587 -57.27 -16.85 10.68
N ARG B 588 -57.42 -15.86 9.78
CA ARG B 588 -57.24 -15.93 8.34
C ARG B 588 -57.54 -14.51 7.88
N PRO B 589 -57.19 -14.10 6.67
CA PRO B 589 -57.57 -12.75 6.23
C PRO B 589 -59.08 -12.69 6.02
N SER B 590 -59.68 -11.62 6.51
CA SER B 590 -61.12 -11.40 6.47
C SER B 590 -61.70 -11.44 5.07
N LYS B 591 -62.99 -11.77 5.01
CA LYS B 591 -63.70 -11.80 3.75
C LYS B 591 -63.88 -10.40 3.23
N ARG B 592 -63.88 -9.41 4.13
CA ARG B 592 -63.96 -8.02 3.75
C ARG B 592 -62.73 -7.62 2.98
N PHE B 593 -61.59 -8.21 3.35
CA PHE B 593 -60.34 -7.95 2.64
C PHE B 593 -60.38 -8.50 1.22
N TRP B 594 -60.94 -9.70 1.06
CA TRP B 594 -61.00 -10.28 -0.27
C TRP B 594 -61.92 -9.47 -1.17
N MET B 595 -63.07 -9.06 -0.63
CA MET B 595 -64.01 -8.24 -1.39
C MET B 595 -63.37 -6.91 -1.74
N THR B 596 -62.59 -6.36 -0.82
CA THR B 596 -61.90 -5.10 -1.04
C THR B 596 -60.93 -5.22 -2.19
N ALA B 597 -60.25 -6.36 -2.26
CA ALA B 597 -59.28 -6.57 -3.33
C ALA B 597 -59.97 -6.71 -4.66
N ILE B 598 -61.11 -7.40 -4.71
CA ILE B 598 -61.86 -7.56 -5.95
C ILE B 598 -62.34 -6.21 -6.44
N VAL B 599 -62.89 -5.42 -5.52
CA VAL B 599 -63.41 -4.09 -5.83
C VAL B 599 -62.30 -3.17 -6.32
N PHE B 600 -61.12 -3.26 -5.72
CA PHE B 600 -60.07 -2.36 -6.20
C PHE B 600 -59.51 -2.79 -7.55
N THR B 601 -59.44 -4.10 -7.79
CA THR B 601 -58.90 -4.57 -9.06
C THR B 601 -59.79 -4.18 -10.23
N GLU B 602 -61.09 -4.44 -10.11
CA GLU B 602 -61.93 -4.07 -11.24
C GLU B 602 -62.12 -2.56 -11.35
N VAL B 603 -61.98 -1.80 -10.27
CA VAL B 603 -62.16 -0.37 -10.44
C VAL B 603 -60.96 0.25 -11.15
N MET B 604 -59.73 -0.21 -10.87
CA MET B 604 -58.64 0.41 -11.61
C MET B 604 -58.52 -0.14 -13.02
N VAL B 605 -59.07 -1.33 -13.28
CA VAL B 605 -58.99 -1.78 -14.66
C VAL B 605 -60.03 -1.03 -15.47
N VAL B 606 -61.12 -0.57 -14.82
CA VAL B 606 -62.12 0.23 -15.51
C VAL B 606 -61.54 1.58 -15.86
N THR B 607 -60.87 2.22 -14.88
CA THR B 607 -60.25 3.51 -15.14
C THR B 607 -59.12 3.40 -16.16
N LYS B 608 -58.42 2.26 -16.16
CA LYS B 608 -57.36 2.09 -17.14
C LYS B 608 -57.96 1.95 -18.53
N TYR B 609 -59.11 1.28 -18.65
CA TYR B 609 -59.72 1.15 -19.96
C TYR B 609 -60.26 2.49 -20.43
N LEU B 610 -60.60 3.38 -19.49
CA LEU B 610 -61.03 4.72 -19.85
C LEU B 610 -59.87 5.49 -20.46
N PHE B 611 -58.70 5.40 -19.84
CA PHE B 611 -57.53 6.07 -20.38
C PHE B 611 -56.70 5.12 -21.22
N TYR B 646 -49.34 -6.11 -18.36
CA TYR B 646 -49.85 -5.22 -17.33
C TYR B 646 -51.38 -5.36 -17.32
N ILE B 647 -52.04 -5.19 -18.47
CA ILE B 647 -53.48 -5.38 -18.53
C ILE B 647 -53.79 -6.85 -18.32
N LYS B 648 -53.02 -7.70 -19.02
CA LYS B 648 -53.15 -9.14 -18.88
C LYS B 648 -52.77 -9.58 -17.48
N TYR B 649 -51.83 -8.86 -16.86
CA TYR B 649 -51.43 -9.20 -15.49
C TYR B 649 -52.57 -8.92 -14.53
N ASP B 650 -53.31 -7.84 -14.77
CA ASP B 650 -54.46 -7.55 -13.94
C ASP B 650 -55.56 -8.58 -14.15
N LEU B 651 -55.66 -9.11 -15.37
CA LEU B 651 -56.66 -10.12 -15.68
C LEU B 651 -56.37 -11.44 -14.99
N VAL B 652 -55.12 -11.93 -15.10
CA VAL B 652 -54.75 -13.20 -14.48
C VAL B 652 -54.81 -13.06 -12.97
N GLN B 653 -54.49 -11.88 -12.46
CA GLN B 653 -54.56 -11.62 -11.03
C GLN B 653 -56.00 -11.63 -10.54
N LEU B 654 -56.90 -11.00 -11.30
CA LEU B 654 -58.31 -10.96 -10.93
C LEU B 654 -58.93 -12.33 -10.93
N MET B 655 -58.61 -13.15 -11.94
CA MET B 655 -59.17 -14.49 -11.98
C MET B 655 -58.55 -15.40 -10.94
N ALA B 656 -57.27 -15.18 -10.60
CA ALA B 656 -56.63 -15.99 -9.58
C ALA B 656 -57.27 -15.74 -8.24
N LEU B 657 -57.47 -14.47 -7.91
CA LEU B 657 -58.09 -14.10 -6.66
C LEU B 657 -59.55 -14.51 -6.62
N PHE B 658 -60.23 -14.45 -7.75
CA PHE B 658 -61.62 -14.84 -7.73
C PHE B 658 -61.74 -16.35 -7.62
N PHE B 659 -60.75 -17.08 -8.14
CA PHE B 659 -60.76 -18.53 -7.99
C PHE B 659 -60.53 -18.90 -6.55
N HIS B 660 -59.70 -18.11 -5.86
CA HIS B 660 -59.47 -18.35 -4.44
C HIS B 660 -60.75 -18.07 -3.68
N ARG B 661 -61.51 -17.07 -4.12
CA ARG B 661 -62.78 -16.78 -3.48
C ARG B 661 -63.75 -17.93 -3.69
N SER B 662 -63.72 -18.51 -4.89
CA SER B 662 -64.56 -19.65 -5.20
C SER B 662 -64.19 -20.83 -4.33
N GLN B 663 -62.90 -20.98 -4.04
CA GLN B 663 -62.45 -22.05 -3.18
C GLN B 663 -62.89 -21.80 -1.75
N LEU B 664 -62.92 -20.54 -1.33
CA LEU B 664 -63.35 -20.24 0.03
C LEU B 664 -64.84 -20.47 0.21
N LEU B 665 -65.64 -20.17 -0.82
CA LEU B 665 -67.06 -20.45 -0.71
C LEU B 665 -67.30 -21.95 -0.79
N CYS B 666 -66.41 -22.65 -1.48
CA CYS B 666 -66.54 -24.08 -1.63
C CYS B 666 -66.33 -24.83 -0.33
N TYR B 667 -65.47 -24.33 0.56
CA TYR B 667 -65.20 -25.03 1.82
C TYR B 667 -65.62 -24.23 3.04
N GLY B 668 -66.91 -24.27 3.35
CA GLY B 668 -67.52 -23.68 4.52
C GLY B 668 -67.13 -22.33 5.13
N LEU B 669 -66.54 -21.42 4.40
CA LEU B 669 -66.21 -20.15 5.02
C LEU B 669 -67.38 -19.18 4.79
N TRP B 670 -67.15 -17.88 5.01
CA TRP B 670 -68.02 -16.73 4.86
C TRP B 670 -69.09 -16.70 5.92
N ASP B 671 -68.82 -17.36 7.05
CA ASP B 671 -69.75 -17.40 8.16
C ASP B 671 -69.31 -16.45 9.24
N PRO B 821 -63.67 -2.20 15.99
CA PRO B 821 -62.59 -1.72 15.13
C PRO B 821 -61.20 -2.07 15.65
N LEU B 822 -60.36 -1.06 15.91
CA LEU B 822 -59.02 -1.29 16.42
C LEU B 822 -59.02 -1.87 17.82
N GLN B 823 -60.09 -1.64 18.57
CA GLN B 823 -60.22 -2.16 19.92
C GLN B 823 -60.28 -3.68 19.90
N ARG B 824 -60.85 -4.26 18.84
CA ARG B 824 -60.94 -5.69 18.66
C ARG B 824 -59.88 -6.21 17.71
N PHE B 825 -58.97 -5.34 17.28
CA PHE B 825 -57.91 -5.70 16.34
C PHE B 825 -56.55 -5.85 17.00
N PHE B 826 -56.10 -4.81 17.71
CA PHE B 826 -54.80 -4.89 18.36
C PHE B 826 -54.86 -5.84 19.55
N HIS B 827 -55.99 -5.87 20.25
CA HIS B 827 -56.13 -6.78 21.38
C HIS B 827 -56.19 -8.22 20.92
N ASP B 828 -56.67 -8.43 19.70
CA ASP B 828 -56.77 -9.76 19.13
C ASP B 828 -55.39 -10.36 18.93
N ILE B 829 -54.48 -9.59 18.36
CA ILE B 829 -53.13 -10.08 18.11
C ILE B 829 -52.36 -10.24 19.41
N LEU B 830 -52.54 -9.29 20.32
CA LEU B 830 -51.78 -9.33 21.56
C LEU B 830 -52.38 -10.23 22.63
N HIS B 831 -53.66 -10.59 22.56
CA HIS B 831 -54.20 -11.42 23.63
C HIS B 831 -55.06 -12.56 23.10
N THR B 832 -54.40 -13.66 22.75
CA THR B 832 -55.03 -14.90 22.27
C THR B 832 -54.11 -16.05 22.62
N LYS B 833 -54.66 -17.09 23.21
CA LYS B 833 -53.89 -18.27 23.60
C LYS B 833 -53.98 -19.31 22.50
N TYR B 834 -52.83 -19.63 21.93
CA TYR B 834 -52.70 -20.59 20.85
C TYR B 834 -51.23 -20.99 20.78
N ARG B 835 -50.84 -21.69 19.72
CA ARG B 835 -49.48 -22.18 19.57
C ARG B 835 -48.55 -21.13 18.96
N ALA B 836 -47.48 -20.80 19.69
CA ALA B 836 -46.52 -19.84 19.15
C ALA B 836 -45.56 -20.61 18.26
N ALA B 837 -44.63 -21.37 18.89
CA ALA B 837 -43.63 -22.27 18.32
C ALA B 837 -43.11 -21.91 16.92
N THR B 838 -42.66 -20.67 16.73
CA THR B 838 -42.24 -20.23 15.40
C THR B 838 -40.91 -19.48 15.42
N ASP B 839 -39.86 -20.11 15.92
CA ASP B 839 -38.56 -19.47 15.92
C ASP B 839 -38.03 -19.48 14.49
N VAL B 840 -38.48 -18.52 13.71
CA VAL B 840 -38.09 -18.40 12.31
C VAL B 840 -37.11 -17.25 12.11
N TYR B 841 -36.41 -16.87 13.18
CA TYR B 841 -35.46 -15.77 13.09
C TYR B 841 -34.31 -16.11 12.15
N ALA B 842 -33.89 -17.37 12.15
CA ALA B 842 -32.80 -17.76 11.28
C ALA B 842 -33.21 -17.64 9.82
N LEU B 843 -34.46 -17.92 9.52
CA LEU B 843 -34.92 -17.83 8.15
C LEU B 843 -35.01 -16.38 7.70
N MET B 844 -35.57 -15.50 8.54
CA MET B 844 -35.64 -14.11 8.11
C MET B 844 -34.26 -13.47 8.10
N PHE B 845 -33.34 -13.98 8.92
CA PHE B 845 -31.99 -13.45 8.90
C PHE B 845 -31.30 -13.86 7.63
N LEU B 846 -31.64 -15.03 7.11
CA LEU B 846 -31.06 -15.46 5.86
C LEU B 846 -31.61 -14.62 4.72
N ALA B 847 -32.86 -14.17 4.88
CA ALA B 847 -33.50 -13.34 3.86
C ALA B 847 -32.80 -12.00 3.71
N ASP B 848 -32.63 -11.25 4.79
CA ASP B 848 -31.98 -9.97 4.57
C ASP B 848 -30.47 -10.08 4.38
N ILE B 849 -29.87 -11.22 4.72
CA ILE B 849 -28.43 -11.27 4.47
C ILE B 849 -28.20 -11.53 2.98
N VAL B 850 -29.12 -12.24 2.30
CA VAL B 850 -28.92 -12.41 0.88
C VAL B 850 -29.34 -11.12 0.20
N ASP B 851 -30.19 -10.34 0.88
CA ASP B 851 -30.63 -9.06 0.37
C ASP B 851 -29.48 -8.06 0.33
N ILE B 852 -28.49 -8.18 1.21
CA ILE B 852 -27.40 -7.23 1.11
C ILE B 852 -26.32 -7.73 0.18
N ILE B 853 -26.16 -9.06 0.03
CA ILE B 853 -25.11 -9.48 -0.87
C ILE B 853 -25.49 -9.25 -2.32
N ILE B 854 -26.78 -9.19 -2.65
CA ILE B 854 -27.12 -8.98 -4.05
C ILE B 854 -26.80 -7.56 -4.49
N ILE B 855 -26.92 -6.57 -3.60
CA ILE B 855 -26.56 -5.23 -4.04
C ILE B 855 -25.06 -5.07 -4.01
N ILE B 856 -24.37 -5.90 -3.24
CA ILE B 856 -22.92 -5.84 -3.22
C ILE B 856 -22.35 -6.33 -4.55
N PHE B 857 -22.78 -7.50 -5.03
CA PHE B 857 -22.22 -7.87 -6.33
C PHE B 857 -22.90 -7.14 -7.46
N GLY B 858 -24.06 -6.53 -7.21
CA GLY B 858 -24.68 -5.77 -8.27
C GLY B 858 -23.98 -4.45 -8.52
N PHE B 859 -23.27 -3.93 -7.51
CA PHE B 859 -22.56 -2.66 -7.65
C PHE B 859 -21.18 -2.70 -7.02
N PRO B 881 -25.81 3.81 -8.49
CA PRO B 881 -26.34 4.94 -7.73
C PRO B 881 -26.00 4.86 -6.25
N GLN B 882 -25.73 6.02 -5.64
CA GLN B 882 -25.38 6.05 -4.23
C GLN B 882 -26.54 5.73 -3.31
N ALA B 883 -27.78 5.82 -3.83
CA ALA B 883 -28.97 5.54 -3.03
C ALA B 883 -28.97 4.12 -2.49
N PHE B 884 -28.37 3.19 -3.23
CA PHE B 884 -28.29 1.82 -2.76
C PHE B 884 -27.37 1.75 -1.56
N LEU B 885 -26.29 2.51 -1.57
CA LEU B 885 -25.37 2.49 -0.45
C LEU B 885 -26.00 3.12 0.78
N PHE B 886 -26.88 4.11 0.58
CA PHE B 886 -27.54 4.70 1.74
C PHE B 886 -28.56 3.73 2.32
N MET B 887 -29.30 3.04 1.47
CA MET B 887 -30.24 2.09 2.04
C MET B 887 -29.50 0.86 2.57
N LEU B 888 -28.30 0.60 2.07
CA LEU B 888 -27.48 -0.49 2.60
C LEU B 888 -27.14 -0.20 4.06
N LEU B 889 -26.81 1.04 4.36
CA LEU B 889 -26.52 1.42 5.74
C LEU B 889 -27.77 1.29 6.59
N VAL B 890 -28.91 1.72 6.04
CA VAL B 890 -30.18 1.60 6.75
C VAL B 890 -30.52 0.14 6.98
N GLN B 891 -30.14 -0.72 6.03
CA GLN B 891 -30.44 -2.14 6.20
C GLN B 891 -29.61 -2.73 7.33
N PHE B 892 -28.40 -2.22 7.55
CA PHE B 892 -27.63 -2.71 8.68
C PHE B 892 -28.33 -2.31 9.97
N GLY B 893 -28.93 -1.12 9.97
CA GLY B 893 -29.67 -0.68 11.13
C GLY B 893 -30.87 -1.55 11.40
N THR B 894 -31.51 -2.05 10.34
CA THR B 894 -32.66 -2.92 10.53
C THR B 894 -32.23 -4.26 11.11
N MET B 895 -31.09 -4.76 10.66
CA MET B 895 -30.62 -6.05 11.15
C MET B 895 -30.22 -5.99 12.61
N VAL B 896 -29.67 -4.87 13.04
CA VAL B 896 -29.30 -4.85 14.46
C VAL B 896 -30.49 -4.52 15.33
N ILE B 897 -31.47 -3.75 14.85
CA ILE B 897 -32.55 -3.47 15.77
C ILE B 897 -33.53 -4.61 15.81
N ASP B 898 -33.71 -5.38 14.72
CA ASP B 898 -34.64 -6.48 14.89
C ASP B 898 -34.00 -7.62 15.66
N ARG B 899 -32.67 -7.68 15.65
CA ARG B 899 -32.01 -8.70 16.46
C ARG B 899 -32.17 -8.33 17.92
N ALA B 900 -32.10 -7.03 18.21
CA ALA B 900 -32.30 -6.57 19.58
C ALA B 900 -33.75 -6.75 19.97
N LEU B 901 -34.65 -6.60 19.01
CA LEU B 901 -36.07 -6.75 19.24
C LEU B 901 -36.43 -8.21 19.37
N TYR B 902 -35.55 -9.10 18.92
CA TYR B 902 -35.74 -10.53 19.00
C TYR B 902 -35.29 -11.07 20.34
N LEU B 903 -34.06 -10.74 20.74
CA LEU B 903 -33.52 -11.19 22.03
C LEU B 903 -34.39 -10.70 23.16
N ARG B 904 -34.70 -9.41 23.14
CA ARG B 904 -35.60 -8.81 24.10
C ARG B 904 -36.95 -9.16 23.47
N LYS B 905 -37.39 -10.39 23.73
CA LYS B 905 -38.60 -10.93 23.13
C LYS B 905 -39.85 -10.12 23.47
N THR B 906 -40.46 -9.62 22.41
CA THR B 906 -41.67 -8.80 22.48
C THR B 906 -42.31 -8.77 21.10
N VAL B 907 -43.63 -8.62 21.09
CA VAL B 907 -44.37 -8.59 19.84
C VAL B 907 -44.89 -7.20 19.51
N LEU B 908 -45.08 -6.35 20.52
CA LEU B 908 -45.58 -5.00 20.27
C LEU B 908 -44.55 -4.19 19.50
N GLY B 909 -43.30 -4.24 19.96
CA GLY B 909 -42.25 -3.49 19.30
C GLY B 909 -41.97 -4.02 17.92
N LYS B 910 -42.11 -5.33 17.72
CA LYS B 910 -41.88 -5.89 16.40
C LYS B 910 -42.96 -5.45 15.45
N LEU B 911 -44.22 -5.55 15.90
CA LEU B 911 -45.38 -5.13 15.12
C LEU B 911 -45.24 -3.70 14.67
N ALA B 912 -44.95 -2.80 15.61
CA ALA B 912 -44.76 -1.40 15.27
C ALA B 912 -43.57 -1.22 14.34
N PHE B 913 -42.58 -2.09 14.45
CA PHE B 913 -41.42 -1.96 13.58
C PHE B 913 -41.74 -2.28 12.13
N GLN B 914 -42.42 -3.39 11.84
CA GLN B 914 -42.66 -3.63 10.43
C GLN B 914 -43.73 -2.69 9.88
N VAL B 915 -44.60 -2.16 10.74
CA VAL B 915 -45.61 -1.22 10.27
C VAL B 915 -44.94 0.05 9.79
N VAL B 916 -43.94 0.52 10.52
CA VAL B 916 -43.24 1.71 10.06
C VAL B 916 -42.20 1.37 9.01
N LEU B 917 -41.99 0.10 8.73
CA LEU B 917 -40.98 -0.31 7.75
C LEU B 917 -41.54 -0.56 6.35
N VAL B 918 -42.72 -1.18 6.27
CA VAL B 918 -43.35 -1.51 5.00
C VAL B 918 -43.60 -0.26 4.18
N VAL B 919 -44.26 0.72 4.78
CA VAL B 919 -44.55 1.96 4.09
C VAL B 919 -43.28 2.75 3.79
N ALA B 920 -42.26 2.60 4.62
CA ALA B 920 -41.00 3.31 4.44
C ALA B 920 -40.30 2.88 3.16
N ILE B 921 -40.10 1.57 2.98
CA ILE B 921 -39.42 1.18 1.77
C ILE B 921 -40.34 1.25 0.56
N HIS B 922 -41.66 1.31 0.76
CA HIS B 922 -42.52 1.41 -0.40
C HIS B 922 -42.50 2.82 -0.97
N ILE B 923 -42.58 3.84 -0.11
CA ILE B 923 -42.52 5.19 -0.66
C ILE B 923 -41.10 5.48 -1.13
N TRP B 924 -40.11 4.82 -0.54
CA TRP B 924 -38.72 5.02 -0.96
C TRP B 924 -38.52 4.48 -2.36
N MET B 925 -39.01 3.28 -2.61
CA MET B 925 -38.85 2.70 -3.94
C MET B 925 -39.70 3.46 -4.95
N PHE B 926 -40.81 4.05 -4.50
CA PHE B 926 -41.63 4.84 -5.41
C PHE B 926 -40.95 6.14 -5.81
N PHE B 927 -40.12 6.70 -4.94
CA PHE B 927 -39.44 7.95 -5.29
C PHE B 927 -38.07 7.74 -5.90
N ILE B 928 -37.90 6.69 -6.70
CA ILE B 928 -36.64 6.42 -7.36
C ILE B 928 -36.87 6.27 -8.86
N GLN B 939 -31.53 -1.49 -15.48
CA GLN B 939 -31.25 -2.32 -14.31
C GLN B 939 -32.37 -2.32 -13.29
N ASN B 940 -33.61 -2.27 -13.76
CA ASN B 940 -34.73 -2.32 -12.84
C ASN B 940 -34.87 -3.71 -12.26
N ALA B 941 -34.41 -4.72 -13.00
CA ALA B 941 -34.50 -6.12 -12.57
C ALA B 941 -33.73 -6.37 -11.29
N VAL B 942 -32.59 -5.70 -11.09
CA VAL B 942 -31.82 -5.90 -9.87
C VAL B 942 -32.58 -5.35 -8.67
N ALA B 943 -33.09 -4.12 -8.79
CA ALA B 943 -33.83 -3.50 -7.70
C ALA B 943 -35.15 -4.23 -7.44
N GLN B 944 -35.79 -4.73 -8.50
CA GLN B 944 -37.03 -5.46 -8.26
C GLN B 944 -36.76 -6.81 -7.65
N LEU B 945 -35.60 -7.40 -7.96
CA LEU B 945 -35.23 -8.67 -7.34
C LEU B 945 -34.98 -8.45 -5.85
N TRP B 946 -34.36 -7.31 -5.55
CA TRP B 946 -34.11 -6.91 -4.19
C TRP B 946 -35.41 -6.71 -3.45
N TYR B 947 -36.41 -6.19 -4.15
CA TYR B 947 -37.71 -6.00 -3.55
C TYR B 947 -38.40 -7.32 -3.30
N PHE B 948 -38.14 -8.31 -4.15
CA PHE B 948 -38.79 -9.59 -3.96
C PHE B 948 -38.26 -10.31 -2.74
N VAL B 949 -36.94 -10.30 -2.54
CA VAL B 949 -36.46 -10.99 -1.36
C VAL B 949 -36.79 -10.18 -0.12
N LYS B 950 -36.96 -8.88 -0.25
CA LYS B 950 -37.31 -8.16 0.96
C LYS B 950 -38.80 -8.31 1.27
N CYS B 951 -39.64 -8.49 0.26
CA CYS B 951 -41.05 -8.68 0.58
C CYS B 951 -41.28 -10.05 1.18
N ILE B 952 -40.43 -11.03 0.81
CA ILE B 952 -40.58 -12.34 1.42
C ILE B 952 -40.10 -12.25 2.85
N TYR B 953 -39.23 -11.28 3.15
CA TYR B 953 -38.82 -11.06 4.53
C TYR B 953 -39.99 -10.54 5.35
N PHE B 954 -40.84 -9.72 4.73
CA PHE B 954 -41.99 -9.22 5.47
C PHE B 954 -42.98 -10.32 5.74
N ALA B 955 -43.09 -11.27 4.82
CA ALA B 955 -44.02 -12.38 5.03
C ALA B 955 -43.58 -13.23 6.20
N LEU B 956 -42.27 -13.44 6.33
CA LEU B 956 -41.77 -14.24 7.44
C LEU B 956 -41.90 -13.50 8.76
N SER B 957 -41.63 -12.20 8.75
CA SER B 957 -41.75 -11.42 9.98
C SER B 957 -43.18 -11.37 10.46
N ALA B 958 -44.11 -11.19 9.53
CA ALA B 958 -45.50 -11.13 9.88
C ALA B 958 -46.01 -12.48 10.36
N TYR B 959 -45.47 -13.56 9.80
CA TYR B 959 -45.88 -14.88 10.27
C TYR B 959 -45.37 -15.13 11.67
N GLN B 960 -44.18 -14.60 11.97
CA GLN B 960 -43.58 -14.73 13.28
C GLN B 960 -44.44 -14.05 14.33
N ILE B 961 -44.90 -12.84 14.06
CA ILE B 961 -45.72 -12.19 15.06
C ILE B 961 -47.14 -12.69 15.05
N ARG B 962 -47.55 -13.36 13.98
CA ARG B 962 -48.89 -13.89 13.98
C ARG B 962 -48.98 -15.11 14.88
N CYS B 963 -47.85 -15.79 15.09
CA CYS B 963 -47.85 -16.96 15.94
C CYS B 963 -47.33 -16.65 17.35
N GLY B 964 -46.21 -15.98 17.47
CA GLY B 964 -45.67 -15.65 18.78
C GLY B 964 -44.29 -16.24 18.99
N TYR B 965 -43.72 -15.91 20.13
CA TYR B 965 -42.38 -16.36 20.48
C TYR B 965 -42.41 -17.61 21.34
N PRO B 966 -41.43 -18.48 21.14
CA PRO B 966 -41.36 -19.71 21.93
C PRO B 966 -40.91 -19.49 23.36
N THR B 967 -40.70 -20.58 24.09
CA THR B 967 -40.30 -20.48 25.49
C THR B 967 -38.79 -20.55 25.69
N ARG B 968 -38.02 -21.00 24.72
CA ARG B 968 -36.56 -21.07 24.84
C ARG B 968 -35.99 -20.45 23.58
N ILE B 969 -35.70 -19.17 23.67
CA ILE B 969 -35.18 -18.45 22.52
C ILE B 969 -33.66 -18.47 22.42
N LEU B 970 -32.95 -18.70 23.51
CA LEU B 970 -31.50 -18.69 23.49
C LEU B 970 -30.94 -19.95 22.83
N GLY B 971 -29.62 -20.05 22.84
CA GLY B 971 -28.96 -21.18 22.24
C GLY B 971 -28.77 -20.94 20.76
N ASN B 972 -27.54 -21.03 20.28
CA ASN B 972 -27.25 -20.81 18.87
C ASN B 972 -27.85 -21.90 18.00
N PHE B 973 -28.22 -21.52 16.79
CA PHE B 973 -28.74 -22.53 15.90
C PHE B 973 -27.54 -23.24 15.29
N LEU B 974 -27.81 -24.32 14.55
CA LEU B 974 -26.82 -25.20 13.91
C LEU B 974 -25.80 -25.77 14.88
N THR B 975 -26.07 -25.74 16.17
CA THR B 975 -25.19 -26.26 17.21
C THR B 975 -25.96 -27.22 18.08
N LYS B 976 -26.79 -28.05 17.46
CA LYS B 976 -27.59 -29.00 18.21
C LYS B 976 -27.61 -30.39 17.64
N LYS B 977 -27.04 -30.64 16.46
CA LYS B 977 -27.10 -31.98 15.90
C LYS B 977 -25.77 -32.72 15.96
N TYR B 978 -24.65 -32.00 16.00
CA TYR B 978 -23.28 -32.53 16.09
C TYR B 978 -22.86 -33.40 14.92
N ASN B 979 -23.48 -33.28 13.74
CA ASN B 979 -23.02 -34.15 12.67
C ASN B 979 -21.86 -33.47 11.94
N HIS B 980 -21.47 -34.00 10.80
CA HIS B 980 -20.37 -33.39 10.11
C HIS B 980 -20.78 -32.13 9.36
N LEU B 981 -22.05 -32.07 8.96
CA LEU B 981 -22.52 -30.93 8.19
C LEU B 981 -22.52 -29.65 9.01
N ASN B 982 -23.18 -29.66 10.17
CA ASN B 982 -23.22 -28.43 10.96
C ASN B 982 -21.86 -28.05 11.51
N LEU B 983 -20.93 -28.99 11.63
CA LEU B 983 -19.59 -28.63 12.06
C LEU B 983 -18.89 -27.85 10.97
N PHE B 984 -18.96 -28.36 9.74
CA PHE B 984 -18.38 -27.69 8.60
C PHE B 984 -19.01 -26.32 8.39
N LEU B 985 -20.30 -26.26 8.63
CA LEU B 985 -21.01 -25.02 8.45
C LEU B 985 -20.74 -24.06 9.60
N PHE B 986 -20.41 -24.57 10.78
CA PHE B 986 -20.15 -23.69 11.92
C PHE B 986 -18.80 -23.00 11.78
N GLN B 987 -17.75 -23.76 11.46
CA GLN B 987 -16.47 -23.09 11.30
C GLN B 987 -16.48 -22.26 10.02
N GLY B 988 -17.31 -22.65 9.06
CA GLY B 988 -17.45 -21.86 7.86
C GLY B 988 -18.16 -20.56 8.17
N PHE B 989 -18.98 -20.57 9.22
CA PHE B 989 -19.66 -19.36 9.64
C PHE B 989 -18.70 -18.42 10.34
N ARG B 990 -17.77 -18.99 11.12
CA ARG B 990 -16.81 -18.13 11.80
C ARG B 990 -15.78 -17.53 10.88
N LEU B 991 -15.64 -18.03 9.65
CA LEU B 991 -14.68 -17.41 8.75
C LEU B 991 -15.16 -16.09 8.20
N VAL B 992 -16.42 -15.73 8.42
CA VAL B 992 -16.97 -14.44 7.97
C VAL B 992 -16.29 -13.35 8.80
N PRO B 993 -15.88 -12.23 8.20
CA PRO B 993 -15.14 -11.22 8.97
C PRO B 993 -15.83 -10.60 10.18
N PHE B 994 -17.15 -10.51 10.25
CA PHE B 994 -17.65 -9.86 11.47
C PHE B 994 -18.82 -10.50 12.16
N LEU B 995 -19.44 -11.54 11.62
CA LEU B 995 -20.59 -12.11 12.30
C LEU B 995 -20.22 -13.10 13.39
N VAL B 996 -19.29 -12.75 14.25
CA VAL B 996 -18.92 -13.61 15.36
C VAL B 996 -18.92 -12.67 16.54
N GLU B 997 -18.14 -11.61 16.38
CA GLU B 997 -18.03 -10.59 17.39
C GLU B 997 -19.28 -9.74 17.44
N LEU B 998 -19.93 -9.48 16.30
CA LEU B 998 -21.16 -8.70 16.31
C LEU B 998 -22.24 -9.45 17.06
N ARG B 999 -22.30 -10.74 16.84
CA ARG B 999 -23.27 -11.56 17.52
C ARG B 999 -22.98 -11.61 19.01
N ALA B 1000 -21.72 -11.71 19.38
CA ALA B 1000 -21.34 -11.81 20.78
C ALA B 1000 -21.61 -10.54 21.58
N VAL B 1001 -21.23 -9.39 21.04
CA VAL B 1001 -21.43 -8.16 21.81
C VAL B 1001 -22.90 -7.74 21.82
N MET B 1002 -23.61 -7.89 20.71
CA MET B 1002 -25.00 -7.49 20.70
C MET B 1002 -25.85 -8.42 21.53
N ASP B 1003 -25.47 -9.69 21.61
CA ASP B 1003 -26.20 -10.59 22.48
C ASP B 1003 -25.91 -10.25 23.92
N TRP B 1004 -24.76 -9.63 24.19
CA TRP B 1004 -24.46 -9.24 25.56
C TRP B 1004 -25.29 -8.04 25.97
N VAL B 1005 -25.42 -7.06 25.08
CA VAL B 1005 -26.16 -5.85 25.40
C VAL B 1005 -27.64 -6.13 25.59
N TRP B 1006 -28.23 -6.93 24.74
CA TRP B 1006 -29.67 -7.14 24.89
C TRP B 1006 -30.06 -8.36 25.69
N THR B 1007 -29.31 -8.69 26.73
CA THR B 1007 -29.66 -9.83 27.57
C THR B 1007 -29.32 -9.47 28.99
N ASP B 1008 -30.25 -9.74 29.90
CA ASP B 1008 -30.04 -9.43 31.31
C ASP B 1008 -29.02 -10.38 31.89
N THR B 1009 -27.77 -9.95 31.92
CA THR B 1009 -26.66 -10.71 32.45
C THR B 1009 -26.14 -10.00 33.67
N THR B 1010 -25.03 -10.47 34.19
CA THR B 1010 -24.45 -9.86 35.37
C THR B 1010 -22.95 -9.75 35.34
N LEU B 1011 -22.31 -10.08 34.24
CA LEU B 1011 -20.87 -10.01 34.14
C LEU B 1011 -20.50 -9.04 33.02
N SER B 1012 -19.27 -8.56 33.08
CA SER B 1012 -18.77 -7.58 32.12
C SER B 1012 -18.68 -8.17 30.73
N LEU B 1013 -18.32 -7.32 29.77
CA LEU B 1013 -18.22 -7.77 28.39
C LEU B 1013 -17.06 -8.71 28.19
N SER B 1014 -15.97 -8.53 28.92
CA SER B 1014 -14.82 -9.40 28.75
C SER B 1014 -15.15 -10.80 29.23
N ASN B 1015 -15.90 -10.91 30.31
CA ASN B 1015 -16.26 -12.23 30.80
C ASN B 1015 -17.26 -12.89 29.87
N TRP B 1016 -18.09 -12.08 29.21
CA TRP B 1016 -19.07 -12.60 28.28
C TRP B 1016 -18.39 -13.21 27.07
N MET B 1017 -17.41 -12.50 26.51
CA MET B 1017 -16.71 -13.04 25.35
C MET B 1017 -15.86 -14.21 25.72
N CYS B 1018 -15.42 -14.27 26.97
CA CYS B 1018 -14.64 -15.41 27.41
C CYS B 1018 -15.49 -16.67 27.43
N VAL B 1019 -16.73 -16.55 27.92
CA VAL B 1019 -17.64 -17.68 27.97
C VAL B 1019 -17.99 -18.18 26.59
N GLU B 1020 -18.36 -17.26 25.69
CA GLU B 1020 -18.71 -17.71 24.37
C GLU B 1020 -17.51 -18.23 23.59
N ASP B 1021 -16.30 -17.81 23.96
CA ASP B 1021 -15.15 -18.33 23.25
C ASP B 1021 -14.88 -19.77 23.61
N ILE B 1022 -14.99 -20.12 24.90
CA ILE B 1022 -14.76 -21.51 25.23
C ILE B 1022 -15.90 -22.37 24.73
N TYR B 1023 -17.07 -21.80 24.51
CA TYR B 1023 -18.15 -22.62 24.01
C TYR B 1023 -17.95 -22.92 22.54
N ALA B 1024 -17.35 -21.99 21.82
CA ALA B 1024 -17.14 -22.21 20.40
C ALA B 1024 -16.08 -23.28 20.16
N ASN B 1025 -14.94 -23.21 20.85
CA ASN B 1025 -13.97 -24.25 20.51
C ASN B 1025 -14.29 -25.60 21.11
N ILE B 1026 -15.02 -25.68 22.22
CA ILE B 1026 -15.29 -27.05 22.69
C ILE B 1026 -16.37 -27.66 21.82
N PHE B 1027 -17.18 -26.85 21.18
CA PHE B 1027 -18.16 -27.40 20.27
C PHE B 1027 -17.45 -27.97 19.06
N ILE B 1028 -16.37 -27.32 18.64
CA ILE B 1028 -15.59 -27.79 17.49
C ILE B 1028 -15.00 -29.16 17.79
N ILE B 1029 -14.36 -29.29 18.95
CA ILE B 1029 -13.78 -30.59 19.23
C ILE B 1029 -14.84 -31.61 19.58
N LYS B 1030 -16.03 -31.17 20.01
CA LYS B 1030 -17.09 -32.13 20.30
C LYS B 1030 -17.55 -32.82 19.03
N CYS B 1031 -17.74 -32.04 17.97
CA CYS B 1031 -18.15 -32.64 16.71
C CYS B 1031 -17.03 -33.50 16.15
N SER B 1032 -15.77 -33.17 16.45
CA SER B 1032 -14.69 -34.00 15.95
C SER B 1032 -14.69 -35.35 16.64
N ARG B 1033 -15.01 -35.39 17.94
CA ARG B 1033 -15.05 -36.66 18.63
C ARG B 1033 -16.22 -37.51 18.18
N GLU B 1034 -17.34 -36.86 17.85
CA GLU B 1034 -18.50 -37.63 17.42
C GLU B 1034 -18.29 -38.25 16.05
N THR B 1035 -17.72 -37.50 15.11
CA THR B 1035 -17.50 -38.07 13.78
C THR B 1035 -16.46 -39.16 13.80
N GLU B 1036 -15.46 -39.07 14.68
CA GLU B 1036 -14.51 -40.16 14.68
C GLU B 1036 -15.06 -41.37 15.41
N LYS B 1037 -15.94 -41.16 16.38
CA LYS B 1037 -16.51 -42.29 17.10
C LYS B 1037 -17.56 -42.99 16.25
N LYS B 1038 -18.16 -42.26 15.31
CA LYS B 1038 -19.17 -42.78 14.40
C LYS B 1038 -18.57 -43.89 13.56
N TYR B 1039 -17.63 -43.55 12.69
CA TYR B 1039 -16.97 -44.57 11.89
C TYR B 1039 -15.49 -44.52 12.23
N PRO B 1040 -15.03 -45.38 13.11
CA PRO B 1040 -13.64 -45.35 13.52
C PRO B 1040 -12.74 -46.16 12.63
N GLN B 1041 -11.48 -46.20 13.02
CA GLN B 1041 -10.41 -46.95 12.40
C GLN B 1041 -9.77 -47.74 13.51
N PRO B 1042 -9.21 -48.91 13.22
CA PRO B 1042 -8.57 -49.68 14.28
C PRO B 1042 -7.16 -49.19 14.52
N LYS B 1043 -6.60 -49.63 15.64
CA LYS B 1043 -5.24 -49.31 16.04
C LYS B 1043 -4.24 -49.76 15.00
N GLY B 1044 -3.44 -48.81 14.50
CA GLY B 1044 -2.45 -49.10 13.50
C GLY B 1044 -3.04 -48.88 12.14
N GLN B 1045 -2.73 -47.74 11.53
CA GLN B 1045 -3.24 -47.41 10.22
C GLN B 1045 -2.11 -46.79 9.43
N LYS B 1046 -2.44 -46.25 8.28
CA LYS B 1046 -1.41 -45.62 7.48
C LYS B 1046 -1.85 -44.30 6.91
N LYS B 1047 -3.11 -43.87 7.14
CA LYS B 1047 -3.67 -42.63 6.63
C LYS B 1047 -3.52 -42.61 5.10
N LYS B 1048 -4.34 -43.45 4.45
CA LYS B 1048 -4.34 -43.73 3.01
C LYS B 1048 -3.96 -42.57 2.10
N LYS B 1049 -2.95 -42.83 1.28
CA LYS B 1049 -2.27 -41.94 0.35
C LYS B 1049 -3.14 -40.97 -0.44
N ILE B 1050 -4.40 -41.32 -0.72
CA ILE B 1050 -5.24 -40.40 -1.47
C ILE B 1050 -5.57 -39.18 -0.62
N VAL B 1051 -5.64 -39.35 0.69
CA VAL B 1051 -5.91 -38.20 1.55
C VAL B 1051 -4.66 -37.34 1.64
N LYS B 1052 -3.50 -37.99 1.82
CA LYS B 1052 -2.23 -37.29 1.93
C LYS B 1052 -1.91 -36.54 0.65
N TYR B 1053 -2.14 -37.17 -0.50
CA TYR B 1053 -1.91 -36.50 -1.77
C TYR B 1053 -2.93 -35.41 -1.98
N GLY B 1054 -4.10 -35.57 -1.39
CA GLY B 1054 -5.13 -34.59 -1.53
C GLY B 1054 -4.89 -33.29 -0.82
N MET B 1055 -4.96 -33.29 0.51
CA MET B 1055 -4.78 -32.02 1.21
C MET B 1055 -3.33 -31.60 1.31
N GLY B 1056 -2.39 -32.52 1.30
CA GLY B 1056 -1.01 -32.12 1.39
C GLY B 1056 -0.54 -31.60 0.06
N GLY B 1057 -1.00 -32.24 -1.01
CA GLY B 1057 -0.60 -31.85 -2.34
C GLY B 1057 -1.13 -30.51 -2.78
N LEU B 1058 -2.20 -30.03 -2.17
CA LEU B 1058 -2.68 -28.74 -2.64
C LEU B 1058 -1.99 -27.59 -1.93
N ILE B 1059 -1.66 -27.74 -0.65
CA ILE B 1059 -1.01 -26.61 0.01
C ILE B 1059 0.44 -26.46 -0.38
N ILE B 1060 1.06 -27.48 -0.99
CA ILE B 1060 2.45 -27.27 -1.39
C ILE B 1060 2.48 -26.41 -2.64
N LEU B 1061 1.58 -26.67 -3.58
CA LEU B 1061 1.55 -25.86 -4.78
C LEU B 1061 0.98 -24.50 -4.49
N PHE B 1062 0.19 -24.40 -3.43
CA PHE B 1062 -0.42 -23.14 -3.03
C PHE B 1062 0.62 -22.10 -2.68
N LEU B 1063 1.39 -22.38 -1.63
CA LEU B 1063 2.38 -21.41 -1.21
C LEU B 1063 3.56 -21.31 -2.18
N ILE B 1064 3.85 -22.34 -2.99
CA ILE B 1064 4.94 -22.10 -3.91
C ILE B 1064 4.43 -21.23 -5.04
N ALA B 1065 3.11 -21.22 -5.25
CA ALA B 1065 2.56 -20.31 -6.25
C ALA B 1065 2.67 -18.90 -5.71
N ILE B 1066 2.51 -18.74 -4.40
CA ILE B 1066 2.66 -17.44 -3.74
C ILE B 1066 4.07 -16.91 -3.95
N ILE B 1067 5.04 -17.82 -4.05
CA ILE B 1067 6.38 -17.37 -4.30
C ILE B 1067 6.61 -17.13 -5.79
N TRP B 1068 5.94 -17.89 -6.65
CA TRP B 1068 6.23 -17.80 -8.08
C TRP B 1068 5.42 -16.82 -8.91
N PHE B 1069 4.06 -16.95 -8.97
CA PHE B 1069 3.37 -16.03 -9.87
C PHE B 1069 3.43 -14.52 -9.61
N PRO B 1070 3.75 -13.96 -8.43
CA PRO B 1070 3.87 -12.50 -8.38
C PRO B 1070 5.03 -11.97 -9.22
N LEU B 1071 5.97 -12.83 -9.58
CA LEU B 1071 7.04 -12.40 -10.48
C LEU B 1071 6.48 -12.14 -11.86
N LEU B 1072 5.56 -13.00 -12.32
CA LEU B 1072 4.98 -12.75 -13.62
C LEU B 1072 3.96 -11.62 -13.52
N PHE B 1073 3.40 -11.39 -12.32
CA PHE B 1073 2.49 -10.26 -12.17
C PHE B 1073 3.27 -8.98 -12.27
N MET B 1074 4.55 -9.04 -11.93
CA MET B 1074 5.43 -7.90 -12.09
C MET B 1074 5.84 -7.78 -13.55
N SER B 1075 5.76 -8.88 -14.30
CA SER B 1075 6.12 -8.89 -15.71
C SER B 1075 4.90 -9.00 -16.63
N GLY B 1082 7.45 -2.09 -28.79
CA GLY B 1082 7.35 -0.72 -29.24
C GLY B 1082 6.61 -0.56 -30.55
N VAL B 1083 6.12 0.65 -30.81
CA VAL B 1083 5.38 0.95 -32.03
C VAL B 1083 6.15 2.04 -32.76
N VAL B 1084 6.17 1.95 -34.10
CA VAL B 1084 6.86 2.91 -34.95
C VAL B 1084 6.30 4.31 -34.72
N ASN B 1085 7.18 5.32 -34.79
CA ASN B 1085 6.78 6.69 -34.53
C ASN B 1085 7.08 7.62 -35.70
N GLN B 1086 6.57 7.27 -36.88
CA GLN B 1086 6.70 8.02 -38.12
C GLN B 1086 6.31 9.49 -37.93
N PRO B 1087 7.09 10.45 -38.43
CA PRO B 1087 6.64 11.83 -38.34
C PRO B 1087 5.63 12.02 -39.46
N ILE B 1088 4.50 12.64 -39.16
CA ILE B 1088 3.50 12.83 -40.20
C ILE B 1088 3.70 14.14 -40.96
N ASP B 1089 4.54 15.03 -40.46
CA ASP B 1089 4.82 16.29 -41.13
C ASP B 1089 6.19 16.73 -40.67
N VAL B 1090 6.99 17.20 -41.61
CA VAL B 1090 8.34 17.69 -41.35
C VAL B 1090 8.38 19.10 -41.89
N THR B 1091 8.51 20.06 -41.00
CA THR B 1091 8.53 21.46 -41.38
C THR B 1091 9.91 22.04 -41.14
N VAL B 1092 10.49 22.64 -42.16
CA VAL B 1092 11.80 23.25 -42.08
C VAL B 1092 11.71 24.69 -42.56
N THR B 1093 12.54 25.54 -42.00
CA THR B 1093 12.58 26.95 -42.36
C THR B 1093 14.01 27.43 -42.30
N LEU B 1094 14.30 28.48 -43.07
CA LEU B 1094 15.61 29.11 -43.01
C LEU B 1094 15.35 30.60 -42.98
N LYS B 1095 15.77 31.22 -41.89
CA LYS B 1095 15.55 32.62 -41.61
C LYS B 1095 16.88 33.35 -41.41
N LEU B 1096 16.94 34.58 -41.89
CA LEU B 1096 18.10 35.45 -41.78
C LEU B 1096 17.78 36.53 -40.75
N GLY B 1097 18.42 36.45 -39.60
CA GLY B 1097 18.23 37.43 -38.53
C GLY B 1097 16.78 37.50 -38.09
N GLY B 1098 16.30 38.73 -37.93
CA GLY B 1098 14.92 38.98 -37.55
C GLY B 1098 14.03 39.26 -38.72
N TYR B 1099 14.53 39.13 -39.94
CA TYR B 1099 13.76 39.39 -41.12
C TYR B 1099 12.80 38.23 -41.37
N GLU B 1100 11.86 38.43 -42.28
CA GLU B 1100 10.88 37.39 -42.54
C GLU B 1100 11.54 36.20 -43.22
N PRO B 1101 11.17 34.97 -42.83
CA PRO B 1101 11.76 33.75 -43.39
C PRO B 1101 11.82 33.66 -44.89
N LEU B 1102 13.02 33.37 -45.38
CA LEU B 1102 13.27 33.26 -46.80
C LEU B 1102 12.61 32.02 -47.38
N PHE B 1103 12.72 30.93 -46.65
CA PHE B 1103 12.23 29.63 -47.06
C PHE B 1103 11.48 28.94 -45.93
N THR B 1104 10.40 28.27 -46.29
CA THR B 1104 9.55 27.48 -45.40
C THR B 1104 9.02 26.34 -46.22
N MET B 1105 8.94 25.15 -45.62
CA MET B 1105 8.43 23.99 -46.33
C MET B 1105 7.99 22.92 -45.35
N SER B 1106 6.80 22.38 -45.56
CA SER B 1106 6.23 21.32 -44.73
C SER B 1106 6.01 20.11 -45.63
N ALA B 1107 6.73 19.03 -45.35
CA ALA B 1107 6.62 17.81 -46.13
C ALA B 1107 5.71 16.82 -45.44
N GLN B 1108 4.74 16.30 -46.18
CA GLN B 1108 3.80 15.32 -45.66
C GLN B 1108 3.75 14.15 -46.64
N GLN B 1109 2.75 13.29 -46.50
CA GLN B 1109 2.60 12.14 -47.39
C GLN B 1109 2.40 12.58 -48.84
N PRO B 1110 3.06 11.93 -49.80
CA PRO B 1110 3.98 10.81 -49.61
C PRO B 1110 5.43 11.25 -49.67
N SER B 1111 5.73 12.51 -49.36
CA SER B 1111 7.13 12.95 -49.40
C SER B 1111 7.94 12.41 -48.23
N ILE B 1112 7.30 11.81 -47.25
CA ILE B 1112 7.96 11.20 -46.11
C ILE B 1112 7.97 9.73 -46.47
N VAL B 1113 9.05 9.28 -47.10
CA VAL B 1113 9.18 7.90 -47.57
C VAL B 1113 9.94 7.09 -46.52
N PRO B 1114 9.37 6.01 -45.99
CA PRO B 1114 10.08 5.19 -45.02
C PRO B 1114 11.16 4.38 -45.70
N PHE B 1115 12.16 3.97 -44.93
CA PHE B 1115 13.23 3.16 -45.53
C PHE B 1115 12.75 1.78 -45.93
N THR B 1116 13.27 1.31 -47.03
CA THR B 1116 13.07 -0.01 -47.57
C THR B 1116 14.30 -0.82 -47.17
N PRO B 1117 14.31 -2.14 -47.41
CA PRO B 1117 15.56 -2.89 -47.09
C PRO B 1117 16.76 -2.42 -47.92
N GLN B 1118 16.54 -1.87 -49.11
CA GLN B 1118 17.64 -1.31 -49.91
C GLN B 1118 18.26 -0.10 -49.23
N ALA B 1119 17.41 0.85 -48.80
CA ALA B 1119 17.89 2.07 -48.16
C ALA B 1119 18.64 1.75 -46.88
N TYR B 1120 18.19 0.73 -46.16
CA TYR B 1120 18.87 0.36 -44.93
C TYR B 1120 20.22 -0.26 -45.24
N GLU B 1121 20.30 -1.13 -46.24
CA GLU B 1121 21.59 -1.75 -46.53
C GLU B 1121 22.54 -0.77 -47.23
N GLU B 1122 22.03 0.16 -48.03
CA GLU B 1122 22.95 1.12 -48.66
C GLU B 1122 23.47 2.12 -47.64
N LEU B 1123 22.65 2.48 -46.64
CA LEU B 1123 23.16 3.39 -45.63
C LEU B 1123 24.15 2.64 -44.74
N SER B 1124 23.90 1.34 -44.55
CA SER B 1124 24.82 0.53 -43.76
C SER B 1124 26.13 0.38 -44.50
N GLN B 1125 26.08 0.31 -45.83
CA GLN B 1125 27.29 0.22 -46.64
C GLN B 1125 28.05 1.53 -46.60
N GLN B 1126 27.32 2.65 -46.59
CA GLN B 1126 27.94 3.96 -46.55
C GLN B 1126 28.60 4.23 -45.21
N PHE B 1127 28.10 3.62 -44.13
CA PHE B 1127 28.65 3.82 -42.80
C PHE B 1127 29.34 2.58 -42.26
N ASP B 1128 29.64 1.62 -43.12
CA ASP B 1128 30.29 0.38 -42.69
C ASP B 1128 31.68 0.52 -42.03
N PRO B 1129 32.62 1.37 -42.47
CA PRO B 1129 33.91 1.42 -41.75
C PRO B 1129 33.88 2.10 -40.40
N TYR B 1130 32.72 2.58 -39.96
CA TYR B 1130 32.58 3.31 -38.71
C TYR B 1130 31.76 2.48 -37.74
N PRO B 1131 32.39 1.89 -36.70
CA PRO B 1131 31.61 1.09 -35.75
C PRO B 1131 30.62 1.89 -34.93
N LEU B 1132 30.97 3.12 -34.56
CA LEU B 1132 30.07 3.97 -33.78
C LEU B 1132 28.79 4.26 -34.55
N ALA B 1133 28.92 4.59 -35.83
CA ALA B 1133 27.75 4.86 -36.67
C ALA B 1133 26.92 3.60 -36.86
N MET B 1134 27.58 2.44 -37.00
CA MET B 1134 26.84 1.20 -37.18
C MET B 1134 26.13 0.79 -35.90
N GLN B 1135 26.69 1.13 -34.74
CA GLN B 1135 26.01 0.83 -33.48
C GLN B 1135 24.76 1.66 -33.36
N PHE B 1136 24.79 2.87 -33.95
CA PHE B 1136 23.60 3.71 -33.94
C PHE B 1136 22.56 3.16 -34.90
N ILE B 1137 22.99 2.85 -36.13
CA ILE B 1137 22.10 2.35 -37.18
C ILE B 1137 21.47 1.02 -36.79
N SER B 1138 22.22 0.17 -36.09
CA SER B 1138 21.72 -1.13 -35.67
C SER B 1138 20.58 -1.02 -34.65
N GLN B 1139 20.45 0.13 -33.98
CA GLN B 1139 19.37 0.34 -33.03
C GLN B 1139 18.05 0.65 -33.70
N TYR B 1140 17.98 0.63 -35.02
CA TYR B 1140 16.78 0.96 -35.75
C TYR B 1140 16.47 -0.02 -36.87
N SER B 1141 15.20 -0.21 -37.08
CA SER B 1141 14.69 -1.04 -38.15
C SER B 1141 14.42 -0.13 -39.34
N PRO B 1142 14.25 -0.67 -40.56
CA PRO B 1142 13.97 0.22 -41.69
C PRO B 1142 12.64 0.97 -41.57
N GLU B 1143 11.70 0.44 -40.80
CA GLU B 1143 10.43 1.11 -40.60
C GLU B 1143 10.57 2.31 -39.68
N ASP B 1144 11.64 2.36 -38.87
CA ASP B 1144 11.89 3.46 -37.95
C ASP B 1144 12.59 4.64 -38.61
N ILE B 1145 13.00 4.51 -39.86
CA ILE B 1145 13.75 5.56 -40.55
C ILE B 1145 12.98 6.01 -41.78
N VAL B 1146 12.92 7.33 -41.99
CA VAL B 1146 12.28 7.91 -43.16
C VAL B 1146 13.22 8.90 -43.80
N THR B 1147 12.89 9.27 -45.03
CA THR B 1147 13.65 10.24 -45.79
C THR B 1147 12.70 11.37 -46.12
N ALA B 1148 12.90 12.51 -45.47
CA ALA B 1148 12.04 13.66 -45.71
C ALA B 1148 12.47 14.29 -47.03
N GLN B 1149 11.69 14.04 -48.07
CA GLN B 1149 11.97 14.59 -49.39
C GLN B 1149 11.36 15.99 -49.47
N ILE B 1150 12.00 16.94 -48.79
CA ILE B 1150 11.48 18.30 -48.75
C ILE B 1150 11.82 19.03 -50.03
N GLU B 1151 10.85 19.81 -50.52
CA GLU B 1151 11.02 20.57 -51.75
C GLU B 1151 11.91 21.78 -51.52
N GLY B 1152 12.78 22.04 -52.50
CA GLY B 1152 13.69 23.15 -52.38
C GLY B 1152 13.09 24.51 -52.62
N SER B 1153 12.06 24.59 -53.44
CA SER B 1153 11.41 25.87 -53.68
C SER B 1153 10.54 26.17 -52.48
N SER B 1154 10.55 27.43 -52.02
CA SER B 1154 9.78 27.81 -50.86
C SER B 1154 8.29 27.69 -51.13
N GLY B 1155 7.56 27.22 -50.13
CA GLY B 1155 6.12 27.06 -50.28
C GLY B 1155 5.41 28.38 -50.45
N ALA B 1156 5.73 29.35 -49.61
CA ALA B 1156 5.07 30.65 -49.67
C ALA B 1156 5.97 31.71 -50.29
N LEU B 1157 5.32 32.78 -50.72
CA LEU B 1157 6.02 33.92 -51.29
C LEU B 1157 6.70 34.67 -50.16
N TRP B 1158 7.75 35.39 -50.50
CA TRP B 1158 8.47 36.15 -49.49
C TRP B 1158 7.66 37.40 -49.18
N ARG B 1159 7.10 37.44 -47.96
CA ARG B 1159 6.22 38.51 -47.53
C ARG B 1159 6.92 39.67 -46.83
N ILE B 1160 8.21 39.87 -47.06
CA ILE B 1160 8.91 40.96 -46.40
C ILE B 1160 8.43 42.31 -46.93
N SER B 1161 8.41 43.29 -46.05
CA SER B 1161 8.05 44.61 -46.49
C SER B 1161 9.29 45.22 -47.13
N PRO B 1162 9.13 46.08 -48.13
CA PRO B 1162 10.29 46.68 -48.80
C PRO B 1162 11.21 47.52 -47.92
N PRO B 1163 10.76 48.21 -46.83
CA PRO B 1163 11.78 48.92 -46.03
C PRO B 1163 12.63 47.92 -45.29
N SER B 1164 12.05 46.77 -44.93
CA SER B 1164 12.83 45.74 -44.29
C SER B 1164 13.72 45.05 -45.32
N ARG B 1165 13.26 45.00 -46.58
CA ARG B 1165 14.06 44.40 -47.63
C ARG B 1165 15.30 45.25 -47.87
N ALA B 1166 15.10 46.57 -47.90
CA ALA B 1166 16.21 47.49 -48.06
C ALA B 1166 17.08 47.49 -46.82
N GLN B 1167 16.46 47.26 -45.66
CA GLN B 1167 17.21 47.23 -44.41
C GLN B 1167 18.17 46.06 -44.38
N MET B 1168 17.70 44.86 -44.75
CA MET B 1168 18.61 43.74 -44.70
C MET B 1168 19.65 43.81 -45.81
N LYS B 1169 19.35 44.48 -46.92
CA LYS B 1169 20.38 44.62 -47.96
C LYS B 1169 21.48 45.52 -47.42
N GLN B 1170 21.08 46.52 -46.66
CA GLN B 1170 22.03 47.42 -46.02
C GLN B 1170 22.80 46.72 -44.90
N GLU B 1171 22.14 45.83 -44.16
CA GLU B 1171 22.86 45.17 -43.08
C GLU B 1171 23.75 44.05 -43.58
N LEU B 1172 23.41 43.44 -44.71
CA LEU B 1172 24.28 42.41 -45.25
C LEU B 1172 25.52 43.04 -45.86
N TYR B 1173 25.35 44.18 -46.53
CA TYR B 1173 26.51 44.82 -47.13
C TYR B 1173 27.33 45.60 -46.12
N ASN B 1174 26.71 46.56 -45.42
CA ASN B 1174 27.42 47.45 -44.52
C ASN B 1174 27.26 47.18 -43.03
N GLY B 1175 26.68 46.05 -42.63
CA GLY B 1175 26.53 45.78 -41.21
C GLY B 1175 27.87 45.44 -40.57
N THR B 1176 28.10 45.99 -39.39
CA THR B 1176 29.36 45.77 -38.68
C THR B 1176 29.29 44.62 -37.67
N ALA B 1177 28.11 44.04 -37.45
CA ALA B 1177 27.96 42.94 -36.52
C ALA B 1177 27.61 41.67 -37.29
N ASP B 1178 27.58 40.56 -36.56
CA ASP B 1178 27.23 39.29 -37.15
C ASP B 1178 25.74 39.24 -37.43
N ILE B 1179 25.37 38.38 -38.37
CA ILE B 1179 23.97 38.19 -38.72
C ILE B 1179 23.73 36.69 -38.66
N THR B 1180 22.65 36.30 -37.99
CA THR B 1180 22.34 34.89 -37.79
C THR B 1180 21.49 34.32 -38.91
N LEU B 1181 21.94 33.20 -39.43
CA LEU B 1181 21.25 32.43 -40.46
C LEU B 1181 20.85 31.15 -39.72
N ARG B 1182 19.56 30.98 -39.49
CA ARG B 1182 19.03 29.85 -38.74
C ARG B 1182 18.26 28.88 -39.62
N PHE B 1183 18.55 27.60 -39.48
CA PHE B 1183 17.83 26.55 -40.20
C PHE B 1183 17.18 25.66 -39.15
N THR B 1184 15.86 25.63 -39.16
CA THR B 1184 15.10 24.85 -38.19
C THR B 1184 14.48 23.63 -38.83
N TRP B 1185 13.96 22.77 -37.96
CA TRP B 1185 13.28 21.54 -38.37
C TRP B 1185 12.34 21.18 -37.25
N ASN B 1186 11.09 20.87 -37.59
CA ASN B 1186 10.08 20.49 -36.61
C ASN B 1186 9.37 19.27 -37.14
N PHE B 1187 9.32 18.23 -36.32
CA PHE B 1187 8.73 16.95 -36.71
C PHE B 1187 7.49 16.70 -35.87
N GLN B 1188 6.34 16.55 -36.51
CA GLN B 1188 5.16 16.26 -35.73
C GLN B 1188 4.79 14.81 -35.89
N ARG B 1189 4.38 14.20 -34.79
CA ARG B 1189 4.03 12.81 -34.73
C ARG B 1189 2.56 12.70 -34.37
N ASP B 1190 1.98 11.55 -34.65
CA ASP B 1190 0.58 11.27 -34.34
C ASP B 1190 0.53 10.55 -33.00
N LEU B 1191 -0.06 11.22 -32.00
CA LEU B 1191 -0.13 10.66 -30.65
C LEU B 1191 -1.14 9.53 -30.51
N ALA B 1192 -2.02 9.32 -31.49
CA ALA B 1192 -2.96 8.21 -31.40
C ALA B 1192 -2.25 6.87 -31.57
N LYS B 1193 -1.07 6.88 -32.19
CA LYS B 1193 -0.24 5.71 -32.41
C LYS B 1193 0.64 5.44 -31.19
N GLY B 1194 0.66 6.36 -30.23
CA GLY B 1194 1.44 6.24 -29.03
C GLY B 1194 2.27 7.48 -28.78
N GLY B 1195 3.04 7.43 -27.70
CA GLY B 1195 3.89 8.53 -27.32
C GLY B 1195 3.15 9.62 -26.57
N THR B 1196 3.92 10.59 -26.09
CA THR B 1196 3.39 11.72 -25.33
C THR B 1196 3.79 13.08 -25.88
N VAL B 1197 4.87 13.20 -26.63
CA VAL B 1197 5.33 14.46 -27.18
C VAL B 1197 5.08 14.40 -28.68
N GLU B 1198 4.17 15.26 -29.17
CA GLU B 1198 3.88 15.23 -30.59
C GLU B 1198 4.91 15.97 -31.43
N TYR B 1199 5.49 17.06 -30.93
CA TYR B 1199 6.45 17.84 -31.69
C TYR B 1199 7.86 17.72 -31.12
N THR B 1200 8.80 17.34 -31.97
CA THR B 1200 10.20 17.27 -31.60
C THR B 1200 10.92 18.18 -32.59
N ASN B 1201 11.83 19.01 -32.08
CA ASN B 1201 12.49 19.99 -32.95
C ASN B 1201 13.83 20.42 -32.39
N GLU B 1202 14.57 21.14 -33.23
CA GLU B 1202 15.88 21.72 -32.95
C GLU B 1202 16.24 22.57 -34.16
N LYS B 1203 17.30 23.37 -34.02
CA LYS B 1203 17.75 24.26 -35.08
C LYS B 1203 19.26 24.24 -35.17
N HIS B 1204 19.77 24.80 -36.26
CA HIS B 1204 21.19 24.96 -36.51
C HIS B 1204 21.40 26.38 -36.98
N THR B 1205 22.31 27.09 -36.32
CA THR B 1205 22.56 28.48 -36.66
C THR B 1205 24.00 28.68 -37.10
N LEU B 1206 24.19 29.73 -37.89
CA LEU B 1206 25.49 30.14 -38.41
C LEU B 1206 25.56 31.64 -38.26
N GLU B 1207 26.68 32.15 -37.77
CA GLU B 1207 26.86 33.58 -37.60
C GLU B 1207 27.67 34.07 -38.79
N LEU B 1208 27.00 34.77 -39.70
CA LEU B 1208 27.70 35.29 -40.87
C LEU B 1208 28.47 36.53 -40.44
N ALA B 1209 29.79 36.44 -40.51
CA ALA B 1209 30.66 37.53 -40.13
C ALA B 1209 30.49 38.72 -41.07
N PRO B 1210 30.71 39.94 -40.58
CA PRO B 1210 30.59 41.11 -41.45
C PRO B 1210 31.69 41.11 -42.50
N ASN B 1211 31.33 41.58 -43.69
CA ASN B 1211 32.17 41.67 -44.88
C ASN B 1211 32.62 40.30 -45.41
N SER B 1212 31.98 39.22 -44.96
CA SER B 1212 32.36 37.91 -45.45
C SER B 1212 31.82 37.74 -46.87
N THR B 1213 32.44 36.80 -47.60
CA THR B 1213 32.09 36.57 -49.00
C THR B 1213 30.66 36.08 -49.19
N ALA B 1214 30.23 35.12 -48.37
CA ALA B 1214 28.88 34.60 -48.47
C ALA B 1214 27.83 35.65 -48.13
N ARG B 1215 28.15 36.54 -47.19
CA ARG B 1215 27.21 37.60 -46.80
C ARG B 1215 27.03 38.61 -47.92
N ARG B 1216 28.12 39.00 -48.56
CA ARG B 1216 28.01 39.97 -49.66
C ARG B 1216 27.36 39.35 -50.88
N GLN B 1217 27.62 38.06 -51.14
CA GLN B 1217 27.01 37.40 -52.29
C GLN B 1217 25.52 37.20 -52.06
N LEU B 1218 25.13 36.93 -50.81
CA LEU B 1218 23.72 36.79 -50.50
C LEU B 1218 23.04 38.14 -50.61
N ALA B 1219 23.78 39.22 -50.34
CA ALA B 1219 23.24 40.55 -50.51
C ALA B 1219 23.08 40.87 -51.99
N GLN B 1220 24.00 40.33 -52.79
CA GLN B 1220 23.99 40.50 -54.24
C GLN B 1220 22.79 39.81 -54.89
N LEU B 1221 22.23 38.78 -54.24
CA LEU B 1221 21.08 38.11 -54.81
C LEU B 1221 19.83 38.99 -54.85
N LEU B 1222 19.76 40.01 -54.00
CA LEU B 1222 18.61 40.92 -53.99
C LEU B 1222 18.57 41.81 -55.21
N GLU B 1223 19.67 41.89 -55.97
CA GLU B 1223 19.73 42.73 -57.14
C GLU B 1223 18.96 42.19 -58.33
N GLY B 1224 18.49 40.95 -58.28
CA GLY B 1224 17.67 40.44 -59.35
C GLY B 1224 18.31 39.69 -60.48
N ARG B 1225 19.58 39.35 -60.42
CA ARG B 1225 20.15 38.58 -61.52
C ARG B 1225 19.78 37.11 -61.30
N PRO B 1226 18.99 36.52 -62.20
CA PRO B 1226 18.53 35.13 -61.99
C PRO B 1226 19.60 34.06 -62.00
N ASP B 1227 20.69 34.28 -62.71
CA ASP B 1227 21.75 33.27 -62.76
C ASP B 1227 22.58 33.19 -61.49
N GLN B 1228 22.54 34.23 -60.64
CA GLN B 1228 23.36 34.25 -59.45
C GLN B 1228 22.83 33.39 -58.32
N SER B 1229 23.76 32.95 -57.47
CA SER B 1229 23.47 32.12 -56.31
C SER B 1229 24.60 32.29 -55.30
N VAL B 1230 24.38 31.75 -54.11
CA VAL B 1230 25.35 31.78 -53.04
C VAL B 1230 25.32 30.42 -52.38
N VAL B 1231 26.48 29.95 -51.93
CA VAL B 1231 26.60 28.66 -51.27
C VAL B 1231 26.97 28.90 -49.83
N ILE B 1232 26.15 28.40 -48.92
CA ILE B 1232 26.44 28.54 -47.50
C ILE B 1232 26.93 27.19 -47.02
N PRO B 1233 28.17 27.09 -46.58
CA PRO B 1233 28.68 25.79 -46.14
C PRO B 1233 28.20 25.39 -44.76
N HIS B 1234 28.04 24.09 -44.62
CA HIS B 1234 27.71 23.39 -43.39
C HIS B 1234 26.43 23.88 -42.69
N LEU B 1235 25.29 23.78 -43.36
CA LEU B 1235 24.06 24.16 -42.67
C LEU B 1235 22.94 23.15 -42.83
N PHE B 1236 23.12 22.08 -43.59
CA PHE B 1236 22.05 21.12 -43.73
C PHE B 1236 22.43 19.84 -43.01
N PRO B 1237 21.91 19.59 -41.84
CA PRO B 1237 22.21 18.35 -41.13
C PRO B 1237 21.33 17.27 -41.76
N LYS B 1238 21.95 16.36 -42.50
CA LYS B 1238 21.19 15.33 -43.19
C LYS B 1238 20.63 14.27 -42.24
N TYR B 1239 21.40 13.87 -41.24
CA TYR B 1239 20.97 12.82 -40.32
C TYR B 1239 20.56 13.41 -38.98
N ILE B 1240 19.28 13.26 -38.66
CA ILE B 1240 18.68 13.73 -37.42
C ILE B 1240 18.09 12.50 -36.75
N ARG B 1241 17.80 12.62 -35.47
CA ARG B 1241 17.19 11.55 -34.69
C ARG B 1241 15.98 12.16 -34.01
N ALA B 1242 14.81 11.55 -34.21
CA ALA B 1242 13.59 12.04 -33.59
C ALA B 1242 13.27 11.15 -32.40
N PRO B 1243 13.66 11.50 -31.19
CA PRO B 1243 13.38 10.64 -30.05
C PRO B 1243 11.99 10.88 -29.51
N ASN B 1244 11.69 10.27 -28.36
CA ASN B 1244 10.39 10.48 -27.76
C ASN B 1244 10.30 11.87 -27.14
N GLY B 1245 11.43 12.48 -26.81
CA GLY B 1245 11.45 13.80 -26.23
C GLY B 1245 11.23 14.88 -27.26
N PRO B 1246 11.21 16.12 -26.78
CA PRO B 1246 10.97 17.27 -27.68
C PRO B 1246 12.19 17.83 -28.38
N GLU B 1247 13.38 17.31 -28.14
CA GLU B 1247 14.59 17.83 -28.76
C GLU B 1247 15.13 16.81 -29.75
N ALA B 1248 15.16 17.17 -31.03
CA ALA B 1248 15.61 16.31 -32.11
C ALA B 1248 16.96 16.80 -32.64
N ASN B 1249 18.04 16.34 -32.01
CA ASN B 1249 19.39 16.72 -32.37
C ASN B 1249 19.89 15.93 -33.57
N PRO B 1250 20.86 16.48 -34.31
CA PRO B 1250 21.45 15.75 -35.43
C PRO B 1250 22.28 14.61 -34.87
N VAL B 1251 22.33 13.52 -35.63
CA VAL B 1251 23.03 12.31 -35.18
C VAL B 1251 24.53 12.57 -35.13
N LYS B 1252 25.08 12.60 -33.92
CA LYS B 1252 26.51 12.81 -33.71
C LYS B 1252 27.33 11.60 -34.16
N GLN B 1253 26.78 10.40 -34.05
CA GLN B 1253 27.54 9.22 -34.44
C GLN B 1253 27.70 9.11 -35.95
N LEU B 1254 26.82 9.76 -36.71
CA LEU B 1254 26.90 9.78 -38.16
C LEU B 1254 27.53 11.06 -38.66
N GLN B 1255 27.62 12.07 -37.80
CA GLN B 1255 28.23 13.37 -38.10
C GLN B 1255 29.14 13.70 -36.92
N PRO B 1256 30.28 12.99 -36.77
CA PRO B 1256 31.15 13.23 -35.60
C PRO B 1256 31.89 14.57 -35.61
N ASP B 1257 31.94 15.26 -36.74
CA ASP B 1257 32.58 16.56 -36.85
C ASP B 1257 31.41 17.49 -37.05
N GLU B 1258 30.47 17.42 -36.09
CA GLU B 1258 29.13 18.00 -36.03
C GLU B 1258 28.83 19.20 -36.92
N GLU B 1259 29.53 20.34 -36.85
CA GLU B 1259 29.13 21.36 -37.81
C GLU B 1259 29.76 21.10 -39.17
N GLU B 1260 31.02 20.72 -39.18
CA GLU B 1260 31.79 20.43 -40.39
C GLU B 1260 31.26 19.25 -41.20
N ASP B 1261 30.31 18.48 -40.66
CA ASP B 1261 29.73 17.37 -41.40
C ASP B 1261 28.38 17.72 -41.99
N TYR B 1262 27.90 18.95 -41.76
CA TYR B 1262 26.63 19.36 -42.33
C TYR B 1262 26.85 19.72 -43.79
N LEU B 1263 25.82 19.52 -44.60
CA LEU B 1263 25.95 19.76 -46.02
C LEU B 1263 25.82 21.23 -46.40
N GLY B 1264 26.53 21.61 -47.46
CA GLY B 1264 26.46 22.97 -47.96
C GLY B 1264 25.16 23.16 -48.73
N VAL B 1265 24.69 24.39 -48.77
CA VAL B 1265 23.42 24.70 -49.42
C VAL B 1265 23.56 25.88 -50.37
N ARG B 1266 23.05 25.72 -51.59
CA ARG B 1266 23.05 26.77 -52.60
C ARG B 1266 21.71 27.49 -52.54
N ILE B 1267 21.75 28.81 -52.38
CA ILE B 1267 20.55 29.63 -52.25
C ILE B 1267 20.36 30.50 -53.48
N GLN B 1268 19.12 30.59 -53.94
CA GLN B 1268 18.73 31.38 -55.09
C GLN B 1268 17.44 32.14 -54.81
N LEU B 1269 17.30 33.27 -55.49
CA LEU B 1269 16.13 34.13 -55.37
C LEU B 1269 15.37 34.11 -56.68
N ARG B 1270 14.15 33.60 -56.66
CA ARG B 1270 13.32 33.56 -57.84
C ARG B 1270 12.38 34.75 -57.86
N ARG B 1271 12.27 35.40 -59.01
CA ARG B 1271 11.44 36.58 -59.14
C ARG B 1271 10.57 36.50 -60.38
N GLU B 1272 9.35 37.01 -60.29
CA GLU B 1272 8.46 37.07 -61.44
C GLU B 1272 7.72 38.40 -61.41
N GLN B 1273 7.73 39.10 -62.53
CA GLN B 1273 7.08 40.39 -62.63
C GLN B 1273 5.56 40.27 -62.56
N VAL B 1274 4.96 41.28 -61.94
CA VAL B 1274 3.52 41.34 -61.76
C VAL B 1274 2.80 41.67 -63.06
N SER B 1288 9.48 45.55 -55.84
CA SER B 1288 8.06 45.64 -55.49
C SER B 1288 7.21 45.21 -56.65
N ASP B 1289 7.76 45.39 -57.83
CA ASP B 1289 7.10 45.05 -59.08
C ASP B 1289 7.27 43.58 -59.47
N PHE B 1290 8.03 42.80 -58.70
CA PHE B 1290 8.21 41.38 -58.98
C PHE B 1290 7.76 40.58 -57.77
N LEU B 1291 7.30 39.35 -58.00
CA LEU B 1291 6.92 38.45 -56.92
C LEU B 1291 8.16 37.66 -56.57
N GLU B 1292 8.50 37.58 -55.29
CA GLU B 1292 9.72 36.87 -54.91
C GLU B 1292 9.50 35.70 -53.97
N TRP B 1293 10.39 34.73 -54.09
CA TRP B 1293 10.44 33.54 -53.26
C TRP B 1293 11.84 32.95 -53.44
N TRP B 1294 12.33 32.33 -52.38
CA TRP B 1294 13.67 31.76 -52.36
C TRP B 1294 13.65 30.26 -52.66
N VAL B 1295 14.68 29.78 -53.38
CA VAL B 1295 14.80 28.38 -53.73
C VAL B 1295 16.10 27.86 -53.12
N ILE B 1296 16.02 26.73 -52.44
CA ILE B 1296 17.11 26.12 -51.69
C ILE B 1296 17.53 24.78 -52.28
N GLU B 1297 18.83 24.49 -52.25
CA GLU B 1297 19.31 23.19 -52.72
C GLU B 1297 20.72 22.90 -52.23
N LEU B 1298 20.94 21.62 -51.87
CA LEU B 1298 22.23 21.07 -51.47
C LEU B 1298 23.25 21.37 -52.56
N GLN B 1299 24.44 21.74 -52.11
CA GLN B 1299 25.53 22.14 -53.00
C GLN B 1299 25.93 21.02 -53.96
N ASP B 1300 25.93 19.78 -53.50
CA ASP B 1300 26.35 18.64 -54.30
C ASP B 1300 25.18 17.80 -54.79
N CYS B 1301 24.10 18.44 -55.23
CA CYS B 1301 22.96 17.69 -55.73
C CYS B 1301 23.29 17.14 -57.12
N LYS B 1302 22.85 15.91 -57.39
CA LYS B 1302 23.12 15.33 -58.70
C LYS B 1302 21.87 15.00 -59.50
N ALA B 1303 20.99 14.15 -58.98
CA ALA B 1303 19.81 13.75 -59.74
C ALA B 1303 18.57 14.57 -59.42
N ASP B 1304 18.33 14.90 -58.15
CA ASP B 1304 17.14 15.64 -57.77
C ASP B 1304 17.55 16.91 -57.04
N CYS B 1305 17.77 17.98 -57.80
CA CYS B 1305 18.16 19.28 -57.26
C CYS B 1305 16.96 20.12 -56.83
N ASN B 1306 15.76 19.57 -56.87
CA ASN B 1306 14.58 20.26 -56.37
C ASN B 1306 14.24 19.66 -55.03
N LEU B 1307 15.17 18.89 -54.50
CA LEU B 1307 14.98 18.02 -53.38
C LEU B 1307 16.12 18.01 -52.38
N LEU B 1308 15.78 18.06 -51.08
CA LEU B 1308 16.76 18.03 -50.00
C LEU B 1308 16.38 16.88 -49.09
N PRO B 1309 16.92 15.69 -49.31
CA PRO B 1309 16.56 14.52 -48.50
C PRO B 1309 17.11 14.55 -47.08
N MET B 1310 16.21 14.63 -46.12
CA MET B 1310 16.58 14.62 -44.71
C MET B 1310 16.26 13.23 -44.17
N VAL B 1311 17.28 12.54 -43.71
CA VAL B 1311 17.15 11.19 -43.19
C VAL B 1311 17.03 11.28 -41.68
N ILE B 1312 15.87 10.94 -41.14
CA ILE B 1312 15.73 11.00 -39.69
C ILE B 1312 15.38 9.61 -39.19
N PHE B 1313 15.79 9.33 -37.96
CA PHE B 1313 15.54 8.04 -37.35
C PHE B 1313 14.62 8.31 -36.16
N SER B 1314 13.55 7.55 -36.04
CA SER B 1314 12.61 7.74 -34.95
C SER B 1314 12.63 6.57 -33.98
N ASP B 1315 12.74 6.90 -32.69
CA ASP B 1315 12.72 5.87 -31.67
C ASP B 1315 11.29 5.35 -31.55
N LYS B 1316 11.15 4.09 -31.15
CA LYS B 1316 9.80 3.59 -31.00
C LYS B 1316 9.18 4.14 -29.73
N VAL B 1317 7.85 4.11 -29.68
CA VAL B 1317 7.17 4.64 -28.51
C VAL B 1317 7.20 3.65 -27.37
N SER B 1318 6.79 4.10 -26.20
CA SER B 1318 6.76 3.39 -24.92
C SER B 1318 5.32 3.36 -24.43
N PRO B 1319 4.98 2.72 -23.26
CA PRO B 1319 3.57 2.74 -22.82
C PRO B 1319 2.93 4.10 -22.58
N ILE B 1330 10.86 -0.78 -6.09
CA ILE B 1330 9.67 -1.49 -6.53
C ILE B 1330 9.83 -2.97 -6.15
N VAL B 1331 11.05 -3.49 -6.31
CA VAL B 1331 11.35 -4.87 -5.96
C VAL B 1331 11.26 -5.06 -4.45
N GLY B 1332 11.54 -3.99 -3.70
CA GLY B 1332 11.44 -4.03 -2.25
C GLY B 1332 10.03 -4.30 -1.77
N LEU B 1333 9.03 -3.97 -2.60
CA LEU B 1333 7.66 -4.27 -2.23
C LEU B 1333 7.41 -5.76 -2.34
N TYR B 1334 8.10 -6.42 -3.29
CA TYR B 1334 7.95 -7.85 -3.44
C TYR B 1334 8.53 -8.58 -2.23
N VAL B 1335 9.75 -8.23 -1.82
CA VAL B 1335 10.30 -8.92 -0.66
C VAL B 1335 9.57 -8.54 0.61
N SER B 1336 8.90 -7.38 0.63
CA SER B 1336 8.15 -6.99 1.81
C SER B 1336 6.94 -7.88 1.99
N ILE B 1337 6.14 -8.07 0.92
CA ILE B 1337 4.97 -8.92 1.05
C ILE B 1337 5.35 -10.39 1.20
N VAL B 1338 6.53 -10.79 0.72
CA VAL B 1338 6.92 -12.18 0.89
C VAL B 1338 7.25 -12.45 2.35
N LEU B 1339 7.98 -11.55 3.00
CA LEU B 1339 8.28 -11.81 4.40
C LEU B 1339 7.06 -11.61 5.29
N VAL B 1340 6.14 -10.72 4.91
CA VAL B 1340 4.96 -10.53 5.74
C VAL B 1340 4.04 -11.73 5.67
N VAL B 1341 3.72 -12.18 4.45
CA VAL B 1341 2.86 -13.35 4.29
C VAL B 1341 3.54 -14.58 4.87
N GLY B 1342 4.87 -14.65 4.74
CA GLY B 1342 5.61 -15.75 5.30
C GLY B 1342 5.54 -15.78 6.81
N LYS B 1343 5.43 -14.60 7.42
CA LYS B 1343 5.30 -14.55 8.87
C LYS B 1343 3.92 -15.00 9.28
N PHE B 1344 2.91 -14.65 8.49
CA PHE B 1344 1.55 -15.04 8.80
C PHE B 1344 1.36 -16.56 8.72
N VAL B 1345 1.88 -17.17 7.66
CA VAL B 1345 1.75 -18.62 7.55
C VAL B 1345 2.62 -19.30 8.58
N ARG B 1346 3.66 -18.62 9.07
CA ARG B 1346 4.44 -19.22 10.14
C ARG B 1346 3.59 -19.20 11.40
N GLY B 1347 2.76 -18.17 11.55
CA GLY B 1347 1.87 -18.07 12.67
C GLY B 1347 0.94 -19.26 12.76
N PHE B 1348 0.55 -19.81 11.62
CA PHE B 1348 -0.27 -21.01 11.66
C PHE B 1348 0.54 -22.22 12.07
N PHE B 1349 1.82 -22.28 11.72
CA PHE B 1349 2.62 -23.48 11.96
C PHE B 1349 3.78 -23.31 12.94
N SER B 1350 3.69 -22.44 13.94
CA SER B 1350 4.86 -22.35 14.80
C SER B 1350 4.65 -22.32 16.31
N GLU B 1351 3.46 -22.12 16.83
CA GLU B 1351 3.30 -22.13 18.28
C GLU B 1351 2.08 -22.95 18.64
N ILE B 1352 1.97 -24.11 18.01
CA ILE B 1352 0.85 -24.99 18.26
C ILE B 1352 1.06 -25.76 19.54
N SER B 1353 2.32 -25.94 19.93
CA SER B 1353 2.63 -26.69 21.14
C SER B 1353 2.11 -26.01 22.38
N HIS B 1354 1.95 -24.69 22.34
CA HIS B 1354 1.48 -23.96 23.50
C HIS B 1354 0.02 -24.29 23.79
N SER B 1355 -0.80 -24.38 22.76
CA SER B 1355 -2.20 -24.67 22.98
C SER B 1355 -2.51 -26.15 22.87
N ILE B 1356 -1.79 -27.00 23.58
CA ILE B 1356 -2.12 -28.42 23.51
C ILE B 1356 -3.09 -28.78 24.60
N MET B 1357 -2.86 -28.23 25.79
CA MET B 1357 -3.71 -28.49 26.95
C MET B 1357 -5.14 -28.01 26.78
N PHE B 1358 -5.44 -27.26 25.74
CA PHE B 1358 -6.77 -26.76 25.48
C PHE B 1358 -7.35 -27.30 24.19
N GLU B 1359 -6.64 -28.17 23.48
CA GLU B 1359 -7.14 -28.70 22.22
C GLU B 1359 -7.10 -30.20 22.11
N GLU B 1360 -6.73 -30.92 23.16
CA GLU B 1360 -6.68 -32.37 23.05
C GLU B 1360 -7.54 -33.01 24.11
N LEU B 1361 -8.77 -32.57 24.21
CA LEU B 1361 -9.51 -33.22 25.27
C LEU B 1361 -10.16 -34.49 24.73
N PRO B 1362 -10.14 -35.58 25.51
CA PRO B 1362 -10.77 -36.82 25.05
C PRO B 1362 -12.27 -36.71 24.94
N CYS B 1363 -12.94 -36.40 26.05
CA CYS B 1363 -14.38 -36.25 26.06
C CYS B 1363 -14.70 -34.99 26.84
N VAL B 1364 -15.67 -34.23 26.37
CA VAL B 1364 -16.03 -32.97 27.00
C VAL B 1364 -17.49 -32.87 27.37
N ASP B 1365 -18.13 -34.00 27.63
CA ASP B 1365 -19.55 -33.99 27.96
C ASP B 1365 -19.83 -33.27 29.26
N ARG B 1366 -18.90 -33.32 30.20
CA ARG B 1366 -19.11 -32.64 31.47
C ARG B 1366 -19.05 -31.13 31.31
N ILE B 1367 -18.05 -30.62 30.60
CA ILE B 1367 -17.99 -29.16 30.46
C ILE B 1367 -19.01 -28.67 29.45
N LEU B 1368 -19.39 -29.50 28.47
CA LEU B 1368 -20.39 -29.04 27.52
C LEU B 1368 -21.75 -28.97 28.20
N LYS B 1369 -22.02 -29.90 29.10
CA LYS B 1369 -23.27 -29.85 29.83
C LYS B 1369 -23.26 -28.65 30.75
N LEU B 1370 -22.10 -28.31 31.30
CA LEU B 1370 -21.98 -27.15 32.16
C LEU B 1370 -22.24 -25.86 31.39
N CYS B 1371 -21.64 -25.73 30.22
CA CYS B 1371 -21.79 -24.50 29.45
C CYS B 1371 -23.21 -24.32 28.96
N GLN B 1372 -23.87 -25.39 28.52
CA GLN B 1372 -25.25 -25.20 28.08
C GLN B 1372 -26.14 -24.94 29.27
N ASP B 1373 -25.73 -25.36 30.47
CA ASP B 1373 -26.49 -25.06 31.65
C ASP B 1373 -26.36 -23.59 31.99
N ILE B 1374 -25.25 -22.97 31.65
CA ILE B 1374 -25.12 -21.55 31.96
C ILE B 1374 -25.97 -20.75 30.98
N PHE B 1375 -26.23 -21.28 29.78
CA PHE B 1375 -27.13 -20.58 28.87
C PHE B 1375 -28.56 -20.74 29.35
N LEU B 1376 -28.84 -21.89 29.94
CA LEU B 1376 -30.17 -22.18 30.48
C LEU B 1376 -30.49 -21.25 31.63
N VAL B 1377 -29.50 -20.92 32.46
CA VAL B 1377 -29.76 -20.01 33.56
C VAL B 1377 -29.89 -18.58 33.09
N ARG B 1378 -29.22 -18.22 31.99
CA ARG B 1378 -29.39 -16.87 31.48
C ARG B 1378 -30.69 -16.74 30.71
N GLU B 1379 -31.38 -17.84 30.46
CA GLU B 1379 -32.61 -17.77 29.73
C GLU B 1379 -33.84 -17.65 30.62
N THR B 1380 -33.81 -18.21 31.81
CA THR B 1380 -34.96 -18.13 32.70
C THR B 1380 -34.98 -16.87 33.52
N ARG B 1381 -34.05 -15.93 33.23
CA ARG B 1381 -33.88 -14.66 33.92
C ARG B 1381 -33.67 -14.82 35.42
N GLU B 1382 -33.22 -16.00 35.83
CA GLU B 1382 -32.96 -16.28 37.23
C GLU B 1382 -31.46 -16.16 37.40
N LEU B 1383 -31.03 -14.96 37.74
CA LEU B 1383 -29.62 -14.66 37.94
C LEU B 1383 -29.24 -15.03 39.36
N GLU B 1384 -28.12 -14.47 39.83
CA GLU B 1384 -27.52 -14.61 41.17
C GLU B 1384 -26.87 -15.97 41.35
N LEU B 1385 -27.13 -16.93 40.47
CA LEU B 1385 -26.47 -18.20 40.58
C LEU B 1385 -25.73 -18.52 39.31
N GLU B 1386 -25.89 -17.71 38.27
CA GLU B 1386 -25.13 -17.96 37.05
C GLU B 1386 -23.67 -17.67 37.33
N GLU B 1387 -23.39 -16.74 38.24
CA GLU B 1387 -22.01 -16.45 38.56
C GLU B 1387 -21.41 -17.55 39.40
N GLU B 1388 -22.24 -18.32 40.08
CA GLU B 1388 -21.74 -19.41 40.87
C GLU B 1388 -21.23 -20.51 39.95
N LEU B 1389 -22.02 -20.88 38.95
CA LEU B 1389 -21.48 -21.90 38.07
C LEU B 1389 -20.49 -21.31 37.08
N TYR B 1390 -20.52 -19.99 36.88
CA TYR B 1390 -19.51 -19.36 36.03
C TYR B 1390 -18.16 -19.41 36.70
N ALA B 1391 -18.14 -19.19 38.02
CA ALA B 1391 -16.90 -19.24 38.77
C ALA B 1391 -16.33 -20.65 38.74
N LYS B 1392 -17.20 -21.65 38.70
CA LYS B 1392 -16.75 -23.02 38.61
C LYS B 1392 -16.09 -23.27 37.27
N LEU B 1393 -16.57 -22.59 36.25
CA LEU B 1393 -16.02 -22.74 34.92
C LEU B 1393 -14.65 -22.09 34.82
N ILE B 1394 -14.52 -20.87 35.32
CA ILE B 1394 -13.27 -20.13 35.29
C ILE B 1394 -12.18 -20.92 36.00
N PHE B 1395 -12.53 -21.56 37.11
CA PHE B 1395 -11.54 -22.35 37.79
C PHE B 1395 -11.18 -23.58 36.97
N LEU B 1396 -12.08 -24.06 36.12
CA LEU B 1396 -11.72 -25.21 35.31
C LEU B 1396 -10.65 -24.82 34.31
N TYR B 1397 -10.71 -23.62 33.76
CA TYR B 1397 -9.65 -23.20 32.86
C TYR B 1397 -8.47 -22.60 33.60
N ARG B 1398 -8.54 -22.53 34.91
CA ARG B 1398 -7.46 -21.97 35.67
C ARG B 1398 -6.49 -23.02 36.17
N SER B 1399 -6.82 -24.28 36.04
CA SER B 1399 -5.89 -25.30 36.50
C SER B 1399 -6.00 -26.48 35.54
N PRO B 1400 -4.98 -26.74 34.73
CA PRO B 1400 -5.05 -27.85 33.78
C PRO B 1400 -5.15 -29.21 34.43
N GLU B 1401 -4.70 -29.36 35.69
CA GLU B 1401 -4.78 -30.65 36.35
C GLU B 1401 -6.22 -31.05 36.56
N THR B 1402 -7.09 -30.07 36.75
CA THR B 1402 -8.48 -30.40 36.90
C THR B 1402 -9.10 -30.70 35.55
N MET B 1403 -8.55 -30.12 34.47
CA MET B 1403 -9.08 -30.41 33.15
C MET B 1403 -8.87 -31.86 32.77
N ILE B 1404 -7.72 -32.42 33.15
CA ILE B 1404 -7.60 -33.83 32.84
C ILE B 1404 -8.32 -34.63 33.90
N LYS B 1405 -8.64 -34.02 35.05
CA LYS B 1405 -9.42 -34.74 36.05
C LYS B 1405 -10.83 -34.96 35.54
N TRP B 1406 -11.38 -33.97 34.83
CA TRP B 1406 -12.72 -34.15 34.29
C TRP B 1406 -12.71 -34.90 32.97
N THR B 1407 -12.03 -34.36 31.96
CA THR B 1407 -11.99 -34.98 30.65
C THR B 1407 -11.27 -36.32 30.69
N ARG B 1408 -12.03 -37.41 30.55
CA ARG B 1408 -11.44 -38.72 30.61
C ARG B 1408 -12.18 -39.76 29.80
N PRO C 1 77.52 -53.72 -19.95
CA PRO C 1 76.86 -53.22 -18.74
C PRO C 1 76.74 -51.69 -18.68
N ASN C 2 77.32 -50.98 -19.65
CA ASN C 2 77.25 -49.53 -19.83
C ASN C 2 77.57 -48.64 -18.63
N PRO C 3 78.85 -48.45 -18.27
CA PRO C 3 79.17 -47.54 -17.16
C PRO C 3 79.12 -46.07 -17.56
N ILE C 4 78.79 -45.78 -18.82
CA ILE C 4 78.74 -44.39 -19.28
C ILE C 4 77.66 -43.55 -18.60
N PRO C 5 76.38 -43.98 -18.52
CA PRO C 5 75.42 -43.11 -17.82
C PRO C 5 75.62 -43.18 -16.32
N ASN C 6 75.45 -42.04 -15.66
CA ASN C 6 75.65 -42.03 -14.21
C ASN C 6 74.43 -42.57 -13.47
N PHE C 7 73.32 -41.83 -13.49
CA PHE C 7 72.06 -42.19 -12.84
C PHE C 7 71.00 -41.16 -13.18
N ILE C 8 69.74 -41.58 -13.05
CA ILE C 8 68.59 -40.74 -13.31
C ILE C 8 67.62 -40.93 -12.14
N HIS C 9 66.95 -39.83 -11.75
CA HIS C 9 65.95 -39.60 -10.66
C HIS C 9 66.56 -39.36 -9.28
N CYS C 10 67.87 -39.16 -9.14
CA CYS C 10 68.52 -38.90 -7.86
C CYS C 10 68.46 -37.42 -7.49
N ARG C 11 69.33 -36.98 -6.55
CA ARG C 11 69.42 -35.58 -6.13
C ARG C 11 69.70 -34.71 -7.35
N SER C 12 68.94 -33.64 -7.51
CA SER C 12 68.90 -32.85 -8.73
C SER C 12 69.45 -31.41 -8.76
N TYR C 13 68.90 -30.67 -9.74
CA TYR C 13 69.10 -29.41 -10.45
C TYR C 13 69.85 -29.75 -11.71
N LEU C 14 70.33 -30.97 -11.76
CA LEU C 14 70.96 -31.51 -12.94
C LEU C 14 70.19 -32.75 -13.35
N ASP C 15 69.74 -33.52 -12.35
CA ASP C 15 68.94 -34.69 -12.65
C ASP C 15 67.57 -34.27 -13.15
N MET C 16 66.95 -33.27 -12.51
CA MET C 16 65.63 -32.85 -13.00
C MET C 16 65.76 -32.14 -14.33
N LEU C 17 66.92 -31.54 -14.60
CA LEU C 17 67.10 -30.90 -15.89
C LEU C 17 67.25 -31.94 -16.99
N LYS C 18 68.10 -32.96 -16.75
CA LYS C 18 68.23 -33.99 -17.77
C LYS C 18 66.97 -34.83 -17.86
N VAL C 19 66.20 -34.94 -16.79
CA VAL C 19 64.95 -35.68 -16.90
C VAL C 19 63.94 -34.87 -17.69
N ALA C 20 63.93 -33.54 -17.48
CA ALA C 20 63.03 -32.70 -18.24
C ALA C 20 63.44 -32.59 -19.72
N VAL C 21 64.67 -32.93 -20.06
CA VAL C 21 65.10 -32.85 -21.46
C VAL C 21 65.33 -34.21 -22.11
N PHE C 22 65.42 -35.30 -21.33
CA PHE C 22 65.54 -36.63 -21.89
C PHE C 22 64.21 -37.36 -21.76
N ARG C 23 63.25 -36.70 -21.15
CA ARG C 23 61.90 -37.19 -20.96
C ARG C 23 61.04 -35.94 -20.96
N TYR C 24 59.76 -36.11 -21.32
CA TYR C 24 58.69 -35.12 -21.40
C TYR C 24 58.88 -34.18 -22.59
N LEU C 25 60.04 -34.21 -23.26
CA LEU C 25 60.25 -33.37 -24.42
C LEU C 25 59.66 -34.04 -25.65
N PHE C 26 59.55 -35.36 -25.58
CA PHE C 26 59.01 -36.16 -26.66
C PHE C 26 57.56 -35.77 -26.90
N TRP C 27 56.86 -35.43 -25.82
CA TRP C 27 55.49 -34.98 -25.91
C TRP C 27 55.42 -33.52 -26.31
N LEU C 28 56.51 -32.77 -26.09
CA LEU C 28 56.52 -31.37 -26.50
C LEU C 28 56.61 -31.26 -28.00
N VAL C 29 57.30 -32.20 -28.65
CA VAL C 29 57.37 -32.16 -30.10
C VAL C 29 56.01 -32.50 -30.67
N LEU C 30 55.26 -33.36 -29.97
CA LEU C 30 53.90 -33.74 -30.33
C LEU C 30 52.98 -32.53 -30.37
N VAL C 31 53.00 -31.74 -29.28
CA VAL C 31 52.10 -30.60 -29.24
C VAL C 31 52.56 -29.49 -30.18
N VAL C 32 53.86 -29.34 -30.40
CA VAL C 32 54.24 -28.25 -31.31
C VAL C 32 53.97 -28.63 -32.76
N VAL C 33 54.01 -29.92 -33.12
CA VAL C 33 53.68 -30.24 -34.50
C VAL C 33 52.18 -30.12 -34.68
N PHE C 34 51.42 -30.27 -33.60
CA PHE C 34 49.98 -30.13 -33.70
C PHE C 34 49.60 -28.69 -33.96
N VAL C 35 50.16 -27.76 -33.18
CA VAL C 35 49.85 -26.36 -33.39
C VAL C 35 50.44 -25.87 -34.72
N ALA C 36 51.60 -26.40 -35.12
CA ALA C 36 52.19 -26.02 -36.41
C ALA C 36 51.33 -26.52 -37.55
N GLY C 37 50.66 -27.66 -37.35
CA GLY C 37 49.77 -28.18 -38.34
C GLY C 37 48.40 -27.59 -38.25
N ALA C 38 48.16 -26.71 -37.28
CA ALA C 38 46.85 -26.09 -37.10
C ALA C 38 46.92 -24.58 -36.95
N THR C 39 47.97 -23.93 -37.42
CA THR C 39 48.03 -22.47 -37.30
C THR C 39 47.40 -21.73 -38.48
N ARG C 40 47.89 -21.93 -39.70
CA ARG C 40 47.28 -21.15 -40.77
C ARG C 40 46.15 -21.88 -41.49
N ILE C 41 46.50 -22.65 -42.54
CA ILE C 41 45.65 -23.47 -43.42
C ILE C 41 46.64 -24.28 -44.27
N SER C 42 46.44 -25.58 -44.41
CA SER C 42 47.32 -26.40 -45.24
C SER C 42 46.75 -27.80 -45.41
N ILE C 43 47.08 -28.40 -46.55
CA ILE C 43 46.70 -29.79 -46.77
C ILE C 43 47.69 -30.63 -45.99
N PHE C 44 48.93 -30.13 -45.91
CA PHE C 44 49.96 -30.80 -45.13
C PHE C 44 49.67 -30.62 -43.65
N GLY C 45 48.81 -29.66 -43.30
CA GLY C 45 48.41 -29.49 -41.92
C GLY C 45 47.58 -30.69 -41.52
N LEU C 46 46.76 -31.19 -42.45
CA LEU C 46 46.00 -32.42 -42.19
C LEU C 46 46.96 -33.57 -42.02
N GLY C 47 47.99 -33.62 -42.88
CA GLY C 47 48.97 -34.67 -42.77
C GLY C 47 49.73 -34.59 -41.46
N TYR C 48 49.92 -33.37 -40.95
CA TYR C 48 50.59 -33.18 -39.67
C TYR C 48 49.76 -33.75 -38.53
N LEU C 49 48.48 -33.40 -38.49
CA LEU C 49 47.62 -33.87 -37.40
C LEU C 49 47.37 -35.37 -37.49
N LEU C 50 47.13 -35.89 -38.70
CA LEU C 50 46.87 -37.32 -38.86
C LEU C 50 48.09 -38.16 -38.51
N ALA C 51 49.27 -37.76 -38.97
CA ALA C 51 50.46 -38.52 -38.62
C ALA C 51 50.77 -38.37 -37.15
N CYS C 52 50.45 -37.21 -36.57
CA CYS C 52 50.66 -36.99 -35.14
C CYS C 52 49.77 -37.93 -34.34
N PHE C 53 48.56 -38.18 -34.83
CA PHE C 53 47.64 -39.11 -34.18
C PHE C 53 48.19 -40.51 -34.23
N TYR C 54 48.71 -40.89 -35.41
CA TYR C 54 49.29 -42.21 -35.62
C TYR C 54 50.47 -42.46 -34.70
N LEU C 55 51.22 -41.42 -34.37
CA LEU C 55 52.33 -41.64 -33.48
C LEU C 55 51.97 -41.38 -32.02
N LEU C 56 50.95 -40.55 -31.75
CA LEU C 56 50.55 -40.29 -30.38
C LEU C 56 49.91 -41.52 -29.76
N LEU C 57 49.11 -42.23 -30.55
CA LEU C 57 48.45 -43.42 -30.03
C LEU C 57 49.47 -44.52 -29.76
N PHE C 58 50.58 -44.51 -30.48
CA PHE C 58 51.62 -45.52 -30.31
C PHE C 58 52.90 -44.93 -29.73
N GLY C 59 52.80 -43.78 -29.06
CA GLY C 59 53.98 -43.13 -28.50
C GLY C 59 54.71 -43.95 -27.46
N THR C 60 53.97 -44.48 -26.49
CA THR C 60 54.59 -45.28 -25.44
C THR C 60 55.12 -46.59 -25.99
N THR C 61 54.40 -47.17 -26.96
CA THR C 61 54.81 -48.44 -27.54
C THR C 61 56.08 -48.31 -28.36
N LEU C 62 56.26 -47.19 -29.07
CA LEU C 62 57.48 -47.06 -29.87
C LEU C 62 58.71 -46.75 -29.04
N LEU C 63 58.56 -46.46 -27.75
CA LEU C 63 59.72 -46.17 -26.94
C LEU C 63 60.43 -47.41 -26.43
N GLN C 64 60.04 -48.59 -26.90
CA GLN C 64 60.70 -49.82 -26.52
C GLN C 64 61.26 -50.56 -27.71
N LYS C 65 61.02 -50.07 -28.92
CA LYS C 65 61.56 -50.74 -30.09
C LYS C 65 62.97 -50.25 -30.34
N ASP C 66 63.72 -51.03 -31.11
CA ASP C 66 65.08 -50.66 -31.43
C ASP C 66 65.08 -49.44 -32.33
N THR C 67 66.12 -48.62 -32.16
CA THR C 67 66.28 -47.43 -32.99
C THR C 67 66.44 -47.76 -34.46
N ARG C 68 66.72 -49.03 -34.80
CA ARG C 68 66.80 -49.47 -36.18
C ARG C 68 65.45 -49.26 -36.88
N ALA C 69 64.36 -49.42 -36.13
CA ALA C 69 63.04 -49.16 -36.65
C ALA C 69 62.52 -47.82 -36.20
N GLN C 70 63.00 -47.32 -35.06
CA GLN C 70 62.57 -46.02 -34.56
C GLN C 70 63.06 -44.90 -35.47
N LEU C 71 64.36 -44.92 -35.82
CA LEU C 71 64.94 -43.93 -36.73
C LEU C 71 64.20 -43.93 -38.05
N VAL C 72 63.85 -45.13 -38.52
CA VAL C 72 63.10 -45.27 -39.76
C VAL C 72 61.71 -44.66 -39.59
N LEU C 73 61.06 -44.95 -38.46
CA LEU C 73 59.75 -44.38 -38.19
C LEU C 73 59.82 -42.89 -37.92
N TRP C 74 61.00 -42.34 -37.66
CA TRP C 74 61.11 -40.92 -37.42
C TRP C 74 61.53 -40.17 -38.68
N ASP C 75 62.31 -40.82 -39.53
CA ASP C 75 62.76 -40.21 -40.77
C ASP C 75 61.60 -39.98 -41.72
N CYS C 76 60.52 -40.75 -41.56
CA CYS C 76 59.34 -40.52 -42.39
C CYS C 76 58.78 -39.13 -42.13
N LEU C 77 58.74 -38.75 -40.84
CA LEU C 77 58.27 -37.43 -40.47
C LEU C 77 59.27 -36.36 -40.89
N ILE C 78 60.56 -36.73 -40.88
CA ILE C 78 61.62 -35.81 -41.30
C ILE C 78 61.44 -35.43 -42.76
N LEU C 79 61.35 -36.46 -43.62
CA LEU C 79 61.18 -36.24 -45.05
C LEU C 79 59.86 -35.56 -45.33
N TYR C 80 58.82 -35.92 -44.57
CA TYR C 80 57.52 -35.28 -44.75
C TYR C 80 57.57 -33.82 -44.35
N ASN C 81 58.41 -33.48 -43.39
CA ASN C 81 58.51 -32.09 -42.96
C ASN C 81 59.22 -31.24 -44.00
N VAL C 82 60.32 -31.75 -44.57
CA VAL C 82 61.06 -30.97 -45.56
C VAL C 82 60.28 -30.83 -46.86
N THR C 83 59.49 -31.85 -47.21
CA THR C 83 58.71 -31.79 -48.45
C THR C 83 57.69 -30.66 -48.42
N VAL C 84 57.20 -30.27 -47.24
CA VAL C 84 56.25 -29.17 -47.16
C VAL C 84 56.93 -27.87 -47.56
N ILE C 85 58.20 -27.72 -47.19
CA ILE C 85 58.94 -26.51 -47.50
C ILE C 85 59.23 -26.41 -48.99
N ILE C 86 59.77 -27.48 -49.58
CA ILE C 86 60.08 -27.40 -51.01
C ILE C 86 58.83 -27.35 -51.87
N SER C 87 57.74 -27.99 -51.44
CA SER C 87 56.52 -27.93 -52.22
C SER C 87 55.91 -26.54 -52.16
N LYS C 88 55.96 -25.91 -50.97
CA LYS C 88 55.40 -24.58 -50.92
C LYS C 88 56.34 -23.57 -51.54
N ASN C 89 57.61 -23.90 -51.69
CA ASN C 89 58.54 -22.98 -52.34
C ASN C 89 58.27 -22.96 -53.84
N MET C 90 58.10 -24.14 -54.44
CA MET C 90 57.82 -24.18 -55.87
C MET C 90 56.43 -23.63 -56.16
N LEU C 91 55.46 -23.84 -55.26
CA LEU C 91 54.17 -23.25 -55.53
C LEU C 91 54.19 -21.76 -55.22
N SER C 92 55.16 -21.28 -54.44
CA SER C 92 55.26 -19.85 -54.18
C SER C 92 55.69 -19.13 -55.44
N LEU C 93 56.65 -19.73 -56.17
CA LEU C 93 57.07 -19.13 -57.43
C LEU C 93 55.96 -19.25 -58.46
N LEU C 94 55.13 -20.30 -58.37
CA LEU C 94 54.02 -20.41 -59.31
C LEU C 94 52.90 -19.44 -58.95
N SER C 95 52.76 -19.13 -57.66
CA SER C 95 51.72 -18.20 -57.22
C SER C 95 52.09 -16.77 -57.59
N CYS C 96 53.25 -16.32 -57.11
CA CYS C 96 53.72 -14.97 -57.37
C CYS C 96 54.15 -14.80 -58.83
N ILE C 144 55.33 -20.71 -42.48
CA ILE C 144 56.68 -21.21 -42.68
C ILE C 144 57.44 -21.19 -41.37
N ILE C 145 57.05 -20.24 -40.52
CA ILE C 145 57.68 -20.07 -39.22
C ILE C 145 57.41 -21.27 -38.33
N TRP C 146 56.15 -21.72 -38.31
CA TRP C 146 55.79 -22.87 -37.50
C TRP C 146 56.43 -24.14 -38.04
N ASP C 147 56.58 -24.24 -39.36
CA ASP C 147 57.21 -25.43 -39.91
C ASP C 147 58.69 -25.43 -39.58
N SER C 148 59.31 -24.25 -39.51
CA SER C 148 60.71 -24.17 -39.19
C SER C 148 60.97 -24.48 -37.72
N ILE C 149 60.16 -23.91 -36.83
CA ILE C 149 60.39 -24.18 -35.41
C ILE C 149 59.95 -25.58 -35.05
N CYS C 150 59.00 -26.17 -35.79
CA CYS C 150 58.65 -27.55 -35.46
C CYS C 150 59.74 -28.46 -35.98
N PHE C 151 60.40 -28.02 -37.06
CA PHE C 151 61.52 -28.76 -37.62
C PHE C 151 62.69 -28.75 -36.65
N PHE C 152 62.81 -27.66 -35.90
CA PHE C 152 63.90 -27.48 -34.94
C PHE C 152 63.87 -28.51 -33.81
N PHE C 153 62.68 -28.87 -33.33
CA PHE C 153 62.59 -29.77 -32.20
C PHE C 153 62.87 -31.24 -32.51
N LEU C 154 62.24 -31.80 -33.56
CA LEU C 154 62.40 -33.22 -33.82
C LEU C 154 63.83 -33.61 -34.20
N LEU C 155 64.66 -32.67 -34.66
CA LEU C 155 66.03 -33.05 -34.94
C LEU C 155 66.79 -33.19 -33.64
N LEU C 156 66.49 -32.30 -32.69
CA LEU C 156 67.13 -32.33 -31.38
C LEU C 156 66.81 -33.62 -30.67
N GLN C 157 65.53 -33.98 -30.60
CA GLN C 157 65.18 -35.22 -29.93
C GLN C 157 65.62 -36.44 -30.73
N ARG C 158 65.89 -36.26 -32.03
CA ARG C 158 66.38 -37.35 -32.86
C ARG C 158 67.76 -37.69 -32.30
N ARG C 159 68.55 -36.65 -32.06
CA ARG C 159 69.88 -36.78 -31.50
C ARG C 159 69.78 -37.34 -30.08
N ILE C 160 68.69 -37.03 -29.38
CA ILE C 160 68.50 -37.54 -28.03
C ILE C 160 68.19 -39.03 -28.03
N PHE C 161 67.67 -39.58 -29.13
CA PHE C 161 67.37 -41.01 -29.17
C PHE C 161 68.63 -41.86 -29.07
N LEU C 162 69.66 -41.52 -29.81
CA LEU C 162 70.89 -42.31 -29.77
C LEU C 162 71.89 -41.77 -28.75
N SER C 163 71.43 -41.57 -27.52
CA SER C 163 72.28 -41.09 -26.44
C SER C 163 72.32 -42.15 -25.36
N HIS C 164 73.46 -42.24 -24.68
CA HIS C 164 73.62 -43.22 -23.62
C HIS C 164 72.78 -42.86 -22.41
N TYR C 165 72.50 -41.57 -22.21
CA TYR C 165 71.65 -41.14 -21.11
C TYR C 165 70.23 -41.61 -21.37
N PHE C 166 69.83 -41.61 -22.65
CA PHE C 166 68.52 -42.09 -23.05
C PHE C 166 68.43 -43.60 -22.83
N LEU C 167 69.57 -44.29 -22.91
CA LEU C 167 69.59 -45.73 -22.65
C LEU C 167 69.37 -45.98 -21.17
N HIS C 168 69.83 -45.07 -20.31
CA HIS C 168 69.59 -45.21 -18.88
C HIS C 168 68.13 -45.01 -18.58
N VAL C 169 67.47 -44.11 -19.33
CA VAL C 169 66.05 -43.88 -19.14
C VAL C 169 65.23 -44.94 -19.85
N SER C 170 65.83 -45.67 -20.79
CA SER C 170 65.14 -46.70 -21.56
C SER C 170 64.67 -47.90 -20.74
N ALA C 171 65.06 -48.02 -19.48
CA ALA C 171 64.63 -49.18 -18.72
C ALA C 171 63.53 -48.94 -17.70
N ASP C 172 63.30 -47.69 -17.27
CA ASP C 172 62.27 -47.45 -16.25
C ASP C 172 60.88 -47.77 -16.79
N LEU C 173 60.64 -47.41 -18.05
CA LEU C 173 59.36 -47.67 -18.67
C LEU C 173 59.19 -49.15 -18.95
N LYS C 174 60.29 -49.88 -19.11
CA LYS C 174 60.20 -51.32 -19.31
C LYS C 174 59.74 -51.99 -18.02
N ALA C 175 60.29 -51.53 -16.90
CA ALA C 175 59.92 -52.06 -15.60
C ALA C 175 58.45 -51.76 -15.30
N THR C 176 58.02 -50.51 -15.53
CA THR C 176 56.63 -50.15 -15.30
C THR C 176 55.71 -50.87 -16.25
N ALA C 177 56.21 -51.28 -17.41
CA ALA C 177 55.39 -52.05 -18.34
C ALA C 177 55.19 -53.47 -17.82
N LEU C 178 56.05 -53.90 -16.90
CA LEU C 178 55.93 -55.21 -16.30
C LEU C 178 55.19 -55.19 -14.97
N GLN C 179 55.10 -54.03 -14.34
CA GLN C 179 54.46 -53.85 -13.03
C GLN C 179 52.94 -53.71 -13.07
N ALA C 180 52.25 -54.04 -14.17
CA ALA C 180 50.81 -53.84 -14.18
C ALA C 180 50.05 -54.91 -13.38
N SER C 181 50.60 -56.12 -13.28
CA SER C 181 49.93 -57.21 -12.59
C SER C 181 49.72 -56.92 -11.11
N ARG C 182 50.81 -56.74 -10.36
CA ARG C 182 50.69 -56.51 -8.93
C ARG C 182 50.07 -55.15 -8.62
N GLY C 183 50.26 -54.16 -9.50
CA GLY C 183 49.64 -52.86 -9.26
C GLY C 183 48.13 -52.96 -9.31
N PHE C 184 47.63 -53.76 -10.24
CA PHE C 184 46.20 -53.96 -10.34
C PHE C 184 45.70 -54.77 -9.16
N ALA C 185 46.52 -55.72 -8.69
CA ALA C 185 46.12 -56.55 -7.56
C ALA C 185 46.09 -55.75 -6.27
N LEU C 186 47.10 -54.89 -6.03
CA LEU C 186 47.11 -54.11 -4.80
C LEU C 186 46.00 -53.07 -4.82
N TYR C 187 45.63 -52.61 -6.01
CA TYR C 187 44.54 -51.65 -6.11
C TYR C 187 43.22 -52.33 -5.75
N ASN C 188 43.08 -53.60 -6.14
CA ASN C 188 41.89 -54.34 -5.79
C ASN C 188 41.88 -54.67 -4.31
N ALA C 189 43.06 -54.83 -3.72
CA ALA C 189 43.14 -55.12 -2.30
C ALA C 189 42.72 -53.91 -1.48
N ALA C 190 43.09 -52.71 -1.94
CA ALA C 190 42.71 -51.50 -1.23
C ALA C 190 41.21 -51.26 -1.31
N ASN C 191 40.62 -51.50 -2.49
CA ASN C 191 39.19 -51.29 -2.65
C ASN C 191 38.41 -52.30 -1.82
N LEU C 192 38.87 -53.56 -1.80
CA LEU C 192 38.20 -54.58 -1.03
C LEU C 192 38.28 -54.29 0.45
N LYS C 193 39.38 -53.68 0.88
CA LYS C 193 39.51 -53.32 2.28
C LYS C 193 38.55 -52.19 2.61
N SER C 194 38.27 -51.32 1.66
CA SER C 194 37.36 -50.21 1.91
C SER C 194 35.93 -50.69 2.09
N ILE C 195 35.45 -51.55 1.18
CA ILE C 195 34.08 -52.02 1.31
C ILE C 195 33.93 -52.93 2.51
N ASN C 196 34.97 -53.70 2.86
CA ASN C 196 34.88 -54.54 4.03
C ASN C 196 34.87 -53.70 5.28
N PHE C 197 35.46 -52.50 5.22
CA PHE C 197 35.45 -51.59 6.35
C PHE C 197 34.03 -51.07 6.59
N HIS C 198 33.33 -50.75 5.50
CA HIS C 198 31.96 -50.28 5.66
C HIS C 198 31.02 -51.37 6.12
N ARG C 199 31.39 -52.65 5.91
CA ARG C 199 30.54 -53.76 6.35
C ARG C 199 30.33 -53.73 7.86
N GLN C 200 31.42 -53.60 8.62
CA GLN C 200 31.22 -53.57 10.06
C GLN C 200 30.62 -52.25 10.50
N ILE C 201 30.79 -51.18 9.72
CA ILE C 201 30.20 -49.90 10.10
C ILE C 201 28.68 -50.00 10.10
N GLU C 202 28.12 -50.40 8.96
CA GLU C 202 26.67 -50.51 8.86
C GLU C 202 26.11 -51.60 9.75
N GLU C 203 26.83 -52.70 9.96
CA GLU C 203 26.24 -53.75 10.79
C GLU C 203 26.25 -53.37 12.26
N LYS C 204 27.19 -52.53 12.69
CA LYS C 204 27.17 -52.10 14.07
C LYS C 204 25.98 -51.20 14.32
N SER C 205 25.76 -50.25 13.40
CA SER C 205 24.63 -49.33 13.53
C SER C 205 23.31 -50.07 13.44
N LEU C 206 23.22 -51.05 12.54
CA LEU C 206 21.99 -51.81 12.38
C LEU C 206 21.69 -52.65 13.60
N ALA C 207 22.74 -53.25 14.20
CA ALA C 207 22.55 -54.07 15.38
C ALA C 207 22.09 -53.25 16.57
N GLN C 208 22.75 -52.11 16.81
CA GLN C 208 22.34 -51.28 17.94
C GLN C 208 20.98 -50.64 17.67
N LEU C 209 20.61 -50.46 16.41
CA LEU C 209 19.31 -49.90 16.06
C LEU C 209 18.20 -50.77 16.59
N LYS C 210 18.20 -52.04 16.21
CA LYS C 210 17.16 -52.91 16.72
C LYS C 210 17.35 -53.20 18.20
N ARG C 211 18.57 -53.01 18.71
CA ARG C 211 18.82 -53.25 20.13
C ARG C 211 18.07 -52.24 20.98
N GLN C 212 18.23 -50.95 20.67
CA GLN C 212 17.53 -49.94 21.44
C GLN C 212 16.03 -50.01 21.21
N MET C 213 15.61 -50.48 20.03
CA MET C 213 14.16 -50.61 19.85
C MET C 213 13.64 -51.79 20.66
N LYS C 214 14.50 -52.75 20.99
CA LYS C 214 14.05 -53.83 21.87
C LYS C 214 13.83 -53.26 23.25
N ARG C 215 14.64 -52.27 23.63
CA ARG C 215 14.45 -51.61 24.91
C ARG C 215 13.14 -50.86 24.93
N ILE C 216 12.77 -50.28 23.78
CA ILE C 216 11.52 -49.55 23.69
C ILE C 216 10.35 -50.50 23.82
N ARG C 217 10.45 -51.68 23.19
CA ARG C 217 9.38 -52.65 23.26
C ARG C 217 9.19 -53.16 24.68
N ALA C 218 10.29 -53.39 25.40
CA ALA C 218 10.20 -53.84 26.77
C ALA C 218 9.61 -52.76 27.65
N LYS C 219 9.99 -51.52 27.38
CA LYS C 219 9.45 -50.38 28.12
C LYS C 219 7.95 -50.25 27.85
N GLN C 220 7.52 -50.64 26.66
CA GLN C 220 6.11 -50.54 26.32
C GLN C 220 5.28 -51.60 27.03
N GLU C 221 5.68 -52.86 26.89
CA GLU C 221 4.93 -53.97 27.49
C GLU C 221 4.92 -53.89 29.00
N LYS C 222 5.93 -53.27 29.61
CA LYS C 222 5.89 -53.19 31.06
C LYS C 222 4.81 -52.23 31.51
N TYR C 223 4.41 -51.27 30.67
CA TYR C 223 3.34 -50.40 31.11
C TYR C 223 2.00 -51.08 30.95
N ARG C 224 1.81 -51.81 29.84
CA ARG C 224 0.52 -52.47 29.67
C ARG C 224 0.33 -53.61 30.67
N GLN C 225 1.41 -54.26 31.08
CA GLN C 225 1.27 -55.36 32.02
C GLN C 225 1.22 -54.89 33.47
N SER C 226 1.99 -53.87 33.82
CA SER C 226 1.93 -53.39 35.20
C SER C 226 0.64 -52.63 35.45
N GLN C 227 0.03 -52.06 34.42
CA GLN C 227 -1.21 -51.35 34.65
C GLN C 227 -2.42 -52.28 34.61
N ALA C 228 -2.50 -53.15 33.61
CA ALA C 228 -3.64 -54.07 33.54
C ALA C 228 -3.53 -55.15 34.61
N HIS C 267 -8.02 -47.00 17.71
CA HIS C 267 -6.95 -46.15 17.18
C HIS C 267 -6.86 -44.87 17.94
N ALA C 268 -7.92 -44.06 17.84
CA ALA C 268 -7.94 -42.80 18.55
C ALA C 268 -7.99 -42.99 20.06
N THR C 269 -8.47 -44.13 20.53
CA THR C 269 -8.51 -44.37 21.97
C THR C 269 -7.13 -44.59 22.54
N VAL C 270 -6.17 -45.02 21.73
CA VAL C 270 -4.85 -45.22 22.28
C VAL C 270 -4.04 -43.94 22.25
N ILE C 271 -4.40 -42.95 21.43
CA ILE C 271 -3.63 -41.72 21.43
C ILE C 271 -4.10 -40.79 22.53
N HIS C 272 -5.16 -41.14 23.22
CA HIS C 272 -5.65 -40.33 24.32
C HIS C 272 -5.42 -40.99 25.67
N SER C 273 -5.15 -42.29 25.70
CA SER C 273 -4.89 -43.00 26.93
C SER C 273 -3.52 -42.63 27.45
N GLY C 274 -3.44 -41.61 28.29
CA GLY C 274 -2.16 -41.17 28.78
C GLY C 274 -2.03 -40.74 30.23
N ASP C 275 -2.67 -41.40 31.19
CA ASP C 275 -2.60 -41.00 32.60
C ASP C 275 -1.17 -40.98 33.15
N TYR C 276 -1.06 -40.42 34.36
CA TYR C 276 0.19 -40.20 35.07
C TYR C 276 1.05 -41.44 35.31
N PHE C 277 0.54 -42.62 35.07
CA PHE C 277 1.33 -43.81 35.33
C PHE C 277 2.46 -43.99 34.44
N LEU C 278 2.94 -43.14 33.54
CA LEU C 278 4.10 -43.55 32.76
C LEU C 278 5.18 -42.49 32.78
N PHE C 279 5.38 -41.87 33.93
CA PHE C 279 6.41 -40.86 34.09
C PHE C 279 7.16 -41.06 35.40
N GLU C 280 7.26 -42.29 35.87
CA GLU C 280 7.90 -42.58 37.14
C GLU C 280 9.36 -42.94 36.97
N SER C 281 10.20 -42.33 37.79
CA SER C 281 11.62 -42.56 37.74
C SER C 281 12.24 -42.27 39.11
N UNK C 462 59.00 -62.38 -10.34
CA UNK C 462 58.39 -62.81 -9.09
C UNK C 462 59.44 -62.99 -8.01
N UNK C 463 60.54 -63.64 -8.37
CA UNK C 463 61.63 -63.87 -7.43
C UNK C 463 62.27 -62.57 -7.01
N UNK C 464 62.40 -61.62 -7.94
CA UNK C 464 62.97 -60.32 -7.63
C UNK C 464 62.06 -59.53 -6.71
N UNK C 465 60.75 -59.65 -6.93
CA UNK C 465 59.78 -58.96 -6.09
C UNK C 465 59.80 -59.51 -4.68
N UNK C 466 60.01 -60.83 -4.55
CA UNK C 466 60.08 -61.45 -3.24
C UNK C 466 61.34 -61.02 -2.51
N UNK C 467 62.45 -60.86 -3.25
CA UNK C 467 63.70 -60.41 -2.64
C UNK C 467 63.57 -58.99 -2.14
N UNK C 468 62.93 -58.14 -2.93
CA UNK C 468 62.71 -56.76 -2.52
C UNK C 468 61.71 -56.70 -1.39
N UNK C 469 60.79 -57.66 -1.35
CA UNK C 469 59.82 -57.70 -0.26
C UNK C 469 60.51 -58.10 1.02
N UNK C 470 61.37 -59.15 0.96
CA UNK C 470 62.09 -59.61 2.13
C UNK C 470 63.00 -58.53 2.71
N UNK C 471 63.49 -57.64 1.86
CA UNK C 471 64.32 -56.55 2.36
C UNK C 471 63.49 -55.48 3.05
N UNK C 472 62.21 -55.29 2.65
CA UNK C 472 61.39 -54.28 3.31
C UNK C 472 60.19 -54.89 4.04
N UNK C 473 59.21 -55.48 3.35
CA UNK C 473 58.04 -56.15 3.93
C UNK C 473 57.21 -55.44 5.00
N UNK C 474 57.45 -54.16 5.29
CA UNK C 474 56.69 -53.54 6.36
C UNK C 474 55.75 -52.45 5.90
N UNK C 475 56.24 -51.54 5.07
CA UNK C 475 55.39 -50.46 4.59
C UNK C 475 54.57 -50.89 3.39
N UNK C 476 55.13 -51.77 2.55
CA UNK C 476 54.44 -52.24 1.35
C UNK C 476 53.20 -53.05 1.71
N UNK C 477 53.29 -53.90 2.73
CA UNK C 477 52.14 -54.69 3.12
C UNK C 477 51.07 -53.81 3.76
N UNK C 478 51.52 -52.78 4.48
CA UNK C 478 50.58 -51.86 5.11
C UNK C 478 49.85 -51.04 4.05
N UNK C 479 50.54 -50.68 2.98
CA UNK C 479 49.90 -49.93 1.91
C UNK C 479 48.92 -50.80 1.16
N UNK C 480 49.21 -52.09 1.05
CA UNK C 480 48.33 -53.03 0.36
C UNK C 480 47.06 -53.26 1.16
N UNK C 481 57.94 -11.88 4.26
CA UNK C 481 58.53 -12.85 5.17
C UNK C 481 57.57 -13.16 6.30
N UNK C 482 56.55 -12.32 6.47
CA UNK C 482 55.57 -12.53 7.52
C UNK C 482 54.68 -13.74 7.21
N UNK C 483 53.96 -13.67 6.09
CA UNK C 483 53.09 -14.75 5.66
C UNK C 483 53.65 -15.48 4.43
N UNK C 484 54.98 -15.54 4.33
CA UNK C 484 55.62 -16.21 3.21
C UNK C 484 55.46 -17.72 3.32
N UNK C 485 55.93 -18.30 4.41
CA UNK C 485 55.83 -19.73 4.64
C UNK C 485 54.58 -20.10 5.41
N UNK C 486 53.73 -19.13 5.77
CA UNK C 486 52.51 -19.43 6.50
C UNK C 486 51.49 -20.10 5.61
N UNK C 487 51.04 -19.41 4.55
CA UNK C 487 50.08 -19.98 3.64
C UNK C 487 50.70 -21.02 2.71
N UNK C 488 52.02 -20.94 2.50
CA UNK C 488 52.68 -21.92 1.64
C UNK C 488 52.69 -23.29 2.28
N UNK C 489 52.97 -23.36 3.58
CA UNK C 489 52.97 -24.64 4.27
C UNK C 489 51.56 -25.12 4.50
N UNK C 490 50.60 -24.21 4.61
CA UNK C 490 49.21 -24.62 4.81
C UNK C 490 48.62 -25.20 3.54
N UNK C 491 48.94 -24.59 2.39
CA UNK C 491 48.43 -25.11 1.13
C UNK C 491 49.11 -26.41 0.75
N UNK C 492 50.41 -26.54 1.05
CA UNK C 492 51.11 -27.76 0.72
C UNK C 492 50.65 -28.90 1.61
N UNK C 493 50.33 -28.62 2.87
CA UNK C 493 49.87 -29.68 3.77
C UNK C 493 48.44 -30.07 3.43
N UNK C 494 47.61 -29.10 3.04
CA UNK C 494 46.22 -29.41 2.69
C UNK C 494 46.17 -30.19 1.39
N UNK C 495 47.12 -29.96 0.49
CA UNK C 495 47.15 -30.69 -0.76
C UNK C 495 47.74 -32.08 -0.55
N UNK C 496 48.70 -32.21 0.37
CA UNK C 496 49.29 -33.51 0.65
C UNK C 496 48.30 -34.45 1.31
N UNK C 497 47.30 -33.91 1.99
CA UNK C 497 46.30 -34.74 2.63
C UNK C 497 45.35 -35.35 1.62
N UNK C 498 45.19 -34.72 0.45
CA UNK C 498 44.27 -35.23 -0.54
C UNK C 498 44.88 -36.37 -1.37
N UNK C 499 46.12 -36.21 -1.83
CA UNK C 499 46.79 -37.19 -2.67
C UNK C 499 47.46 -38.32 -1.90
N UNK C 500 46.98 -38.64 -0.70
CA UNK C 500 47.60 -39.66 0.14
C UNK C 500 47.62 -41.05 -0.49
N UNK C 501 46.52 -41.47 -1.12
CA UNK C 501 46.48 -42.81 -1.71
C UNK C 501 47.40 -42.93 -2.92
N UNK C 502 47.45 -41.88 -3.74
CA UNK C 502 48.33 -41.95 -4.90
C UNK C 502 49.78 -41.76 -4.51
N UNK C 503 50.05 -40.99 -3.45
CA UNK C 503 51.43 -40.81 -3.02
C UNK C 503 51.98 -42.08 -2.41
N UNK C 504 51.13 -42.88 -1.79
CA UNK C 504 51.59 -44.12 -1.20
C UNK C 504 51.72 -45.21 -2.25
N UNK C 505 50.78 -45.27 -3.19
CA UNK C 505 50.84 -46.29 -4.23
C UNK C 505 51.96 -46.03 -5.21
N UNK C 506 52.34 -44.77 -5.41
CA UNK C 506 53.42 -44.50 -6.34
C UNK C 506 54.77 -44.81 -5.73
N UNK C 507 54.98 -44.38 -4.49
CA UNK C 507 56.26 -44.60 -3.82
C UNK C 507 56.53 -46.08 -3.60
N UNK C 508 55.49 -46.86 -3.30
CA UNK C 508 55.69 -48.29 -3.08
C UNK C 508 55.99 -49.00 -4.38
N UNK C 509 55.31 -48.61 -5.46
CA UNK C 509 55.57 -49.27 -6.74
C UNK C 509 56.89 -48.81 -7.35
N UNK C 510 57.35 -47.61 -6.99
CA UNK C 510 58.61 -47.12 -7.54
C UNK C 510 59.79 -47.88 -6.96
N UNK C 511 59.65 -48.37 -5.72
CA UNK C 511 60.72 -49.11 -5.09
C UNK C 511 60.95 -50.43 -5.80
N UNK C 512 59.89 -51.03 -6.34
CA UNK C 512 60.03 -52.28 -7.06
C UNK C 512 60.72 -52.10 -8.38
N UNK C 513 60.73 -50.87 -8.92
CA UNK C 513 61.38 -50.64 -10.20
C UNK C 513 62.89 -50.73 -10.08
N UNK C 514 63.45 -50.21 -8.98
CA UNK C 514 64.90 -50.27 -8.78
C UNK C 514 65.37 -51.70 -8.64
N UNK C 515 64.60 -52.52 -7.97
CA UNK C 515 64.97 -53.93 -7.83
C UNK C 515 64.79 -54.66 -9.15
N UNK C 516 63.77 -54.27 -9.92
CA UNK C 516 63.54 -54.92 -11.20
C UNK C 516 64.58 -54.47 -12.22
N UNK C 517 65.11 -53.25 -12.06
CA UNK C 517 66.13 -52.74 -12.96
C UNK C 517 67.45 -53.47 -12.81
N UNK C 518 67.69 -54.07 -11.65
CA UNK C 518 68.95 -54.79 -11.45
C UNK C 518 68.98 -56.07 -12.28
N UNK C 519 67.82 -56.68 -12.51
CA UNK C 519 67.81 -57.91 -13.31
C UNK C 519 67.94 -57.60 -14.79
N UNK C 520 67.24 -56.58 -15.26
CA UNK C 520 67.31 -56.22 -16.67
C UNK C 520 68.46 -55.26 -16.92
N PRO C 521 70.51 -46.87 -0.91
CA PRO C 521 70.81 -45.43 -0.87
C PRO C 521 70.31 -44.72 -2.11
N GLU C 522 69.99 -45.48 -3.16
CA GLU C 522 69.50 -44.97 -4.44
C GLU C 522 68.26 -44.12 -4.24
N LEU C 523 67.18 -44.78 -3.85
CA LEU C 523 65.92 -44.12 -3.61
C LEU C 523 65.87 -43.52 -2.22
N GLU C 524 66.69 -44.07 -1.32
CA GLU C 524 66.75 -43.63 0.06
C GLU C 524 67.27 -42.21 0.19
N GLU C 525 68.19 -41.79 -0.68
CA GLU C 525 68.74 -40.45 -0.60
C GLU C 525 68.17 -39.49 -1.62
N ALA C 526 67.33 -39.97 -2.54
CA ALA C 526 66.77 -39.09 -3.55
C ALA C 526 65.74 -38.15 -2.95
N GLU C 527 65.09 -38.56 -1.86
CA GLU C 527 64.09 -37.73 -1.19
C GLU C 527 64.70 -36.52 -0.50
N ARG C 528 66.00 -36.57 -0.22
CA ARG C 528 66.68 -35.47 0.44
C ARG C 528 66.64 -34.22 -0.41
N PHE C 529 66.76 -34.36 -1.72
CA PHE C 529 66.69 -33.18 -2.56
C PHE C 529 65.25 -32.71 -2.71
N GLU C 530 64.29 -33.59 -2.45
CA GLU C 530 62.89 -33.19 -2.56
C GLU C 530 62.52 -32.26 -1.41
N ALA C 531 63.09 -32.50 -0.24
CA ALA C 531 62.81 -31.65 0.91
C ALA C 531 63.79 -30.48 1.02
N GLN C 532 64.64 -30.28 0.01
CA GLN C 532 65.65 -29.23 0.01
C GLN C 532 65.07 -27.81 0.08
N GLN C 533 64.35 -27.39 -0.94
CA GLN C 533 63.75 -26.05 -0.96
C GLN C 533 62.28 -26.18 -0.59
N GLY C 534 61.94 -25.72 0.61
CA GLY C 534 60.57 -25.81 1.05
C GLY C 534 59.72 -24.58 0.77
N ARG C 535 59.96 -23.93 -0.34
CA ARG C 535 59.18 -22.73 -0.64
C ARG C 535 58.55 -22.76 -2.03
N THR C 536 59.27 -23.24 -3.04
CA THR C 536 58.75 -23.27 -4.40
C THR C 536 58.60 -24.69 -4.94
N LEU C 537 59.67 -25.49 -4.95
CA LEU C 537 59.57 -26.85 -5.46
C LEU C 537 58.73 -27.74 -4.57
N ARG C 538 58.77 -27.52 -3.25
CA ARG C 538 57.99 -28.36 -2.33
C ARG C 538 56.49 -28.15 -2.55
N LEU C 539 56.09 -26.96 -2.96
CA LEU C 539 54.69 -26.64 -3.23
C LEU C 539 54.29 -27.01 -4.65
N LEU C 540 55.15 -26.74 -5.63
CA LEU C 540 54.82 -27.03 -7.02
C LEU C 540 54.78 -28.53 -7.29
N ARG C 541 55.68 -29.31 -6.69
CA ARG C 541 55.65 -30.75 -6.90
C ARG C 541 54.41 -31.35 -6.25
N ALA C 542 53.99 -30.80 -5.12
CA ALA C 542 52.77 -31.29 -4.47
C ALA C 542 51.56 -30.93 -5.30
N GLY C 543 51.59 -29.77 -5.98
CA GLY C 543 50.49 -29.38 -6.83
C GLY C 543 50.38 -30.25 -8.07
N TYR C 544 51.53 -30.52 -8.71
CA TYR C 544 51.54 -31.37 -9.89
C TYR C 544 51.13 -32.79 -9.53
N GLN C 545 51.60 -33.28 -8.39
CA GLN C 545 51.22 -34.62 -7.97
C GLN C 545 49.77 -34.66 -7.58
N CYS C 546 49.21 -33.54 -7.10
CA CYS C 546 47.79 -33.52 -6.75
C CYS C 546 46.94 -33.57 -8.00
N VAL C 547 47.39 -32.91 -9.06
CA VAL C 547 46.67 -32.92 -10.33
C VAL C 547 46.77 -34.29 -10.96
N ALA C 548 47.97 -34.84 -11.03
CA ALA C 548 48.18 -36.15 -11.63
C ALA C 548 47.74 -37.29 -10.72
N ALA C 549 47.33 -37.01 -9.48
CA ALA C 549 46.87 -38.09 -8.60
C ALA C 549 45.57 -38.67 -9.12
N HIS C 550 44.72 -37.82 -9.66
CA HIS C 550 43.44 -38.23 -10.19
C HIS C 550 43.07 -37.23 -11.27
N SER C 551 43.20 -37.65 -12.51
CA SER C 551 42.89 -36.78 -13.62
C SER C 551 41.52 -37.05 -14.22
N GLU C 552 40.73 -37.92 -13.59
CA GLU C 552 39.40 -38.20 -14.12
C GLU C 552 38.48 -37.00 -13.96
N LEU C 553 38.39 -36.43 -12.75
CA LEU C 553 37.56 -35.24 -12.60
C LEU C 553 38.20 -34.05 -13.28
N LEU C 554 39.53 -34.10 -13.46
CA LEU C 554 40.20 -33.04 -14.19
C LEU C 554 39.81 -33.14 -15.65
N CYS C 555 39.80 -34.36 -16.18
CA CYS C 555 39.40 -34.48 -17.58
C CYS C 555 37.91 -34.23 -17.68
N TYR C 556 37.09 -34.65 -16.69
CA TYR C 556 35.66 -34.37 -16.77
C TYR C 556 35.36 -32.87 -16.70
N PHE C 557 36.26 -32.09 -16.11
CA PHE C 557 36.04 -30.66 -16.00
C PHE C 557 36.17 -29.95 -17.34
N ILE C 558 37.28 -30.19 -18.05
CA ILE C 558 37.53 -29.53 -19.33
C ILE C 558 36.52 -29.94 -20.40
N ILE C 559 35.88 -31.11 -20.26
CA ILE C 559 34.84 -31.56 -21.19
C ILE C 559 33.66 -30.60 -21.20
N ILE C 560 33.46 -29.85 -20.13
CA ILE C 560 32.36 -28.91 -20.04
C ILE C 560 32.80 -27.49 -20.36
N LEU C 561 33.99 -27.09 -19.90
CA LEU C 561 34.50 -25.73 -20.11
C LEU C 561 34.55 -25.37 -21.59
N ASN C 562 35.01 -26.30 -22.43
CA ASN C 562 35.03 -26.01 -23.86
C ASN C 562 33.61 -25.97 -24.41
N HIS C 563 32.73 -26.78 -23.84
CA HIS C 563 31.36 -26.80 -24.28
C HIS C 563 30.62 -25.55 -23.87
N MET C 564 31.02 -24.96 -22.73
CA MET C 564 30.37 -23.75 -22.26
C MET C 564 30.62 -22.56 -23.16
N VAL C 565 31.75 -22.53 -23.87
CA VAL C 565 32.03 -21.41 -24.76
C VAL C 565 31.64 -21.70 -26.20
N THR C 566 31.54 -22.97 -26.60
CA THR C 566 31.15 -23.29 -27.98
C THR C 566 29.64 -23.51 -28.07
N ALA C 567 29.14 -24.49 -27.33
CA ALA C 567 27.71 -24.86 -27.27
C ALA C 567 27.13 -25.18 -28.64
N SER C 568 27.91 -25.81 -29.49
CA SER C 568 27.40 -26.17 -30.80
C SER C 568 26.60 -27.47 -30.69
N ALA C 569 26.03 -27.89 -31.82
CA ALA C 569 25.28 -29.13 -31.83
C ALA C 569 26.19 -30.33 -31.65
N ALA C 570 27.44 -30.18 -32.04
CA ALA C 570 28.45 -31.22 -31.89
C ALA C 570 29.18 -31.12 -30.57
N SER C 571 28.82 -30.15 -29.75
CA SER C 571 29.45 -29.94 -28.46
C SER C 571 28.62 -30.48 -27.31
N LEU C 572 27.34 -30.72 -27.53
CA LEU C 572 26.43 -31.23 -26.52
C LEU C 572 26.45 -32.74 -26.42
N VAL C 573 26.79 -33.42 -27.52
CA VAL C 573 26.78 -34.88 -27.58
C VAL C 573 27.78 -35.54 -26.64
N LEU C 574 28.86 -34.85 -26.31
CA LEU C 574 29.83 -35.47 -25.42
C LEU C 574 29.46 -35.43 -23.94
N PRO C 575 29.12 -34.27 -23.31
CA PRO C 575 28.79 -34.33 -21.87
C PRO C 575 27.53 -35.11 -21.55
N VAL C 576 26.64 -35.29 -22.52
CA VAL C 576 25.44 -36.07 -22.27
C VAL C 576 25.82 -37.51 -21.96
N LEU C 577 26.72 -38.08 -22.75
CA LEU C 577 27.15 -39.44 -22.45
C LEU C 577 28.08 -39.45 -21.25
N VAL C 578 28.67 -38.31 -20.89
CA VAL C 578 29.50 -38.27 -19.69
C VAL C 578 28.63 -38.50 -18.48
N PHE C 579 27.50 -37.79 -18.42
CA PHE C 579 26.59 -37.94 -17.30
C PHE C 579 25.83 -39.26 -17.37
N LEU C 580 25.30 -39.60 -18.54
CA LEU C 580 24.54 -40.82 -18.70
C LEU C 580 25.36 -42.09 -18.75
N TRP C 581 26.67 -42.02 -18.95
CA TRP C 581 27.41 -43.28 -19.02
C TRP C 581 28.75 -43.29 -18.30
N ALA C 582 29.42 -42.16 -18.10
CA ALA C 582 30.70 -42.20 -17.41
C ALA C 582 30.49 -42.21 -15.90
N MET C 583 29.82 -41.19 -15.37
CA MET C 583 29.60 -41.16 -13.93
C MET C 583 28.34 -41.92 -13.55
N LEU C 584 28.20 -43.12 -14.04
CA LEU C 584 27.05 -43.95 -13.70
C LEU C 584 27.41 -45.42 -13.54
N THR C 585 28.44 -45.90 -14.21
CA THR C 585 28.86 -47.29 -14.10
C THR C 585 29.70 -47.44 -12.84
N ILE C 586 29.25 -48.30 -11.94
CA ILE C 586 29.89 -48.52 -10.64
C ILE C 586 31.36 -48.92 -10.57
N PRO C 587 32.00 -49.68 -11.51
CA PRO C 587 33.42 -49.96 -11.27
C PRO C 587 34.29 -48.74 -11.49
N ARG C 588 34.18 -48.17 -12.69
CA ARG C 588 34.91 -47.03 -13.22
C ARG C 588 34.34 -46.85 -14.61
N PRO C 589 34.53 -45.72 -15.29
CA PRO C 589 34.05 -45.62 -16.67
C PRO C 589 34.88 -46.52 -17.56
N SER C 590 34.19 -47.25 -18.44
CA SER C 590 34.78 -48.23 -19.33
C SER C 590 35.85 -47.64 -20.24
N LYS C 591 36.75 -48.53 -20.68
CA LYS C 591 37.80 -48.13 -21.60
C LYS C 591 37.22 -47.82 -22.95
N ARG C 592 36.06 -48.42 -23.26
CA ARG C 592 35.36 -48.16 -24.49
C ARG C 592 34.89 -46.71 -24.51
N PHE C 593 34.52 -46.20 -23.34
CA PHE C 593 34.10 -44.81 -23.22
C PHE C 593 35.26 -43.87 -23.48
N TRP C 594 36.45 -44.19 -22.96
CA TRP C 594 37.58 -43.31 -23.17
C TRP C 594 37.97 -43.28 -24.63
N MET C 595 37.98 -44.46 -25.28
CA MET C 595 38.30 -44.53 -26.69
C MET C 595 37.27 -43.80 -27.51
N THR C 596 36.01 -43.87 -27.09
CA THR C 596 34.93 -43.17 -27.78
C THR C 596 35.14 -41.68 -27.72
N ALA C 597 35.61 -41.20 -26.57
CA ALA C 597 35.85 -39.78 -26.41
C ALA C 597 37.01 -39.32 -27.27
N ILE C 598 38.07 -40.12 -27.36
CA ILE C 598 39.22 -39.77 -28.18
C ILE C 598 38.81 -39.70 -29.64
N VAL C 599 38.05 -40.70 -30.08
CA VAL C 599 37.57 -40.79 -31.46
C VAL C 599 36.66 -39.62 -31.79
N PHE C 600 35.80 -39.21 -30.86
CA PHE C 600 34.92 -38.11 -31.21
C PHE C 600 35.66 -36.77 -31.21
N THR C 601 36.65 -36.61 -30.34
CA THR C 601 37.38 -35.36 -30.30
C THR C 601 38.19 -35.13 -31.56
N GLU C 602 38.96 -36.13 -31.99
CA GLU C 602 39.73 -35.91 -33.19
C GLU C 602 38.86 -35.90 -34.44
N VAL C 603 37.68 -36.53 -34.44
CA VAL C 603 36.89 -36.48 -35.66
C VAL C 603 36.26 -35.09 -35.83
N MET C 604 35.81 -34.45 -34.74
CA MET C 604 35.24 -33.13 -34.99
C MET C 604 36.31 -32.07 -35.16
N VAL C 605 37.54 -32.33 -34.68
CA VAL C 605 38.53 -31.31 -34.93
C VAL C 605 38.98 -31.44 -36.39
N VAL C 606 38.87 -32.64 -36.97
CA VAL C 606 39.20 -32.82 -38.38
C VAL C 606 38.17 -32.11 -39.24
N THR C 607 36.89 -32.30 -38.92
CA THR C 607 35.83 -31.63 -39.68
C THR C 607 35.89 -30.12 -39.48
N LYS C 608 36.33 -29.67 -38.30
CA LYS C 608 36.44 -28.24 -38.08
C LYS C 608 37.57 -27.68 -38.91
N TYR C 609 38.66 -28.43 -39.06
CA TYR C 609 39.77 -27.94 -39.88
C TYR C 609 39.37 -27.93 -41.35
N LEU C 610 38.44 -28.79 -41.73
CA LEU C 610 37.94 -28.78 -43.10
C LEU C 610 37.16 -27.50 -43.35
N PHE C 611 36.31 -27.11 -42.41
CA PHE C 611 35.55 -25.89 -42.57
C PHE C 611 36.23 -24.74 -41.82
N TYR C 646 38.64 -22.10 -28.57
CA TYR C 646 37.75 -23.14 -29.02
C TYR C 646 38.59 -24.23 -29.68
N ILE C 647 39.43 -23.87 -30.66
CA ILE C 647 40.32 -24.85 -31.28
C ILE C 647 41.35 -25.28 -30.26
N LYS C 648 41.92 -24.29 -29.56
CA LYS C 648 42.89 -24.54 -28.52
C LYS C 648 42.24 -25.29 -27.37
N TYR C 649 40.95 -25.03 -27.13
CA TYR C 649 40.24 -25.74 -26.06
C TYR C 649 40.11 -27.20 -26.40
N ASP C 650 39.88 -27.50 -27.68
CA ASP C 650 39.80 -28.90 -28.09
C ASP C 650 41.16 -29.56 -27.99
N LEU C 651 42.23 -28.79 -28.21
CA LEU C 651 43.58 -29.32 -28.12
C LEU C 651 43.96 -29.67 -26.68
N VAL C 652 43.74 -28.73 -25.75
CA VAL C 652 44.07 -28.96 -24.35
C VAL C 652 43.20 -30.07 -23.79
N GLN C 653 41.96 -30.16 -24.26
CA GLN C 653 41.05 -31.21 -23.84
C GLN C 653 41.51 -32.57 -24.34
N LEU C 654 41.95 -32.63 -25.59
CA LEU C 654 42.42 -33.88 -26.18
C LEU C 654 43.67 -34.38 -25.47
N MET C 655 44.61 -33.48 -25.17
CA MET C 655 45.82 -33.89 -24.49
C MET C 655 45.56 -34.24 -23.04
N ALA C 656 44.59 -33.57 -22.41
CA ALA C 656 44.27 -33.88 -21.02
C ALA C 656 43.71 -35.29 -20.91
N LEU C 657 42.77 -35.59 -21.80
CA LEU C 657 42.16 -36.90 -21.80
C LEU C 657 43.15 -37.97 -22.23
N PHE C 658 44.04 -37.64 -23.14
CA PHE C 658 45.01 -38.65 -23.54
C PHE C 658 46.02 -38.88 -22.44
N PHE C 659 46.30 -37.85 -21.64
CA PHE C 659 47.21 -38.02 -20.53
C PHE C 659 46.58 -38.91 -19.48
N HIS C 660 45.26 -38.78 -19.32
CA HIS C 660 44.54 -39.63 -18.39
C HIS C 660 44.58 -41.06 -18.89
N ARG C 661 44.51 -41.24 -20.21
CA ARG C 661 44.61 -42.58 -20.77
C ARG C 661 45.99 -43.16 -20.52
N SER C 662 47.02 -42.31 -20.62
CA SER C 662 48.37 -42.73 -20.35
C SER C 662 48.51 -43.14 -18.90
N GLN C 663 47.83 -42.44 -18.01
CA GLN C 663 47.85 -42.78 -16.61
C GLN C 663 47.15 -44.10 -16.35
N LEU C 664 46.08 -44.37 -17.11
CA LEU C 664 45.36 -45.61 -16.92
C LEU C 664 46.17 -46.79 -17.43
N LEU C 665 46.91 -46.62 -18.53
CA LEU C 665 47.75 -47.70 -18.99
C LEU C 665 48.92 -47.88 -18.05
N CYS C 666 49.33 -46.81 -17.39
CA CYS C 666 50.47 -46.85 -16.47
C CYS C 666 50.16 -47.66 -15.22
N TYR C 667 48.91 -47.67 -14.75
CA TYR C 667 48.58 -48.39 -13.53
C TYR C 667 47.58 -49.52 -13.78
N GLY C 668 48.09 -50.65 -14.26
CA GLY C 668 47.36 -51.88 -14.47
C GLY C 668 45.93 -51.99 -14.97
N LEU C 669 45.40 -51.01 -15.70
CA LEU C 669 44.03 -51.17 -16.16
C LEU C 669 44.10 -51.78 -17.57
N TRP C 670 42.97 -51.71 -18.31
CA TRP C 670 42.71 -52.17 -19.65
C TRP C 670 42.65 -53.68 -19.73
N ASP C 671 42.36 -54.31 -18.60
CA ASP C 671 42.26 -55.76 -18.53
C ASP C 671 40.80 -56.18 -18.52
N PRO C 821 24.55 -56.37 -23.05
CA PRO C 821 24.15 -54.98 -23.25
C PRO C 821 23.41 -54.39 -22.05
N LEU C 822 22.16 -53.93 -22.27
CA LEU C 822 21.37 -53.35 -21.19
C LEU C 822 21.01 -54.37 -20.13
N GLN C 823 20.98 -55.65 -20.50
CA GLN C 823 20.67 -56.71 -19.56
C GLN C 823 21.74 -56.81 -18.48
N ARG C 824 22.98 -56.49 -18.83
CA ARG C 824 24.09 -56.50 -17.89
C ARG C 824 24.42 -55.09 -17.41
N PHE C 825 23.62 -54.11 -17.79
CA PHE C 825 23.84 -52.72 -17.43
C PHE C 825 22.90 -52.23 -16.34
N PHE C 826 21.60 -52.36 -16.55
CA PHE C 826 20.65 -51.90 -15.54
C PHE C 826 20.67 -52.83 -14.33
N HIS C 827 20.88 -54.13 -14.56
CA HIS C 827 20.94 -55.07 -13.45
C HIS C 827 22.19 -54.84 -12.63
N ASP C 828 23.24 -54.33 -13.27
CA ASP C 828 24.50 -54.06 -12.60
C ASP C 828 24.32 -52.98 -11.54
N ILE C 829 23.65 -51.89 -11.92
CA ILE C 829 23.45 -50.79 -10.99
C ILE C 829 22.46 -51.17 -9.91
N LEU C 830 21.42 -51.90 -10.28
CA LEU C 830 20.40 -52.24 -9.30
C LEU C 830 20.72 -53.46 -8.46
N HIS C 831 21.63 -54.33 -8.86
CA HIS C 831 21.89 -55.50 -8.04
C HIS C 831 23.37 -55.79 -7.86
N THR C 832 23.98 -55.13 -6.88
CA THR C 832 25.38 -55.29 -6.51
C THR C 832 25.51 -54.93 -5.04
N LYS C 833 26.18 -55.79 -4.28
CA LYS C 833 26.37 -55.57 -2.86
C LYS C 833 27.71 -54.91 -2.63
N TYR C 834 27.67 -53.71 -2.08
CA TYR C 834 28.85 -52.90 -1.80
C TYR C 834 28.41 -51.82 -0.80
N ARG C 835 29.27 -50.84 -0.57
CA ARG C 835 29.00 -49.78 0.41
C ARG C 835 28.15 -48.66 -0.18
N ALA C 836 27.00 -48.40 0.44
CA ALA C 836 26.18 -47.30 -0.02
C ALA C 836 26.69 -46.03 0.62
N ALA C 837 26.39 -45.85 1.93
CA ALA C 837 26.81 -44.78 2.84
C ALA C 837 27.06 -43.41 2.21
N THR C 838 26.12 -42.90 1.42
CA THR C 838 26.34 -41.64 0.71
C THR C 838 25.15 -40.68 0.83
N ASP C 839 24.78 -40.32 2.05
CA ASP C 839 23.69 -39.37 2.23
C ASP C 839 24.22 -37.99 1.86
N VAL C 840 24.22 -37.71 0.55
CA VAL C 840 24.70 -36.45 0.04
C VAL C 840 23.55 -35.57 -0.41
N TYR C 841 22.36 -35.80 0.15
CA TYR C 841 21.20 -35.01 -0.23
C TYR C 841 21.36 -33.57 0.17
N ALA C 842 22.00 -33.31 1.31
CA ALA C 842 22.20 -31.95 1.75
C ALA C 842 23.11 -31.20 0.80
N LEU C 843 24.09 -31.88 0.24
CA LEU C 843 24.99 -31.24 -0.68
C LEU C 843 24.32 -30.93 -2.00
N MET C 844 23.53 -31.87 -2.54
CA MET C 844 22.88 -31.55 -3.80
C MET C 844 21.75 -30.54 -3.59
N PHE C 845 21.19 -30.50 -2.38
CA PHE C 845 20.17 -29.50 -2.11
C PHE C 845 20.80 -28.13 -2.02
N LEU C 846 22.04 -28.06 -1.57
CA LEU C 846 22.71 -26.79 -1.53
C LEU C 846 23.04 -26.33 -2.94
N ALA C 847 23.26 -27.30 -3.83
CA ALA C 847 23.58 -27.00 -5.22
C ALA C 847 22.41 -26.34 -5.94
N ASP C 848 21.24 -26.95 -5.91
CA ASP C 848 20.16 -26.28 -6.63
C ASP C 848 19.60 -25.09 -5.87
N ILE C 849 19.87 -24.95 -4.58
CA ILE C 849 19.33 -23.76 -3.94
C ILE C 849 20.19 -22.55 -4.30
N VAL C 850 21.49 -22.76 -4.54
CA VAL C 850 22.30 -21.62 -4.97
C VAL C 850 22.00 -21.38 -6.44
N ASP C 851 21.53 -22.43 -7.13
CA ASP C 851 21.16 -22.31 -8.52
C ASP C 851 19.94 -21.41 -8.70
N ILE C 852 19.05 -21.36 -7.71
CA ILE C 852 17.92 -20.47 -7.92
C ILE C 852 18.22 -19.07 -7.43
N ILE C 853 19.11 -18.92 -6.44
CA ILE C 853 19.37 -17.56 -6.00
C ILE C 853 20.19 -16.79 -7.02
N ILE C 854 20.98 -17.47 -7.87
CA ILE C 854 21.76 -16.72 -8.83
C ILE C 854 20.88 -16.10 -9.92
N ILE C 855 19.79 -16.77 -10.30
CA ILE C 855 18.95 -16.16 -11.31
C ILE C 855 18.08 -15.11 -10.66
N ILE C 856 17.86 -15.20 -9.34
CA ILE C 856 17.09 -14.18 -8.66
C ILE C 856 17.85 -12.86 -8.63
N PHE C 857 19.12 -12.88 -8.19
CA PHE C 857 19.79 -11.58 -8.22
C PHE C 857 20.26 -11.23 -9.63
N GLY C 858 20.29 -12.19 -10.54
CA GLY C 858 20.66 -11.85 -11.89
C GLY C 858 19.56 -11.13 -12.62
N PHE C 859 18.31 -11.31 -12.20
CA PHE C 859 17.18 -10.66 -12.84
C PHE C 859 16.17 -10.13 -11.81
N PRO C 881 14.89 -12.07 -19.61
CA PRO C 881 13.98 -12.93 -20.37
C PRO C 881 13.05 -13.73 -19.46
N GLN C 882 11.81 -13.93 -19.90
CA GLN C 882 10.84 -14.66 -19.10
C GLN C 882 11.14 -16.16 -19.04
N ALA C 883 11.98 -16.66 -19.96
CA ALA C 883 12.33 -18.07 -19.99
C ALA C 883 12.99 -18.52 -18.70
N PHE C 884 13.73 -17.62 -18.05
CA PHE C 884 14.34 -17.95 -16.78
C PHE C 884 13.29 -18.16 -15.72
N LEU C 885 12.24 -17.36 -15.75
CA LEU C 885 11.18 -17.49 -14.78
C LEU C 885 10.41 -18.79 -14.99
N PHE C 886 10.28 -19.21 -16.25
CA PHE C 886 9.59 -20.46 -16.49
C PHE C 886 10.43 -21.65 -16.03
N MET C 887 11.74 -21.60 -16.27
CA MET C 887 12.54 -22.70 -15.78
C MET C 887 12.71 -22.62 -14.26
N LEU C 888 12.55 -21.42 -13.69
CA LEU C 888 12.60 -21.28 -12.24
C LEU C 888 11.45 -22.05 -11.62
N LEU C 889 10.26 -21.97 -12.23
CA LEU C 889 9.12 -22.73 -11.74
C LEU C 889 9.37 -24.22 -11.90
N VAL C 890 9.95 -24.61 -13.02
CA VAL C 890 10.28 -26.01 -13.25
C VAL C 890 11.31 -26.49 -12.25
N GLN C 891 12.21 -25.59 -11.85
CA GLN C 891 13.23 -25.98 -10.88
C GLN C 891 12.61 -26.22 -9.52
N PHE C 892 11.53 -25.50 -9.18
CA PHE C 892 10.85 -25.78 -7.92
C PHE C 892 10.24 -27.16 -7.98
N GLY C 893 9.74 -27.53 -9.16
CA GLY C 893 9.18 -28.85 -9.34
C GLY C 893 10.22 -29.93 -9.17
N THR C 894 11.45 -29.66 -9.60
CA THR C 894 12.51 -30.65 -9.45
C THR C 894 12.89 -30.81 -7.99
N MET C 895 12.90 -29.71 -7.24
CA MET C 895 13.27 -29.78 -5.84
C MET C 895 12.23 -30.53 -5.02
N VAL C 896 10.96 -30.40 -5.38
CA VAL C 896 10.01 -31.13 -4.56
C VAL C 896 9.90 -32.58 -5.00
N ILE C 897 10.13 -32.88 -6.28
CA ILE C 897 9.98 -34.29 -6.61
C ILE C 897 11.23 -35.06 -6.25
N ASP C 898 12.41 -34.46 -6.26
CA ASP C 898 13.53 -35.29 -5.84
C ASP C 898 13.57 -35.42 -4.34
N ARG C 899 12.95 -34.48 -3.62
CA ARG C 899 12.86 -34.64 -2.18
C ARG C 899 11.90 -35.76 -1.86
N ALA C 900 10.83 -35.86 -2.65
CA ALA C 900 9.89 -36.95 -2.47
C ALA C 900 10.51 -38.26 -2.89
N LEU C 901 11.38 -38.20 -3.88
CA LEU C 901 12.06 -39.37 -4.38
C LEU C 901 13.17 -39.79 -3.43
N TYR C 902 13.56 -38.89 -2.54
CA TYR C 902 14.59 -39.15 -1.54
C TYR C 902 13.99 -39.80 -0.32
N LEU C 903 12.94 -39.20 0.25
CA LEU C 903 12.28 -39.75 1.44
C LEU C 903 11.77 -41.14 1.15
N ARG C 904 11.06 -41.29 0.04
CA ARG C 904 10.59 -42.57 -0.43
C ARG C 904 11.83 -43.09 -1.13
N LYS C 905 12.74 -43.66 -0.33
CA LYS C 905 14.03 -44.11 -0.80
C LYS C 905 13.94 -45.18 -1.88
N THR C 906 14.47 -44.85 -3.04
CA THR C 906 14.49 -45.71 -4.21
C THR C 906 15.54 -45.19 -5.18
N VAL C 907 16.10 -46.11 -5.96
CA VAL C 907 17.13 -45.75 -6.92
C VAL C 907 16.63 -45.82 -8.35
N LEU C 908 15.60 -46.63 -8.61
CA LEU C 908 15.08 -46.74 -9.97
C LEU C 908 14.43 -45.45 -10.40
N GLY C 909 13.59 -44.88 -9.53
CA GLY C 909 12.92 -43.63 -9.86
C GLY C 909 13.89 -42.49 -9.95
N LYS C 910 14.95 -42.51 -9.15
CA LYS C 910 15.93 -41.44 -9.22
C LYS C 910 16.69 -41.51 -10.51
N LEU C 911 17.14 -42.72 -10.87
CA LEU C 911 17.86 -42.98 -12.12
C LEU C 911 17.08 -42.49 -13.30
N ALA C 912 15.81 -42.90 -13.39
CA ALA C 912 14.95 -42.47 -14.48
C ALA C 912 14.74 -40.96 -14.44
N PHE C 913 14.78 -40.38 -13.25
CA PHE C 913 14.58 -38.94 -13.16
C PHE C 913 15.74 -38.16 -13.75
N GLN C 914 16.99 -38.49 -13.40
CA GLN C 914 18.04 -37.67 -13.99
C GLN C 914 18.24 -38.00 -15.46
N VAL C 915 17.85 -39.20 -15.90
CA VAL C 915 17.98 -39.54 -17.31
C VAL C 915 17.05 -38.66 -18.13
N VAL C 916 15.83 -38.45 -17.65
CA VAL C 916 14.92 -37.58 -18.38
C VAL C 916 15.21 -36.12 -18.09
N LEU C 917 16.11 -35.82 -17.16
CA LEU C 917 16.42 -34.44 -16.81
C LEU C 917 17.62 -33.86 -17.54
N VAL C 918 18.68 -34.67 -17.70
CA VAL C 918 19.91 -34.22 -18.37
C VAL C 918 19.62 -33.76 -19.78
N VAL C 919 18.97 -34.61 -20.56
CA VAL C 919 18.65 -34.28 -21.94
C VAL C 919 17.66 -33.13 -22.01
N ALA C 920 16.79 -33.01 -21.01
CA ALA C 920 15.79 -31.95 -20.99
C ALA C 920 16.42 -30.57 -20.90
N ILE C 921 17.30 -30.37 -19.92
CA ILE C 921 17.89 -29.04 -19.84
C ILE C 921 18.95 -28.84 -20.90
N HIS C 922 19.47 -29.91 -21.51
CA HIS C 922 20.45 -29.69 -22.55
C HIS C 922 19.81 -29.21 -23.83
N ILE C 923 18.70 -29.83 -24.24
CA ILE C 923 18.04 -29.35 -25.44
C ILE C 923 17.39 -27.99 -25.17
N TRP C 924 17.02 -27.74 -23.91
CA TRP C 924 16.43 -26.46 -23.55
C TRP C 924 17.44 -25.35 -23.70
N MET C 925 18.65 -25.56 -23.17
CA MET C 925 19.68 -24.55 -23.27
C MET C 925 20.13 -24.39 -24.71
N PHE C 926 20.05 -25.46 -25.50
CA PHE C 926 20.41 -25.37 -26.90
C PHE C 926 19.43 -24.55 -27.70
N PHE C 927 18.15 -24.55 -27.30
CA PHE C 927 17.16 -23.77 -28.04
C PHE C 927 16.95 -22.38 -27.47
N ILE C 928 18.01 -21.75 -26.98
CA ILE C 928 17.92 -20.40 -26.45
C ILE C 928 18.95 -19.51 -27.14
N GLN C 939 25.11 -11.42 -21.74
CA GLN C 939 24.90 -12.09 -20.46
C GLN C 939 24.90 -13.59 -20.56
N ASN C 940 25.75 -14.13 -21.43
CA ASN C 940 25.84 -15.58 -21.54
C ASN C 940 26.54 -16.15 -20.32
N ALA C 941 27.39 -15.35 -19.67
CA ALA C 941 28.14 -15.78 -18.51
C ALA C 941 27.23 -16.16 -17.35
N VAL C 942 26.10 -15.47 -17.18
CA VAL C 942 25.18 -15.78 -16.10
C VAL C 942 24.54 -17.14 -16.34
N ALA C 943 24.03 -17.36 -17.56
CA ALA C 943 23.40 -18.62 -17.89
C ALA C 943 24.41 -19.76 -17.89
N GLN C 944 25.65 -19.50 -18.33
CA GLN C 944 26.61 -20.58 -18.31
C GLN C 944 27.06 -20.88 -16.88
N LEU C 945 27.04 -19.88 -16.01
CA LEU C 945 27.39 -20.11 -14.61
C LEU C 945 26.31 -20.97 -13.98
N TRP C 946 25.07 -20.69 -14.37
CA TRP C 946 23.92 -21.46 -13.92
C TRP C 946 24.04 -22.88 -14.39
N TYR C 947 24.57 -23.08 -15.59
CA TYR C 947 24.76 -24.40 -16.11
C TYR C 947 25.86 -25.13 -15.37
N PHE C 948 26.86 -24.40 -14.89
CA PHE C 948 27.95 -25.05 -14.19
C PHE C 948 27.51 -25.56 -12.84
N VAL C 949 26.73 -24.77 -12.09
CA VAL C 949 26.31 -25.30 -10.81
C VAL C 949 25.26 -26.38 -11.01
N LYS C 950 24.53 -26.35 -12.12
CA LYS C 950 23.57 -27.41 -12.27
C LYS C 950 24.25 -28.69 -12.76
N CYS C 951 25.34 -28.57 -13.51
CA CYS C 951 26.00 -29.80 -13.93
C CYS C 951 26.71 -30.45 -12.76
N ILE C 952 27.15 -29.64 -11.79
CA ILE C 952 27.78 -30.23 -10.62
C ILE C 952 26.70 -30.92 -9.79
N TYR C 953 25.44 -30.46 -9.94
CA TYR C 953 24.34 -31.13 -9.26
C TYR C 953 24.13 -32.51 -9.86
N PHE C 954 24.34 -32.64 -11.17
CA PHE C 954 24.18 -33.95 -11.78
C PHE C 954 25.27 -34.89 -11.35
N ALA C 955 26.47 -34.37 -11.13
CA ALA C 955 27.57 -35.21 -10.68
C ALA C 955 27.28 -35.77 -9.30
N LEU C 956 26.69 -34.95 -8.43
CA LEU C 956 26.38 -35.42 -7.08
C LEU C 956 25.23 -36.40 -7.10
N SER C 957 24.22 -36.16 -7.93
CA SER C 957 23.09 -37.06 -8.00
C SER C 957 23.50 -38.42 -8.53
N ALA C 958 24.35 -38.40 -9.54
CA ALA C 958 24.82 -39.63 -10.14
C ALA C 958 25.72 -40.39 -9.17
N TYR C 959 26.48 -39.67 -8.36
CA TYR C 959 27.34 -40.34 -7.39
C TYR C 959 26.47 -40.99 -6.31
N GLN C 960 25.37 -40.33 -5.96
CA GLN C 960 24.44 -40.84 -4.98
C GLN C 960 23.84 -42.16 -5.43
N ILE C 961 23.40 -42.23 -6.68
CA ILE C 961 22.82 -43.49 -7.11
C ILE C 961 23.89 -44.51 -7.46
N ARG C 962 25.12 -44.08 -7.65
CA ARG C 962 26.14 -45.06 -7.94
C ARG C 962 26.52 -45.80 -6.67
N CYS C 963 26.31 -45.18 -5.53
CA CYS C 963 26.62 -45.84 -4.27
C CYS C 963 25.41 -46.45 -3.60
N GLY C 964 24.31 -45.72 -3.48
CA GLY C 964 23.11 -46.24 -2.86
C GLY C 964 22.71 -45.44 -1.63
N TYR C 965 21.58 -45.84 -1.07
CA TYR C 965 21.04 -45.15 0.09
C TYR C 965 21.42 -45.84 1.39
N PRO C 966 21.62 -45.05 2.44
CA PRO C 966 22.00 -45.61 3.74
C PRO C 966 20.84 -46.29 4.45
N THR C 967 21.08 -46.72 5.68
CA THR C 967 20.05 -47.40 6.44
C THR C 967 19.23 -46.48 7.34
N ARG C 968 19.68 -45.27 7.62
CA ARG C 968 18.94 -44.34 8.47
C ARG C 968 18.91 -43.02 7.72
N ILE C 969 17.86 -42.81 6.96
CA ILE C 969 17.74 -41.59 6.17
C ILE C 969 17.04 -40.46 6.90
N LEU C 970 16.25 -40.75 7.93
CA LEU C 970 15.54 -39.69 8.64
C LEU C 970 16.46 -38.89 9.54
N GLY C 971 15.87 -37.97 10.28
CA GLY C 971 16.62 -37.13 11.17
C GLY C 971 17.18 -35.94 10.41
N ASN C 972 16.88 -34.73 10.88
CA ASN C 972 17.36 -33.52 10.22
C ASN C 972 18.86 -33.39 10.32
N PHE C 973 19.44 -32.77 9.31
CA PHE C 973 20.87 -32.56 9.39
C PHE C 973 21.09 -31.32 10.24
N LEU C 974 22.36 -31.04 10.57
CA LEU C 974 22.80 -29.92 11.42
C LEU C 974 22.14 -29.91 12.80
N THR C 975 21.55 -31.02 13.22
CA THR C 975 20.90 -31.15 14.51
C THR C 975 21.46 -32.35 15.23
N LYS C 976 22.77 -32.54 15.15
CA LYS C 976 23.41 -33.68 15.79
C LYS C 976 24.67 -33.35 16.54
N LYS C 977 25.19 -32.14 16.48
CA LYS C 977 26.43 -31.83 17.18
C LYS C 977 26.23 -30.96 18.42
N TYR C 978 25.16 -30.18 18.48
CA TYR C 978 24.78 -29.30 19.59
C TYR C 978 25.81 -28.21 19.90
N ASN C 979 26.67 -27.81 18.98
CA ASN C 979 27.61 -26.76 19.35
C ASN C 979 26.97 -25.41 19.11
N HIS C 980 27.76 -24.35 19.18
CA HIS C 980 27.16 -23.04 18.96
C HIS C 980 26.94 -22.75 17.49
N LEU C 981 27.73 -23.37 16.63
CA LEU C 981 27.62 -23.11 15.21
C LEU C 981 26.32 -23.62 14.63
N ASN C 982 26.02 -24.91 14.83
CA ASN C 982 24.78 -25.44 14.26
C ASN C 982 23.54 -24.85 14.92
N LEU C 983 23.65 -24.31 16.13
CA LEU C 983 22.50 -23.65 16.74
C LEU C 983 22.21 -22.37 16.01
N PHE C 984 23.27 -21.57 15.80
CA PHE C 984 23.14 -20.31 15.08
C PHE C 984 22.65 -20.56 13.67
N LEU C 985 23.12 -21.63 13.07
CA LEU C 985 22.73 -21.96 11.72
C LEU C 985 21.33 -22.53 11.67
N PHE C 986 20.87 -23.15 12.75
CA PHE C 986 19.53 -23.72 12.75
C PHE C 986 18.46 -22.65 12.85
N GLN C 987 18.62 -21.71 13.80
CA GLN C 987 17.62 -20.66 13.87
C GLN C 987 17.76 -19.74 12.68
N GLY C 988 18.96 -19.65 12.11
CA GLY C 988 19.16 -18.88 10.91
C GLY C 988 18.45 -19.54 9.75
N PHE C 989 18.30 -20.86 9.81
CA PHE C 989 17.60 -21.58 8.77
C PHE C 989 16.11 -21.36 8.89
N ARG C 990 15.60 -21.26 10.12
CA ARG C 990 14.18 -21.04 10.29
C ARG C 990 13.75 -19.63 9.94
N LEU C 991 14.69 -18.69 9.81
CA LEU C 991 14.27 -17.34 9.43
C LEU C 991 13.92 -17.23 7.96
N VAL C 992 14.20 -18.26 7.16
CA VAL C 992 13.84 -18.28 5.75
C VAL C 992 12.32 -18.33 5.65
N PRO C 993 11.67 -17.57 4.76
CA PRO C 993 10.21 -17.54 4.73
C PRO C 993 9.48 -18.84 4.47
N PHE C 994 10.04 -19.84 3.79
CA PHE C 994 9.18 -21.01 3.61
C PHE C 994 9.83 -22.37 3.81
N LEU C 995 11.13 -22.46 4.02
CA LEU C 995 11.72 -23.78 4.18
C LEU C 995 11.62 -24.34 5.58
N VAL C 996 10.45 -24.27 6.19
CA VAL C 996 10.23 -24.84 7.51
C VAL C 996 8.96 -25.62 7.34
N GLU C 997 7.95 -24.91 6.89
CA GLU C 997 6.66 -25.51 6.65
C GLU C 997 6.67 -26.39 5.42
N LEU C 998 7.44 -26.02 4.39
CA LEU C 998 7.54 -26.86 3.20
C LEU C 998 8.17 -28.19 3.54
N ARG C 999 9.20 -28.13 4.37
CA ARG C 999 9.86 -29.34 4.80
C ARG C 999 8.94 -30.19 5.66
N ALA C 1000 8.17 -29.56 6.53
CA ALA C 1000 7.29 -30.30 7.43
C ALA C 1000 6.14 -30.98 6.71
N VAL C 1001 5.46 -30.28 5.81
CA VAL C 1001 4.32 -30.92 5.16
C VAL C 1001 4.75 -31.94 4.12
N MET C 1002 5.82 -31.66 3.37
CA MET C 1002 6.24 -32.63 2.37
C MET C 1002 6.85 -33.85 3.01
N ASP C 1003 7.47 -33.70 4.16
CA ASP C 1003 7.97 -34.86 4.86
C ASP C 1003 6.81 -35.67 5.41
N TRP C 1004 5.68 -35.01 5.65
CA TRP C 1004 4.52 -35.75 6.14
C TRP C 1004 3.90 -36.57 5.03
N VAL C 1005 3.79 -35.99 3.84
CA VAL C 1005 3.17 -36.68 2.71
C VAL C 1005 3.99 -37.88 2.27
N TRP C 1006 5.29 -37.73 2.17
CA TRP C 1006 6.07 -38.86 1.68
C TRP C 1006 6.64 -39.75 2.74
N THR C 1007 5.93 -39.98 3.84
CA THR C 1007 6.42 -40.87 4.88
C THR C 1007 5.23 -41.62 5.43
N ASP C 1008 5.38 -42.93 5.58
CA ASP C 1008 4.31 -43.76 6.09
C ASP C 1008 4.13 -43.50 7.57
N THR C 1009 3.20 -42.62 7.89
CA THR C 1009 2.87 -42.24 9.24
C THR C 1009 1.45 -42.71 9.54
N THR C 1010 0.94 -42.30 10.68
CA THR C 1010 -0.40 -42.70 11.06
C THR C 1010 -1.21 -41.62 11.72
N LEU C 1011 -0.70 -40.40 11.78
CA LEU C 1011 -1.42 -39.31 12.40
C LEU C 1011 -1.65 -38.22 11.37
N SER C 1012 -2.63 -37.36 11.65
CA SER C 1012 -3.01 -36.29 10.76
C SER C 1012 -1.89 -35.26 10.59
N LEU C 1013 -2.13 -34.30 9.71
CA LEU C 1013 -1.14 -33.27 9.46
C LEU C 1013 -0.97 -32.36 10.65
N SER C 1014 -2.03 -32.10 11.40
CA SER C 1014 -1.92 -31.20 12.54
C SER C 1014 -1.07 -31.83 13.63
N ASN C 1015 -1.20 -33.13 13.82
CA ASN C 1015 -0.40 -33.80 14.82
C ASN C 1015 1.04 -33.87 14.39
N TRP C 1016 1.27 -33.96 13.08
CA TRP C 1016 2.62 -34.02 12.56
C TRP C 1016 3.35 -32.71 12.80
N MET C 1017 2.68 -31.59 12.51
CA MET C 1017 3.32 -30.30 12.72
C MET C 1017 3.50 -30.01 14.19
N CYS C 1018 2.63 -30.59 15.02
CA CYS C 1018 2.78 -30.39 16.45
C CYS C 1018 4.04 -31.07 16.95
N VAL C 1019 4.31 -32.28 16.47
CA VAL C 1019 5.49 -33.03 16.88
C VAL C 1019 6.76 -32.31 16.43
N GLU C 1020 6.81 -31.90 15.17
CA GLU C 1020 8.01 -31.22 14.72
C GLU C 1020 8.17 -29.85 15.34
N ASP C 1021 7.09 -29.24 15.81
CA ASP C 1021 7.25 -27.95 16.45
C ASP C 1021 7.90 -28.09 17.82
N ILE C 1022 7.49 -29.09 18.60
CA ILE C 1022 8.13 -29.22 19.90
C ILE C 1022 9.56 -29.71 19.73
N TYR C 1023 9.88 -30.36 18.62
CA TYR C 1023 11.24 -30.81 18.45
C TYR C 1023 12.14 -29.64 18.11
N ALA C 1024 11.61 -28.67 17.39
CA ALA C 1024 12.42 -27.53 17.03
C ALA C 1024 12.74 -26.66 18.23
N ASN C 1025 11.76 -26.33 19.06
CA ASN C 1025 12.15 -25.46 20.16
C ASN C 1025 12.90 -26.16 21.28
N ILE C 1026 12.72 -27.48 21.47
CA ILE C 1026 13.51 -28.06 22.55
C ILE C 1026 14.93 -28.24 22.07
N PHE C 1027 15.14 -28.32 20.77
CA PHE C 1027 16.50 -28.39 20.28
C PHE C 1027 17.20 -27.07 20.50
N ILE C 1028 16.44 -25.97 20.36
CA ILE C 1028 16.99 -24.63 20.60
C ILE C 1028 17.45 -24.48 22.02
N ILE C 1029 16.60 -24.86 22.97
CA ILE C 1029 17.03 -24.70 24.34
C ILE C 1029 18.06 -25.75 24.72
N LYS C 1030 18.13 -26.87 23.99
CA LYS C 1030 19.14 -27.87 24.30
C LYS C 1030 20.51 -27.33 24.01
N CYS C 1031 20.67 -26.69 22.86
CA CYS C 1031 21.96 -26.11 22.53
C CYS C 1031 22.29 -24.96 23.46
N SER C 1032 21.28 -24.27 23.98
CA SER C 1032 21.56 -23.20 24.91
C SER C 1032 22.10 -23.74 26.22
N ARG C 1033 21.58 -24.88 26.68
CA ARG C 1033 22.09 -25.45 27.91
C ARG C 1033 23.49 -26.01 27.73
N GLU C 1034 23.79 -26.53 26.55
CA GLU C 1034 25.12 -27.09 26.34
C GLU C 1034 26.18 -26.00 26.28
N THR C 1035 25.90 -24.90 25.59
CA THR C 1035 26.89 -23.83 25.51
C THR C 1035 27.10 -23.16 26.84
N GLU C 1036 26.06 -23.07 27.68
CA GLU C 1036 26.33 -22.44 28.97
C GLU C 1036 27.02 -23.41 29.91
N LYS C 1037 26.79 -24.71 29.75
CA LYS C 1037 27.44 -25.67 30.62
C LYS C 1037 28.90 -25.84 30.23
N LYS C 1038 29.22 -25.57 28.96
CA LYS C 1038 30.57 -25.67 28.43
C LYS C 1038 31.48 -24.70 29.17
N TYR C 1039 31.25 -23.40 28.99
CA TYR C 1039 32.04 -22.41 29.72
C TYR C 1039 31.08 -21.61 30.56
N PRO C 1040 30.96 -21.96 31.83
CA PRO C 1040 30.03 -21.25 32.70
C PRO C 1040 30.61 -20.02 33.34
N GLN C 1041 29.79 -19.42 34.18
CA GLN C 1041 30.09 -18.25 34.97
C GLN C 1041 29.70 -18.61 36.40
N PRO C 1042 30.37 -18.07 37.40
CA PRO C 1042 29.99 -18.41 38.76
C PRO C 1042 28.84 -17.55 39.23
N LYS C 1043 28.24 -17.97 40.34
CA LYS C 1043 27.13 -17.27 40.97
C LYS C 1043 27.50 -15.85 41.34
N GLY C 1044 26.74 -14.90 40.80
CA GLY C 1044 26.98 -13.50 41.07
C GLY C 1044 27.86 -12.95 39.97
N GLN C 1045 27.27 -12.24 39.03
CA GLN C 1045 28.01 -11.66 37.93
C GLN C 1045 27.46 -10.28 37.68
N LYS C 1046 27.88 -9.68 36.60
CA LYS C 1046 27.39 -8.35 36.28
C LYS C 1046 27.02 -8.21 34.83
N LYS C 1047 27.23 -9.24 33.99
CA LYS C 1047 26.96 -9.22 32.56
C LYS C 1047 27.69 -8.04 31.92
N LYS C 1048 29.02 -8.18 31.85
CA LYS C 1048 30.00 -7.18 31.39
C LYS C 1048 29.51 -6.21 30.32
N LYS C 1049 29.64 -4.93 30.64
CA LYS C 1049 29.20 -3.76 29.90
C LYS C 1049 29.41 -3.77 28.39
N ILE C 1050 30.42 -4.48 27.90
CA ILE C 1050 30.64 -4.51 26.46
C ILE C 1050 29.52 -5.28 25.77
N VAL C 1051 28.94 -6.27 26.46
CA VAL C 1051 27.84 -7.01 25.87
C VAL C 1051 26.59 -6.16 25.90
N LYS C 1052 26.35 -5.49 27.05
CA LYS C 1052 25.18 -4.64 27.21
C LYS C 1052 25.22 -3.47 26.24
N TYR C 1053 26.39 -2.85 26.07
CA TYR C 1053 26.50 -1.76 25.12
C TYR C 1053 26.39 -2.29 23.71
N GLY C 1054 26.76 -3.54 23.51
CA GLY C 1054 26.70 -4.12 22.20
C GLY C 1054 25.30 -4.40 21.69
N MET C 1055 24.62 -5.38 22.24
CA MET C 1055 23.29 -5.69 21.73
C MET C 1055 22.22 -4.72 22.18
N GLY C 1056 22.39 -4.09 23.33
CA GLY C 1056 21.38 -3.16 23.77
C GLY C 1056 21.52 -1.86 23.03
N GLY C 1057 22.76 -1.47 22.78
CA GLY C 1057 23.01 -0.22 22.08
C GLY C 1057 22.61 -0.22 20.63
N LEU C 1058 22.51 -1.39 20.01
CA LEU C 1058 22.12 -1.34 18.61
C LEU C 1058 20.62 -1.30 18.44
N ILE C 1059 19.85 -1.97 19.29
CA ILE C 1059 18.42 -1.94 19.09
C ILE C 1059 17.81 -0.62 19.53
N ILE C 1060 18.49 0.20 20.31
CA ILE C 1060 17.88 1.47 20.67
C ILE C 1060 17.97 2.42 19.49
N LEU C 1061 19.11 2.43 18.80
CA LEU C 1061 19.24 3.29 17.64
C LEU C 1061 18.44 2.75 16.48
N PHE C 1062 18.19 1.45 16.50
CA PHE C 1062 17.43 0.79 15.44
C PHE C 1062 16.01 1.32 15.36
N LEU C 1063 15.25 1.12 16.42
CA LEU C 1063 13.87 1.57 16.39
C LEU C 1063 13.75 3.08 16.47
N ILE C 1064 14.72 3.81 17.02
CA ILE C 1064 14.52 5.26 16.97
C ILE C 1064 14.81 5.72 15.56
N ALA C 1065 15.57 4.94 14.79
CA ALA C 1065 15.77 5.30 13.40
C ALA C 1065 14.48 5.07 12.65
N ILE C 1066 13.74 4.03 13.05
CA ILE C 1066 12.43 3.73 12.47
C ILE C 1066 11.49 4.89 12.70
N ILE C 1067 11.67 5.61 13.80
CA ILE C 1067 10.83 6.76 14.02
C ILE C 1067 11.36 7.98 13.29
N TRP C 1068 12.67 8.08 13.13
CA TRP C 1068 13.24 9.29 12.55
C TRP C 1068 13.44 9.36 11.04
N PHE C 1069 14.24 8.43 10.45
CA PHE C 1069 14.46 8.62 9.01
C PHE C 1069 13.27 8.55 8.03
N PRO C 1070 12.09 7.96 8.33
CA PRO C 1070 11.01 8.09 7.33
C PRO C 1070 10.53 9.52 7.15
N LEU C 1071 10.83 10.41 8.08
CA LEU C 1071 10.50 11.82 7.91
C LEU C 1071 11.35 12.40 6.80
N LEU C 1072 12.64 12.04 6.77
CA LEU C 1072 13.47 12.55 5.69
C LEU C 1072 13.16 11.82 4.41
N PHE C 1073 12.65 10.59 4.49
CA PHE C 1073 12.25 9.89 3.28
C PHE C 1073 11.05 10.57 2.67
N MET C 1074 10.25 11.23 3.51
CA MET C 1074 9.14 12.02 3.04
C MET C 1074 9.65 13.33 2.49
N SER C 1075 10.83 13.76 2.93
CA SER C 1075 11.43 15.00 2.48
C SER C 1075 12.62 14.81 1.54
N GLY C 1082 13.29 25.50 -7.80
CA GLY C 1082 12.65 25.81 -9.07
C GLY C 1082 13.64 26.22 -10.15
N VAL C 1083 13.21 26.11 -11.41
CA VAL C 1083 14.03 26.47 -12.56
C VAL C 1083 13.30 27.58 -13.30
N VAL C 1084 14.08 28.53 -13.84
CA VAL C 1084 13.56 29.67 -14.59
C VAL C 1084 12.76 29.17 -15.78
N ASN C 1085 11.69 29.89 -16.13
CA ASN C 1085 10.82 29.47 -17.22
C ASN C 1085 10.67 30.57 -18.29
N GLN C 1086 11.81 31.01 -18.81
CA GLN C 1086 11.90 32.03 -19.87
C GLN C 1086 11.01 31.68 -21.06
N PRO C 1087 10.24 32.61 -21.60
CA PRO C 1087 9.49 32.31 -22.81
C PRO C 1087 10.48 32.40 -23.96
N ILE C 1088 10.44 31.41 -24.84
CA ILE C 1088 11.38 31.46 -25.96
C ILE C 1088 10.82 32.19 -27.16
N ASP C 1089 9.53 32.47 -27.18
CA ASP C 1089 8.90 33.20 -28.27
C ASP C 1089 7.66 33.86 -27.70
N VAL C 1090 7.46 35.12 -28.07
CA VAL C 1090 6.33 35.90 -27.63
C VAL C 1090 5.64 36.37 -28.90
N THR C 1091 4.44 35.88 -29.15
CA THR C 1091 3.69 36.24 -30.33
C THR C 1091 2.48 37.06 -29.95
N VAL C 1092 2.34 38.23 -30.58
CA VAL C 1092 1.23 39.12 -30.33
C VAL C 1092 0.58 39.46 -31.65
N THR C 1093 -0.73 39.69 -31.60
CA THR C 1093 -1.49 40.04 -32.79
C THR C 1093 -2.58 41.03 -32.40
N LEU C 1094 -3.00 41.82 -33.38
CA LEU C 1094 -4.11 42.73 -33.15
C LEU C 1094 -5.01 42.59 -34.37
N LYS C 1095 -6.23 42.15 -34.12
CA LYS C 1095 -7.22 41.87 -35.13
C LYS C 1095 -8.47 42.68 -34.91
N LEU C 1096 -9.07 43.13 -36.02
CA LEU C 1096 -10.31 43.91 -36.02
C LEU C 1096 -11.43 43.01 -36.51
N GLY C 1097 -12.33 42.65 -35.60
CA GLY C 1097 -13.47 41.81 -35.93
C GLY C 1097 -13.04 40.47 -36.52
N GLY C 1098 -13.71 40.07 -37.59
CA GLY C 1098 -13.40 38.84 -38.29
C GLY C 1098 -12.51 39.05 -39.48
N TYR C 1099 -12.01 40.26 -39.68
CA TYR C 1099 -11.15 40.56 -40.80
C TYR C 1099 -9.76 40.01 -40.53
N GLU C 1100 -8.93 39.99 -41.57
CA GLU C 1100 -7.59 39.43 -41.41
C GLU C 1100 -6.75 40.32 -40.51
N PRO C 1101 -5.95 39.73 -39.61
CA PRO C 1101 -5.13 40.49 -38.67
C PRO C 1101 -4.27 41.59 -39.27
N LEU C 1102 -4.41 42.77 -38.67
CA LEU C 1102 -3.69 43.95 -39.11
C LEU C 1102 -2.21 43.83 -38.79
N PHE C 1103 -1.92 43.34 -37.60
CA PHE C 1103 -0.58 43.22 -37.07
C PHE C 1103 -0.35 41.88 -36.43
N THR C 1104 0.84 41.33 -36.64
CA THR C 1104 1.30 40.06 -36.08
C THR C 1104 2.80 40.21 -35.87
N MET C 1105 3.30 39.67 -34.77
CA MET C 1105 4.73 39.77 -34.49
C MET C 1105 5.13 38.72 -33.47
N SER C 1106 6.21 38.00 -33.77
CA SER C 1106 6.76 36.97 -32.91
C SER C 1106 8.17 37.38 -32.53
N ALA C 1107 8.39 37.65 -31.25
CA ALA C 1107 9.69 38.07 -30.76
C ALA C 1107 10.44 36.88 -30.17
N GLN C 1108 11.68 36.70 -30.60
CA GLN C 1108 12.54 35.63 -30.11
C GLN C 1108 13.87 36.23 -29.74
N GLN C 1109 14.87 35.39 -29.53
CA GLN C 1109 16.21 35.86 -29.16
C GLN C 1109 16.80 36.76 -30.25
N PRO C 1110 17.43 37.88 -29.88
CA PRO C 1110 17.62 38.34 -28.50
C PRO C 1110 16.63 39.43 -28.12
N SER C 1111 15.47 39.48 -28.76
CA SER C 1111 14.50 40.51 -28.41
C SER C 1111 13.82 40.24 -27.08
N ILE C 1112 14.02 39.06 -26.51
CA ILE C 1112 13.47 38.70 -25.21
C ILE C 1112 14.66 38.89 -24.28
N VAL C 1113 14.77 40.09 -23.70
CA VAL C 1113 15.88 40.44 -22.82
C VAL C 1113 15.48 40.20 -21.37
N PRO C 1114 16.21 39.38 -20.62
CA PRO C 1114 15.87 39.15 -19.22
C PRO C 1114 16.26 40.37 -18.39
N PHE C 1115 15.61 40.51 -17.24
CA PHE C 1115 15.95 41.64 -16.38
C PHE C 1115 17.33 41.52 -15.78
N THR C 1116 17.99 42.65 -15.68
CA THR C 1116 19.28 42.82 -15.04
C THR C 1116 19.00 43.39 -13.66
N PRO C 1117 20.01 43.50 -12.78
CA PRO C 1117 19.73 44.12 -11.47
C PRO C 1117 19.25 45.57 -11.58
N GLN C 1118 19.64 46.29 -12.64
CA GLN C 1118 19.15 47.64 -12.87
C GLN C 1118 17.66 47.66 -13.13
N ALA C 1119 17.20 46.82 -14.06
CA ALA C 1119 15.79 46.74 -14.44
C ALA C 1119 14.93 46.36 -13.24
N TYR C 1120 15.46 45.49 -12.39
CA TYR C 1120 14.70 45.08 -11.22
C TYR C 1120 14.61 46.23 -10.21
N GLU C 1121 15.71 46.95 -9.98
CA GLU C 1121 15.63 48.04 -9.02
C GLU C 1121 14.88 49.24 -9.59
N GLU C 1122 14.94 49.51 -10.89
CA GLU C 1122 14.17 50.63 -11.42
C GLU C 1122 12.69 50.33 -11.43
N LEU C 1123 12.31 49.06 -11.66
CA LEU C 1123 10.89 48.74 -11.62
C LEU C 1123 10.42 48.77 -10.18
N SER C 1124 11.32 48.41 -9.24
CA SER C 1124 10.99 48.47 -7.82
C SER C 1124 10.83 49.91 -7.39
N GLN C 1125 11.62 50.81 -7.97
CA GLN C 1125 11.52 52.23 -7.67
C GLN C 1125 10.23 52.79 -8.23
N GLN C 1126 9.84 52.33 -9.42
CA GLN C 1126 8.62 52.80 -10.05
C GLN C 1126 7.37 52.32 -9.31
N PHE C 1127 7.46 51.18 -8.63
CA PHE C 1127 6.32 50.65 -7.89
C PHE C 1127 6.52 50.68 -6.38
N ASP C 1128 7.49 51.47 -5.92
CA ASP C 1128 7.76 51.57 -4.49
C ASP C 1128 6.63 52.08 -3.59
N PRO C 1129 5.81 53.10 -3.96
CA PRO C 1129 4.75 53.52 -3.01
C PRO C 1129 3.58 52.56 -2.92
N TYR C 1130 3.59 51.46 -3.65
CA TYR C 1130 2.48 50.52 -3.68
C TYR C 1130 2.91 49.21 -3.05
N PRO C 1131 2.44 48.89 -1.83
CA PRO C 1131 2.86 47.63 -1.19
C PRO C 1131 2.37 46.39 -1.92
N LEU C 1132 1.16 46.43 -2.48
CA LEU C 1132 0.60 45.29 -3.20
C LEU C 1132 1.48 44.93 -4.40
N ALA C 1133 1.88 45.95 -5.17
CA ALA C 1133 2.74 45.73 -6.32
C ALA C 1133 4.10 45.22 -5.90
N MET C 1134 4.64 45.74 -4.78
CA MET C 1134 5.94 45.29 -4.32
C MET C 1134 5.88 43.85 -3.80
N GLN C 1135 4.74 43.45 -3.24
CA GLN C 1135 4.59 42.07 -2.78
C GLN C 1135 4.59 41.14 -3.97
N PHE C 1136 4.08 41.62 -5.11
CA PHE C 1136 4.10 40.82 -6.32
C PHE C 1136 5.51 40.74 -6.88
N ILE C 1137 6.19 41.89 -6.99
CA ILE C 1137 7.53 41.97 -7.55
C ILE C 1137 8.53 41.20 -6.70
N SER C 1138 8.35 41.21 -5.38
CA SER C 1138 9.25 40.48 -4.48
C SER C 1138 9.19 38.97 -4.68
N GLN C 1139 8.12 38.45 -5.28
CA GLN C 1139 8.00 37.04 -5.54
C GLN C 1139 8.82 36.58 -6.73
N TYR C 1140 9.59 37.47 -7.36
CA TYR C 1140 10.35 37.14 -8.55
C TYR C 1140 11.77 37.67 -8.48
N SER C 1141 12.66 36.92 -9.06
CA SER C 1141 14.06 37.27 -9.20
C SER C 1141 14.21 37.97 -10.55
N PRO C 1142 15.32 38.67 -10.79
CA PRO C 1142 15.48 39.33 -12.10
C PRO C 1142 15.57 38.34 -13.26
N GLU C 1143 15.99 37.10 -12.99
CA GLU C 1143 16.06 36.09 -14.03
C GLU C 1143 14.67 35.60 -14.43
N ASP C 1144 13.67 35.79 -13.57
CA ASP C 1144 12.30 35.36 -13.83
C ASP C 1144 11.51 36.37 -14.64
N ILE C 1145 12.07 37.55 -14.91
CA ILE C 1145 11.37 38.61 -15.63
C ILE C 1145 12.12 38.94 -16.91
N VAL C 1146 11.37 39.12 -18.00
CA VAL C 1146 11.94 39.51 -19.27
C VAL C 1146 11.15 40.68 -19.82
N THR C 1147 11.72 41.33 -20.82
CA THR C 1147 11.11 42.45 -21.50
C THR C 1147 10.99 42.06 -22.96
N ALA C 1148 9.78 41.80 -23.41
CA ALA C 1148 9.56 41.41 -24.79
C ALA C 1148 9.64 42.67 -25.63
N GLN C 1149 10.77 42.85 -26.31
CA GLN C 1149 10.97 44.00 -27.18
C GLN C 1149 10.36 43.69 -28.55
N ILE C 1150 9.03 43.71 -28.62
CA ILE C 1150 8.37 43.37 -29.86
C ILE C 1150 8.39 44.55 -30.82
N GLU C 1151 8.62 44.25 -32.10
CA GLU C 1151 8.69 45.26 -33.13
C GLU C 1151 7.31 45.79 -33.48
N GLY C 1152 7.23 47.10 -33.68
CA GLY C 1152 5.97 47.72 -33.98
C GLY C 1152 5.46 47.52 -35.39
N SER C 1153 6.37 47.38 -36.35
CA SER C 1153 5.96 47.16 -37.72
C SER C 1153 5.55 45.70 -37.84
N SER C 1154 4.45 45.45 -38.55
CA SER C 1154 3.94 44.09 -38.68
C SER C 1154 4.91 43.24 -39.47
N GLY C 1155 5.05 41.98 -39.02
CA GLY C 1155 5.95 41.07 -39.69
C GLY C 1155 5.51 40.75 -41.10
N ALA C 1156 4.24 40.42 -41.28
CA ALA C 1156 3.73 40.06 -42.59
C ALA C 1156 2.89 41.18 -43.21
N LEU C 1157 2.73 41.07 -44.53
CA LEU C 1157 1.92 42.01 -45.26
C LEU C 1157 0.46 41.74 -44.96
N TRP C 1158 -0.37 42.76 -45.12
CA TRP C 1158 -1.78 42.59 -44.86
C TRP C 1158 -2.38 41.85 -46.04
N ARG C 1159 -2.80 40.60 -45.80
CA ARG C 1159 -3.31 39.71 -46.84
C ARG C 1159 -4.82 39.77 -47.03
N ILE C 1160 -5.48 40.86 -46.63
CA ILE C 1160 -6.92 40.94 -46.78
C ILE C 1160 -7.30 41.03 -48.26
N SER C 1161 -8.44 40.44 -48.59
CA SER C 1161 -8.92 40.56 -49.94
C SER C 1161 -9.59 41.92 -50.05
N PRO C 1162 -9.55 42.55 -51.22
CA PRO C 1162 -10.18 43.87 -51.39
C PRO C 1162 -11.68 43.92 -51.16
N PRO C 1163 -12.51 42.88 -51.39
CA PRO C 1163 -13.91 43.06 -51.04
C PRO C 1163 -14.08 43.10 -49.54
N SER C 1164 -13.22 42.39 -48.82
CA SER C 1164 -13.25 42.44 -47.37
C SER C 1164 -12.67 43.75 -46.89
N ARG C 1165 -11.72 44.31 -47.65
CA ARG C 1165 -11.15 45.60 -47.30
C ARG C 1165 -12.22 46.67 -47.41
N ALA C 1166 -12.98 46.62 -48.49
CA ALA C 1166 -14.08 47.56 -48.68
C ALA C 1166 -15.19 47.30 -47.69
N GLN C 1167 -15.35 46.03 -47.30
CA GLN C 1167 -16.39 45.68 -46.33
C GLN C 1167 -16.09 46.28 -44.98
N MET C 1168 -14.84 46.16 -44.50
CA MET C 1168 -14.57 46.72 -43.19
C MET C 1168 -14.53 48.23 -43.22
N LYS C 1169 -14.22 48.84 -44.38
CA LYS C 1169 -14.27 50.29 -44.44
C LYS C 1169 -15.72 50.74 -44.30
N GLN C 1170 -16.62 49.96 -44.89
CA GLN C 1170 -18.05 50.23 -44.79
C GLN C 1170 -18.56 49.96 -43.39
N GLU C 1171 -18.03 48.93 -42.71
CA GLU C 1171 -18.53 48.63 -41.38
C GLU C 1171 -17.95 49.57 -40.33
N LEU C 1172 -16.75 50.09 -40.57
CA LEU C 1172 -16.20 51.04 -39.62
C LEU C 1172 -16.91 52.38 -39.74
N TYR C 1173 -17.23 52.79 -40.96
CA TYR C 1173 -17.92 54.06 -41.13
C TYR C 1173 -19.42 53.96 -40.84
N ASN C 1174 -20.12 53.07 -41.53
CA ASN C 1174 -21.57 52.99 -41.42
C ASN C 1174 -22.11 51.80 -40.64
N GLY C 1175 -21.28 51.06 -39.92
CA GLY C 1175 -21.80 49.94 -39.15
C GLY C 1175 -22.58 50.42 -37.93
N THR C 1176 -23.72 49.77 -37.68
CA THR C 1176 -24.58 50.14 -36.57
C THR C 1176 -24.31 49.34 -35.30
N ALA C 1177 -23.45 48.32 -35.36
CA ALA C 1177 -23.14 47.51 -34.20
C ALA C 1177 -21.69 47.74 -33.79
N ASP C 1178 -21.33 47.15 -32.65
CA ASP C 1178 -19.97 47.27 -32.17
C ASP C 1178 -19.04 46.42 -33.01
N ILE C 1179 -17.77 46.78 -32.99
CA ILE C 1179 -16.76 46.02 -33.70
C ILE C 1179 -15.64 45.75 -32.70
N THR C 1180 -15.21 44.49 -32.64
CA THR C 1180 -14.22 44.06 -31.67
C THR C 1180 -12.80 44.23 -32.18
N LEU C 1181 -11.97 44.87 -31.37
CA LEU C 1181 -10.56 45.06 -31.61
C LEU C 1181 -9.90 44.22 -30.54
N ARG C 1182 -9.25 43.13 -30.95
CA ARG C 1182 -8.64 42.17 -30.05
C ARG C 1182 -7.13 42.20 -30.13
N PHE C 1183 -6.48 42.24 -28.96
CA PHE C 1183 -5.03 42.20 -28.87
C PHE C 1183 -4.68 40.95 -28.08
N THR C 1184 -3.99 40.02 -28.72
CA THR C 1184 -3.61 38.77 -28.09
C THR C 1184 -2.12 38.73 -27.79
N TRP C 1185 -1.75 37.71 -27.02
CA TRP C 1185 -0.37 37.47 -26.64
C TRP C 1185 -0.26 35.98 -26.34
N ASN C 1186 0.75 35.34 -26.89
CA ASN C 1186 0.98 33.92 -26.68
C ASN C 1186 2.44 33.73 -26.36
N PHE C 1187 2.73 33.07 -25.25
CA PHE C 1187 4.10 32.88 -24.79
C PHE C 1187 4.43 31.39 -24.84
N GLN C 1188 5.46 31.02 -25.60
CA GLN C 1188 5.81 29.62 -25.63
C GLN C 1188 7.07 29.41 -24.81
N ARG C 1189 7.09 28.32 -24.07
CA ARG C 1189 8.18 27.96 -23.19
C ARG C 1189 8.78 26.66 -23.69
N ASP C 1190 9.99 26.39 -23.25
CA ASP C 1190 10.72 25.18 -23.61
C ASP C 1190 10.50 24.15 -22.50
N LEU C 1191 9.80 23.07 -22.83
CA LEU C 1191 9.48 22.04 -21.84
C LEU C 1191 10.68 21.18 -21.45
N ALA C 1192 11.79 21.24 -22.19
CA ALA C 1192 12.95 20.46 -21.79
C ALA C 1192 13.60 21.02 -20.54
N LYS C 1193 13.34 22.29 -20.23
CA LYS C 1193 13.83 22.98 -19.05
C LYS C 1193 12.91 22.73 -17.86
N GLY C 1194 11.76 22.12 -18.09
CA GLY C 1194 10.79 21.81 -17.07
C GLY C 1194 9.41 22.27 -17.45
N GLY C 1195 8.47 22.04 -16.54
CA GLY C 1195 7.10 22.43 -16.75
C GLY C 1195 6.33 21.43 -17.57
N THR C 1196 5.03 21.69 -17.69
CA THR C 1196 4.12 20.83 -18.45
C THR C 1196 3.29 21.56 -19.50
N VAL C 1197 3.08 22.86 -19.37
CA VAL C 1197 2.30 23.62 -20.34
C VAL C 1197 3.29 24.50 -21.10
N GLU C 1198 3.42 24.26 -22.39
CA GLU C 1198 4.36 25.04 -23.17
C GLU C 1198 3.81 26.40 -23.59
N TYR C 1199 2.51 26.50 -23.87
CA TYR C 1199 1.91 27.75 -24.30
C TYR C 1199 0.98 28.34 -23.25
N THR C 1200 1.23 29.59 -22.89
CA THR C 1200 0.37 30.32 -21.97
C THR C 1200 -0.06 31.56 -22.73
N ASN C 1201 -1.35 31.89 -22.65
CA ASN C 1201 -1.87 33.00 -23.43
C ASN C 1201 -3.13 33.57 -22.83
N GLU C 1202 -3.54 34.72 -23.37
CA GLU C 1202 -4.74 35.49 -23.01
C GLU C 1202 -4.84 36.63 -24.01
N LYS C 1203 -5.97 37.32 -24.01
CA LYS C 1203 -6.23 38.43 -24.91
C LYS C 1203 -6.91 39.55 -24.17
N HIS C 1204 -6.96 40.71 -24.83
CA HIS C 1204 -7.62 41.91 -24.35
C HIS C 1204 -8.44 42.44 -25.51
N THR C 1205 -9.72 42.65 -25.28
CA THR C 1205 -10.61 43.13 -26.32
C THR C 1205 -11.23 44.47 -25.95
N LEU C 1206 -11.60 45.21 -26.99
CA LEU C 1206 -12.25 46.51 -26.87
C LEU C 1206 -13.38 46.53 -27.88
N GLU C 1207 -14.54 46.99 -27.47
CA GLU C 1207 -15.69 47.06 -28.35
C GLU C 1207 -15.78 48.50 -28.85
N LEU C 1208 -15.42 48.71 -30.11
CA LEU C 1208 -15.49 50.05 -30.68
C LEU C 1208 -16.93 50.34 -31.01
N ALA C 1209 -17.50 51.33 -30.32
CA ALA C 1209 -18.88 51.72 -30.50
C ALA C 1209 -19.09 52.32 -31.89
N PRO C 1210 -20.29 52.18 -32.46
CA PRO C 1210 -20.54 52.77 -33.78
C PRO C 1210 -20.52 54.28 -33.70
N ASN C 1211 -20.01 54.90 -34.77
CA ASN C 1211 -19.84 56.33 -34.96
C ASN C 1211 -18.86 56.95 -33.97
N SER C 1212 -18.06 56.14 -33.28
CA SER C 1212 -17.09 56.69 -32.35
C SER C 1212 -15.93 57.31 -33.14
N THR C 1213 -15.21 58.22 -32.47
CA THR C 1213 -14.12 58.96 -33.11
C THR C 1213 -12.98 58.05 -33.55
N ALA C 1214 -12.57 57.11 -32.69
CA ALA C 1214 -11.48 56.21 -33.03
C ALA C 1214 -11.85 55.29 -34.17
N ARG C 1215 -13.12 54.88 -34.24
CA ARG C 1215 -13.58 54.00 -35.31
C ARG C 1215 -13.56 54.70 -36.66
N ARG C 1216 -14.03 55.95 -36.69
CA ARG C 1216 -14.03 56.69 -37.95
C ARG C 1216 -12.61 57.05 -38.39
N GLN C 1217 -11.73 57.38 -37.42
CA GLN C 1217 -10.37 57.72 -37.76
C GLN C 1217 -9.61 56.49 -38.26
N LEU C 1218 -9.91 55.33 -37.69
CA LEU C 1218 -9.28 54.10 -38.15
C LEU C 1218 -9.78 53.77 -39.54
N ALA C 1219 -11.03 54.15 -39.83
CA ALA C 1219 -11.57 53.94 -41.17
C ALA C 1219 -10.91 54.89 -42.14
N GLN C 1220 -10.56 56.08 -41.65
CA GLN C 1220 -9.88 57.10 -42.45
C GLN C 1220 -8.48 56.67 -42.83
N LEU C 1221 -7.85 55.78 -42.06
CA LEU C 1221 -6.50 55.34 -42.40
C LEU C 1221 -6.46 54.53 -43.69
N LEU C 1222 -7.58 53.93 -44.10
CA LEU C 1222 -7.62 53.15 -45.34
C LEU C 1222 -7.55 54.03 -46.57
N GLU C 1223 -7.72 55.33 -46.41
CA GLU C 1223 -7.69 56.24 -47.54
C GLU C 1223 -6.30 56.52 -48.07
N GLY C 1224 -5.25 56.09 -47.37
CA GLY C 1224 -3.91 56.24 -47.89
C GLY C 1224 -3.10 57.46 -47.53
N ARG C 1225 -3.55 58.30 -46.61
CA ARG C 1225 -2.72 59.45 -46.25
C ARG C 1225 -1.66 58.97 -45.26
N PRO C 1226 -0.38 59.01 -45.63
CA PRO C 1226 0.68 58.47 -44.75
C PRO C 1226 0.87 59.19 -43.42
N ASP C 1227 0.56 60.48 -43.35
CA ASP C 1227 0.74 61.21 -42.10
C ASP C 1227 -0.32 60.89 -41.06
N GLN C 1228 -1.44 60.31 -41.46
CA GLN C 1228 -2.53 60.06 -40.52
C GLN C 1228 -2.29 58.84 -39.63
N SER C 1229 -2.93 58.87 -38.47
CA SER C 1229 -2.85 57.81 -37.47
C SER C 1229 -4.07 57.91 -36.57
N VAL C 1230 -4.24 56.89 -35.75
CA VAL C 1230 -5.33 56.83 -34.79
C VAL C 1230 -4.76 56.27 -33.50
N VAL C 1231 -5.26 56.75 -32.37
CA VAL C 1231 -4.81 56.31 -31.07
C VAL C 1231 -5.94 55.56 -30.42
N ILE C 1232 -5.69 54.32 -30.04
CA ILE C 1232 -6.70 53.53 -29.35
C ILE C 1232 -6.29 53.47 -27.89
N PRO C 1233 -7.09 54.03 -26.99
CA PRO C 1233 -6.70 54.03 -25.58
C PRO C 1233 -6.94 52.70 -24.89
N HIS C 1234 -6.06 52.42 -23.94
CA HIS C 1234 -6.09 51.28 -23.05
C HIS C 1234 -6.16 49.92 -23.73
N LEU C 1235 -5.16 49.57 -24.53
CA LEU C 1235 -5.18 48.24 -25.11
C LEU C 1235 -3.86 47.51 -25.01
N PHE C 1236 -2.81 48.13 -24.48
CA PHE C 1236 -1.54 47.43 -24.37
C PHE C 1236 -1.27 47.13 -22.91
N PRO C 1237 -1.48 45.92 -22.45
CA PRO C 1237 -1.16 45.59 -21.07
C PRO C 1237 0.33 45.36 -21.00
N LYS C 1238 1.04 46.28 -20.35
CA LYS C 1238 2.49 46.18 -20.29
C LYS C 1238 2.97 45.07 -19.36
N TYR C 1239 2.31 44.88 -18.22
CA TYR C 1239 2.74 43.88 -17.26
C TYR C 1239 1.83 42.67 -17.28
N ILE C 1240 2.38 41.53 -17.67
CA ILE C 1240 1.69 40.26 -17.75
C ILE C 1240 2.45 39.30 -16.84
N ARG C 1241 1.82 38.19 -16.48
CA ARG C 1241 2.42 37.17 -15.67
C ARG C 1241 2.25 35.86 -16.40
N ALA C 1242 3.35 35.15 -16.62
CA ALA C 1242 3.29 33.87 -17.31
C ALA C 1242 3.41 32.77 -16.28
N PRO C 1243 2.32 32.20 -15.80
CA PRO C 1243 2.42 31.16 -14.78
C PRO C 1243 2.66 29.81 -15.40
N ASN C 1244 2.59 28.76 -14.60
CA ASN C 1244 2.77 27.42 -15.13
C ASN C 1244 1.55 26.99 -15.92
N GLY C 1245 0.39 27.58 -15.64
CA GLY C 1245 -0.83 27.24 -16.33
C GLY C 1245 -0.89 27.85 -17.71
N PRO C 1246 -1.97 27.57 -18.42
CA PRO C 1246 -2.14 28.08 -19.80
C PRO C 1246 -2.75 29.47 -19.92
N GLU C 1247 -3.12 30.12 -18.83
CA GLU C 1247 -3.74 31.44 -18.89
C GLU C 1247 -2.77 32.47 -18.31
N ALA C 1248 -2.34 33.41 -19.15
CA ALA C 1248 -1.39 34.46 -18.77
C ALA C 1248 -2.11 35.80 -18.70
N ASN C 1249 -2.68 36.10 -17.53
CA ASN C 1249 -3.42 37.33 -17.30
C ASN C 1249 -2.50 38.50 -17.01
N PRO C 1250 -2.95 39.73 -17.27
CA PRO C 1250 -2.13 40.90 -16.95
C PRO C 1250 -2.08 41.03 -15.43
N VAL C 1251 -0.96 41.56 -14.94
CA VAL C 1251 -0.75 41.68 -13.50
C VAL C 1251 -1.69 42.73 -12.92
N LYS C 1252 -2.64 42.25 -12.11
CA LYS C 1252 -3.61 43.12 -11.46
C LYS C 1252 -2.96 43.96 -10.36
N GLN C 1253 -1.94 43.44 -9.70
CA GLN C 1253 -1.32 44.21 -8.63
C GLN C 1253 -0.50 45.38 -9.16
N LEU C 1254 -0.09 45.33 -10.42
CA LEU C 1254 0.66 46.40 -11.06
C LEU C 1254 -0.25 47.27 -11.92
N GLN C 1255 -1.44 46.77 -12.22
CA GLN C 1255 -2.46 47.47 -13.00
C GLN C 1255 -3.79 47.29 -12.25
N PRO C 1256 -3.95 47.95 -11.09
CA PRO C 1256 -5.19 47.76 -10.31
C PRO C 1256 -6.45 48.34 -10.92
N ASP C 1257 -6.33 49.22 -11.90
CA ASP C 1257 -7.47 49.80 -12.60
C ASP C 1257 -7.41 49.15 -13.97
N GLU C 1258 -7.41 47.83 -13.95
CA GLU C 1258 -7.16 46.86 -15.02
C GLU C 1258 -7.35 47.32 -16.46
N GLU C 1259 -8.49 47.82 -16.92
CA GLU C 1259 -8.46 48.26 -18.32
C GLU C 1259 -7.86 49.65 -18.43
N GLU C 1260 -8.24 50.54 -17.50
CA GLU C 1260 -7.77 51.92 -17.46
C GLU C 1260 -6.27 52.05 -17.22
N ASP C 1261 -5.56 50.98 -16.89
CA ASP C 1261 -4.12 51.03 -16.69
C ASP C 1261 -3.37 50.52 -17.90
N TYR C 1262 -4.07 50.07 -18.93
CA TYR C 1262 -3.41 49.59 -20.15
C TYR C 1262 -2.97 50.80 -20.95
N LEU C 1263 -1.89 50.63 -21.70
CA LEU C 1263 -1.34 51.74 -22.45
C LEU C 1263 -2.06 51.98 -23.76
N GLY C 1264 -2.09 53.25 -24.17
CA GLY C 1264 -2.69 53.61 -25.44
C GLY C 1264 -1.76 53.25 -26.57
N VAL C 1265 -2.33 52.99 -27.75
CA VAL C 1265 -1.55 52.57 -28.90
C VAL C 1265 -1.91 53.39 -30.13
N ARG C 1266 -0.88 53.89 -30.83
CA ARG C 1266 -1.04 54.65 -32.05
C ARG C 1266 -0.89 53.69 -33.23
N ILE C 1267 -1.88 53.67 -34.11
CA ILE C 1267 -1.91 52.77 -35.25
C ILE C 1267 -1.74 53.55 -36.55
N GLN C 1268 -0.93 52.99 -37.45
CA GLN C 1268 -0.64 53.57 -38.75
C GLN C 1268 -0.66 52.50 -39.83
N LEU C 1269 -0.99 52.93 -41.04
CA LEU C 1269 -1.04 52.05 -42.20
C LEU C 1269 0.06 52.45 -43.17
N ARG C 1270 1.00 51.54 -43.40
CA ARG C 1270 2.09 51.79 -44.31
C ARG C 1270 1.76 51.19 -45.66
N ARG C 1271 2.01 51.95 -46.72
CA ARG C 1271 1.70 51.52 -48.07
C ARG C 1271 2.85 51.78 -49.02
N GLU C 1272 3.06 50.87 -49.96
CA GLU C 1272 4.09 51.05 -50.97
C GLU C 1272 3.56 50.57 -52.30
N GLN C 1273 3.69 51.41 -53.33
CA GLN C 1273 3.19 51.08 -54.65
C GLN C 1273 3.99 49.94 -55.28
N VAL C 1274 3.28 49.12 -56.05
CA VAL C 1274 3.86 47.99 -56.74
C VAL C 1274 4.70 48.41 -57.94
N SER C 1288 -5.18 48.21 -54.17
CA SER C 1288 -4.73 46.96 -54.78
C SER C 1288 -3.37 47.16 -55.42
N ASP C 1289 -3.12 48.39 -55.82
CA ASP C 1289 -1.88 48.79 -56.46
C ASP C 1289 -0.77 49.12 -55.47
N PHE C 1290 -1.04 49.07 -54.17
CA PHE C 1290 -0.03 49.34 -53.15
C PHE C 1290 0.08 48.13 -52.24
N LEU C 1291 1.28 47.92 -51.67
CA LEU C 1291 1.48 46.84 -50.71
C LEU C 1291 1.20 47.43 -49.34
N GLU C 1292 0.39 46.77 -48.53
CA GLU C 1292 0.07 47.33 -47.23
C GLU C 1292 0.44 46.46 -46.05
N TRP C 1293 0.72 47.12 -44.94
CA TRP C 1293 1.05 46.51 -43.66
C TRP C 1293 0.85 47.60 -42.61
N TRP C 1294 0.44 47.18 -41.43
CA TRP C 1294 0.15 48.09 -40.32
C TRP C 1294 1.32 48.21 -39.36
N VAL C 1295 1.52 49.42 -38.83
CA VAL C 1295 2.60 49.70 -37.89
C VAL C 1295 1.97 50.17 -36.58
N ILE C 1296 2.42 49.57 -35.48
CA ILE C 1296 1.87 49.78 -34.14
C ILE C 1296 2.88 50.43 -33.22
N GLU C 1297 2.41 51.32 -32.33
CA GLU C 1297 3.31 51.94 -31.35
C GLU C 1297 2.53 52.58 -30.21
N LEU C 1298 3.08 52.41 -28.99
CA LEU C 1298 2.60 53.01 -27.76
C LEU C 1298 2.48 54.52 -27.96
N GLN C 1299 1.39 55.06 -27.43
CA GLN C 1299 1.07 56.48 -27.58
C GLN C 1299 2.14 57.39 -27.00
N ASP C 1300 2.72 57.00 -25.87
CA ASP C 1300 3.72 57.81 -25.19
C ASP C 1300 5.14 57.29 -25.37
N CYS C 1301 5.49 56.87 -26.59
CA CYS C 1301 6.83 56.39 -26.83
C CYS C 1301 7.79 57.57 -26.89
N LYS C 1302 8.99 57.40 -26.34
CA LYS C 1302 9.96 58.49 -26.36
C LYS C 1302 11.23 58.15 -27.11
N ALA C 1303 11.96 57.13 -26.69
CA ALA C 1303 13.24 56.81 -27.33
C ALA C 1303 13.13 55.74 -28.42
N ASP C 1304 12.34 54.69 -28.20
CA ASP C 1304 12.23 53.62 -29.16
C ASP C 1304 10.77 53.45 -29.57
N CYS C 1305 10.35 54.20 -30.60
CA CYS C 1305 8.99 54.15 -31.10
C CYS C 1305 8.79 53.04 -32.13
N ASN C 1306 9.78 52.19 -32.34
CA ASN C 1306 9.63 51.04 -33.21
C ASN C 1306 9.48 49.82 -32.34
N LEU C 1307 9.25 50.07 -31.07
CA LEU C 1307 9.31 49.10 -30.01
C LEU C 1307 8.20 49.20 -28.98
N LEU C 1308 7.64 48.05 -28.59
CA LEU C 1308 6.59 47.97 -27.58
C LEU C 1308 7.06 47.00 -26.51
N PRO C 1309 7.72 47.50 -25.47
CA PRO C 1309 8.25 46.61 -24.42
C PRO C 1309 7.17 46.00 -23.53
N MET C 1310 7.05 44.68 -23.59
CA MET C 1310 6.10 43.96 -22.77
C MET C 1310 6.90 43.29 -21.66
N VAL C 1311 6.61 43.65 -20.43
CA VAL C 1311 7.30 43.12 -19.26
C VAL C 1311 6.49 41.98 -18.71
N ILE C 1312 6.99 40.77 -18.79
CA ILE C 1312 6.24 39.64 -18.26
C ILE C 1312 7.08 38.98 -17.18
N PHE C 1313 6.39 38.39 -16.20
CA PHE C 1313 7.06 37.72 -15.10
C PHE C 1313 6.69 36.25 -15.22
N SER C 1314 7.67 35.37 -15.14
CA SER C 1314 7.42 33.94 -15.26
C SER C 1314 7.67 33.22 -13.95
N ASP C 1315 6.70 32.41 -13.54
CA ASP C 1315 6.85 31.62 -12.34
C ASP C 1315 7.84 30.50 -12.62
N LYS C 1316 8.56 30.07 -11.57
CA LYS C 1316 9.49 28.98 -11.82
C LYS C 1316 8.72 27.67 -11.96
N VAL C 1317 9.38 26.70 -12.57
CA VAL C 1317 8.74 25.41 -12.78
C VAL C 1317 8.77 24.59 -11.51
N SER C 1318 8.03 23.49 -11.52
CA SER C 1318 7.82 22.54 -10.43
C SER C 1318 8.30 21.16 -10.91
N PRO C 1319 8.26 20.08 -10.08
CA PRO C 1319 8.72 18.77 -10.60
C PRO C 1319 7.98 18.21 -11.81
N ILE C 1330 -1.39 12.04 3.32
CA ILE C 1330 -0.07 11.47 3.06
C ILE C 1330 0.65 11.25 4.40
N VAL C 1331 0.47 12.19 5.32
CA VAL C 1331 1.07 12.09 6.65
C VAL C 1331 0.42 10.96 7.42
N GLY C 1332 -0.86 10.67 7.11
CA GLY C 1332 -1.58 9.58 7.75
C GLY C 1332 -0.95 8.23 7.46
N LEU C 1333 -0.23 8.12 6.34
CA LEU C 1333 0.44 6.88 6.03
C LEU C 1333 1.64 6.71 6.96
N TYR C 1334 2.25 7.83 7.36
CA TYR C 1334 3.38 7.76 8.28
C TYR C 1334 2.93 7.28 9.64
N VAL C 1335 1.86 7.87 10.18
CA VAL C 1335 1.42 7.42 11.49
C VAL C 1335 0.83 6.01 11.43
N SER C 1336 0.37 5.59 10.24
CA SER C 1336 -0.17 4.25 10.11
C SER C 1336 0.95 3.22 10.24
N ILE C 1337 2.04 3.40 9.50
CA ILE C 1337 3.12 2.43 9.60
C ILE C 1337 3.85 2.53 10.93
N VAL C 1338 3.79 3.67 11.60
CA VAL C 1338 4.44 3.77 12.90
C VAL C 1338 3.67 2.95 13.93
N LEU C 1339 2.34 3.06 13.93
CA LEU C 1339 1.60 2.28 14.90
C LEU C 1339 1.58 0.80 14.55
N VAL C 1340 1.65 0.45 13.26
CA VAL C 1340 1.65 -0.96 12.89
C VAL C 1340 2.96 -1.62 13.28
N VAL C 1341 4.09 -1.01 12.91
CA VAL C 1341 5.39 -1.57 13.27
C VAL C 1341 5.56 -1.56 14.77
N GLY C 1342 5.03 -0.52 15.43
CA GLY C 1342 5.09 -0.45 16.87
C GLY C 1342 4.32 -1.56 17.53
N LYS C 1343 3.24 -2.01 16.90
CA LYS C 1343 2.49 -3.12 17.46
C LYS C 1343 3.24 -4.41 17.28
N PHE C 1344 3.94 -4.55 16.15
CA PHE C 1344 4.71 -5.77 15.90
C PHE C 1344 5.87 -5.91 16.88
N VAL C 1345 6.62 -4.83 17.11
CA VAL C 1345 7.71 -4.92 18.06
C VAL C 1345 7.17 -5.06 19.47
N ARG C 1346 5.93 -4.63 19.71
CA ARG C 1346 5.37 -4.87 21.03
C ARG C 1346 5.08 -6.34 21.17
N GLY C 1347 4.72 -6.98 20.05
CA GLY C 1347 4.48 -8.41 20.04
C GLY C 1347 5.69 -9.19 20.49
N PHE C 1348 6.88 -8.68 20.17
CA PHE C 1348 8.07 -9.35 20.67
C PHE C 1348 8.27 -9.14 22.16
N PHE C 1349 7.86 -7.99 22.68
CA PHE C 1349 8.15 -7.65 24.06
C PHE C 1349 6.92 -7.51 24.97
N SER C 1350 5.83 -8.24 24.74
CA SER C 1350 4.72 -8.01 25.66
C SER C 1350 3.99 -9.21 26.21
N GLU C 1351 4.15 -10.41 25.70
CA GLU C 1351 3.45 -11.54 26.29
C GLU C 1351 4.40 -12.70 26.45
N ILE C 1352 5.59 -12.39 26.96
CA ILE C 1352 6.60 -13.41 27.15
C ILE C 1352 6.32 -14.20 28.41
N SER C 1353 5.60 -13.59 29.36
CA SER C 1353 5.29 -14.27 30.60
C SER C 1353 4.40 -15.48 30.40
N HIS C 1354 3.61 -15.49 29.34
CA HIS C 1354 2.72 -16.61 29.09
C HIS C 1354 3.50 -17.86 28.73
N SER C 1355 4.53 -17.72 27.92
CA SER C 1355 5.31 -18.88 27.52
C SER C 1355 6.52 -19.10 28.41
N ILE C 1356 6.35 -19.13 29.72
CA ILE C 1356 7.51 -19.38 30.56
C ILE C 1356 7.63 -20.86 30.84
N MET C 1357 6.50 -21.51 31.09
CA MET C 1357 6.46 -22.93 31.38
C MET C 1357 6.94 -23.81 30.23
N PHE C 1358 7.15 -23.25 29.05
CA PHE C 1358 7.62 -23.98 27.89
C PHE C 1358 8.97 -23.51 27.41
N GLU C 1359 9.60 -22.56 28.10
CA GLU C 1359 10.88 -22.04 27.66
C GLU C 1359 11.94 -22.02 28.74
N GLU C 1360 11.68 -22.53 29.93
CA GLU C 1360 12.68 -22.49 30.97
C GLU C 1360 12.97 -23.88 31.49
N LEU C 1361 13.22 -24.80 30.59
CA LEU C 1361 13.45 -26.10 31.18
C LEU C 1361 14.92 -26.25 31.55
N PRO C 1362 15.23 -26.83 32.71
CA PRO C 1362 16.62 -27.02 33.10
C PRO C 1362 17.35 -28.01 32.21
N CYS C 1363 16.86 -29.24 32.16
CA CYS C 1363 17.47 -30.27 31.33
C CYS C 1363 16.34 -30.98 30.59
N VAL C 1364 16.58 -31.29 29.32
CA VAL C 1364 15.56 -31.92 28.51
C VAL C 1364 16.02 -33.22 27.86
N ASP C 1365 16.96 -33.91 28.49
CA ASP C 1365 17.48 -35.14 27.92
C ASP C 1365 16.41 -36.22 27.84
N ARG C 1366 15.47 -36.23 28.77
CA ARG C 1366 14.43 -37.24 28.74
C ARG C 1366 13.46 -37.02 27.58
N ILE C 1367 13.01 -35.77 27.39
CA ILE C 1367 12.08 -35.56 26.29
C ILE C 1367 12.80 -35.54 24.95
N LEU C 1368 14.08 -35.18 24.93
CA LEU C 1368 14.79 -35.19 23.65
C LEU C 1368 15.04 -36.61 23.22
N LYS C 1369 15.31 -37.49 24.18
CA LYS C 1369 15.49 -38.88 23.85
C LYS C 1369 14.18 -39.47 23.39
N LEU C 1370 13.08 -39.02 23.97
CA LEU C 1370 11.76 -39.49 23.56
C LEU C 1370 11.44 -39.07 22.14
N CYS C 1371 11.68 -37.80 21.81
CA CYS C 1371 11.36 -37.30 20.49
C CYS C 1371 12.21 -37.95 19.42
N GLN C 1372 13.50 -38.16 19.67
CA GLN C 1372 14.29 -38.82 18.65
C GLN C 1372 13.91 -40.29 18.54
N ASP C 1373 13.33 -40.85 19.61
CA ASP C 1373 12.86 -42.22 19.53
C ASP C 1373 11.62 -42.29 18.67
N ILE C 1374 10.83 -41.22 18.62
CA ILE C 1374 9.65 -41.28 17.78
C ILE C 1374 10.07 -41.16 16.32
N PHE C 1375 11.21 -40.53 16.03
CA PHE C 1375 11.68 -40.49 14.65
C PHE C 1375 12.23 -41.85 14.27
N LEU C 1376 12.83 -42.52 15.25
CA LEU C 1376 13.38 -43.85 15.04
C LEU C 1376 12.28 -44.84 14.71
N VAL C 1377 11.12 -44.70 15.33
CA VAL C 1377 10.03 -45.62 15.04
C VAL C 1377 9.38 -45.31 13.71
N ARG C 1378 9.40 -44.05 13.28
CA ARG C 1378 8.87 -43.74 11.96
C ARG C 1378 9.84 -44.11 10.88
N GLU C 1379 11.07 -44.47 11.23
CA GLU C 1379 12.03 -44.83 10.21
C GLU C 1379 12.06 -46.32 9.92
N THR C 1380 11.78 -47.17 10.89
CA THR C 1380 11.81 -48.60 10.64
C THR C 1380 10.51 -49.12 10.07
N ARG C 1381 9.58 -48.23 9.73
CA ARG C 1381 8.26 -48.52 9.19
C ARG C 1381 7.44 -49.43 10.09
N GLU C 1382 7.79 -49.47 11.37
CA GLU C 1382 7.09 -50.28 12.34
C GLU C 1382 6.18 -49.33 13.08
N LEU C 1383 4.97 -49.20 12.58
CA LEU C 1383 3.95 -48.32 13.16
C LEU C 1383 3.24 -49.08 14.26
N GLU C 1384 2.05 -48.59 14.62
CA GLU C 1384 1.12 -49.12 15.63
C GLU C 1384 1.61 -48.86 17.05
N LEU C 1385 2.86 -48.47 17.22
CA LEU C 1385 3.33 -48.14 18.55
C LEU C 1385 3.87 -46.74 18.58
N GLU C 1386 3.98 -46.06 17.42
CA GLU C 1386 4.44 -44.70 17.44
C GLU C 1386 3.38 -43.84 18.08
N GLU C 1387 2.11 -44.23 17.95
CA GLU C 1387 1.06 -43.47 18.58
C GLU C 1387 1.05 -43.69 20.07
N GLU C 1388 1.60 -44.80 20.52
CA GLU C 1388 1.66 -45.06 21.94
C GLU C 1388 2.65 -44.10 22.59
N LEU C 1389 3.84 -43.98 22.01
CA LEU C 1389 4.74 -43.02 22.63
C LEU C 1389 4.38 -41.58 22.24
N TYR C 1390 3.62 -41.40 21.17
CA TYR C 1390 3.16 -40.06 20.83
C TYR C 1390 2.16 -39.59 21.85
N ALA C 1391 1.28 -40.48 22.29
CA ALA C 1391 0.30 -40.14 23.30
C ALA C 1391 0.98 -39.78 24.60
N LYS C 1392 2.10 -40.42 24.88
CA LYS C 1392 2.85 -40.11 26.09
C LYS C 1392 3.42 -38.70 25.99
N LEU C 1393 3.77 -38.30 24.79
CA LEU C 1393 4.32 -36.98 24.57
C LEU C 1393 3.27 -35.90 24.74
N ILE C 1394 2.10 -36.11 24.13
CA ILE C 1394 0.99 -35.16 24.21
C ILE C 1394 0.60 -34.93 25.65
N PHE C 1395 0.61 -35.99 26.44
CA PHE C 1395 0.27 -35.80 27.83
C PHE C 1395 1.36 -35.03 28.56
N LEU C 1396 2.60 -35.10 28.06
CA LEU C 1396 3.64 -34.33 28.73
C LEU C 1396 3.40 -32.85 28.53
N TYR C 1397 2.92 -32.45 27.36
CA TYR C 1397 2.60 -31.04 27.18
C TYR C 1397 1.22 -30.69 27.66
N ARG C 1398 0.48 -31.67 28.17
CA ARG C 1398 -0.86 -31.41 28.64
C ARG C 1398 -0.90 -31.11 30.13
N SER C 1399 0.19 -31.33 30.84
CA SER C 1399 0.18 -31.03 32.26
C SER C 1399 1.53 -30.51 32.64
N PRO C 1400 1.65 -29.22 32.98
CA PRO C 1400 2.96 -28.66 33.34
C PRO C 1400 3.57 -29.26 34.58
N GLU C 1401 2.76 -29.82 35.47
CA GLU C 1401 3.31 -30.42 36.68
C GLU C 1401 4.18 -31.61 36.34
N THR C 1402 3.85 -32.31 35.28
CA THR C 1402 4.67 -33.42 34.89
C THR C 1402 5.92 -32.91 34.18
N MET C 1403 5.85 -31.74 33.56
CA MET C 1403 7.03 -31.20 32.89
C MET C 1403 8.10 -30.86 33.90
N ILE C 1404 7.71 -30.34 35.06
CA ILE C 1404 8.77 -30.11 36.03
C ILE C 1404 9.09 -31.41 36.73
N LYS C 1405 8.21 -32.42 36.64
CA LYS C 1405 8.54 -33.69 37.23
C LYS C 1405 9.66 -34.35 36.45
N TRP C 1406 9.65 -34.19 35.13
CA TRP C 1406 10.73 -34.77 34.35
C TRP C 1406 11.95 -33.88 34.30
N THR C 1407 11.80 -32.66 33.79
CA THR C 1407 12.93 -31.73 33.67
C THR C 1407 13.45 -31.33 35.03
N ARG C 1408 14.63 -31.82 35.38
CA ARG C 1408 15.19 -31.51 36.68
C ARG C 1408 16.72 -31.52 36.71
#